data_8H8R
#
_entry.id   8H8R
#
_cell.length_a   182.800
_cell.length_b   205.700
_cell.length_c   177.900
_cell.angle_alpha   90.00
_cell.angle_beta   90.00
_cell.angle_gamma   90.00
#
_symmetry.space_group_name_H-M   'P 21 21 21'
#
loop_
_entity.id
_entity.type
_entity.pdbx_description
1 polymer 'Cytochrome c oxidase subunit 1'
2 polymer 'Cytochrome c oxidase subunit 2'
3 polymer 'Cytochrome c oxidase subunit 3'
4 polymer 'Cytochrome c oxidase subunit 4 isoform 1, mitochondrial'
5 polymer 'Cytochrome c oxidase subunit 5A'
6 polymer 'Cytochrome c oxidase subunit 5B, mitochondrial'
7 polymer 'Cytochrome c oxidase subunit 6A2, mitochondrial'
8 polymer 'Cytochrome c oxidase subunit 6B1'
9 polymer 'Cytochrome c oxidase subunit 6C'
10 polymer 'Cytochrome c oxidase subunit 7A1'
11 polymer 'Cytochrome c oxidase subunit 7B, mitochondrial'
12 polymer 'Cytochrome c oxidase subunit 7C, mitochondrial'
13 polymer 'Cytochrome c oxidase subunit 8B, mitochondrial'
14 non-polymer HEME-A
15 non-polymer 'COPPER (II) ION'
16 non-polymer 'MAGNESIUM ION'
17 non-polymer 'CALCIUM ION'
18 non-polymer 'PEROXIDE ION'
19 non-polymer EICOSANE
20 non-polymer DECYL-BETA-D-MALTOPYRANOSIDE
21 non-polymer 1,2-ETHANEDIOL
22 non-polymer '(1R)-2-{[{[(2S)-2,3-DIHYDROXYPROPYL]OXY}(HYDROXY)PHOSPHORYL]OXY}-1-[(PALMITOYLOXY)METHYL]ETHYL (11E)-OCTADEC-11-ENOATE'
23 non-polymer 'DINUCLEAR COPPER ION'
24 non-polymer 'CHOLIC ACID'
25 non-polymer 'UNKNOWN ATOM OR ION'
26 non-polymer CARDIOLIPIN
27 non-polymer 'ZINC ION'
28 non-polymer '(1S)-2-{[(2-AMINOETHOXY)(HYDROXY)PHOSPHORYL]OXY}-1-[(STEAROYLOXY)METHYL]ETHYL (5E,8E,11E,14E)-ICOSA-5,8,11,14-TETRAENOATE'
29 water water
#
loop_
_entity_poly.entity_id
_entity_poly.type
_entity_poly.pdbx_seq_one_letter_code
_entity_poly.pdbx_strand_id
1 'polypeptide(L)'
;(FME)FINRWLFSTNHKDIGTLYLLFGAWAGMVGTALSLLIRAELGQPGTLLGDDQIYNVVVTAHAFVMIFFMVMPIMIG
GFGNWLVPLMIGAPDMAFPRMNNMSFWLLPPSFLLLLASSMVEAGAGTGWTVYPPLAGNLAHAGASVDLTIFSLHLAGVS
SILGAINFITTIINMKPPAMSQYQTPLFVWSVMITAVLLLLSLPVLAAGITMLLTDRNLNTTFFDPAGGGDPILYQHLFW
FFGHPEVYILILPGFGMISHIVTYYSGKKEPFGYMGMVWAMMSIGFLGFIVWAHHMFTVGMDVDTRAYFTSATMIIAIPT
GVKVFSWLATLHGGNIKWSPAMMWALGFIFLFTVGGLTGIVLANSSLDIVLHDTYYVVAHFHYVLSMGAVFAIMGGFVHW
FPLFSGYTLNDTWAKIHFAIMFVGVNMTFFPQHFLGLSGMPRRYSDYPDAYTMWNTISSMGSFISLTAVMLMVFIIWEAF
ASKREVLTVDLTTTNLEWLNGCPPPYHTFEEPTYVNLK
;
A,N
2 'polypeptide(L)'
;(FME)AYPMQLGFQDATSPIMEELLHFHDHTLMIVFLISSLVLYIISLMLTTKLTHTSTMDAQEVETIWTILPAIILILI
ALPSLRILYMMDEINNPSLTVKTMGHQWYWSYEYTDYEDLSFDSYMIPTSELKPGELRLLEVDNRVVLPMEMTIRMLVSS
EDVLHSWAVPSLGLKTDAIPGRLNQTTLMSSRPGLYYGQCSEICGSNHSFMPIVLELVPLKYFEKWSASML
;
B,O
3 'polypeptide(L)'
;MTHQTHAYHMVNPSPWPLTGALSALLMTSGLTMWFHFNSMTLLMIGLTTNMLTMYQWWRDVIRESTFQGHHTPAVQKGLR
YGMILFIISEVLFFTGFFWAFYHSSLAPTPELGGCWPPTGIHPLNPLEVPLLNTSVLLASGVSITWAHHSLMEGDRKHML
QALFITITLGVYFTLLQASEYYEAPFTISDGVYGSTFFVATGFHGLHVIIGSTFLIVCFFRQLKFHFTSNHHFGFEAAAW
YWHFVDVVWLFLYVSIYWWGS
;
C,P
4 'polypeptide(L)'
;AHGSVVKSEDYALPSYVDRRDYPLPDVAHVKNLSASQKALKEKEKASWSSLSIDEKVELYRLKFKESFAEMNRSTNEWKT
VVGAAMFFIGFTALLLIWEKHYVYGPIPHTFEEEWVAKQTKRMLDMKVAPIQGFSAKWDYDKNEWKK
;
D,Q
5 'polypeptide(L)'
;SHGSHETDEEFDARWVTYFNKPDIDAWELRKGMNTLVGYDLVPEPKIIDAALRACRRLNDFASAVRILEVVKDKAGPHKE
IYPYVIQELRPTLNELGISTPEELGLDKV
;
E,R
6 'polypeptide(L)'
;ASGGGVPTDEEQATGLEREVMLAARKGQDPYNILAPKATSGTKEDPNLVPSITNKRIVGCICEEDNSTVIWFWLHKGEAQ
RCPSCGTHYKLVPHQLAH
;
F,S
7 'polypeptide(L)'
;ASAAKGDHGGTGARTWRFLTFGLALPSVALCTLNSWLHSGHRERPAFIPYHHLRIRTKPFSWGDGNHTFFHNPRVNPLPT
GYEKP
;
G,T
8 'polypeptide(L)'
;AEDIQAKIKNYQTAPFDSRFPNQNQTRNCWQNYLDFHRCEKAMTAKGGDVSVCEWYRRVYKSLCPISWVSTWDDRRAEGT
FPGKI
;
H,U
9 'polypeptide(L)' STALAKPQMRGLLARRLRFHIVGAFMVSLGFATFYKFAVAEKRKKAYADFYRNYDSMKDFEEMRKAGIFQSAK I,V
10 'polypeptide(L)' FENRVAEKQKLFQEDNGLPVHLKGGATDNILYRVTMTLCLGGTLYSLYCLGWASFPHKK J,W
11 'polypeptide(L)' IHQKRAPDFHDKYGNAVLASGATFCVAVWVYMATQIGIEWNPSPVGRVTPKEWREQ K,X
12 'polypeptide(L)' SHYEEGPGKNIPFSVENKWRLLAMMTLFFGSGFAAPFFIVRHQLLKK L,Y
13 'polypeptide(L)' ITAKPAKTPTSPKEQAIGLSVTFLSFLLPAGWVLYHLDNYKKSSAA M,Z
#
# COMPACT_ATOMS: atom_id res chain seq x y z
N PHE A 2 -44.41 -9.33 27.46
CA PHE A 2 -43.83 -10.51 26.83
C PHE A 2 -43.14 -10.10 25.52
N ILE A 3 -43.84 -9.34 24.69
CA ILE A 3 -43.27 -8.83 23.41
C ILE A 3 -42.04 -7.98 23.70
N ASN A 4 -42.13 -7.03 24.64
CA ASN A 4 -40.99 -6.14 24.93
C ASN A 4 -39.78 -7.00 25.30
N ARG A 5 -39.99 -8.02 26.14
CA ARG A 5 -38.88 -8.81 26.68
C ARG A 5 -38.30 -9.74 25.60
N TRP A 6 -39.15 -10.43 24.83
CA TRP A 6 -38.68 -11.58 24.05
C TRP A 6 -38.60 -11.29 22.55
N LEU A 7 -39.27 -10.25 22.04
CA LEU A 7 -39.17 -9.86 20.62
C LEU A 7 -38.31 -8.60 20.48
N PHE A 8 -38.26 -7.74 21.51
CA PHE A 8 -37.55 -6.46 21.49
C PHE A 8 -36.32 -6.47 22.41
N SER A 9 -35.77 -7.64 22.74
CA SER A 9 -34.67 -7.76 23.73
C SER A 9 -33.47 -6.90 23.35
N THR A 10 -32.84 -6.33 24.39
CA THR A 10 -31.50 -5.72 24.37
C THR A 10 -30.67 -6.32 25.51
N ASN A 11 -30.99 -7.54 25.90
CA ASN A 11 -30.35 -8.24 27.05
C ASN A 11 -29.57 -9.45 26.56
N HIS A 12 -28.29 -9.52 26.89
CA HIS A 12 -27.41 -10.59 26.38
C HIS A 12 -27.89 -11.98 26.86
N LYS A 13 -28.41 -12.08 28.09
CA LYS A 13 -28.85 -13.38 28.64
C LYS A 13 -30.10 -13.85 27.86
N ASP A 14 -31.13 -13.01 27.77
CA ASP A 14 -32.39 -13.40 27.10
C ASP A 14 -32.08 -13.75 25.63
N ILE A 15 -31.20 -12.99 25.01
CA ILE A 15 -30.84 -13.25 23.58
C ILE A 15 -30.09 -14.60 23.53
N GLY A 16 -29.17 -14.85 24.44
CA GLY A 16 -28.57 -16.17 24.58
C GLY A 16 -29.58 -17.29 24.72
N THR A 17 -30.59 -17.09 25.55
CA THR A 17 -31.66 -18.08 25.77
C THR A 17 -32.41 -18.31 24.43
N LEU A 18 -32.74 -17.25 23.71
CA LEU A 18 -33.42 -17.39 22.39
C LEU A 18 -32.55 -18.24 21.44
N TYR A 19 -31.27 -17.97 21.39
CA TYR A 19 -30.35 -18.78 20.55
C TYR A 19 -30.34 -20.26 20.97
N LEU A 20 -30.27 -20.56 22.26
CA LEU A 20 -30.26 -21.94 22.73
C LEU A 20 -31.57 -22.64 22.34
N LEU A 21 -32.71 -21.96 22.46
CA LEU A 21 -34.02 -22.57 22.09
C LEU A 21 -34.03 -22.84 20.58
N PHE A 22 -33.58 -21.88 19.80
CA PHE A 22 -33.53 -21.98 18.33
C PHE A 22 -32.64 -23.18 17.95
N GLY A 23 -31.44 -23.22 18.51
CA GLY A 23 -30.46 -24.27 18.20
C GLY A 23 -31.00 -25.64 18.61
N ALA A 24 -31.71 -25.73 19.75
CA ALA A 24 -32.28 -27.00 20.18
C ALA A 24 -33.31 -27.48 19.15
N TRP A 25 -34.18 -26.59 18.71
CA TRP A 25 -35.22 -26.92 17.71
C TRP A 25 -34.51 -27.36 16.40
N ALA A 26 -33.54 -26.59 15.95
CA ALA A 26 -32.74 -26.92 14.74
C ALA A 26 -32.10 -28.31 14.91
N GLY A 27 -31.59 -28.63 16.10
CA GLY A 27 -31.00 -29.95 16.32
C GLY A 27 -32.02 -31.08 16.08
N MET A 28 -33.29 -30.88 16.43
CA MET A 28 -34.28 -31.93 16.19
C MET A 28 -34.48 -32.08 14.67
N VAL A 29 -34.56 -30.97 13.94
CA VAL A 29 -34.70 -31.01 12.47
C VAL A 29 -33.49 -31.76 11.88
N GLY A 30 -32.29 -31.38 12.30
CA GLY A 30 -31.06 -32.02 11.78
C GLY A 30 -31.01 -33.50 12.10
N THR A 31 -31.46 -33.89 13.28
CA THR A 31 -31.47 -35.29 13.70
C THR A 31 -32.45 -36.09 12.82
N ALA A 32 -33.67 -35.55 12.59
CA ALA A 32 -34.68 -36.20 11.72
C ALA A 32 -34.08 -36.38 10.31
N LEU A 33 -33.39 -35.35 9.79
CA LEU A 33 -32.75 -35.48 8.46
C LEU A 33 -31.72 -36.62 8.46
N SER A 34 -30.87 -36.70 9.48
CA SER A 34 -29.81 -37.71 9.66
C SER A 34 -30.49 -39.10 9.70
N LEU A 35 -31.66 -39.23 10.33
CA LEU A 35 -32.34 -40.53 10.45
C LEU A 35 -32.93 -40.94 9.09
N LEU A 36 -33.39 -39.97 8.30
CA LEU A 36 -33.87 -40.26 6.93
C LEU A 36 -32.71 -40.75 6.05
N ILE A 37 -31.56 -40.13 6.16
CA ILE A 37 -30.32 -40.61 5.49
C ILE A 37 -30.09 -42.07 5.86
N ARG A 38 -30.02 -42.35 7.16
CA ARG A 38 -29.61 -43.72 7.62
C ARG A 38 -30.76 -44.72 7.40
N ALA A 39 -32.02 -44.27 7.35
CA ALA A 39 -33.13 -45.18 7.04
C ALA A 39 -32.95 -45.66 5.59
N GLU A 40 -32.62 -44.74 4.70
CA GLU A 40 -32.34 -45.14 3.29
C GLU A 40 -31.11 -46.05 3.26
N LEU A 41 -30.03 -45.68 3.92
CA LEU A 41 -28.79 -46.47 3.76
C LEU A 41 -28.81 -47.80 4.55
N GLY A 42 -29.79 -47.99 5.45
CA GLY A 42 -29.76 -49.15 6.35
C GLY A 42 -30.18 -50.43 5.67
N GLN A 43 -30.63 -50.35 4.41
CA GLN A 43 -30.91 -51.57 3.61
C GLN A 43 -30.61 -51.24 2.15
N PRO A 44 -29.93 -52.15 1.44
CA PRO A 44 -29.70 -51.96 0.00
C PRO A 44 -31.03 -51.96 -0.76
N GLY A 45 -31.03 -51.22 -1.86
CA GLY A 45 -32.23 -50.96 -2.65
C GLY A 45 -32.75 -49.60 -2.31
N THR A 46 -33.67 -49.07 -3.09
CA THR A 46 -34.22 -47.71 -2.89
C THR A 46 -35.43 -47.73 -1.96
N LEU A 47 -35.40 -46.86 -0.91
CA LEU A 47 -36.52 -46.67 0.03
C LEU A 47 -37.33 -45.44 -0.40
N LEU A 48 -36.66 -44.30 -0.55
CA LEU A 48 -37.33 -42.96 -0.65
C LEU A 48 -37.53 -42.61 -2.11
N GLY A 49 -36.45 -42.59 -2.86
CA GLY A 49 -36.50 -42.21 -4.28
C GLY A 49 -35.09 -42.23 -4.79
N ASP A 50 -34.89 -41.51 -5.89
CA ASP A 50 -33.64 -41.49 -6.71
C ASP A 50 -32.77 -40.56 -5.93
N ASP A 51 -31.65 -40.16 -6.49
CA ASP A 51 -30.71 -39.42 -5.62
C ASP A 51 -31.25 -38.02 -5.33
N GLN A 52 -32.25 -37.50 -6.06
CA GLN A 52 -32.67 -36.09 -5.84
C GLN A 52 -33.24 -35.94 -4.42
N ILE A 53 -34.32 -36.65 -4.06
CA ILE A 53 -34.92 -36.47 -2.71
C ILE A 53 -33.87 -36.82 -1.65
N TYR A 54 -33.08 -37.86 -1.89
CA TYR A 54 -32.01 -38.27 -0.96
C TYR A 54 -31.04 -37.09 -0.72
N ASN A 55 -30.53 -36.45 -1.78
CA ASN A 55 -29.53 -35.40 -1.61
C ASN A 55 -30.17 -34.09 -1.16
N VAL A 56 -31.47 -33.90 -1.36
CA VAL A 56 -32.15 -32.75 -0.70
C VAL A 56 -32.03 -32.93 0.82
N VAL A 57 -32.31 -34.14 1.28
CA VAL A 57 -32.20 -34.50 2.72
C VAL A 57 -30.75 -34.31 3.20
N VAL A 58 -29.78 -34.84 2.49
CA VAL A 58 -28.35 -34.73 2.89
C VAL A 58 -27.97 -33.25 2.99
N THR A 59 -28.34 -32.47 1.98
CA THR A 59 -27.97 -31.04 1.87
C THR A 59 -28.55 -30.31 3.11
N ALA A 60 -29.84 -30.52 3.33
CA ALA A 60 -30.58 -29.84 4.41
C ALA A 60 -29.96 -30.28 5.76
N HIS A 61 -29.68 -31.57 5.92
CA HIS A 61 -29.03 -32.10 7.15
C HIS A 61 -27.81 -31.26 7.50
N ALA A 62 -26.94 -31.03 6.53
CA ALA A 62 -25.68 -30.32 6.77
C ALA A 62 -25.98 -28.86 7.11
N PHE A 63 -26.82 -28.19 6.32
CA PHE A 63 -27.03 -26.73 6.53
C PHE A 63 -27.67 -26.53 7.91
N VAL A 64 -28.60 -27.40 8.26
CA VAL A 64 -29.30 -27.31 9.57
C VAL A 64 -28.28 -27.55 10.72
N MET A 65 -27.50 -28.63 10.64
CA MET A 65 -26.58 -28.96 11.77
C MET A 65 -25.55 -27.84 11.94
N ILE A 66 -25.05 -27.28 10.84
CA ILE A 66 -23.95 -26.28 10.88
C ILE A 66 -24.52 -24.89 11.24
N PHE A 67 -25.40 -24.38 10.42
CA PHE A 67 -25.80 -22.96 10.48
C PHE A 67 -26.89 -22.76 11.53
N PHE A 68 -27.71 -23.78 11.80
CA PHE A 68 -28.88 -23.56 12.67
C PHE A 68 -28.70 -24.25 14.01
N MET A 69 -27.86 -25.26 14.13
CA MET A 69 -27.66 -25.92 15.44
C MET A 69 -26.32 -25.47 16.03
N VAL A 70 -25.19 -25.78 15.41
CA VAL A 70 -23.89 -25.59 16.11
C VAL A 70 -23.63 -24.08 16.29
N MET A 71 -23.66 -23.30 15.21
CA MET A 71 -23.23 -21.89 15.34
C MET A 71 -24.16 -21.16 16.30
N PRO A 72 -25.50 -21.27 16.18
CA PRO A 72 -26.36 -20.54 17.10
C PRO A 72 -26.16 -20.97 18.56
N ILE A 73 -25.92 -22.27 18.82
CA ILE A 73 -25.74 -22.71 20.21
C ILE A 73 -24.41 -22.18 20.74
N MET A 74 -23.31 -22.42 20.01
CA MET A 74 -21.97 -22.13 20.56
C MET A 74 -21.79 -20.61 20.67
N ILE A 75 -22.14 -19.89 19.61
CA ILE A 75 -21.76 -18.47 19.48
C ILE A 75 -22.92 -17.64 20.00
N GLY A 76 -24.09 -17.83 19.44
CA GLY A 76 -25.23 -17.01 19.89
C GLY A 76 -25.61 -17.35 21.31
N GLY A 77 -25.59 -18.62 21.67
CA GLY A 77 -26.15 -19.08 22.97
C GLY A 77 -25.13 -19.00 24.08
N PHE A 78 -24.14 -19.88 24.06
CA PHE A 78 -23.06 -19.81 25.07
C PHE A 78 -22.30 -18.48 24.98
N GLY A 79 -22.02 -17.98 23.77
CA GLY A 79 -21.28 -16.72 23.67
C GLY A 79 -22.04 -15.57 24.31
N ASN A 80 -23.31 -15.38 23.97
CA ASN A 80 -24.10 -14.25 24.54
C ASN A 80 -24.27 -14.41 26.03
N TRP A 81 -24.54 -15.61 26.52
CA TRP A 81 -24.73 -15.84 27.98
C TRP A 81 -23.43 -15.59 28.73
N LEU A 82 -22.32 -16.16 28.23
CA LEU A 82 -21.12 -16.29 29.08
C LEU A 82 -20.12 -15.14 28.87
N VAL A 83 -19.95 -14.63 27.64
CA VAL A 83 -18.82 -13.70 27.39
C VAL A 83 -18.98 -12.46 28.30
N PRO A 84 -20.13 -11.79 28.36
CA PRO A 84 -20.21 -10.57 29.18
C PRO A 84 -20.00 -10.94 30.65
N LEU A 85 -20.52 -12.07 31.11
CA LEU A 85 -20.37 -12.43 32.54
C LEU A 85 -18.90 -12.72 32.83
N MET A 86 -18.15 -13.30 31.89
CA MET A 86 -16.76 -13.71 32.19
C MET A 86 -15.83 -12.50 32.17
N ILE A 87 -16.24 -11.38 31.56
CA ILE A 87 -15.40 -10.14 31.59
C ILE A 87 -16.05 -9.08 32.49
N GLY A 88 -17.11 -9.42 33.20
CA GLY A 88 -17.70 -8.40 34.10
C GLY A 88 -18.37 -7.25 33.38
N ALA A 89 -18.80 -7.44 32.15
CA ALA A 89 -19.43 -6.40 31.33
C ALA A 89 -20.94 -6.42 31.55
N PRO A 90 -21.61 -5.25 31.42
CA PRO A 90 -23.03 -5.15 31.74
C PRO A 90 -23.94 -5.66 30.62
N ASP A 91 -23.38 -5.76 29.42
CA ASP A 91 -24.04 -6.40 28.26
C ASP A 91 -23.03 -6.47 27.12
N MET A 92 -23.52 -6.71 25.90
CA MET A 92 -22.73 -6.64 24.66
C MET A 92 -22.54 -5.15 24.26
N ALA A 93 -21.55 -4.87 23.40
CA ALA A 93 -21.28 -3.51 22.87
C ALA A 93 -22.54 -2.97 22.18
N PHE A 94 -23.21 -3.81 21.38
CA PHE A 94 -24.29 -3.36 20.49
C PHE A 94 -25.50 -4.22 20.79
N PRO A 95 -26.19 -3.92 21.91
CA PRO A 95 -27.16 -4.85 22.42
C PRO A 95 -28.42 -4.97 21.58
N ARG A 96 -28.69 -3.95 20.75
CA ARG A 96 -29.87 -3.96 19.87
C ARG A 96 -29.47 -4.69 18.57
N MET A 97 -28.27 -4.42 18.04
CA MET A 97 -27.79 -5.17 16.87
C MET A 97 -27.72 -6.69 17.20
N ASN A 98 -27.32 -7.04 18.40
CA ASN A 98 -27.30 -8.45 18.89
C ASN A 98 -28.67 -9.11 18.64
N ASN A 99 -29.75 -8.40 18.90
CA ASN A 99 -31.13 -8.92 18.77
C ASN A 99 -31.38 -9.21 17.27
N MET A 100 -30.83 -8.38 16.39
CA MET A 100 -31.08 -8.60 14.95
C MET A 100 -30.28 -9.80 14.46
N SER A 101 -29.09 -10.06 15.03
CA SER A 101 -28.35 -11.31 14.72
C SER A 101 -29.28 -12.48 15.03
N PHE A 102 -29.96 -12.44 16.16
CA PHE A 102 -30.87 -13.56 16.49
C PHE A 102 -32.01 -13.60 15.49
N TRP A 103 -32.76 -12.49 15.31
CA TRP A 103 -34.03 -12.57 14.57
C TRP A 103 -33.80 -12.85 13.07
N LEU A 104 -32.59 -12.66 12.56
CA LEU A 104 -32.31 -13.08 11.15
C LEU A 104 -32.35 -14.61 11.01
N LEU A 105 -32.24 -15.38 12.09
CA LEU A 105 -32.12 -16.85 11.93
C LEU A 105 -33.46 -17.51 11.61
N PRO A 106 -34.59 -17.20 12.29
CA PRO A 106 -35.87 -17.81 11.89
C PRO A 106 -36.18 -17.58 10.41
N PRO A 107 -36.04 -16.35 9.87
CA PRO A 107 -36.23 -16.18 8.43
C PRO A 107 -35.25 -17.00 7.56
N SER A 108 -33.97 -17.05 7.94
CA SER A 108 -32.98 -17.88 7.22
C SER A 108 -33.48 -19.32 7.19
N PHE A 109 -33.95 -19.83 8.32
CA PHE A 109 -34.41 -21.23 8.42
C PHE A 109 -35.66 -21.40 7.53
N LEU A 110 -36.56 -20.43 7.57
CA LEU A 110 -37.78 -20.49 6.74
C LEU A 110 -37.37 -20.58 5.26
N LEU A 111 -36.36 -19.83 4.84
CA LEU A 111 -35.96 -19.87 3.42
C LEU A 111 -35.41 -21.27 3.10
N LEU A 112 -34.67 -21.89 4.02
CA LEU A 112 -34.15 -23.26 3.79
C LEU A 112 -35.33 -24.24 3.69
N LEU A 113 -36.31 -24.17 4.59
N LEU A 113 -36.32 -24.17 4.63
CA LEU A 113 -37.46 -25.13 4.53
CA LEU A 113 -37.58 -24.97 4.55
C LEU A 113 -38.30 -24.83 3.25
C LEU A 113 -38.12 -24.83 3.13
N ALA A 114 -38.35 -23.57 2.76
CA ALA A 114 -39.04 -23.22 1.52
C ALA A 114 -38.31 -23.88 0.34
N SER A 115 -36.98 -23.86 0.37
N SER A 115 -36.99 -23.81 0.33
CA SER A 115 -36.11 -24.46 -0.68
CA SER A 115 -36.16 -24.45 -0.72
C SER A 115 -36.52 -25.94 -0.89
C SER A 115 -36.60 -25.91 -0.90
N SER A 116 -36.85 -26.64 0.19
CA SER A 116 -37.11 -28.09 0.18
C SER A 116 -38.57 -28.38 -0.25
N MET A 117 -39.45 -27.38 -0.16
N MET A 117 -39.46 -27.40 -0.14
CA MET A 117 -40.92 -27.53 -0.38
CA MET A 117 -40.91 -27.59 -0.42
C MET A 117 -41.24 -27.20 -1.84
C MET A 117 -41.18 -27.26 -1.89
N VAL A 118 -40.48 -26.29 -2.45
CA VAL A 118 -40.75 -25.85 -3.82
C VAL A 118 -39.98 -26.76 -4.80
N GLU A 119 -40.54 -26.89 -5.99
CA GLU A 119 -39.91 -27.69 -7.08
C GLU A 119 -39.48 -29.04 -6.50
N ALA A 120 -38.23 -29.43 -6.75
CA ALA A 120 -37.69 -30.74 -6.35
C ALA A 120 -36.63 -30.55 -5.27
N GLY A 121 -36.59 -29.37 -4.62
CA GLY A 121 -35.57 -29.14 -3.61
C GLY A 121 -34.21 -28.79 -4.18
N ALA A 122 -33.27 -28.48 -3.30
CA ALA A 122 -31.86 -28.22 -3.67
C ALA A 122 -31.04 -29.47 -3.33
N GLY A 123 -30.87 -30.35 -4.32
CA GLY A 123 -30.15 -31.59 -4.11
C GLY A 123 -28.70 -31.40 -4.55
N THR A 124 -27.96 -30.51 -3.89
CA THR A 124 -26.68 -30.00 -4.41
C THR A 124 -25.48 -30.42 -3.59
N GLY A 125 -25.69 -30.91 -2.37
CA GLY A 125 -24.62 -30.91 -1.35
C GLY A 125 -24.61 -29.53 -0.69
N TRP A 126 -24.13 -29.45 0.56
CA TRP A 126 -24.07 -28.16 1.27
C TRP A 126 -23.06 -27.20 0.63
N THR A 127 -22.20 -27.69 -0.25
CA THR A 127 -21.19 -26.93 -1.01
C THR A 127 -21.83 -26.17 -2.20
N VAL A 128 -22.98 -26.64 -2.67
CA VAL A 128 -23.80 -25.96 -3.71
C VAL A 128 -22.95 -25.75 -4.98
N TYR A 129 -22.20 -26.76 -5.37
CA TYR A 129 -21.34 -26.58 -6.57
C TYR A 129 -22.15 -26.40 -7.85
N PRO A 130 -21.76 -25.46 -8.73
CA PRO A 130 -22.24 -25.45 -10.11
C PRO A 130 -21.42 -26.45 -10.91
N PRO A 131 -21.89 -26.89 -12.10
CA PRO A 131 -23.17 -26.49 -12.68
C PRO A 131 -24.40 -27.24 -12.15
N LEU A 132 -24.24 -28.24 -11.29
CA LEU A 132 -25.44 -28.96 -10.78
C LEU A 132 -26.36 -27.92 -10.09
N ALA A 133 -25.80 -26.97 -9.36
CA ALA A 133 -26.59 -25.94 -8.67
C ALA A 133 -27.03 -24.78 -9.59
N GLY A 134 -26.71 -24.84 -10.88
CA GLY A 134 -27.02 -23.78 -11.84
C GLY A 134 -28.46 -23.90 -12.35
N ASN A 135 -28.83 -22.97 -13.23
CA ASN A 135 -30.25 -22.78 -13.63
C ASN A 135 -30.70 -23.80 -14.68
N LEU A 136 -29.81 -24.66 -15.18
N LEU A 136 -29.84 -24.69 -15.16
CA LEU A 136 -30.17 -25.73 -16.15
CA LEU A 136 -30.28 -25.71 -16.13
C LEU A 136 -30.41 -27.03 -15.37
C LEU A 136 -30.39 -27.08 -15.43
N ALA A 137 -29.46 -27.43 -14.55
CA ALA A 137 -29.51 -28.71 -13.81
C ALA A 137 -30.31 -28.56 -12.50
N HIS A 138 -30.52 -27.33 -12.02
CA HIS A 138 -31.41 -27.06 -10.85
C HIS A 138 -32.30 -25.84 -11.18
N ALA A 139 -33.07 -25.96 -12.23
CA ALA A 139 -33.99 -24.89 -12.66
C ALA A 139 -35.00 -24.64 -11.51
N GLY A 140 -35.42 -23.40 -11.35
CA GLY A 140 -36.48 -23.01 -10.45
C GLY A 140 -35.93 -22.50 -9.11
N ALA A 141 -36.81 -22.27 -8.16
CA ALA A 141 -36.48 -21.38 -7.01
C ALA A 141 -35.62 -22.04 -5.93
N SER A 142 -35.53 -23.37 -5.87
CA SER A 142 -34.93 -24.07 -4.69
C SER A 142 -33.52 -23.53 -4.37
N VAL A 143 -32.61 -23.52 -5.33
CA VAL A 143 -31.22 -23.10 -5.02
C VAL A 143 -31.21 -21.60 -4.68
N ASP A 144 -32.07 -20.78 -5.29
CA ASP A 144 -32.06 -19.34 -4.98
C ASP A 144 -32.50 -19.15 -3.51
N LEU A 145 -33.47 -19.93 -3.05
CA LEU A 145 -33.92 -19.87 -1.64
C LEU A 145 -32.80 -20.33 -0.71
N THR A 146 -32.01 -21.30 -1.12
CA THR A 146 -30.85 -21.76 -0.35
C THR A 146 -29.81 -20.64 -0.28
N ILE A 147 -29.51 -19.99 -1.41
CA ILE A 147 -28.55 -18.87 -1.44
C ILE A 147 -29.04 -17.78 -0.49
N PHE A 148 -30.30 -17.41 -0.57
CA PHE A 148 -30.82 -16.33 0.28
C PHE A 148 -30.78 -16.76 1.77
N SER A 149 -31.06 -18.02 2.07
CA SER A 149 -30.93 -18.55 3.45
C SER A 149 -29.50 -18.26 3.95
N LEU A 150 -28.51 -18.58 3.13
CA LEU A 150 -27.10 -18.41 3.50
C LEU A 150 -26.78 -16.91 3.62
N HIS A 151 -27.35 -16.06 2.77
CA HIS A 151 -27.12 -14.61 2.90
C HIS A 151 -27.60 -14.14 4.29
N LEU A 152 -28.80 -14.53 4.70
CA LEU A 152 -29.33 -14.04 5.99
C LEU A 152 -28.51 -14.63 7.15
N ALA A 153 -28.18 -15.92 7.12
CA ALA A 153 -27.31 -16.49 8.16
C ALA A 153 -25.97 -15.75 8.17
N GLY A 154 -25.40 -15.43 7.01
CA GLY A 154 -24.10 -14.76 6.93
C GLY A 154 -24.18 -13.39 7.58
N VAL A 155 -25.23 -12.62 7.25
CA VAL A 155 -25.33 -11.26 7.83
C VAL A 155 -25.44 -11.42 9.35
N SER A 156 -26.25 -12.38 9.80
CA SER A 156 -26.44 -12.63 11.25
C SER A 156 -25.06 -12.77 11.90
N SER A 157 -24.26 -13.69 11.36
CA SER A 157 -22.95 -14.01 11.95
C SER A 157 -21.93 -12.86 11.79
N ILE A 158 -21.94 -12.14 10.66
CA ILE A 158 -21.02 -11.00 10.48
C ILE A 158 -21.32 -9.95 11.54
N LEU A 159 -22.58 -9.59 11.71
CA LEU A 159 -22.92 -8.58 12.73
C LEU A 159 -22.59 -9.13 14.14
N GLY A 160 -22.83 -10.41 14.38
CA GLY A 160 -22.48 -11.04 15.68
C GLY A 160 -20.98 -10.97 15.91
N ALA A 161 -20.17 -11.24 14.87
CA ALA A 161 -18.70 -11.18 14.98
C ALA A 161 -18.30 -9.74 15.37
N ILE A 162 -18.87 -8.73 14.71
CA ILE A 162 -18.51 -7.32 15.00
C ILE A 162 -18.81 -7.07 16.50
N ASN A 163 -19.93 -7.56 16.96
CA ASN A 163 -20.41 -7.38 18.33
C ASN A 163 -19.45 -8.05 19.31
N PHE A 164 -19.07 -9.29 19.04
CA PHE A 164 -18.19 -10.03 19.99
C PHE A 164 -16.81 -9.41 20.01
N ILE A 165 -16.23 -9.11 18.85
CA ILE A 165 -14.87 -8.54 18.83
C ILE A 165 -14.89 -7.23 19.63
N THR A 166 -15.88 -6.37 19.38
CA THR A 166 -15.91 -5.03 19.99
C THR A 166 -16.06 -5.22 21.52
N THR A 167 -16.99 -6.09 21.91
CA THR A 167 -17.29 -6.32 23.34
C THR A 167 -16.02 -6.80 24.03
N ILE A 168 -15.35 -7.81 23.47
CA ILE A 168 -14.19 -8.45 24.12
C ILE A 168 -13.01 -7.47 24.17
N ILE A 169 -12.79 -6.66 23.13
CA ILE A 169 -11.68 -5.68 23.12
C ILE A 169 -11.97 -4.50 24.07
N ASN A 170 -13.21 -4.06 24.10
CA ASN A 170 -13.53 -2.68 24.60
C ASN A 170 -14.18 -2.73 25.98
N MET A 171 -14.70 -3.86 26.44
CA MET A 171 -15.59 -3.83 27.62
C MET A 171 -15.09 -4.68 28.78
N LYS A 172 -13.80 -4.93 28.86
CA LYS A 172 -13.17 -5.60 30.00
C LYS A 172 -12.95 -4.57 31.09
N PRO A 173 -12.74 -5.03 32.33
CA PRO A 173 -12.32 -4.10 33.39
C PRO A 173 -11.03 -3.43 32.94
N PRO A 174 -10.80 -2.15 33.27
CA PRO A 174 -9.63 -1.46 32.74
C PRO A 174 -8.31 -2.09 33.16
N ALA A 175 -8.24 -2.79 34.30
CA ALA A 175 -7.00 -3.47 34.73
C ALA A 175 -6.78 -4.80 33.99
N MET A 176 -7.81 -5.34 33.34
CA MET A 176 -7.77 -6.71 32.76
C MET A 176 -7.18 -6.60 31.35
N SER A 177 -6.01 -7.17 31.15
CA SER A 177 -5.45 -7.26 29.77
C SER A 177 -6.10 -8.42 29.03
N GLN A 178 -5.81 -8.50 27.74
CA GLN A 178 -6.30 -9.64 26.96
C GLN A 178 -5.76 -10.94 27.58
N TYR A 179 -4.59 -10.89 28.21
CA TYR A 179 -3.95 -12.10 28.77
C TYR A 179 -4.48 -12.39 30.18
N GLN A 180 -5.57 -11.74 30.60
CA GLN A 180 -6.27 -12.11 31.84
C GLN A 180 -7.73 -12.45 31.53
N THR A 181 -8.07 -12.72 30.28
CA THR A 181 -9.45 -13.15 29.94
C THR A 181 -9.48 -14.65 29.89
N PRO A 182 -10.62 -15.25 30.24
CA PRO A 182 -10.73 -16.69 30.19
C PRO A 182 -10.62 -17.26 28.76
N LEU A 183 -10.13 -18.50 28.67
CA LEU A 183 -9.97 -19.16 27.34
C LEU A 183 -11.27 -19.17 26.53
N PHE A 184 -12.45 -19.36 27.13
CA PHE A 184 -13.68 -19.36 26.33
C PHE A 184 -13.83 -18.00 25.61
N VAL A 185 -13.50 -16.91 26.31
CA VAL A 185 -13.57 -15.56 25.73
C VAL A 185 -12.60 -15.48 24.54
N TRP A 186 -11.36 -15.93 24.71
CA TRP A 186 -10.40 -15.96 23.58
C TRP A 186 -11.01 -16.77 22.42
N SER A 187 -11.62 -17.92 22.71
CA SER A 187 -12.13 -18.84 21.65
C SER A 187 -13.22 -18.13 20.85
N VAL A 188 -14.07 -17.34 21.50
CA VAL A 188 -15.13 -16.58 20.80
C VAL A 188 -14.51 -15.41 20.01
N MET A 189 -13.54 -14.67 20.56
CA MET A 189 -12.89 -13.54 19.83
C MET A 189 -12.30 -14.12 18.52
N ILE A 190 -11.58 -15.23 18.62
CA ILE A 190 -10.86 -15.79 17.44
C ILE A 190 -11.90 -16.30 16.42
N THR A 191 -12.92 -16.99 16.89
CA THR A 191 -14.03 -17.44 16.02
C THR A 191 -14.63 -16.23 15.31
N ALA A 192 -14.88 -15.16 16.04
CA ALA A 192 -15.50 -13.94 15.44
C ALA A 192 -14.58 -13.34 14.35
N VAL A 193 -13.27 -13.33 14.57
CA VAL A 193 -12.35 -12.83 13.52
C VAL A 193 -12.47 -13.75 12.27
N LEU A 194 -12.52 -15.06 12.48
CA LEU A 194 -12.65 -15.97 11.32
C LEU A 194 -13.97 -15.68 10.56
N LEU A 195 -15.05 -15.45 11.28
CA LEU A 195 -16.37 -15.18 10.66
C LEU A 195 -16.27 -13.90 9.84
N LEU A 196 -15.70 -12.84 10.45
CA LEU A 196 -15.60 -11.51 9.82
C LEU A 196 -14.87 -11.60 8.48
N LEU A 197 -13.83 -12.42 8.38
CA LEU A 197 -13.00 -12.47 7.17
C LEU A 197 -13.54 -13.49 6.16
N SER A 198 -14.14 -14.57 6.60
CA SER A 198 -14.53 -15.72 5.73
C SER A 198 -15.92 -15.53 5.13
N LEU A 199 -16.92 -15.13 5.92
CA LEU A 199 -18.30 -15.07 5.41
C LEU A 199 -18.44 -14.10 4.24
N PRO A 200 -17.73 -12.94 4.18
CA PRO A 200 -17.90 -12.06 3.03
C PRO A 200 -17.46 -12.73 1.72
N VAL A 201 -16.51 -13.64 1.80
CA VAL A 201 -16.01 -14.31 0.58
C VAL A 201 -17.08 -15.32 0.15
N LEU A 202 -17.65 -16.03 1.09
CA LEU A 202 -18.83 -16.89 0.78
C LEU A 202 -19.91 -16.03 0.14
N ALA A 203 -20.20 -14.89 0.73
CA ALA A 203 -21.26 -14.01 0.23
C ALA A 203 -20.97 -13.62 -1.22
N ALA A 204 -19.72 -13.31 -1.52
CA ALA A 204 -19.36 -12.94 -2.91
C ALA A 204 -19.62 -14.16 -3.84
N GLY A 205 -19.15 -15.32 -3.43
CA GLY A 205 -19.25 -16.53 -4.26
C GLY A 205 -20.73 -16.90 -4.52
N ILE A 206 -21.58 -16.90 -3.49
CA ILE A 206 -22.98 -17.35 -3.69
C ILE A 206 -23.75 -16.24 -4.41
N THR A 207 -23.30 -14.98 -4.29
CA THR A 207 -23.92 -13.89 -5.06
C THR A 207 -23.62 -14.10 -6.57
N MET A 208 -22.38 -14.44 -6.91
N MET A 208 -22.40 -14.49 -6.90
CA MET A 208 -22.00 -14.80 -8.29
CA MET A 208 -22.03 -14.75 -8.31
C MET A 208 -22.88 -15.96 -8.76
C MET A 208 -22.79 -16.00 -8.79
N LEU A 209 -23.07 -16.98 -7.91
CA LEU A 209 -23.94 -18.10 -8.30
C LEU A 209 -25.37 -17.61 -8.57
N LEU A 210 -25.87 -16.71 -7.73
CA LEU A 210 -27.22 -16.12 -7.92
C LEU A 210 -27.31 -15.38 -9.26
N THR A 211 -26.27 -14.60 -9.61
CA THR A 211 -26.30 -13.80 -10.85
C THR A 211 -26.13 -14.78 -12.02
N ASP A 212 -25.35 -15.85 -11.88
CA ASP A 212 -25.25 -16.84 -13.00
C ASP A 212 -26.65 -17.43 -13.24
N ARG A 213 -27.40 -17.66 -12.16
CA ARG A 213 -28.71 -18.32 -12.23
C ARG A 213 -29.79 -17.36 -12.76
N ASN A 214 -29.66 -16.04 -12.56
CA ASN A 214 -30.81 -15.12 -12.78
C ASN A 214 -30.48 -13.91 -13.66
N LEU A 215 -29.22 -13.50 -13.79
CA LEU A 215 -28.88 -12.25 -14.53
C LEU A 215 -27.96 -12.56 -15.71
N ASN A 216 -27.82 -13.84 -16.10
CA ASN A 216 -27.04 -14.22 -17.31
C ASN A 216 -25.56 -13.82 -17.17
N THR A 217 -25.03 -13.79 -15.95
CA THR A 217 -23.59 -13.80 -15.74
C THR A 217 -23.04 -15.19 -16.03
N THR A 218 -21.73 -15.29 -16.15
CA THR A 218 -21.08 -16.57 -16.49
C THR A 218 -19.80 -16.71 -15.68
N PHE A 219 -19.78 -16.29 -14.40
CA PHE A 219 -18.61 -16.52 -13.54
C PHE A 219 -18.15 -17.98 -13.55
N PHE A 220 -19.09 -18.91 -13.55
CA PHE A 220 -18.84 -20.34 -13.34
C PHE A 220 -19.20 -21.14 -14.59
N ASP A 221 -19.53 -20.48 -15.70
CA ASP A 221 -20.06 -21.14 -16.91
C ASP A 221 -19.01 -21.01 -18.01
N PRO A 222 -18.38 -22.12 -18.41
CA PRO A 222 -17.33 -22.06 -19.43
C PRO A 222 -17.78 -21.44 -20.76
N ALA A 223 -19.06 -21.54 -21.10
CA ALA A 223 -19.58 -20.94 -22.36
C ALA A 223 -19.25 -19.44 -22.41
N GLY A 224 -19.24 -18.75 -21.26
CA GLY A 224 -18.91 -17.33 -21.20
C GLY A 224 -17.47 -17.06 -20.81
N GLY A 225 -16.65 -18.10 -20.67
CA GLY A 225 -15.25 -17.97 -20.20
C GLY A 225 -15.12 -18.12 -18.69
N GLY A 226 -16.20 -18.54 -18.01
CA GLY A 226 -16.18 -18.82 -16.57
C GLY A 226 -15.56 -20.17 -16.27
N ASP A 227 -15.58 -20.56 -15.01
CA ASP A 227 -14.86 -21.74 -14.49
C ASP A 227 -15.59 -22.24 -13.27
N PRO A 228 -16.16 -23.44 -13.32
CA PRO A 228 -16.78 -24.03 -12.11
C PRO A 228 -15.80 -24.11 -10.92
N ILE A 229 -14.51 -24.25 -11.22
CA ILE A 229 -13.49 -24.43 -10.16
C ILE A 229 -13.32 -23.10 -9.37
N LEU A 230 -13.59 -21.96 -10.01
CA LEU A 230 -13.51 -20.66 -9.29
C LEU A 230 -14.50 -20.72 -8.11
N TYR A 231 -15.71 -21.22 -8.33
CA TYR A 231 -16.74 -21.30 -7.26
C TYR A 231 -16.16 -22.12 -6.10
N GLN A 232 -15.48 -23.22 -6.42
CA GLN A 232 -14.94 -24.12 -5.37
C GLN A 232 -13.91 -23.35 -4.53
N HIS A 233 -13.01 -22.60 -5.17
CA HIS A 233 -11.99 -21.81 -4.42
C HIS A 233 -12.71 -20.82 -3.48
N LEU A 234 -13.71 -20.11 -3.98
CA LEU A 234 -14.39 -19.08 -3.17
C LEU A 234 -15.13 -19.76 -2.00
N PHE A 235 -15.83 -20.84 -2.29
CA PHE A 235 -16.57 -21.58 -1.26
C PHE A 235 -15.58 -22.07 -0.18
N TRP A 236 -14.52 -22.76 -0.58
CA TRP A 236 -13.62 -23.37 0.40
C TRP A 236 -12.75 -22.33 1.11
N PHE A 237 -12.50 -21.18 0.51
CA PHE A 237 -11.78 -20.10 1.23
C PHE A 237 -12.59 -19.75 2.49
N PHE A 238 -13.91 -19.82 2.38
CA PHE A 238 -14.82 -19.73 3.57
C PHE A 238 -14.87 -21.05 4.31
N GLY A 239 -15.05 -22.16 3.59
CA GLY A 239 -15.41 -23.44 4.18
C GLY A 239 -14.36 -24.00 5.13
N HIS A 240 -13.05 -23.88 4.84
CA HIS A 240 -12.09 -24.41 5.84
C HIS A 240 -12.15 -23.54 7.12
N PRO A 241 -12.06 -22.21 7.05
CA PRO A 241 -12.26 -21.41 8.28
C PRO A 241 -13.55 -21.77 9.00
N GLU A 242 -14.63 -22.03 8.25
CA GLU A 242 -15.91 -22.40 8.86
C GLU A 242 -15.74 -23.62 9.79
N VAL A 243 -14.93 -24.64 9.46
CA VAL A 243 -14.87 -25.79 10.38
C VAL A 243 -14.13 -25.37 11.66
N TYR A 244 -13.16 -24.47 11.57
CA TYR A 244 -12.46 -23.95 12.77
C TYR A 244 -13.42 -23.09 13.61
N ILE A 245 -14.30 -22.33 12.95
CA ILE A 245 -15.41 -21.59 13.59
C ILE A 245 -16.32 -22.57 14.35
N LEU A 246 -16.58 -23.76 13.79
CA LEU A 246 -17.44 -24.75 14.46
C LEU A 246 -16.74 -25.34 15.68
N ILE A 247 -15.41 -25.48 15.67
CA ILE A 247 -14.76 -26.19 16.79
C ILE A 247 -14.20 -25.23 17.87
N LEU A 248 -13.75 -24.04 17.48
CA LEU A 248 -13.00 -23.19 18.41
C LEU A 248 -13.79 -22.90 19.69
N PRO A 249 -15.07 -22.52 19.63
CA PRO A 249 -15.81 -22.30 20.86
C PRO A 249 -15.94 -23.58 21.71
N GLY A 250 -15.98 -24.73 21.03
CA GLY A 250 -15.92 -26.01 21.68
C GLY A 250 -14.61 -26.18 22.42
N PHE A 251 -13.48 -25.86 21.79
CA PHE A 251 -12.20 -25.93 22.50
C PHE A 251 -12.27 -25.02 23.75
N GLY A 252 -12.86 -23.82 23.62
CA GLY A 252 -12.91 -22.92 24.78
C GLY A 252 -13.74 -23.53 25.90
N MET A 253 -14.88 -24.13 25.57
CA MET A 253 -15.76 -24.77 26.59
C MET A 253 -15.04 -25.95 27.22
N ILE A 254 -14.38 -26.79 26.43
CA ILE A 254 -13.63 -27.95 26.96
C ILE A 254 -12.56 -27.45 27.96
N SER A 255 -11.82 -26.40 27.64
CA SER A 255 -10.79 -25.88 28.59
C SER A 255 -11.48 -25.54 29.93
N HIS A 256 -12.66 -24.93 29.92
CA HIS A 256 -13.34 -24.52 31.20
C HIS A 256 -13.86 -25.75 31.95
N ILE A 257 -14.41 -26.71 31.21
CA ILE A 257 -15.01 -27.93 31.82
C ILE A 257 -13.91 -28.79 32.44
N VAL A 258 -12.82 -29.02 31.70
CA VAL A 258 -11.72 -29.88 32.22
C VAL A 258 -11.10 -29.21 33.45
N THR A 259 -10.90 -27.88 33.39
CA THR A 259 -10.32 -27.16 34.54
C THR A 259 -11.24 -27.35 35.75
N TYR A 260 -12.53 -27.08 35.56
CA TYR A 260 -13.54 -27.03 36.64
C TYR A 260 -13.62 -28.41 37.32
N TYR A 261 -13.84 -29.47 36.54
CA TYR A 261 -14.08 -30.81 37.11
C TYR A 261 -12.75 -31.51 37.48
N SER A 262 -11.61 -30.90 37.19
CA SER A 262 -10.30 -31.32 37.74
C SER A 262 -10.06 -30.63 39.09
N GLY A 263 -10.95 -29.73 39.50
CA GLY A 263 -10.71 -29.01 40.76
C GLY A 263 -9.56 -28.03 40.67
N LYS A 264 -9.25 -27.54 39.49
CA LYS A 264 -8.10 -26.64 39.26
C LYS A 264 -8.60 -25.19 39.20
N LYS A 265 -7.72 -24.25 39.56
CA LYS A 265 -8.03 -22.84 39.49
C LYS A 265 -7.81 -22.34 38.04
N GLU A 266 -7.09 -23.10 37.22
CA GLU A 266 -6.63 -22.60 35.91
C GLU A 266 -6.24 -23.75 35.02
N PRO A 267 -6.43 -23.57 33.70
CA PRO A 267 -5.97 -24.58 32.74
C PRO A 267 -4.45 -24.62 32.72
N PHE A 268 -3.89 -25.76 32.36
CA PHE A 268 -2.44 -25.87 32.16
C PHE A 268 -2.06 -25.04 30.93
N GLY A 269 -1.01 -24.26 31.04
CA GLY A 269 -0.36 -23.59 29.89
C GLY A 269 -1.27 -22.59 29.18
N TYR A 270 -1.85 -21.65 29.91
CA TYR A 270 -2.80 -20.64 29.40
C TYR A 270 -2.26 -20.00 28.10
N MET A 271 -1.03 -19.47 28.12
CA MET A 271 -0.52 -18.71 26.98
C MET A 271 -0.32 -19.66 25.79
N GLY A 272 0.06 -20.90 26.03
CA GLY A 272 0.14 -21.92 24.95
C GLY A 272 -1.24 -22.18 24.34
N MET A 273 -2.28 -22.16 25.15
CA MET A 273 -3.68 -22.37 24.69
C MET A 273 -4.08 -21.19 23.80
N VAL A 274 -3.76 -19.97 24.23
CA VAL A 274 -4.03 -18.76 23.43
C VAL A 274 -3.23 -18.86 22.12
N TRP A 275 -1.95 -19.15 22.21
CA TRP A 275 -1.09 -19.31 21.02
C TRP A 275 -1.71 -20.35 20.07
N ALA A 276 -2.15 -21.46 20.61
CA ALA A 276 -2.67 -22.58 19.80
C ALA A 276 -3.91 -22.14 19.03
N MET A 277 -4.85 -21.50 19.72
CA MET A 277 -6.10 -21.05 19.04
C MET A 277 -5.78 -20.00 17.97
N MET A 278 -4.86 -19.07 18.21
N MET A 278 -4.88 -19.07 18.27
CA MET A 278 -4.55 -18.03 17.19
CA MET A 278 -4.45 -18.01 17.31
C MET A 278 -3.82 -18.68 16.01
C MET A 278 -3.88 -18.70 16.07
N SER A 279 -2.98 -19.68 16.29
CA SER A 279 -2.23 -20.39 15.23
C SER A 279 -3.21 -21.18 14.36
N ILE A 280 -4.14 -21.88 15.00
CA ILE A 280 -5.19 -22.63 14.27
C ILE A 280 -6.01 -21.66 13.44
N GLY A 281 -6.38 -20.52 14.02
CA GLY A 281 -7.19 -19.55 13.25
C GLY A 281 -6.44 -19.09 12.01
N PHE A 282 -5.17 -18.77 12.16
CA PHE A 282 -4.34 -18.24 11.07
C PHE A 282 -4.15 -19.32 10.00
N LEU A 283 -3.69 -20.48 10.42
CA LEU A 283 -3.40 -21.57 9.46
C LEU A 283 -4.68 -21.99 8.75
N GLY A 284 -5.83 -21.91 9.42
CA GLY A 284 -7.12 -22.20 8.81
C GLY A 284 -7.45 -21.40 7.54
N PHE A 285 -6.76 -20.30 7.25
CA PHE A 285 -7.01 -19.48 6.05
C PHE A 285 -6.11 -19.89 4.87
N ILE A 286 -5.10 -20.75 5.08
CA ILE A 286 -4.10 -20.95 4.02
C ILE A 286 -4.10 -22.42 3.54
N VAL A 287 -5.21 -23.13 3.72
CA VAL A 287 -5.22 -24.60 3.51
C VAL A 287 -6.42 -25.06 2.65
N TRP A 288 -7.27 -24.16 2.16
CA TRP A 288 -8.62 -24.50 1.66
C TRP A 288 -8.57 -25.51 0.51
N ALA A 289 -7.49 -25.54 -0.26
CA ALA A 289 -7.51 -26.36 -1.47
C ALA A 289 -7.27 -27.83 -1.16
N HIS A 290 -7.14 -28.22 0.12
CA HIS A 290 -7.22 -29.66 0.47
C HIS A 290 -8.62 -30.23 0.20
N HIS A 291 -9.60 -29.38 -0.11
CA HIS A 291 -10.95 -29.82 -0.51
C HIS A 291 -11.00 -30.04 -2.03
N MET A 292 -9.87 -29.88 -2.72
CA MET A 292 -9.87 -29.79 -4.20
C MET A 292 -8.73 -30.63 -4.79
N PHE A 293 -8.24 -31.64 -4.07
CA PHE A 293 -7.08 -32.41 -4.52
C PHE A 293 -7.35 -33.24 -5.79
N THR A 294 -8.60 -33.45 -6.15
CA THR A 294 -8.93 -34.22 -7.38
C THR A 294 -9.37 -33.35 -8.54
N VAL A 295 -9.32 -32.02 -8.44
CA VAL A 295 -9.93 -31.14 -9.49
C VAL A 295 -8.95 -30.96 -10.66
N GLY A 296 -7.69 -31.36 -10.50
CA GLY A 296 -6.66 -31.12 -11.53
C GLY A 296 -5.71 -29.96 -11.23
N MET A 297 -5.38 -29.60 -9.99
N MET A 297 -5.04 -30.22 -10.12
CA MET A 297 -4.40 -28.49 -9.74
CA MET A 297 -4.19 -29.30 -9.36
C MET A 297 -2.97 -29.02 -9.97
C MET A 297 -2.74 -29.57 -9.75
N ASP A 298 -1.96 -28.15 -10.05
N ASP A 298 -2.00 -28.55 -10.18
CA ASP A 298 -0.53 -28.47 -10.31
CA ASP A 298 -0.54 -28.73 -10.39
C ASP A 298 0.07 -29.25 -9.11
C ASP A 298 0.01 -29.38 -9.13
N VAL A 299 1.06 -30.13 -9.32
CA VAL A 299 1.69 -30.96 -8.25
C VAL A 299 2.29 -30.07 -7.12
N ASP A 300 2.95 -28.99 -7.45
CA ASP A 300 3.60 -28.14 -6.42
C ASP A 300 2.50 -27.53 -5.51
N THR A 301 1.36 -27.15 -6.10
CA THR A 301 0.21 -26.63 -5.35
C THR A 301 -0.29 -27.75 -4.41
N ARG A 302 -0.41 -28.97 -4.88
CA ARG A 302 -0.86 -30.10 -4.02
C ARG A 302 0.15 -30.32 -2.87
N ALA A 303 1.44 -30.17 -3.15
CA ALA A 303 2.51 -30.40 -2.17
C ALA A 303 2.39 -29.33 -1.08
N TYR A 304 2.18 -28.08 -1.49
CA TYR A 304 2.01 -26.95 -0.53
C TYR A 304 0.78 -27.24 0.34
N PHE A 305 -0.38 -27.53 -0.26
CA PHE A 305 -1.62 -27.68 0.55
C PHE A 305 -1.50 -28.89 1.48
N THR A 306 -0.85 -29.97 1.06
CA THR A 306 -0.60 -31.11 1.95
C THR A 306 0.17 -30.63 3.20
N SER A 307 1.27 -29.93 2.98
CA SER A 307 2.24 -29.56 4.03
C SER A 307 1.60 -28.54 4.99
N ALA A 308 0.96 -27.51 4.46
CA ALA A 308 0.33 -26.45 5.26
C ALA A 308 -0.77 -27.07 6.11
N THR A 309 -1.53 -27.99 5.54
CA THR A 309 -2.65 -28.62 6.27
C THR A 309 -2.08 -29.39 7.45
N MET A 310 -0.98 -30.12 7.23
CA MET A 310 -0.47 -31.01 8.31
C MET A 310 0.02 -30.18 9.52
N ILE A 311 0.50 -28.97 9.25
N ILE A 311 0.58 -28.99 9.33
CA ILE A 311 1.10 -28.05 10.26
CA ILE A 311 1.25 -28.31 10.47
C ILE A 311 0.08 -27.80 11.37
C ILE A 311 0.19 -27.86 11.48
N ILE A 312 -1.21 -27.76 11.05
N ILE A 312 -1.08 -27.80 11.11
CA ILE A 312 -2.30 -27.52 12.05
CA ILE A 312 -2.13 -27.44 12.12
C ILE A 312 -2.24 -28.54 13.22
C ILE A 312 -2.19 -28.51 13.23
N ALA A 313 -1.67 -29.73 13.00
CA ALA A 313 -1.58 -30.77 14.07
C ALA A 313 -0.73 -30.23 15.25
N ILE A 314 0.26 -29.37 14.98
CA ILE A 314 1.18 -28.92 16.05
C ILE A 314 0.42 -28.09 17.09
N PRO A 315 -0.21 -26.94 16.74
CA PRO A 315 -0.93 -26.21 17.78
C PRO A 315 -2.06 -27.04 18.36
N THR A 316 -2.73 -27.84 17.54
CA THR A 316 -3.86 -28.66 18.04
C THR A 316 -3.34 -29.65 19.10
N GLY A 317 -2.21 -30.28 18.87
CA GLY A 317 -1.62 -31.20 19.83
C GLY A 317 -1.27 -30.50 21.14
N VAL A 318 -0.79 -29.26 21.05
CA VAL A 318 -0.52 -28.50 22.31
C VAL A 318 -1.82 -28.40 23.12
N LYS A 319 -2.96 -28.19 22.47
CA LYS A 319 -4.22 -28.09 23.23
C LYS A 319 -4.56 -29.43 23.83
N VAL A 320 -4.46 -30.51 23.05
CA VAL A 320 -4.82 -31.84 23.58
C VAL A 320 -3.93 -32.18 24.79
N PHE A 321 -2.64 -31.98 24.67
CA PHE A 321 -1.70 -32.31 25.76
C PHE A 321 -1.97 -31.40 26.95
N SER A 322 -2.35 -30.15 26.70
CA SER A 322 -2.61 -29.19 27.80
C SER A 322 -3.89 -29.58 28.54
N TRP A 323 -4.89 -30.10 27.85
CA TRP A 323 -6.08 -30.67 28.54
C TRP A 323 -5.66 -31.85 29.42
N LEU A 324 -4.84 -32.76 28.90
CA LEU A 324 -4.40 -33.92 29.70
C LEU A 324 -3.62 -33.41 30.90
N ALA A 325 -2.77 -32.41 30.72
CA ALA A 325 -1.95 -31.86 31.82
C ALA A 325 -2.85 -31.11 32.84
N THR A 326 -4.03 -30.67 32.44
CA THR A 326 -5.01 -30.02 33.34
C THR A 326 -5.64 -31.11 34.23
N LEU A 327 -5.94 -32.29 33.66
CA LEU A 327 -6.47 -33.44 34.42
C LEU A 327 -5.44 -33.90 35.46
N HIS A 328 -4.16 -33.91 35.08
CA HIS A 328 -3.03 -34.43 35.87
C HIS A 328 -3.03 -33.80 37.27
N GLY A 329 -3.18 -34.65 38.27
CA GLY A 329 -3.18 -34.18 39.66
C GLY A 329 -4.50 -33.59 40.10
N GLY A 330 -5.52 -33.65 39.26
CA GLY A 330 -6.84 -33.13 39.61
C GLY A 330 -7.51 -33.95 40.69
N ASN A 331 -8.35 -33.27 41.44
CA ASN A 331 -9.39 -33.93 42.24
C ASN A 331 -10.56 -34.14 41.28
N ILE A 332 -10.59 -35.28 40.59
CA ILE A 332 -11.51 -35.46 39.44
C ILE A 332 -12.92 -35.62 39.99
N LYS A 333 -13.84 -34.81 39.50
CA LYS A 333 -15.28 -35.01 39.72
C LYS A 333 -15.85 -35.61 38.42
N TRP A 334 -16.37 -36.82 38.52
CA TRP A 334 -16.94 -37.58 37.39
C TRP A 334 -18.37 -37.11 37.14
N SER A 335 -18.53 -35.83 36.90
CA SER A 335 -19.80 -35.21 36.50
C SER A 335 -20.14 -35.65 35.07
N PRO A 336 -21.41 -35.54 34.70
CA PRO A 336 -21.79 -35.73 33.30
C PRO A 336 -21.01 -34.80 32.36
N ALA A 337 -20.86 -33.52 32.71
CA ALA A 337 -20.09 -32.61 31.85
C ALA A 337 -18.65 -33.12 31.63
N MET A 338 -18.00 -33.60 32.68
CA MET A 338 -16.63 -34.11 32.58
C MET A 338 -16.64 -35.31 31.59
N MET A 339 -17.67 -36.16 31.64
CA MET A 339 -17.71 -37.34 30.74
C MET A 339 -17.77 -36.85 29.28
N TRP A 340 -18.61 -35.87 28.98
CA TRP A 340 -18.66 -35.26 27.64
C TRP A 340 -17.25 -34.75 27.25
N ALA A 341 -16.56 -34.07 28.15
CA ALA A 341 -15.28 -33.45 27.83
C ALA A 341 -14.23 -34.54 27.57
N LEU A 342 -14.23 -35.60 28.37
CA LEU A 342 -13.24 -36.68 28.18
C LEU A 342 -13.52 -37.39 26.86
N GLY A 343 -14.79 -37.61 26.56
CA GLY A 343 -15.19 -38.19 25.27
C GLY A 343 -14.66 -37.30 24.13
N PHE A 344 -14.85 -35.98 24.28
CA PHE A 344 -14.36 -35.00 23.30
C PHE A 344 -12.86 -35.22 23.06
N ILE A 345 -12.04 -35.20 24.13
CA ILE A 345 -10.58 -35.18 23.95
C ILE A 345 -10.20 -36.39 23.08
N PHE A 346 -10.75 -37.55 23.39
CA PHE A 346 -10.36 -38.78 22.69
C PHE A 346 -10.92 -38.78 21.26
N LEU A 347 -12.20 -38.53 21.12
CA LEU A 347 -12.90 -38.71 19.81
C LEU A 347 -12.50 -37.59 18.84
N PHE A 348 -12.31 -36.39 19.33
CA PHE A 348 -11.77 -35.28 18.52
C PHE A 348 -10.36 -35.66 18.04
N THR A 349 -9.54 -36.25 18.90
CA THR A 349 -8.16 -36.63 18.50
C THR A 349 -8.28 -37.64 17.35
N VAL A 350 -9.15 -38.62 17.46
CA VAL A 350 -9.30 -39.63 16.37
C VAL A 350 -9.69 -38.94 15.06
N GLY A 351 -10.71 -38.09 15.11
CA GLY A 351 -11.12 -37.37 13.90
C GLY A 351 -10.02 -36.45 13.38
N GLY A 352 -9.25 -35.79 14.26
CA GLY A 352 -8.17 -34.93 13.78
C GLY A 352 -7.14 -35.76 13.05
N LEU A 353 -6.88 -36.96 13.57
CA LEU A 353 -5.84 -37.81 12.97
C LEU A 353 -6.33 -38.33 11.60
N THR A 354 -7.60 -38.65 11.43
CA THR A 354 -8.06 -39.06 10.08
C THR A 354 -8.02 -37.83 9.15
N GLY A 355 -8.22 -36.61 9.66
CA GLY A 355 -7.95 -35.41 8.86
C GLY A 355 -6.52 -35.37 8.37
N ILE A 356 -5.54 -35.74 9.22
CA ILE A 356 -4.13 -35.73 8.80
C ILE A 356 -3.93 -36.78 7.69
N VAL A 357 -4.64 -37.89 7.77
CA VAL A 357 -4.56 -38.91 6.68
C VAL A 357 -5.02 -38.24 5.37
N LEU A 358 -6.16 -37.59 5.39
CA LEU A 358 -6.73 -36.92 4.21
C LEU A 358 -5.87 -35.76 3.69
N ALA A 359 -5.08 -35.11 4.53
CA ALA A 359 -4.24 -33.96 4.13
C ALA A 359 -3.22 -34.43 3.10
N ASN A 360 -2.92 -35.73 3.05
CA ASN A 360 -1.95 -36.29 2.10
C ASN A 360 -2.63 -36.40 0.73
N SER A 361 -2.30 -35.52 -0.20
N SER A 361 -2.32 -35.43 -0.14
CA SER A 361 -3.04 -35.41 -1.48
CA SER A 361 -2.93 -35.30 -1.48
C SER A 361 -2.97 -36.75 -2.24
C SER A 361 -2.78 -36.59 -2.27
N SER A 362 -1.84 -37.44 -2.21
N SER A 362 -1.73 -37.36 -2.01
CA SER A 362 -1.71 -38.74 -2.91
CA SER A 362 -1.52 -38.64 -2.73
C SER A 362 -2.73 -39.72 -2.37
C SER A 362 -2.63 -39.63 -2.33
N LEU A 363 -2.81 -39.88 -1.03
CA LEU A 363 -3.85 -40.80 -0.54
C LEU A 363 -5.27 -40.22 -0.72
N ASP A 364 -5.42 -38.90 -0.62
CA ASP A 364 -6.75 -38.27 -0.78
C ASP A 364 -7.33 -38.57 -2.17
N ILE A 365 -6.48 -38.89 -3.16
CA ILE A 365 -7.05 -39.25 -4.48
C ILE A 365 -8.06 -40.37 -4.25
N VAL A 366 -7.68 -41.38 -3.46
CA VAL A 366 -8.52 -42.59 -3.25
C VAL A 366 -9.58 -42.33 -2.18
N LEU A 367 -9.36 -41.40 -1.27
CA LEU A 367 -10.31 -41.21 -0.16
C LEU A 367 -11.33 -40.10 -0.42
N HIS A 368 -11.02 -39.20 -1.33
CA HIS A 368 -11.88 -38.02 -1.62
C HIS A 368 -13.25 -38.51 -2.10
N ASP A 369 -14.32 -37.84 -1.67
CA ASP A 369 -15.67 -38.16 -2.15
C ASP A 369 -16.00 -39.61 -1.78
N THR A 370 -15.45 -40.11 -0.68
CA THR A 370 -15.82 -41.39 -0.06
C THR A 370 -16.26 -41.19 1.38
N TYR A 371 -16.80 -42.26 1.95
CA TYR A 371 -17.20 -42.28 3.37
C TYR A 371 -16.01 -42.09 4.32
N TYR A 372 -14.75 -42.19 3.87
CA TYR A 372 -13.65 -41.92 4.81
C TYR A 372 -13.72 -40.45 5.27
N VAL A 373 -14.07 -39.56 4.34
CA VAL A 373 -14.22 -38.11 4.63
C VAL A 373 -15.39 -37.95 5.62
N VAL A 374 -16.49 -38.67 5.37
CA VAL A 374 -17.69 -38.61 6.21
C VAL A 374 -17.33 -39.07 7.64
N ALA A 375 -16.51 -40.10 7.79
CA ALA A 375 -16.07 -40.62 9.10
C ALA A 375 -15.24 -39.51 9.76
N HIS A 376 -14.24 -38.98 9.08
CA HIS A 376 -13.41 -37.89 9.62
C HIS A 376 -14.34 -36.80 10.19
N PHE A 377 -15.22 -36.24 9.38
CA PHE A 377 -15.85 -34.99 9.84
C PHE A 377 -16.92 -35.28 10.90
N HIS A 378 -17.51 -36.46 10.93
CA HIS A 378 -18.48 -36.74 12.00
C HIS A 378 -17.74 -37.02 13.32
N TYR A 379 -16.51 -37.53 13.31
CA TYR A 379 -15.75 -37.65 14.59
C TYR A 379 -15.56 -36.23 15.14
N VAL A 380 -15.16 -35.28 14.29
CA VAL A 380 -14.88 -33.91 14.80
C VAL A 380 -16.18 -33.12 15.04
N LEU A 381 -17.28 -33.41 14.34
CA LEU A 381 -18.55 -32.63 14.50
C LEU A 381 -19.55 -33.33 15.41
N SER A 382 -19.92 -34.56 15.11
CA SER A 382 -20.91 -35.30 15.91
C SER A 382 -20.30 -35.83 17.21
N MET A 383 -18.98 -35.96 17.32
CA MET A 383 -18.30 -36.35 18.60
C MET A 383 -17.39 -35.29 19.21
N GLY A 384 -17.08 -34.30 18.46
CA GLY A 384 -16.32 -33.12 18.93
C GLY A 384 -17.25 -31.95 19.23
N ALA A 385 -17.66 -31.20 18.22
CA ALA A 385 -18.50 -30.01 18.42
C ALA A 385 -19.71 -30.39 19.30
N VAL A 386 -20.37 -31.50 18.98
CA VAL A 386 -21.59 -31.90 19.73
C VAL A 386 -21.25 -32.25 21.18
N PHE A 387 -20.13 -32.95 21.41
CA PHE A 387 -19.80 -33.34 22.79
C PHE A 387 -19.47 -32.07 23.58
N ALA A 388 -18.80 -31.09 22.97
CA ALA A 388 -18.52 -29.80 23.68
C ALA A 388 -19.85 -29.09 23.99
N ILE A 389 -20.79 -29.08 23.05
CA ILE A 389 -22.15 -28.49 23.28
C ILE A 389 -22.83 -29.21 24.45
N MET A 390 -22.85 -30.52 24.45
CA MET A 390 -23.57 -31.25 25.52
C MET A 390 -22.85 -31.03 26.84
N GLY A 391 -21.52 -31.03 26.86
CA GLY A 391 -20.78 -30.81 28.13
C GLY A 391 -21.08 -29.39 28.63
N GLY A 392 -21.03 -28.42 27.74
CA GLY A 392 -21.30 -27.04 28.17
C GLY A 392 -22.75 -26.89 28.62
N PHE A 393 -23.69 -27.53 27.92
CA PHE A 393 -25.13 -27.46 28.30
C PHE A 393 -25.34 -28.03 29.68
N VAL A 394 -24.82 -29.22 29.97
N VAL A 394 -24.82 -29.24 29.92
CA VAL A 394 -25.10 -29.82 31.29
CA VAL A 394 -24.97 -29.92 31.23
C VAL A 394 -24.30 -29.05 32.36
C VAL A 394 -24.33 -29.00 32.29
N HIS A 395 -23.11 -28.54 32.03
CA HIS A 395 -22.33 -27.74 33.00
C HIS A 395 -23.07 -26.44 33.36
N TRP A 396 -23.56 -25.69 32.36
CA TRP A 396 -24.05 -24.33 32.60
C TRP A 396 -25.58 -24.28 32.71
N PHE A 397 -26.31 -25.36 32.47
CA PHE A 397 -27.77 -25.36 32.63
C PHE A 397 -28.18 -24.78 33.98
N PRO A 398 -27.53 -25.14 35.11
CA PRO A 398 -27.95 -24.57 36.40
C PRO A 398 -27.71 -23.06 36.52
N LEU A 399 -26.69 -22.54 35.85
CA LEU A 399 -26.45 -21.09 35.80
C LEU A 399 -27.61 -20.45 35.05
N PHE A 400 -27.90 -20.99 33.86
CA PHE A 400 -28.89 -20.33 33.01
C PHE A 400 -30.28 -20.43 33.63
N SER A 401 -30.63 -21.58 34.23
CA SER A 401 -32.02 -21.87 34.64
C SER A 401 -32.25 -21.62 36.16
N GLY A 402 -31.22 -21.80 36.99
CA GLY A 402 -31.35 -21.86 38.44
C GLY A 402 -31.78 -23.23 38.95
N TYR A 403 -31.91 -24.25 38.07
CA TYR A 403 -32.35 -25.59 38.46
C TYR A 403 -31.26 -26.61 38.11
N THR A 404 -31.27 -27.74 38.81
CA THR A 404 -30.28 -28.80 38.53
C THR A 404 -30.92 -29.88 37.64
N LEU A 405 -30.06 -30.48 36.82
CA LEU A 405 -30.40 -31.74 36.12
C LEU A 405 -30.27 -32.92 37.10
N ASN A 406 -30.88 -34.01 36.73
CA ASN A 406 -30.65 -35.31 37.40
C ASN A 406 -29.34 -35.85 36.80
N ASP A 407 -28.28 -35.91 37.62
CA ASP A 407 -26.92 -36.32 37.16
C ASP A 407 -26.95 -37.78 36.70
N THR A 408 -27.77 -38.63 37.31
CA THR A 408 -27.81 -40.05 36.91
C THR A 408 -28.42 -40.13 35.50
N TRP A 409 -29.53 -39.45 35.27
CA TRP A 409 -30.12 -39.42 33.91
C TRP A 409 -29.10 -38.86 32.91
N ALA A 410 -28.36 -37.82 33.27
CA ALA A 410 -27.41 -37.18 32.34
C ALA A 410 -26.29 -38.18 32.03
N LYS A 411 -25.86 -38.99 33.00
CA LYS A 411 -24.82 -40.00 32.74
C LYS A 411 -25.38 -41.11 31.79
N ILE A 412 -26.63 -41.49 31.97
CA ILE A 412 -27.31 -42.48 31.10
C ILE A 412 -27.32 -41.94 29.66
N HIS A 413 -27.73 -40.68 29.51
CA HIS A 413 -27.76 -39.95 28.23
C HIS A 413 -26.39 -40.06 27.57
N PHE A 414 -25.34 -39.67 28.27
CA PHE A 414 -23.96 -39.73 27.74
C PHE A 414 -23.67 -41.16 27.26
N ALA A 415 -23.94 -42.17 28.11
CA ALA A 415 -23.58 -43.56 27.77
C ALA A 415 -24.26 -43.96 26.44
N ILE A 416 -25.54 -43.65 26.30
CA ILE A 416 -26.30 -44.08 25.09
C ILE A 416 -25.71 -43.35 23.89
N MET A 417 -25.50 -42.03 23.99
N MET A 417 -25.51 -42.04 24.01
CA MET A 417 -25.00 -41.25 22.84
CA MET A 417 -24.99 -41.23 22.90
C MET A 417 -23.60 -41.72 22.46
C MET A 417 -23.63 -41.78 22.47
N PHE A 418 -22.76 -42.07 23.43
CA PHE A 418 -21.39 -42.52 23.14
C PHE A 418 -21.46 -43.78 22.27
N VAL A 419 -22.30 -44.72 22.68
CA VAL A 419 -22.42 -46.00 21.95
C VAL A 419 -22.95 -45.65 20.55
N GLY A 420 -24.01 -44.86 20.46
CA GLY A 420 -24.67 -44.62 19.17
C GLY A 420 -23.74 -43.96 18.17
N VAL A 421 -23.04 -42.90 18.56
CA VAL A 421 -22.23 -42.15 17.56
C VAL A 421 -21.07 -43.04 17.09
N ASN A 422 -20.48 -43.85 17.97
CA ASN A 422 -19.33 -44.70 17.61
C ASN A 422 -19.83 -45.82 16.67
N MET A 423 -20.98 -46.40 16.98
N MET A 423 -20.98 -46.39 16.97
CA MET A 423 -21.58 -47.47 16.14
CA MET A 423 -21.54 -47.46 16.12
C MET A 423 -21.92 -46.87 14.77
C MET A 423 -21.90 -46.86 14.75
N THR A 424 -22.35 -45.62 14.72
CA THR A 424 -22.72 -44.95 13.46
C THR A 424 -21.46 -44.73 12.60
N PHE A 425 -20.43 -44.13 13.16
CA PHE A 425 -19.36 -43.56 12.31
C PHE A 425 -18.13 -44.47 12.22
N PHE A 426 -17.83 -45.28 13.22
CA PHE A 426 -16.58 -46.05 13.12
C PHE A 426 -16.59 -46.89 11.83
N PRO A 427 -17.67 -47.62 11.52
CA PRO A 427 -17.64 -48.48 10.32
C PRO A 427 -17.55 -47.73 8.98
N GLN A 428 -17.85 -46.43 8.99
CA GLN A 428 -17.75 -45.61 7.78
C GLN A 428 -16.30 -45.51 7.35
N HIS A 429 -15.30 -45.68 8.24
CA HIS A 429 -13.89 -45.74 7.79
C HIS A 429 -13.75 -46.88 6.78
N PHE A 430 -14.35 -48.03 7.11
CA PHE A 430 -14.20 -49.25 6.29
C PHE A 430 -14.88 -49.02 4.94
N LEU A 431 -16.09 -48.46 4.99
CA LEU A 431 -16.80 -48.11 3.75
C LEU A 431 -15.94 -47.16 2.91
N GLY A 432 -15.31 -46.17 3.51
CA GLY A 432 -14.47 -45.26 2.73
C GLY A 432 -13.28 -45.94 2.12
N LEU A 433 -12.50 -46.67 2.92
CA LEU A 433 -11.27 -47.31 2.40
C LEU A 433 -11.66 -48.24 1.25
N SER A 434 -12.81 -48.89 1.34
CA SER A 434 -13.22 -49.89 0.32
C SER A 434 -13.97 -49.19 -0.84
N GLY A 435 -14.16 -47.87 -0.79
CA GLY A 435 -14.55 -47.06 -1.97
C GLY A 435 -16.01 -46.67 -2.06
N MET A 436 -16.80 -46.71 -0.99
CA MET A 436 -18.20 -46.23 -1.08
C MET A 436 -18.21 -44.72 -1.26
N PRO A 437 -18.80 -44.21 -2.35
CA PRO A 437 -18.83 -42.76 -2.55
C PRO A 437 -19.82 -42.03 -1.64
N ARG A 438 -19.59 -40.73 -1.51
CA ARG A 438 -20.53 -39.82 -0.84
C ARG A 438 -21.75 -39.56 -1.72
N ARG A 439 -22.85 -39.24 -1.05
CA ARG A 439 -24.06 -38.64 -1.69
C ARG A 439 -24.75 -39.68 -2.55
N TYR A 440 -24.61 -40.95 -2.18
CA TYR A 440 -25.30 -42.08 -2.81
C TYR A 440 -26.53 -42.51 -2.00
N SER A 441 -27.68 -42.55 -2.65
CA SER A 441 -28.91 -43.16 -2.09
C SER A 441 -28.84 -44.68 -2.00
N ASP A 442 -27.96 -45.30 -2.78
CA ASP A 442 -27.85 -46.77 -2.82
C ASP A 442 -26.42 -47.16 -3.19
N TYR A 443 -26.04 -48.36 -2.81
CA TYR A 443 -24.65 -48.83 -2.85
C TYR A 443 -24.61 -50.26 -3.34
N PRO A 444 -23.49 -50.63 -3.97
CA PRO A 444 -23.27 -52.04 -4.34
C PRO A 444 -23.38 -52.91 -3.08
N ASP A 445 -23.81 -54.14 -3.31
CA ASP A 445 -24.20 -55.10 -2.27
C ASP A 445 -23.06 -55.35 -1.27
N ALA A 446 -21.80 -55.31 -1.70
CA ALA A 446 -20.64 -55.59 -0.81
C ALA A 446 -20.67 -54.66 0.43
N TYR A 447 -21.19 -53.46 0.30
CA TYR A 447 -21.13 -52.45 1.38
C TYR A 447 -22.27 -52.59 2.41
N THR A 448 -23.05 -53.66 2.34
CA THR A 448 -24.31 -53.81 3.11
C THR A 448 -24.00 -53.92 4.62
N MET A 449 -23.07 -54.78 5.02
CA MET A 449 -22.88 -55.05 6.48
C MET A 449 -22.61 -53.71 7.18
N TRP A 450 -21.64 -52.93 6.72
CA TRP A 450 -21.22 -51.72 7.50
C TRP A 450 -22.34 -50.67 7.44
N ASN A 451 -23.05 -50.55 6.31
CA ASN A 451 -24.17 -49.59 6.24
C ASN A 451 -25.28 -50.03 7.22
N THR A 452 -25.53 -51.32 7.33
CA THR A 452 -26.55 -51.83 8.26
C THR A 452 -26.18 -51.42 9.70
N ILE A 453 -24.95 -51.69 10.12
CA ILE A 453 -24.50 -51.44 11.51
C ILE A 453 -24.55 -49.91 11.73
N SER A 454 -24.06 -49.13 10.75
CA SER A 454 -24.02 -47.65 10.86
C SER A 454 -25.45 -47.13 11.13
N SER A 455 -26.44 -47.63 10.38
CA SER A 455 -27.84 -47.20 10.54
C SER A 455 -28.36 -47.60 11.94
N MET A 456 -27.99 -48.78 12.41
CA MET A 456 -28.41 -49.22 13.77
C MET A 456 -27.84 -48.21 14.80
N GLY A 457 -26.59 -47.80 14.63
CA GLY A 457 -25.99 -46.73 15.45
C GLY A 457 -26.84 -45.48 15.47
N SER A 458 -27.32 -45.05 14.33
CA SER A 458 -28.04 -43.77 14.23
C SER A 458 -29.32 -43.86 15.06
N PHE A 459 -29.96 -45.02 15.13
CA PHE A 459 -31.18 -45.23 15.93
C PHE A 459 -30.84 -45.14 17.44
N ILE A 460 -29.65 -45.57 17.84
CA ILE A 460 -29.25 -45.47 19.26
C ILE A 460 -29.10 -43.98 19.59
N SER A 461 -28.49 -43.22 18.69
CA SER A 461 -28.31 -41.76 18.90
C SER A 461 -29.69 -41.11 18.98
N LEU A 462 -30.65 -41.54 18.16
CA LEU A 462 -32.03 -40.96 18.24
C LEU A 462 -32.57 -41.19 19.66
N THR A 463 -32.41 -42.39 20.19
CA THR A 463 -32.87 -42.71 21.57
C THR A 463 -32.24 -41.71 22.56
N ALA A 464 -30.95 -41.43 22.43
CA ALA A 464 -30.27 -40.43 23.28
C ALA A 464 -30.93 -39.05 23.11
N VAL A 465 -31.16 -38.60 21.89
CA VAL A 465 -31.77 -37.26 21.66
C VAL A 465 -33.14 -37.20 22.33
N MET A 466 -33.96 -38.24 22.19
CA MET A 466 -35.30 -38.25 22.82
C MET A 466 -35.12 -38.18 24.33
N LEU A 467 -34.17 -38.94 24.88
CA LEU A 467 -33.97 -38.93 26.34
C LEU A 467 -33.55 -37.54 26.81
N MET A 468 -32.70 -36.84 26.06
CA MET A 468 -32.24 -35.48 26.44
C MET A 468 -33.46 -34.56 26.64
N VAL A 469 -34.45 -34.62 25.75
CA VAL A 469 -35.66 -33.78 25.87
C VAL A 469 -36.33 -34.11 27.21
N PHE A 470 -36.46 -35.39 27.52
CA PHE A 470 -37.12 -35.83 28.76
C PHE A 470 -36.31 -35.26 29.95
N ILE A 471 -34.99 -35.30 29.87
CA ILE A 471 -34.11 -34.89 30.99
C ILE A 471 -34.29 -33.39 31.26
N ILE A 472 -34.38 -32.58 30.21
CA ILE A 472 -34.63 -31.14 30.38
C ILE A 472 -36.02 -30.96 30.99
N TRP A 473 -37.02 -31.70 30.51
CA TRP A 473 -38.37 -31.62 31.09
C TRP A 473 -38.31 -31.94 32.59
N GLU A 474 -37.62 -33.00 32.95
CA GLU A 474 -37.63 -33.48 34.36
C GLU A 474 -36.99 -32.39 35.25
N ALA A 475 -35.98 -31.69 34.77
CA ALA A 475 -35.32 -30.61 35.56
C ALA A 475 -36.31 -29.46 35.80
N PHE A 476 -37.02 -29.02 34.78
CA PHE A 476 -37.99 -27.92 34.91
C PHE A 476 -39.22 -28.40 35.69
N ALA A 477 -39.56 -29.68 35.57
CA ALA A 477 -40.74 -30.27 36.23
C ALA A 477 -40.49 -30.35 37.75
N SER A 478 -39.27 -30.68 38.16
CA SER A 478 -38.96 -30.99 39.58
C SER A 478 -38.58 -29.72 40.35
N LYS A 479 -37.91 -28.78 39.71
CA LYS A 479 -37.53 -27.47 40.32
C LYS A 479 -36.66 -27.68 41.58
N ARG A 480 -35.50 -28.31 41.41
CA ARG A 480 -34.39 -28.35 42.39
C ARG A 480 -33.57 -27.06 42.24
N GLU A 481 -33.74 -26.11 43.17
CA GLU A 481 -33.04 -24.80 43.05
C GLU A 481 -31.58 -24.90 43.55
N VAL A 482 -30.69 -24.27 42.82
CA VAL A 482 -29.24 -24.23 43.14
C VAL A 482 -29.06 -23.52 44.48
N LEU A 483 -28.16 -23.99 45.30
CA LEU A 483 -27.75 -23.33 46.57
C LEU A 483 -26.31 -22.83 46.48
N THR A 484 -25.36 -23.71 46.27
CA THR A 484 -23.92 -23.35 46.26
C THR A 484 -23.24 -23.97 45.03
N VAL A 485 -22.27 -23.23 44.57
CA VAL A 485 -21.42 -23.61 43.43
C VAL A 485 -19.96 -23.46 43.85
N ASP A 486 -19.16 -24.50 43.66
CA ASP A 486 -17.72 -24.49 43.96
C ASP A 486 -16.93 -23.70 42.91
N LEU A 487 -15.76 -23.21 43.31
CA LEU A 487 -14.73 -22.62 42.42
C LEU A 487 -15.20 -21.31 41.80
N THR A 488 -16.13 -20.56 42.44
CA THR A 488 -16.53 -19.26 41.89
C THR A 488 -15.31 -18.33 41.80
N THR A 489 -14.27 -18.53 42.61
CA THR A 489 -13.13 -17.59 42.58
C THR A 489 -12.45 -17.64 41.21
N THR A 490 -12.62 -18.73 40.44
CA THR A 490 -11.99 -18.78 39.10
C THR A 490 -13.05 -19.06 38.04
N ASN A 491 -14.31 -18.74 38.35
CA ASN A 491 -15.42 -18.91 37.38
C ASN A 491 -16.44 -17.78 37.61
N LEU A 492 -16.08 -16.58 37.16
CA LEU A 492 -16.84 -15.34 37.43
C LEU A 492 -18.30 -15.46 36.97
N GLU A 493 -18.59 -16.22 35.92
CA GLU A 493 -19.96 -16.26 35.39
C GLU A 493 -20.95 -16.79 36.45
N TRP A 494 -20.48 -17.51 37.49
CA TRP A 494 -21.34 -18.12 38.53
C TRP A 494 -21.58 -17.14 39.70
N LEU A 495 -20.80 -16.05 39.78
CA LEU A 495 -20.68 -15.31 41.08
C LEU A 495 -21.92 -14.43 41.34
N ASN A 496 -22.78 -14.21 40.34
CA ASN A 496 -24.01 -13.42 40.50
C ASN A 496 -25.23 -14.32 40.75
N GLY A 497 -25.02 -15.59 41.06
CA GLY A 497 -26.11 -16.52 41.37
C GLY A 497 -26.75 -17.17 40.13
N CYS A 498 -27.73 -18.01 40.40
CA CYS A 498 -28.34 -18.94 39.43
C CYS A 498 -29.85 -18.82 39.47
N PRO A 499 -30.52 -18.23 38.45
CA PRO A 499 -29.84 -17.52 37.38
C PRO A 499 -29.41 -16.13 37.86
N PRO A 500 -28.47 -15.49 37.14
CA PRO A 500 -28.05 -14.15 37.49
C PRO A 500 -29.20 -13.19 37.22
N PRO A 501 -29.27 -12.05 37.94
CA PRO A 501 -30.28 -11.05 37.64
C PRO A 501 -30.21 -10.57 36.17
N TYR A 502 -31.31 -10.04 35.69
CA TYR A 502 -31.45 -9.50 34.33
C TYR A 502 -30.29 -8.56 34.04
N HIS A 503 -30.08 -7.59 34.93
CA HIS A 503 -28.90 -6.70 34.89
C HIS A 503 -27.82 -7.21 35.87
N THR A 504 -26.67 -7.57 35.32
CA THR A 504 -25.48 -7.85 36.14
C THR A 504 -24.43 -6.79 35.87
N PHE A 505 -23.50 -6.65 36.81
CA PHE A 505 -22.36 -5.71 36.71
C PHE A 505 -22.86 -4.29 36.43
N GLU A 506 -24.02 -3.93 36.98
CA GLU A 506 -24.45 -2.51 36.98
C GLU A 506 -23.39 -1.66 37.69
N GLU A 507 -22.90 -2.16 38.81
CA GLU A 507 -21.64 -1.68 39.42
C GLU A 507 -20.57 -2.64 38.92
N PRO A 508 -19.57 -2.15 38.19
CA PRO A 508 -18.55 -3.04 37.65
C PRO A 508 -17.70 -3.65 38.77
N THR A 509 -16.95 -4.67 38.40
CA THR A 509 -15.95 -5.29 39.29
C THR A 509 -14.85 -4.27 39.59
N TYR A 510 -14.24 -4.44 40.75
CA TYR A 510 -13.03 -3.69 41.15
C TYR A 510 -11.83 -4.59 40.86
N VAL A 511 -10.92 -4.13 40.02
CA VAL A 511 -9.65 -4.85 39.74
C VAL A 511 -8.55 -3.79 39.71
N ASN A 512 -7.56 -3.88 40.60
CA ASN A 512 -6.52 -2.83 40.64
C ASN A 512 -5.30 -3.31 39.85
N LEU A 513 -4.37 -2.42 39.63
CA LEU A 513 -3.02 -2.71 39.06
C LEU A 513 -1.96 -2.68 40.17
N ALA B 2 -15.01 -53.95 -4.32
CA ALA B 2 -15.10 -54.28 -2.92
C ALA B 2 -15.84 -55.62 -2.72
N TYR B 3 -15.55 -56.27 -1.60
CA TYR B 3 -16.12 -57.58 -1.19
C TYR B 3 -16.78 -57.40 0.17
N PRO B 4 -17.71 -58.29 0.54
CA PRO B 4 -18.41 -58.15 1.82
C PRO B 4 -17.46 -58.11 3.05
N MET B 5 -17.78 -57.21 3.98
CA MET B 5 -17.09 -57.08 5.29
C MET B 5 -15.67 -56.57 5.06
N GLN B 6 -15.44 -55.87 3.98
CA GLN B 6 -14.08 -55.36 3.69
C GLN B 6 -13.71 -54.26 4.70
N LEU B 7 -12.49 -54.29 5.20
CA LEU B 7 -12.00 -53.30 6.19
C LEU B 7 -11.12 -52.25 5.51
N GLY B 8 -10.28 -52.64 4.54
CA GLY B 8 -9.28 -51.72 4.00
C GLY B 8 -9.47 -51.49 2.51
N PHE B 9 -8.41 -51.05 1.87
CA PHE B 9 -8.41 -50.73 0.43
C PHE B 9 -8.63 -52.02 -0.40
N GLN B 10 -9.26 -51.83 -1.55
CA GLN B 10 -9.26 -52.83 -2.62
C GLN B 10 -7.80 -53.21 -2.96
N ASP B 11 -7.57 -54.48 -3.27
CA ASP B 11 -6.20 -54.91 -3.61
C ASP B 11 -5.67 -54.04 -4.77
N ALA B 12 -4.41 -53.69 -4.72
CA ALA B 12 -3.78 -52.81 -5.70
C ALA B 12 -3.69 -53.55 -7.05
N THR B 13 -4.04 -52.84 -8.10
CA THR B 13 -3.91 -53.31 -9.49
C THR B 13 -2.80 -52.59 -10.25
N SER B 14 -2.33 -51.46 -9.73
CA SER B 14 -1.26 -50.60 -10.35
C SER B 14 -0.14 -50.43 -9.33
N PRO B 15 1.11 -50.21 -9.79
CA PRO B 15 2.22 -49.93 -8.88
C PRO B 15 1.95 -48.73 -7.96
N ILE B 16 1.33 -47.66 -8.47
N ILE B 16 1.32 -47.67 -8.49
CA ILE B 16 1.05 -46.48 -7.59
CA ILE B 16 0.98 -46.45 -7.70
C ILE B 16 0.06 -46.90 -6.51
C ILE B 16 0.04 -46.87 -6.56
N MET B 17 -0.96 -47.70 -6.83
CA MET B 17 -1.90 -48.12 -5.77
C MET B 17 -1.15 -48.96 -4.71
N GLU B 18 -0.19 -49.79 -5.13
N GLU B 18 -0.17 -49.78 -5.10
CA GLU B 18 0.65 -50.55 -4.18
CA GLU B 18 0.58 -50.55 -4.09
C GLU B 18 1.34 -49.56 -3.24
C GLU B 18 1.37 -49.56 -3.22
N GLU B 19 1.95 -48.51 -3.82
CA GLU B 19 2.68 -47.48 -3.04
C GLU B 19 1.73 -46.86 -2.02
N LEU B 20 0.48 -46.61 -2.44
CA LEU B 20 -0.51 -45.96 -1.56
C LEU B 20 -0.85 -46.91 -0.39
N LEU B 21 -0.93 -48.22 -0.64
CA LEU B 21 -1.23 -49.17 0.45
C LEU B 21 -0.11 -49.09 1.49
N HIS B 22 1.17 -49.12 1.08
N HIS B 22 1.16 -49.15 1.07
CA HIS B 22 2.27 -49.14 2.07
CA HIS B 22 2.33 -49.11 2.00
C HIS B 22 2.30 -47.78 2.80
C HIS B 22 2.30 -47.80 2.78
N PHE B 23 2.02 -46.69 2.09
CA PHE B 23 2.01 -45.35 2.72
C PHE B 23 0.85 -45.27 3.75
N HIS B 24 -0.32 -45.79 3.39
CA HIS B 24 -1.47 -45.89 4.34
C HIS B 24 -1.09 -46.76 5.54
N ASP B 25 -0.44 -47.92 5.32
CA ASP B 25 0.00 -48.75 6.47
C ASP B 25 0.87 -47.91 7.44
N HIS B 26 1.82 -47.18 6.90
CA HIS B 26 2.78 -46.37 7.69
C HIS B 26 1.98 -45.32 8.48
N THR B 27 1.06 -44.63 7.80
CA THR B 27 0.30 -43.53 8.41
C THR B 27 -0.64 -44.08 9.47
N LEU B 28 -1.29 -45.18 9.20
CA LEU B 28 -2.27 -45.77 10.13
C LEU B 28 -1.54 -46.25 11.40
N MET B 29 -0.31 -46.75 11.28
CA MET B 29 0.41 -47.18 12.50
C MET B 29 0.51 -45.95 13.42
N ILE B 30 0.87 -44.81 12.83
CA ILE B 30 1.05 -43.53 13.59
C ILE B 30 -0.29 -43.12 14.20
N VAL B 31 -1.36 -43.15 13.40
CA VAL B 31 -2.72 -42.79 13.88
C VAL B 31 -3.10 -43.67 15.07
N PHE B 32 -2.88 -44.99 14.94
N PHE B 32 -2.88 -44.98 14.97
CA PHE B 32 -3.20 -45.97 16.01
CA PHE B 32 -3.28 -45.90 16.07
C PHE B 32 -2.43 -45.61 17.29
C PHE B 32 -2.42 -45.65 17.32
N LEU B 33 -1.13 -45.37 17.13
CA LEU B 33 -0.19 -45.16 18.27
C LEU B 33 -0.60 -43.88 19.00
N ILE B 34 -0.86 -42.81 18.26
CA ILE B 34 -1.23 -41.49 18.87
C ILE B 34 -2.59 -41.62 19.56
N SER B 35 -3.59 -42.21 18.90
CA SER B 35 -4.94 -42.43 19.48
C SER B 35 -4.79 -43.23 20.76
N SER B 36 -4.04 -44.31 20.70
CA SER B 36 -3.85 -45.24 21.85
C SER B 36 -3.16 -44.50 23.00
N LEU B 37 -2.13 -43.71 22.70
CA LEU B 37 -1.38 -42.99 23.74
C LEU B 37 -2.31 -41.97 24.40
N VAL B 38 -3.09 -41.22 23.62
CA VAL B 38 -4.02 -40.25 24.24
C VAL B 38 -5.03 -41.00 25.13
N LEU B 39 -5.61 -42.11 24.68
CA LEU B 39 -6.59 -42.86 25.48
C LEU B 39 -5.90 -43.36 26.77
N TYR B 40 -4.69 -43.87 26.64
CA TYR B 40 -3.97 -44.42 27.79
C TYR B 40 -3.68 -43.29 28.79
N ILE B 41 -3.15 -42.17 28.32
CA ILE B 41 -2.82 -41.02 29.19
C ILE B 41 -4.10 -40.52 29.88
N ILE B 42 -5.21 -40.40 29.16
CA ILE B 42 -6.50 -40.05 29.81
C ILE B 42 -6.74 -41.01 30.97
N SER B 43 -6.68 -42.31 30.69
CA SER B 43 -6.98 -43.34 31.71
C SER B 43 -5.98 -43.17 32.88
N LEU B 44 -4.71 -42.86 32.61
CA LEU B 44 -3.69 -42.67 33.65
C LEU B 44 -4.03 -41.41 34.50
N MET B 45 -4.41 -40.31 33.86
CA MET B 45 -4.71 -39.04 34.58
C MET B 45 -5.93 -39.24 35.51
N LEU B 46 -6.80 -40.22 35.23
CA LEU B 46 -8.13 -40.36 35.88
C LEU B 46 -8.14 -41.48 36.92
N THR B 47 -7.02 -42.21 37.14
CA THR B 47 -7.04 -43.42 37.99
C THR B 47 -6.16 -43.24 39.24
N THR B 48 -6.04 -42.04 39.80
CA THR B 48 -5.31 -41.87 41.08
C THR B 48 -6.04 -40.88 41.98
N LYS B 49 -6.04 -41.19 43.28
CA LYS B 49 -6.51 -40.26 44.35
C LYS B 49 -5.42 -39.25 44.71
N LEU B 50 -4.19 -39.40 44.24
CA LEU B 50 -3.11 -38.42 44.49
C LEU B 50 -3.42 -37.13 43.73
N THR B 51 -3.10 -35.98 44.33
CA THR B 51 -3.44 -34.67 43.78
C THR B 51 -2.22 -33.77 43.79
N HIS B 52 -2.28 -32.81 42.88
CA HIS B 52 -1.31 -31.72 42.69
C HIS B 52 -2.06 -30.62 41.96
N THR B 53 -2.55 -29.61 42.69
CA THR B 53 -3.51 -28.60 42.16
C THR B 53 -2.95 -27.19 42.13
N SER B 54 -1.69 -27.03 42.52
CA SER B 54 -1.03 -25.71 42.48
C SER B 54 -0.56 -25.46 41.05
N THR B 55 -0.18 -24.22 40.75
CA THR B 55 0.22 -23.79 39.39
C THR B 55 1.35 -24.70 38.90
N MET B 56 1.27 -25.16 37.65
CA MET B 56 2.33 -26.00 37.04
C MET B 56 3.03 -25.22 35.91
N ASP B 57 4.38 -25.34 35.85
CA ASP B 57 5.24 -24.70 34.82
C ASP B 57 5.10 -25.46 33.49
N ALA B 58 4.78 -24.77 32.39
CA ALA B 58 4.46 -25.39 31.08
C ALA B 58 5.63 -25.39 30.09
N GLN B 59 6.64 -24.50 30.20
CA GLN B 59 7.49 -24.29 28.98
C GLN B 59 8.33 -25.55 28.67
N GLU B 60 8.93 -26.22 29.66
CA GLU B 60 9.78 -27.41 29.34
C GLU B 60 8.94 -28.41 28.55
N VAL B 61 7.75 -28.74 29.06
CA VAL B 61 6.95 -29.87 28.51
C VAL B 61 6.44 -29.47 27.12
N GLU B 62 6.23 -28.16 26.88
CA GLU B 62 5.67 -27.71 25.58
C GLU B 62 6.71 -27.92 24.47
N THR B 63 7.99 -27.94 24.81
CA THR B 63 9.04 -28.24 23.82
C THR B 63 8.76 -29.65 23.28
N ILE B 64 8.52 -30.60 24.18
CA ILE B 64 8.34 -32.00 23.75
C ILE B 64 7.09 -32.04 22.88
N TRP B 65 6.02 -31.39 23.34
CA TRP B 65 4.67 -31.41 22.73
C TRP B 65 4.67 -30.84 21.33
N THR B 66 5.61 -29.96 21.00
CA THR B 66 5.71 -29.35 19.62
C THR B 66 6.74 -30.07 18.76
N ILE B 67 7.90 -30.39 19.31
CA ILE B 67 9.02 -31.00 18.52
C ILE B 67 8.62 -32.42 18.09
N LEU B 68 8.06 -33.23 19.00
CA LEU B 68 7.80 -34.66 18.65
C LEU B 68 6.72 -34.69 17.59
N PRO B 69 5.61 -33.95 17.69
CA PRO B 69 4.65 -33.90 16.58
C PRO B 69 5.23 -33.38 15.26
N ALA B 70 6.09 -32.38 15.32
CA ALA B 70 6.74 -31.84 14.11
C ALA B 70 7.57 -32.96 13.44
N ILE B 71 8.34 -33.71 14.20
CA ILE B 71 9.11 -34.86 13.64
C ILE B 71 8.14 -35.87 13.02
N ILE B 72 7.06 -36.20 13.73
CA ILE B 72 6.11 -37.20 13.19
C ILE B 72 5.55 -36.69 11.86
N LEU B 73 5.13 -35.44 11.80
CA LEU B 73 4.57 -34.90 10.54
C LEU B 73 5.62 -35.03 9.43
N ILE B 74 6.89 -34.74 9.72
CA ILE B 74 7.92 -34.86 8.64
C ILE B 74 7.99 -36.32 8.19
N LEU B 75 7.89 -37.26 9.13
CA LEU B 75 7.98 -38.72 8.81
C LEU B 75 6.77 -39.16 7.98
N ILE B 76 5.66 -38.42 8.01
CA ILE B 76 4.49 -38.68 7.12
C ILE B 76 4.69 -37.95 5.78
N ALA B 77 5.09 -36.70 5.84
CA ALA B 77 5.18 -35.83 4.63
C ALA B 77 6.21 -36.38 3.63
N LEU B 78 7.35 -36.88 4.10
CA LEU B 78 8.46 -37.30 3.18
C LEU B 78 7.94 -38.39 2.23
N PRO B 79 7.42 -39.55 2.72
CA PRO B 79 6.91 -40.58 1.79
C PRO B 79 5.67 -40.09 1.04
N SER B 80 4.80 -39.30 1.69
CA SER B 80 3.60 -38.69 1.03
C SER B 80 4.01 -37.94 -0.23
N LEU B 81 4.99 -37.05 -0.10
CA LEU B 81 5.39 -36.19 -1.24
C LEU B 81 6.23 -37.00 -2.23
N ARG B 82 6.96 -38.02 -1.78
CA ARG B 82 7.65 -38.94 -2.74
C ARG B 82 6.59 -39.53 -3.68
N ILE B 83 5.50 -40.02 -3.15
CA ILE B 83 4.43 -40.65 -3.98
C ILE B 83 3.79 -39.58 -4.87
N LEU B 84 3.51 -38.40 -4.31
CA LEU B 84 2.84 -37.33 -5.09
C LEU B 84 3.66 -37.03 -6.35
N TYR B 85 4.98 -36.90 -6.20
CA TYR B 85 5.87 -36.55 -7.34
C TYR B 85 6.10 -37.77 -8.22
N MET B 86 6.06 -39.00 -7.68
CA MET B 86 6.14 -40.22 -8.52
C MET B 86 4.93 -40.25 -9.47
N MET B 87 3.71 -40.03 -9.02
N MET B 87 3.74 -39.91 -8.92
CA MET B 87 2.54 -40.01 -9.92
CA MET B 87 2.38 -39.74 -9.54
C MET B 87 2.69 -38.90 -10.97
C MET B 87 2.39 -38.67 -10.65
N ASP B 88 3.40 -37.79 -10.66
CA ASP B 88 3.50 -36.63 -11.60
C ASP B 88 4.61 -36.84 -12.63
N GLU B 89 5.53 -37.79 -12.44
CA GLU B 89 6.68 -38.05 -13.33
C GLU B 89 6.20 -38.25 -14.77
N ILE B 90 6.99 -37.83 -15.73
CA ILE B 90 6.82 -38.04 -17.20
C ILE B 90 6.85 -39.56 -17.47
N ASN B 91 5.89 -40.09 -18.19
CA ASN B 91 5.97 -41.57 -18.47
C ASN B 91 6.00 -42.02 -19.94
N ASN B 92 5.44 -41.27 -20.89
CA ASN B 92 5.32 -41.74 -22.31
C ASN B 92 4.23 -42.80 -22.50
N PRO B 93 2.99 -42.36 -22.60
CA PRO B 93 1.89 -43.28 -22.83
C PRO B 93 1.93 -43.82 -24.27
N SER B 94 1.36 -45.01 -24.42
CA SER B 94 1.18 -45.74 -25.72
C SER B 94 -0.14 -45.42 -26.39
N LEU B 95 -1.10 -44.90 -25.62
CA LEU B 95 -2.54 -44.81 -25.96
C LEU B 95 -3.10 -43.63 -25.17
N THR B 96 -3.97 -42.84 -25.80
CA THR B 96 -4.81 -41.86 -25.09
C THR B 96 -6.27 -42.25 -25.23
N VAL B 97 -7.00 -42.27 -24.12
CA VAL B 97 -8.45 -42.48 -24.11
C VAL B 97 -9.07 -41.27 -23.42
N LYS B 98 -10.16 -40.78 -23.95
CA LYS B 98 -10.98 -39.75 -23.30
C LYS B 98 -12.24 -40.38 -22.72
N THR B 99 -12.65 -39.85 -21.55
CA THR B 99 -13.98 -40.14 -21.03
C THR B 99 -14.69 -38.81 -20.78
N MET B 100 -15.94 -38.77 -21.18
CA MET B 100 -16.84 -37.63 -20.95
C MET B 100 -17.98 -38.08 -20.03
N GLY B 101 -18.11 -37.39 -18.90
CA GLY B 101 -19.24 -37.58 -18.00
C GLY B 101 -20.49 -36.93 -18.57
N HIS B 102 -21.62 -37.58 -18.35
CA HIS B 102 -22.96 -37.08 -18.68
C HIS B 102 -23.91 -37.48 -17.54
N GLN B 103 -25.05 -36.79 -17.50
CA GLN B 103 -26.21 -37.25 -16.73
C GLN B 103 -26.97 -38.32 -17.53
N TRP B 104 -26.92 -39.60 -17.13
CA TRP B 104 -26.08 -40.23 -16.12
C TRP B 104 -25.42 -41.48 -16.73
N TYR B 105 -24.30 -41.29 -17.37
CA TYR B 105 -23.50 -42.34 -18.03
C TYR B 105 -22.17 -41.73 -18.44
N TRP B 106 -21.23 -42.59 -18.84
CA TRP B 106 -19.90 -42.16 -19.33
C TRP B 106 -19.84 -42.46 -20.82
N SER B 107 -19.28 -41.54 -21.58
CA SER B 107 -18.88 -41.88 -22.97
C SER B 107 -17.35 -42.00 -23.02
N TYR B 108 -16.84 -42.76 -23.96
CA TYR B 108 -15.39 -43.02 -24.12
C TYR B 108 -15.05 -42.77 -25.58
N GLU B 109 -13.89 -42.17 -25.79
CA GLU B 109 -13.38 -41.79 -27.12
C GLU B 109 -11.94 -42.31 -27.24
N TYR B 110 -11.72 -43.16 -28.23
CA TYR B 110 -10.36 -43.66 -28.53
C TYR B 110 -10.02 -43.13 -29.92
N THR B 111 -9.40 -41.95 -30.02
CA THR B 111 -9.29 -41.23 -31.33
C THR B 111 -7.82 -41.04 -31.73
N ASP B 112 -6.92 -41.89 -31.24
CA ASP B 112 -5.51 -41.85 -31.70
C ASP B 112 -5.45 -42.13 -33.20
N TYR B 113 -6.29 -43.03 -33.71
CA TYR B 113 -6.20 -43.57 -35.09
C TYR B 113 -7.53 -43.44 -35.83
N GLU B 114 -8.59 -43.96 -35.26
CA GLU B 114 -9.95 -44.05 -35.84
C GLU B 114 -10.92 -43.29 -34.94
N ASP B 115 -12.10 -42.94 -35.44
CA ASP B 115 -13.10 -42.25 -34.60
C ASP B 115 -13.88 -43.36 -33.89
N LEU B 116 -13.35 -43.86 -32.79
CA LEU B 116 -14.06 -44.88 -31.97
C LEU B 116 -14.65 -44.14 -30.77
N SER B 117 -15.96 -44.20 -30.61
CA SER B 117 -16.58 -43.69 -29.37
C SER B 117 -17.86 -44.47 -29.08
N PHE B 118 -18.18 -44.57 -27.80
CA PHE B 118 -19.42 -45.23 -27.38
C PHE B 118 -19.80 -44.75 -25.98
N ASP B 119 -21.04 -45.03 -25.63
CA ASP B 119 -21.65 -44.74 -24.33
C ASP B 119 -21.63 -46.00 -23.47
N SER B 120 -21.50 -45.81 -22.16
CA SER B 120 -21.38 -46.90 -21.17
C SER B 120 -22.39 -46.60 -20.06
N TYR B 121 -23.45 -47.39 -19.99
CA TYR B 121 -24.58 -47.25 -19.03
C TYR B 121 -24.61 -48.42 -18.09
N MET B 122 -25.07 -48.14 -16.85
CA MET B 122 -25.30 -49.19 -15.85
C MET B 122 -26.29 -50.21 -16.42
N ILE B 123 -26.08 -51.48 -16.15
CA ILE B 123 -27.10 -52.53 -16.39
C ILE B 123 -28.15 -52.40 -15.31
N PRO B 124 -29.43 -52.17 -15.66
CA PRO B 124 -30.52 -52.14 -14.68
C PRO B 124 -30.57 -53.45 -13.90
N THR B 125 -30.95 -53.38 -12.62
CA THR B 125 -31.03 -54.53 -11.71
C THR B 125 -31.89 -55.63 -12.36
N SER B 126 -33.03 -55.27 -12.94
CA SER B 126 -33.98 -56.24 -13.55
C SER B 126 -33.33 -56.97 -14.76
N GLU B 127 -32.22 -56.48 -15.27
CA GLU B 127 -31.59 -57.05 -16.50
C GLU B 127 -30.25 -57.70 -16.23
N LEU B 128 -29.82 -57.73 -14.98
CA LEU B 128 -28.57 -58.42 -14.64
C LEU B 128 -28.68 -59.89 -15.02
N LYS B 129 -27.56 -60.38 -15.52
CA LYS B 129 -27.35 -61.80 -15.84
C LYS B 129 -26.87 -62.49 -14.58
N PRO B 130 -27.19 -63.79 -14.38
CA PRO B 130 -26.81 -64.47 -13.15
C PRO B 130 -25.32 -64.26 -12.85
N GLY B 131 -25.01 -63.88 -11.61
CA GLY B 131 -23.62 -63.69 -11.14
C GLY B 131 -23.14 -62.27 -11.32
N GLU B 132 -23.90 -61.40 -12.00
CA GLU B 132 -23.47 -60.00 -12.23
C GLU B 132 -23.81 -59.16 -11.00
N LEU B 133 -23.10 -58.05 -10.88
CA LEU B 133 -23.11 -57.20 -9.67
C LEU B 133 -24.09 -56.04 -9.80
N ARG B 134 -25.01 -55.96 -8.85
CA ARG B 134 -25.98 -54.86 -8.77
C ARG B 134 -25.23 -53.52 -8.69
N LEU B 135 -25.65 -52.59 -9.53
CA LEU B 135 -25.23 -51.17 -9.64
C LEU B 135 -23.82 -51.02 -10.21
N LEU B 136 -23.12 -52.10 -10.59
CA LEU B 136 -21.69 -52.02 -10.98
C LEU B 136 -21.47 -52.37 -12.44
N GLU B 137 -22.30 -53.23 -13.04
CA GLU B 137 -22.03 -53.64 -14.44
C GLU B 137 -22.44 -52.54 -15.40
N VAL B 138 -21.78 -52.49 -16.57
CA VAL B 138 -22.22 -51.60 -17.66
C VAL B 138 -22.45 -52.46 -18.91
N ASP B 139 -23.15 -51.89 -19.85
CA ASP B 139 -23.40 -52.56 -21.16
C ASP B 139 -22.07 -52.64 -21.96
N ASN B 140 -21.34 -51.54 -22.03
CA ASN B 140 -20.11 -51.41 -22.85
C ASN B 140 -18.93 -51.07 -21.94
N ARG B 141 -18.03 -52.03 -21.72
CA ARG B 141 -16.88 -51.85 -20.84
C ARG B 141 -15.77 -51.07 -21.56
N VAL B 142 -14.90 -50.49 -20.75
CA VAL B 142 -13.78 -49.68 -21.24
C VAL B 142 -12.62 -50.67 -21.47
N VAL B 143 -12.54 -51.23 -22.67
CA VAL B 143 -11.51 -52.24 -22.93
C VAL B 143 -10.17 -51.51 -23.10
N LEU B 144 -9.12 -52.03 -22.47
CA LEU B 144 -7.80 -51.40 -22.46
C LEU B 144 -6.74 -52.48 -22.47
N PRO B 145 -5.57 -52.17 -23.03
CA PRO B 145 -4.44 -53.10 -22.97
C PRO B 145 -3.79 -53.12 -21.59
N MET B 146 -3.53 -54.32 -21.09
CA MET B 146 -2.82 -54.52 -19.81
C MET B 146 -1.33 -54.22 -20.00
N GLU B 147 -0.65 -53.89 -18.91
CA GLU B 147 0.83 -53.73 -18.82
C GLU B 147 1.30 -52.62 -19.77
N MET B 148 0.47 -51.63 -20.00
CA MET B 148 0.81 -50.48 -20.89
C MET B 148 0.39 -49.16 -20.20
N THR B 149 1.23 -48.16 -20.34
CA THR B 149 0.96 -46.79 -19.82
C THR B 149 -0.12 -46.16 -20.72
N ILE B 150 -1.27 -45.83 -20.12
CA ILE B 150 -2.39 -45.21 -20.83
C ILE B 150 -2.62 -43.81 -20.28
N ARG B 151 -2.75 -42.85 -21.17
CA ARG B 151 -3.21 -41.50 -20.79
C ARG B 151 -4.73 -41.46 -20.82
N MET B 152 -5.37 -41.20 -19.67
CA MET B 152 -6.83 -40.97 -19.60
C MET B 152 -7.04 -39.47 -19.48
N LEU B 153 -7.89 -38.94 -20.33
CA LEU B 153 -8.31 -37.53 -20.26
C LEU B 153 -9.80 -37.52 -19.91
N VAL B 154 -10.18 -36.65 -18.98
CA VAL B 154 -11.51 -36.67 -18.37
C VAL B 154 -12.11 -35.27 -18.48
N SER B 155 -13.35 -35.22 -18.93
CA SER B 155 -14.16 -33.98 -18.95
C SER B 155 -15.64 -34.37 -18.80
N SER B 156 -16.50 -33.37 -18.91
CA SER B 156 -17.95 -33.50 -18.76
C SER B 156 -18.61 -32.69 -19.86
N GLU B 157 -19.79 -33.10 -20.30
CA GLU B 157 -20.62 -32.28 -21.21
C GLU B 157 -21.81 -31.71 -20.47
N ASP B 158 -21.84 -31.81 -19.13
CA ASP B 158 -22.96 -31.18 -18.38
C ASP B 158 -22.48 -30.69 -17.02
N VAL B 159 -22.82 -31.41 -15.98
CA VAL B 159 -22.47 -31.00 -14.61
C VAL B 159 -21.15 -31.67 -14.19
N LEU B 160 -20.71 -31.43 -12.97
CA LEU B 160 -19.50 -32.12 -12.49
C LEU B 160 -19.80 -33.62 -12.38
N HIS B 161 -18.82 -34.46 -12.75
CA HIS B 161 -18.78 -35.87 -12.35
C HIS B 161 -17.39 -36.12 -11.82
N SER B 162 -17.09 -37.37 -11.48
CA SER B 162 -15.68 -37.69 -11.17
C SER B 162 -15.46 -39.16 -11.51
N TRP B 163 -14.39 -39.39 -12.28
CA TRP B 163 -14.07 -40.71 -12.83
C TRP B 163 -13.08 -41.42 -11.86
N ALA B 164 -13.54 -42.50 -11.23
CA ALA B 164 -12.78 -43.19 -10.18
C ALA B 164 -12.67 -44.68 -10.49
N VAL B 165 -11.51 -45.23 -10.21
CA VAL B 165 -11.28 -46.70 -10.18
C VAL B 165 -10.37 -46.97 -9.00
N PRO B 166 -10.96 -47.30 -7.83
CA PRO B 166 -10.16 -47.42 -6.60
C PRO B 166 -8.99 -48.42 -6.71
N SER B 167 -9.16 -49.52 -7.41
CA SER B 167 -8.06 -50.52 -7.37
C SER B 167 -6.87 -50.06 -8.18
N LEU B 168 -7.01 -49.05 -9.03
CA LEU B 168 -5.86 -48.49 -9.76
C LEU B 168 -5.38 -47.19 -9.10
N GLY B 169 -6.04 -46.73 -8.03
CA GLY B 169 -5.64 -45.49 -7.34
C GLY B 169 -6.07 -44.25 -8.11
N LEU B 170 -7.18 -44.34 -8.86
CA LEU B 170 -7.58 -43.24 -9.76
C LEU B 170 -8.84 -42.52 -9.24
N LYS B 171 -8.80 -41.21 -9.32
CA LYS B 171 -10.00 -40.34 -9.17
C LYS B 171 -9.68 -38.98 -9.76
N THR B 172 -10.31 -38.69 -10.87
CA THR B 172 -10.09 -37.44 -11.64
C THR B 172 -11.45 -36.79 -11.89
N ASP B 173 -11.61 -35.56 -11.39
CA ASP B 173 -12.88 -34.85 -11.61
C ASP B 173 -13.10 -34.56 -13.09
N ALA B 174 -14.39 -34.61 -13.45
CA ALA B 174 -14.91 -34.43 -14.81
C ALA B 174 -15.62 -33.07 -14.82
N ILE B 175 -14.96 -32.05 -15.36
CA ILE B 175 -15.39 -30.63 -15.30
C ILE B 175 -15.63 -30.15 -16.72
N PRO B 176 -16.82 -29.59 -17.01
CA PRO B 176 -17.07 -29.08 -18.36
C PRO B 176 -16.08 -27.93 -18.64
N GLY B 177 -15.57 -27.92 -19.87
CA GLY B 177 -14.66 -26.88 -20.34
C GLY B 177 -13.22 -27.16 -19.94
N ARG B 178 -12.96 -28.29 -19.28
CA ARG B 178 -11.63 -28.66 -18.75
C ARG B 178 -11.29 -30.08 -19.17
N LEU B 179 -10.02 -30.29 -19.52
CA LEU B 179 -9.56 -31.63 -19.90
C LEU B 179 -8.51 -32.06 -18.86
N ASN B 180 -8.89 -32.89 -17.91
CA ASN B 180 -7.97 -33.34 -16.84
C ASN B 180 -7.29 -34.66 -17.27
N GLN B 181 -6.01 -34.75 -16.98
CA GLN B 181 -5.19 -35.93 -17.34
C GLN B 181 -4.83 -36.76 -16.12
N THR B 182 -4.84 -38.08 -16.29
CA THR B 182 -4.23 -39.01 -15.35
C THR B 182 -3.63 -40.14 -16.17
N THR B 183 -2.82 -40.97 -15.55
CA THR B 183 -2.20 -42.14 -16.18
C THR B 183 -2.75 -43.38 -15.50
N LEU B 184 -2.90 -44.41 -16.27
CA LEU B 184 -3.52 -45.70 -15.87
C LEU B 184 -2.52 -46.75 -16.36
N MET B 185 -2.12 -47.68 -15.51
CA MET B 185 -1.28 -48.83 -15.92
C MET B 185 -1.72 -50.01 -15.08
N SER B 186 -2.33 -51.04 -15.66
CA SER B 186 -2.73 -52.26 -14.91
C SER B 186 -1.63 -53.32 -15.01
N SER B 187 -1.23 -53.86 -13.86
CA SER B 187 -0.25 -54.97 -13.74
C SER B 187 -0.90 -56.28 -14.20
N ARG B 188 -2.22 -56.30 -14.31
CA ARG B 188 -2.96 -57.57 -14.45
C ARG B 188 -4.12 -57.41 -15.43
N PRO B 189 -4.49 -58.51 -16.12
CA PRO B 189 -5.75 -58.53 -16.82
C PRO B 189 -6.88 -58.52 -15.79
N GLY B 190 -8.10 -58.29 -16.28
CA GLY B 190 -9.31 -58.48 -15.50
C GLY B 190 -10.33 -57.37 -15.64
N LEU B 191 -11.23 -57.31 -14.66
CA LEU B 191 -12.32 -56.32 -14.63
C LEU B 191 -12.14 -55.49 -13.38
N TYR B 192 -12.10 -54.19 -13.57
CA TYR B 192 -11.83 -53.23 -12.48
C TYR B 192 -12.94 -52.19 -12.48
N TYR B 193 -13.55 -52.00 -11.32
CA TYR B 193 -14.81 -51.24 -11.20
C TYR B 193 -14.58 -49.94 -10.43
N GLY B 194 -15.35 -48.95 -10.79
CA GLY B 194 -15.47 -47.68 -10.05
C GLY B 194 -16.84 -47.04 -10.24
N GLN B 195 -17.04 -45.92 -9.59
CA GLN B 195 -18.36 -45.25 -9.54
C GLN B 195 -18.17 -43.73 -9.59
N CYS B 196 -19.17 -43.05 -10.14
CA CYS B 196 -19.16 -41.59 -10.26
C CYS B 196 -18.94 -41.00 -8.85
N SER B 197 -17.97 -40.11 -8.74
CA SER B 197 -17.48 -39.59 -7.45
C SER B 197 -17.60 -38.06 -7.34
N GLU B 198 -18.62 -37.49 -7.99
CA GLU B 198 -19.09 -36.11 -7.71
C GLU B 198 -20.62 -36.07 -7.97
N ILE B 199 -21.29 -35.55 -6.90
CA ILE B 199 -22.75 -35.46 -6.93
C ILE B 199 -23.18 -34.78 -8.24
N CYS B 200 -24.07 -35.45 -8.99
CA CYS B 200 -24.38 -35.02 -10.36
C CYS B 200 -25.89 -35.18 -10.64
N GLY B 201 -26.73 -35.30 -9.62
CA GLY B 201 -28.18 -35.30 -9.77
C GLY B 201 -28.78 -36.68 -9.59
N SER B 202 -29.92 -36.89 -10.23
CA SER B 202 -30.88 -37.98 -9.95
C SER B 202 -30.24 -39.36 -9.97
N ASN B 203 -29.26 -39.60 -10.85
CA ASN B 203 -28.70 -40.98 -11.00
C ASN B 203 -27.20 -40.99 -10.79
N HIS B 204 -26.73 -40.17 -9.84
CA HIS B 204 -25.32 -40.14 -9.35
C HIS B 204 -24.88 -41.54 -8.90
N SER B 205 -25.75 -42.29 -8.20
CA SER B 205 -25.44 -43.62 -7.63
C SER B 205 -25.31 -44.67 -8.75
N PHE B 206 -25.69 -44.32 -9.98
CA PHE B 206 -26.06 -45.32 -11.00
C PHE B 206 -25.32 -45.05 -12.33
N MET B 207 -24.09 -44.62 -12.29
CA MET B 207 -23.28 -44.39 -13.53
C MET B 207 -21.86 -44.90 -13.28
N PRO B 208 -21.72 -46.23 -13.20
CA PRO B 208 -20.42 -46.82 -12.90
C PRO B 208 -19.46 -46.94 -14.10
N ILE B 209 -18.26 -47.35 -13.74
CA ILE B 209 -17.07 -47.47 -14.60
C ILE B 209 -16.59 -48.92 -14.52
N VAL B 210 -16.45 -49.57 -15.69
CA VAL B 210 -15.87 -50.94 -15.71
C VAL B 210 -14.76 -50.96 -16.74
N LEU B 211 -13.55 -51.19 -16.27
CA LEU B 211 -12.38 -51.38 -17.14
C LEU B 211 -12.23 -52.87 -17.42
N GLU B 212 -11.92 -53.19 -18.66
CA GLU B 212 -11.66 -54.59 -19.07
C GLU B 212 -10.22 -54.63 -19.60
N LEU B 213 -9.32 -55.25 -18.85
CA LEU B 213 -7.87 -55.22 -19.14
C LEU B 213 -7.49 -56.54 -19.80
N VAL B 214 -6.97 -56.46 -21.01
CA VAL B 214 -6.68 -57.65 -21.87
C VAL B 214 -5.37 -57.41 -22.60
N PRO B 215 -4.80 -58.46 -23.20
CA PRO B 215 -3.57 -58.30 -23.98
C PRO B 215 -3.81 -57.39 -25.18
N LEU B 216 -2.75 -56.67 -25.54
CA LEU B 216 -2.75 -55.72 -26.68
C LEU B 216 -3.44 -56.34 -27.91
N LYS B 217 -3.14 -57.58 -28.28
CA LYS B 217 -3.70 -58.15 -29.53
C LYS B 217 -5.22 -58.19 -29.44
N TYR B 218 -5.73 -58.54 -28.28
CA TYR B 218 -7.20 -58.59 -28.10
C TYR B 218 -7.77 -57.17 -28.14
N PHE B 219 -7.08 -56.24 -27.49
CA PHE B 219 -7.50 -54.81 -27.52
C PHE B 219 -7.58 -54.31 -28.96
N GLU B 220 -6.57 -54.62 -29.76
CA GLU B 220 -6.52 -54.15 -31.18
C GLU B 220 -7.75 -54.69 -31.94
N LYS B 221 -8.09 -55.96 -31.76
CA LYS B 221 -9.22 -56.58 -32.49
C LYS B 221 -10.56 -56.01 -32.00
N TRP B 222 -10.69 -55.83 -30.68
CA TRP B 222 -11.89 -55.20 -30.11
C TRP B 222 -12.04 -53.80 -30.73
N SER B 223 -10.97 -53.01 -30.73
CA SER B 223 -10.96 -51.62 -31.25
C SER B 223 -11.50 -51.64 -32.68
N ALA B 224 -10.97 -52.52 -33.51
CA ALA B 224 -11.39 -52.61 -34.93
C ALA B 224 -12.90 -52.92 -35.02
N SER B 225 -13.36 -53.84 -34.18
CA SER B 225 -14.74 -54.35 -34.18
C SER B 225 -15.74 -53.27 -33.69
N MET B 226 -15.29 -52.19 -33.06
CA MET B 226 -16.16 -51.18 -32.40
C MET B 226 -16.32 -49.95 -33.31
N LEU B 227 -15.79 -49.98 -34.52
CA LEU B 227 -15.75 -48.78 -35.37
C LEU B 227 -17.11 -48.58 -36.04
N GLN C 4 -26.47 2.62 37.67
CA GLN C 4 -25.25 2.11 36.99
C GLN C 4 -24.04 2.98 37.33
N THR C 5 -22.88 2.36 37.54
CA THR C 5 -21.58 3.06 37.76
C THR C 5 -20.53 2.56 36.78
N HIS C 6 -20.96 2.06 35.62
CA HIS C 6 -20.09 1.96 34.44
C HIS C 6 -20.54 3.01 33.41
N ALA C 7 -19.77 3.15 32.33
CA ALA C 7 -19.95 4.18 31.30
C ALA C 7 -20.67 3.63 30.05
N TYR C 8 -21.18 2.40 30.08
CA TYR C 8 -21.73 1.74 28.86
C TYR C 8 -23.23 1.96 28.74
N HIS C 9 -23.73 1.77 27.52
CA HIS C 9 -25.10 2.13 27.13
C HIS C 9 -26.02 0.90 27.17
N MET C 10 -26.93 0.89 28.13
CA MET C 10 -28.03 -0.11 28.21
C MET C 10 -29.17 0.44 27.34
N VAL C 11 -29.39 -0.20 26.21
CA VAL C 11 -30.31 0.31 25.16
C VAL C 11 -31.73 -0.09 25.53
N ASN C 12 -32.65 0.84 25.30
CA ASN C 12 -34.09 0.58 25.52
C ASN C 12 -34.53 -0.55 24.60
N PRO C 13 -35.38 -1.46 25.10
CA PRO C 13 -35.95 -2.51 24.24
C PRO C 13 -36.50 -1.86 22.95
N SER C 14 -36.19 -2.49 21.81
CA SER C 14 -36.38 -1.89 20.47
C SER C 14 -37.02 -2.87 19.50
N PRO C 15 -37.98 -2.43 18.67
CA PRO C 15 -38.58 -3.25 17.63
C PRO C 15 -37.74 -3.33 16.34
N TRP C 16 -36.71 -2.50 16.18
CA TRP C 16 -36.06 -2.36 14.85
C TRP C 16 -35.28 -3.62 14.50
N PRO C 17 -34.66 -4.37 15.45
CA PRO C 17 -34.03 -5.62 15.05
C PRO C 17 -35.01 -6.59 14.38
N LEU C 18 -36.21 -6.71 14.93
CA LEU C 18 -37.23 -7.62 14.37
C LEU C 18 -37.71 -7.06 13.02
N THR C 19 -37.98 -5.77 12.93
CA THR C 19 -38.45 -5.20 11.65
C THR C 19 -37.33 -5.36 10.60
N GLY C 20 -36.07 -5.18 10.97
CA GLY C 20 -34.96 -5.36 10.03
C GLY C 20 -34.86 -6.81 9.56
N ALA C 21 -34.98 -7.76 10.47
CA ALA C 21 -34.91 -9.20 10.14
C ALA C 21 -36.06 -9.55 9.21
N LEU C 22 -37.24 -9.06 9.49
CA LEU C 22 -38.41 -9.36 8.61
C LEU C 22 -38.23 -8.66 7.26
N SER C 23 -37.67 -7.44 7.23
N SER C 23 -37.68 -7.43 7.24
CA SER C 23 -37.38 -6.76 5.94
CA SER C 23 -37.35 -6.75 5.96
C SER C 23 -36.41 -7.63 5.12
C SER C 23 -36.44 -7.66 5.13
N ALA C 24 -35.45 -8.30 5.76
CA ALA C 24 -34.50 -9.18 5.05
C ALA C 24 -35.27 -10.39 4.47
N LEU C 25 -36.21 -10.96 5.21
CA LEU C 25 -37.05 -12.05 4.69
C LEU C 25 -37.85 -11.52 3.50
N LEU C 26 -38.42 -10.33 3.61
CA LEU C 26 -39.31 -9.85 2.52
C LEU C 26 -38.46 -9.53 1.26
N MET C 27 -37.27 -8.96 1.43
CA MET C 27 -36.40 -8.63 0.27
C MET C 27 -35.95 -9.92 -0.43
N THR C 28 -35.55 -10.94 0.32
CA THR C 28 -35.02 -12.19 -0.27
C THR C 28 -36.17 -13.02 -0.89
N SER C 29 -37.27 -13.21 -0.15
CA SER C 29 -38.45 -13.90 -0.72
C SER C 29 -38.98 -13.03 -1.90
N GLY C 30 -38.86 -11.70 -1.83
CA GLY C 30 -39.28 -10.80 -2.90
C GLY C 30 -38.44 -10.96 -4.14
N LEU C 31 -37.12 -11.07 -4.00
CA LEU C 31 -36.23 -11.31 -5.17
C LEU C 31 -36.56 -12.66 -5.78
N THR C 32 -36.85 -13.65 -4.94
CA THR C 32 -37.26 -15.00 -5.42
C THR C 32 -38.54 -14.88 -6.25
N MET C 33 -39.51 -14.13 -5.74
N MET C 33 -39.55 -14.16 -5.76
CA MET C 33 -40.84 -13.91 -6.38
CA MET C 33 -40.82 -14.01 -6.53
C MET C 33 -40.65 -13.13 -7.70
C MET C 33 -40.54 -13.24 -7.81
N TRP C 34 -39.67 -12.23 -7.77
CA TRP C 34 -39.36 -11.44 -8.99
C TRP C 34 -38.65 -12.32 -10.03
N PHE C 35 -37.65 -13.05 -9.63
CA PHE C 35 -36.87 -13.92 -10.55
C PHE C 35 -37.70 -15.08 -11.10
N HIS C 36 -38.68 -15.58 -10.34
CA HIS C 36 -39.36 -16.87 -10.67
C HIS C 36 -40.88 -16.79 -10.85
N PHE C 37 -41.56 -15.80 -10.28
CA PHE C 37 -43.04 -15.79 -10.28
C PHE C 37 -43.51 -14.44 -10.81
N ASN C 38 -42.61 -13.73 -11.48
CA ASN C 38 -42.94 -12.55 -12.31
C ASN C 38 -43.68 -11.47 -11.48
N SER C 39 -43.26 -11.23 -10.25
CA SER C 39 -43.99 -10.30 -9.33
C SER C 39 -43.00 -9.53 -8.42
N MET C 40 -43.19 -8.22 -8.35
CA MET C 40 -42.30 -7.33 -7.58
C MET C 40 -42.93 -6.95 -6.23
N THR C 41 -44.10 -7.47 -5.91
CA THR C 41 -44.90 -6.97 -4.76
C THR C 41 -44.14 -7.16 -3.44
N LEU C 42 -43.73 -8.39 -3.12
CA LEU C 42 -43.03 -8.68 -1.86
C LEU C 42 -41.74 -7.87 -1.82
N LEU C 43 -41.02 -7.80 -2.93
CA LEU C 43 -39.73 -7.08 -2.95
C LEU C 43 -39.97 -5.60 -2.59
N MET C 44 -40.98 -4.95 -3.16
N MET C 44 -40.99 -4.97 -3.18
CA MET C 44 -41.24 -3.51 -2.87
CA MET C 44 -41.32 -3.55 -2.89
C MET C 44 -41.67 -3.35 -1.40
C MET C 44 -41.63 -3.37 -1.39
N ILE C 45 -42.39 -4.30 -0.81
CA ILE C 45 -42.73 -4.24 0.64
C ILE C 45 -41.41 -4.36 1.44
N GLY C 46 -40.53 -5.28 1.08
CA GLY C 46 -39.29 -5.48 1.82
C GLY C 46 -38.39 -4.26 1.74
N LEU C 47 -38.26 -3.67 0.55
CA LEU C 47 -37.40 -2.45 0.41
C LEU C 47 -37.99 -1.32 1.28
N THR C 48 -39.32 -1.19 1.30
CA THR C 48 -40.00 -0.12 2.07
C THR C 48 -39.73 -0.34 3.57
N THR C 49 -39.94 -1.56 4.07
CA THR C 49 -39.74 -1.87 5.50
C THR C 49 -38.27 -1.77 5.85
N ASN C 50 -37.38 -2.10 4.92
CA ASN C 50 -35.94 -1.96 5.20
C ASN C 50 -35.59 -0.47 5.39
N MET C 51 -36.08 0.41 4.51
N MET C 51 -36.10 0.41 4.53
CA MET C 51 -35.82 1.87 4.59
CA MET C 51 -35.81 1.86 4.62
C MET C 51 -36.43 2.43 5.89
C MET C 51 -36.43 2.44 5.91
N LEU C 52 -37.65 2.01 6.23
CA LEU C 52 -38.32 2.45 7.50
C LEU C 52 -37.49 2.02 8.70
N THR C 53 -36.99 0.80 8.66
CA THR C 53 -36.21 0.26 9.79
C THR C 53 -34.91 1.04 9.95
N MET C 54 -34.15 1.22 8.86
N MET C 54 -34.16 1.24 8.87
CA MET C 54 -32.88 1.99 8.89
CA MET C 54 -32.87 1.97 8.91
C MET C 54 -33.15 3.40 9.42
C MET C 54 -33.13 3.41 9.40
N TYR C 55 -34.18 4.05 8.90
CA TYR C 55 -34.50 5.44 9.28
C TYR C 55 -34.72 5.49 10.81
N GLN C 56 -35.56 4.62 11.33
CA GLN C 56 -35.97 4.71 12.76
C GLN C 56 -34.82 4.25 13.64
N TRP C 57 -34.06 3.23 13.24
CA TRP C 57 -32.94 2.72 14.04
C TRP C 57 -31.89 3.83 14.21
N TRP C 58 -31.44 4.42 13.10
CA TRP C 58 -30.39 5.46 13.15
C TRP C 58 -30.92 6.76 13.76
N ARG C 59 -32.19 7.10 13.53
CA ARG C 59 -32.85 8.21 14.26
C ARG C 59 -32.67 7.97 15.76
N ASP C 60 -32.99 6.77 16.23
CA ASP C 60 -32.89 6.45 17.69
C ASP C 60 -31.43 6.55 18.18
N VAL C 61 -30.45 6.16 17.37
CA VAL C 61 -29.03 6.32 17.77
C VAL C 61 -28.70 7.82 17.93
N ILE C 62 -29.26 8.68 17.09
CA ILE C 62 -29.04 10.14 17.21
C ILE C 62 -29.74 10.60 18.50
N ARG C 63 -30.96 10.11 18.76
CA ARG C 63 -31.66 10.51 20.01
C ARG C 63 -30.79 10.13 21.22
N GLU C 64 -30.26 8.92 21.21
CA GLU C 64 -29.49 8.35 22.35
C GLU C 64 -28.22 9.18 22.61
N SER C 65 -27.66 9.78 21.57
CA SER C 65 -26.30 10.35 21.60
C SER C 65 -26.39 11.88 21.72
N THR C 66 -26.82 12.53 20.67
CA THR C 66 -26.99 13.99 20.63
C THR C 66 -27.98 14.43 21.73
N PHE C 67 -29.13 13.75 21.85
CA PHE C 67 -30.24 14.27 22.69
C PHE C 67 -30.15 13.73 24.12
N GLN C 68 -29.65 12.52 24.35
CA GLN C 68 -29.72 11.87 25.68
C GLN C 68 -28.34 11.74 26.34
N GLY C 69 -27.25 11.90 25.59
CA GLY C 69 -25.90 11.89 26.17
C GLY C 69 -25.39 10.50 26.53
N HIS C 70 -25.85 9.41 25.89
CA HIS C 70 -25.36 8.05 26.23
C HIS C 70 -24.00 7.74 25.63
N HIS C 71 -23.50 8.54 24.69
CA HIS C 71 -22.21 8.23 24.03
C HIS C 71 -21.05 8.82 24.84
N THR C 72 -20.73 8.16 25.94
CA THR C 72 -19.48 8.37 26.71
C THR C 72 -18.28 7.99 25.84
N PRO C 73 -17.05 8.36 26.26
CA PRO C 73 -15.87 7.95 25.48
C PRO C 73 -15.81 6.45 25.26
N ALA C 74 -16.17 5.67 26.28
CA ALA C 74 -16.11 4.20 26.17
C ALA C 74 -17.06 3.73 25.05
N VAL C 75 -18.27 4.30 25.00
CA VAL C 75 -19.28 3.91 23.97
C VAL C 75 -18.73 4.33 22.59
N GLN C 76 -18.21 5.54 22.50
CA GLN C 76 -17.68 6.07 21.23
C GLN C 76 -16.55 5.12 20.76
N LYS C 77 -15.66 4.68 21.67
CA LYS C 77 -14.55 3.77 21.30
C LYS C 77 -15.12 2.45 20.72
N GLY C 78 -16.20 1.92 21.32
CA GLY C 78 -16.85 0.71 20.81
C GLY C 78 -17.32 0.94 19.36
N LEU C 79 -17.97 2.10 19.12
CA LEU C 79 -18.51 2.38 17.79
C LEU C 79 -17.35 2.47 16.77
N ARG C 80 -16.22 3.04 17.17
CA ARG C 80 -15.04 3.14 16.29
C ARG C 80 -14.65 1.71 15.87
N TYR C 81 -14.46 0.82 16.84
CA TYR C 81 -14.14 -0.59 16.52
C TYR C 81 -15.23 -1.19 15.63
N GLY C 82 -16.50 -0.95 15.94
CA GLY C 82 -17.58 -1.55 15.14
C GLY C 82 -17.48 -1.12 13.68
N MET C 83 -17.24 0.15 13.42
CA MET C 83 -17.20 0.66 12.04
C MET C 83 -15.95 0.13 11.32
N ILE C 84 -14.81 0.06 11.99
CA ILE C 84 -13.58 -0.50 11.38
C ILE C 84 -13.85 -1.96 10.97
N LEU C 85 -14.42 -2.75 11.86
CA LEU C 85 -14.69 -4.16 11.61
C LEU C 85 -15.69 -4.32 10.47
N PHE C 86 -16.70 -3.47 10.42
CA PHE C 86 -17.65 -3.50 9.31
C PHE C 86 -16.92 -3.22 8.00
N ILE C 87 -16.05 -2.22 7.96
CA ILE C 87 -15.30 -1.87 6.73
C ILE C 87 -14.42 -3.07 6.33
N ILE C 88 -13.78 -3.74 7.29
CA ILE C 88 -12.96 -4.92 6.97
C ILE C 88 -13.86 -5.97 6.27
N SER C 89 -15.05 -6.23 6.80
CA SER C 89 -15.95 -7.25 6.20
C SER C 89 -16.27 -6.84 4.75
N GLU C 90 -16.48 -5.56 4.48
CA GLU C 90 -16.80 -5.08 3.12
C GLU C 90 -15.56 -5.22 2.23
N VAL C 91 -14.37 -5.02 2.76
CA VAL C 91 -13.14 -5.23 1.95
C VAL C 91 -13.09 -6.71 1.51
N LEU C 92 -13.34 -7.65 2.42
CA LEU C 92 -13.27 -9.08 2.07
C LEU C 92 -14.37 -9.42 1.06
N PHE C 93 -15.54 -8.80 1.13
CA PHE C 93 -16.61 -9.01 0.12
C PHE C 93 -16.05 -8.62 -1.25
N PHE C 94 -15.46 -7.44 -1.39
CA PHE C 94 -14.90 -7.01 -2.70
C PHE C 94 -13.76 -7.93 -3.10
N THR C 95 -12.99 -8.44 -2.14
CA THR C 95 -11.87 -9.34 -2.48
C THR C 95 -12.39 -10.52 -3.31
N GLY C 96 -13.55 -11.07 -2.96
CA GLY C 96 -14.12 -12.20 -3.71
C GLY C 96 -14.31 -11.82 -5.19
N PHE C 97 -14.79 -10.62 -5.46
CA PHE C 97 -15.04 -10.16 -6.83
C PHE C 97 -13.72 -9.93 -7.55
N PHE C 98 -12.70 -9.37 -6.86
CA PHE C 98 -11.37 -9.21 -7.48
C PHE C 98 -10.78 -10.59 -7.80
N TRP C 99 -10.95 -11.55 -6.90
CA TRP C 99 -10.46 -12.92 -7.14
C TRP C 99 -11.11 -13.44 -8.44
N ALA C 100 -12.43 -13.32 -8.54
CA ALA C 100 -13.16 -13.78 -9.73
C ALA C 100 -12.54 -13.12 -10.98
N PHE C 101 -12.31 -11.81 -10.91
CA PHE C 101 -11.78 -11.04 -12.05
C PHE C 101 -10.39 -11.58 -12.45
N TYR C 102 -9.49 -11.70 -11.48
CA TYR C 102 -8.10 -12.14 -11.79
C TYR C 102 -8.13 -13.59 -12.28
N HIS C 103 -8.98 -14.45 -11.70
CA HIS C 103 -9.05 -15.85 -12.10
C HIS C 103 -9.38 -15.93 -13.60
N SER C 104 -10.37 -15.18 -14.04
CA SER C 104 -10.92 -15.23 -15.42
C SER C 104 -9.91 -14.59 -16.39
N SER C 105 -9.32 -13.46 -15.99
CA SER C 105 -8.49 -12.61 -16.87
C SER C 105 -7.06 -13.12 -17.02
N LEU C 106 -6.54 -13.78 -16.00
CA LEU C 106 -5.15 -14.26 -16.04
C LEU C 106 -5.09 -15.57 -16.81
N ALA C 107 -6.19 -16.29 -16.97
CA ALA C 107 -6.18 -17.61 -17.65
C ALA C 107 -7.39 -17.68 -18.57
N PRO C 108 -7.44 -16.82 -19.61
CA PRO C 108 -8.64 -16.73 -20.44
C PRO C 108 -8.85 -18.06 -21.16
N THR C 109 -10.09 -18.55 -21.15
CA THR C 109 -10.41 -19.88 -21.66
C THR C 109 -10.55 -19.84 -23.19
N PRO C 110 -10.53 -21.02 -23.84
CA PRO C 110 -10.73 -21.05 -25.30
C PRO C 110 -12.02 -20.39 -25.81
N GLU C 111 -13.10 -20.48 -25.03
CA GLU C 111 -14.38 -19.84 -25.42
C GLU C 111 -14.20 -18.31 -25.64
N LEU C 112 -13.24 -17.66 -24.97
CA LEU C 112 -13.03 -16.21 -25.07
C LEU C 112 -12.11 -15.91 -26.25
N GLY C 113 -11.57 -16.94 -26.90
CA GLY C 113 -10.46 -16.78 -27.82
C GLY C 113 -9.10 -16.94 -27.15
N GLY C 114 -9.07 -17.38 -25.90
CA GLY C 114 -7.82 -17.60 -25.15
C GLY C 114 -7.06 -16.29 -24.98
N CYS C 115 -7.75 -15.15 -24.93
CA CYS C 115 -7.15 -13.80 -24.81
C CYS C 115 -8.00 -12.95 -23.84
N TRP C 116 -7.40 -11.91 -23.30
CA TRP C 116 -8.10 -10.89 -22.47
C TRP C 116 -7.66 -9.55 -23.00
N PRO C 117 -8.58 -8.62 -23.27
CA PRO C 117 -10.02 -8.89 -23.21
C PRO C 117 -10.45 -9.94 -24.25
N PRO C 118 -11.61 -10.60 -24.05
CA PRO C 118 -12.12 -11.60 -24.97
C PRO C 118 -12.31 -11.05 -26.39
N THR C 119 -12.23 -11.94 -27.35
CA THR C 119 -12.69 -11.61 -28.72
C THR C 119 -14.08 -11.01 -28.65
N GLY C 120 -14.29 -9.91 -29.35
CA GLY C 120 -15.62 -9.32 -29.48
C GLY C 120 -15.94 -8.32 -28.37
N ILE C 121 -15.02 -8.13 -27.42
CA ILE C 121 -15.19 -7.11 -26.35
C ILE C 121 -14.34 -5.89 -26.72
N HIS C 122 -14.97 -4.73 -26.69
CA HIS C 122 -14.30 -3.44 -26.96
C HIS C 122 -14.34 -2.64 -25.67
N PRO C 123 -13.29 -2.75 -24.83
CA PRO C 123 -13.28 -2.05 -23.53
C PRO C 123 -13.43 -0.53 -23.70
N LEU C 124 -13.94 0.07 -22.64
CA LEU C 124 -13.94 1.55 -22.47
C LEU C 124 -12.47 2.03 -22.46
N ASN C 125 -12.25 3.23 -22.95
CA ASN C 125 -10.93 3.89 -22.84
C ASN C 125 -10.72 4.31 -21.39
N PRO C 126 -9.73 3.75 -20.65
CA PRO C 126 -9.50 4.14 -19.27
C PRO C 126 -9.09 5.60 -19.07
N LEU C 127 -8.69 6.27 -20.15
CA LEU C 127 -8.23 7.66 -20.10
C LEU C 127 -9.38 8.64 -20.31
N GLU C 128 -10.61 8.16 -20.53
CA GLU C 128 -11.77 9.03 -20.79
C GLU C 128 -12.56 9.11 -19.50
N VAL C 129 -13.80 8.68 -19.50
CA VAL C 129 -14.66 8.89 -18.29
C VAL C 129 -14.07 8.15 -17.08
N PRO C 130 -13.49 6.93 -17.20
CA PRO C 130 -12.95 6.29 -16.01
C PRO C 130 -11.86 7.12 -15.32
N LEU C 131 -11.02 7.82 -16.08
CA LEU C 131 -10.01 8.73 -15.48
C LEU C 131 -10.73 9.89 -14.78
N LEU C 132 -11.74 10.47 -15.42
CA LEU C 132 -12.50 11.56 -14.79
C LEU C 132 -13.09 11.05 -13.46
N ASN C 133 -13.69 9.86 -13.48
CA ASN C 133 -14.26 9.28 -12.25
C ASN C 133 -13.20 9.15 -11.15
N THR C 134 -12.00 8.76 -11.52
CA THR C 134 -10.85 8.66 -10.59
C THR C 134 -10.56 10.04 -10.00
N SER C 135 -10.47 11.07 -10.84
CA SER C 135 -10.17 12.45 -10.36
C SER C 135 -11.29 12.90 -9.41
N VAL C 136 -12.53 12.51 -9.71
CA VAL C 136 -13.70 12.95 -8.94
C VAL C 136 -13.63 12.33 -7.53
N LEU C 137 -13.41 11.03 -7.42
CA LEU C 137 -13.39 10.41 -6.08
C LEU C 137 -12.14 10.85 -5.32
N LEU C 138 -10.98 10.94 -5.96
CA LEU C 138 -9.79 11.47 -5.25
C LEU C 138 -10.07 12.89 -4.74
N ALA C 139 -10.67 13.74 -5.57
CA ALA C 139 -10.97 15.14 -5.17
C ALA C 139 -11.90 15.12 -3.94
N SER C 140 -12.86 14.18 -3.93
CA SER C 140 -13.87 14.09 -2.84
C SER C 140 -13.16 13.66 -1.55
N GLY C 141 -12.05 12.92 -1.65
CA GLY C 141 -11.27 12.51 -0.45
C GLY C 141 -10.55 13.74 0.11
N VAL C 142 -10.16 14.67 -0.75
CA VAL C 142 -9.54 15.95 -0.31
C VAL C 142 -10.61 16.83 0.36
N SER C 143 -11.76 17.00 -0.29
CA SER C 143 -12.80 17.91 0.23
C SER C 143 -13.33 17.36 1.57
N ILE C 144 -13.46 16.04 1.72
N ILE C 144 -13.47 16.05 1.72
CA ILE C 144 -13.99 15.49 3.00
CA ILE C 144 -14.01 15.50 3.00
C ILE C 144 -12.99 15.74 4.12
C ILE C 144 -12.99 15.72 4.12
N THR C 145 -11.70 15.76 3.80
CA THR C 145 -10.65 16.02 4.79
C THR C 145 -10.73 17.49 5.22
N TRP C 146 -10.90 18.39 4.25
CA TRP C 146 -11.18 19.81 4.55
C TRP C 146 -12.39 19.88 5.50
N ALA C 147 -13.47 19.17 5.21
CA ALA C 147 -14.69 19.23 6.05
C ALA C 147 -14.34 18.81 7.48
N HIS C 148 -13.58 17.74 7.61
CA HIS C 148 -13.22 17.20 8.94
C HIS C 148 -12.45 18.27 9.72
N HIS C 149 -11.45 18.86 9.10
CA HIS C 149 -10.61 19.85 9.80
C HIS C 149 -11.49 21.07 10.15
N SER C 150 -12.33 21.52 9.24
CA SER C 150 -13.23 22.67 9.52
C SER C 150 -14.05 22.36 10.78
N LEU C 151 -14.62 21.15 10.86
CA LEU C 151 -15.46 20.77 12.02
C LEU C 151 -14.60 20.79 13.30
N MET C 152 -13.40 20.21 13.28
CA MET C 152 -12.51 20.18 14.47
C MET C 152 -12.14 21.61 14.89
N GLU C 153 -12.03 22.53 13.94
CA GLU C 153 -11.61 23.94 14.20
C GLU C 153 -12.84 24.79 14.52
N GLY C 154 -14.03 24.21 14.55
CA GLY C 154 -15.24 24.94 14.99
C GLY C 154 -15.85 25.82 13.91
N ASP C 155 -15.58 25.54 12.62
CA ASP C 155 -15.97 26.42 11.47
C ASP C 155 -17.20 25.81 10.76
N ARG C 156 -18.38 26.25 11.14
CA ARG C 156 -19.65 25.67 10.66
C ARG C 156 -19.78 25.88 9.15
N LYS C 157 -19.57 27.11 8.66
CA LYS C 157 -19.81 27.45 7.23
C LYS C 157 -18.86 26.60 6.36
N HIS C 158 -17.58 26.55 6.68
CA HIS C 158 -16.60 25.84 5.81
C HIS C 158 -16.84 24.33 5.92
N MET C 159 -17.23 23.81 7.07
CA MET C 159 -17.61 22.38 7.15
C MET C 159 -18.74 22.12 6.13
N LEU C 160 -19.80 22.92 6.16
CA LEU C 160 -20.97 22.69 5.28
C LEU C 160 -20.54 22.83 3.80
N GLN C 161 -19.71 23.81 3.49
N GLN C 161 -19.72 23.85 3.48
CA GLN C 161 -19.28 24.00 2.09
CA GLN C 161 -19.22 24.07 2.11
C GLN C 161 -18.46 22.77 1.62
C GLN C 161 -18.46 22.80 1.62
N ALA C 162 -17.50 22.34 2.41
CA ALA C 162 -16.61 21.21 2.07
C ALA C 162 -17.43 19.93 1.94
N LEU C 163 -18.39 19.72 2.85
CA LEU C 163 -19.22 18.50 2.82
C LEU C 163 -20.15 18.56 1.60
N PHE C 164 -20.67 19.74 1.27
CA PHE C 164 -21.52 19.89 0.08
C PHE C 164 -20.71 19.52 -1.17
N ILE C 165 -19.49 20.03 -1.25
CA ILE C 165 -18.60 19.72 -2.39
C ILE C 165 -18.37 18.20 -2.46
N THR C 166 -18.14 17.55 -1.34
CA THR C 166 -17.86 16.10 -1.28
C THR C 166 -19.08 15.37 -1.86
N ILE C 167 -20.27 15.73 -1.38
CA ILE C 167 -21.53 15.07 -1.83
C ILE C 167 -21.72 15.34 -3.34
N THR C 168 -21.49 16.56 -3.78
CA THR C 168 -21.65 16.92 -5.21
C THR C 168 -20.75 15.99 -6.04
N LEU C 169 -19.52 15.79 -5.60
CA LEU C 169 -18.58 14.91 -6.34
C LEU C 169 -19.12 13.46 -6.34
N GLY C 170 -19.63 12.95 -5.21
CA GLY C 170 -20.21 11.60 -5.15
C GLY C 170 -21.35 11.50 -6.15
N VAL C 171 -22.20 12.52 -6.22
CA VAL C 171 -23.33 12.50 -7.18
C VAL C 171 -22.77 12.53 -8.62
N TYR C 172 -21.77 13.38 -8.89
CA TYR C 172 -21.15 13.46 -10.23
C TYR C 172 -20.64 12.05 -10.63
N PHE C 173 -19.92 11.39 -9.73
CA PHE C 173 -19.39 10.03 -10.01
C PHE C 173 -20.56 9.12 -10.42
N THR C 174 -21.65 9.15 -9.66
CA THR C 174 -22.80 8.24 -9.85
C THR C 174 -23.44 8.54 -11.21
N LEU C 175 -23.61 9.81 -11.56
CA LEU C 175 -24.21 10.19 -12.86
C LEU C 175 -23.27 9.78 -14.00
N LEU C 176 -21.97 9.98 -13.85
CA LEU C 176 -20.98 9.58 -14.88
C LEU C 176 -21.04 8.07 -15.06
N GLN C 177 -21.05 7.31 -13.97
CA GLN C 177 -21.09 5.83 -14.06
C GLN C 177 -22.42 5.38 -14.72
N ALA C 178 -23.55 5.99 -14.38
CA ALA C 178 -24.86 5.67 -14.98
C ALA C 178 -24.76 5.89 -16.50
N SER C 179 -24.19 7.01 -16.93
CA SER C 179 -24.01 7.35 -18.36
C SER C 179 -23.09 6.29 -19.01
N GLU C 180 -21.98 5.93 -18.36
N GLU C 180 -21.98 5.96 -18.35
CA GLU C 180 -21.03 4.91 -18.90
CA GLU C 180 -21.04 4.93 -18.85
C GLU C 180 -21.71 3.54 -19.03
C GLU C 180 -21.76 3.59 -19.05
N TYR C 181 -22.60 3.20 -18.08
CA TYR C 181 -23.37 1.94 -18.14
C TYR C 181 -24.23 1.95 -19.42
N TYR C 182 -24.94 3.04 -19.63
CA TYR C 182 -25.84 3.15 -20.78
C TYR C 182 -25.02 3.09 -22.07
N GLU C 183 -23.89 3.80 -22.14
CA GLU C 183 -23.08 3.94 -23.37
C GLU C 183 -22.27 2.65 -23.63
N ALA C 184 -22.04 1.81 -22.62
CA ALA C 184 -21.11 0.68 -22.79
C ALA C 184 -21.64 -0.25 -23.91
N PRO C 185 -20.79 -0.62 -24.89
CA PRO C 185 -21.22 -1.53 -25.96
C PRO C 185 -21.30 -3.00 -25.53
N PHE C 186 -20.85 -3.30 -24.31
CA PHE C 186 -20.94 -4.65 -23.70
C PHE C 186 -21.90 -4.56 -22.52
N THR C 187 -22.42 -5.71 -22.12
CA THR C 187 -23.50 -5.87 -21.14
C THR C 187 -23.07 -6.90 -20.10
N ILE C 188 -23.87 -7.03 -19.05
CA ILE C 188 -23.62 -8.05 -18.00
C ILE C 188 -23.66 -9.47 -18.61
N SER C 189 -24.37 -9.66 -19.71
CA SER C 189 -24.55 -10.97 -20.39
C SER C 189 -23.41 -11.22 -21.40
N ASP C 190 -22.41 -10.35 -21.49
CA ASP C 190 -21.25 -10.50 -22.41
C ASP C 190 -20.14 -11.31 -21.70
N GLY C 191 -20.49 -12.52 -21.34
CA GLY C 191 -19.55 -13.48 -20.78
C GLY C 191 -18.95 -12.99 -19.47
N VAL C 192 -17.81 -13.54 -19.15
CA VAL C 192 -17.17 -13.26 -17.85
C VAL C 192 -16.61 -11.83 -17.86
N TYR C 193 -16.31 -11.24 -19.02
CA TYR C 193 -15.87 -9.82 -19.06
C TYR C 193 -17.01 -8.93 -18.51
N GLY C 194 -18.22 -9.08 -19.08
CA GLY C 194 -19.36 -8.27 -18.67
C GLY C 194 -19.73 -8.61 -17.24
N SER C 195 -19.59 -9.88 -16.86
CA SER C 195 -19.99 -10.38 -15.52
C SER C 195 -19.13 -9.66 -14.47
N THR C 196 -17.82 -9.78 -14.63
CA THR C 196 -16.87 -9.21 -13.68
C THR C 196 -17.00 -7.68 -13.69
N PHE C 197 -17.09 -7.09 -14.87
CA PHE C 197 -17.15 -5.61 -15.00
C PHE C 197 -18.37 -5.07 -14.25
N PHE C 198 -19.56 -5.56 -14.58
CA PHE C 198 -20.79 -4.93 -14.05
C PHE C 198 -21.04 -5.33 -12.60
N VAL C 199 -20.72 -6.57 -12.19
CA VAL C 199 -21.00 -6.94 -10.78
C VAL C 199 -20.02 -6.20 -9.87
N ALA C 200 -18.74 -6.14 -10.21
CA ALA C 200 -17.73 -5.47 -9.34
C ALA C 200 -17.99 -3.96 -9.34
N THR C 201 -18.11 -3.33 -10.52
CA THR C 201 -18.36 -1.87 -10.55
C THR C 201 -19.78 -1.58 -10.04
N GLY C 202 -20.73 -2.52 -10.18
CA GLY C 202 -22.12 -2.28 -9.74
C GLY C 202 -22.18 -2.29 -8.22
N PHE C 203 -21.50 -3.25 -7.57
CA PHE C 203 -21.46 -3.26 -6.09
C PHE C 203 -20.73 -2.00 -5.61
N HIS C 204 -19.69 -1.59 -6.33
CA HIS C 204 -18.98 -0.34 -5.98
C HIS C 204 -19.95 0.87 -6.08
N GLY C 205 -20.71 0.97 -7.18
CA GLY C 205 -21.68 2.05 -7.39
C GLY C 205 -22.69 2.08 -6.24
N LEU C 206 -23.16 0.90 -5.82
CA LEU C 206 -24.12 0.82 -4.71
C LEU C 206 -23.43 1.43 -3.48
N HIS C 207 -22.18 1.08 -3.23
CA HIS C 207 -21.46 1.59 -2.04
C HIS C 207 -21.26 3.11 -2.15
N VAL C 208 -21.03 3.62 -3.35
CA VAL C 208 -20.97 5.10 -3.55
C VAL C 208 -22.32 5.74 -3.16
N ILE C 209 -23.42 5.13 -3.56
CA ILE C 209 -24.77 5.65 -3.26
C ILE C 209 -24.98 5.59 -1.73
N ILE C 210 -24.63 4.47 -1.11
CA ILE C 210 -24.73 4.32 0.37
C ILE C 210 -23.87 5.40 1.02
N GLY C 211 -22.62 5.54 0.60
CA GLY C 211 -21.72 6.52 1.21
C GLY C 211 -22.21 7.94 1.01
N SER C 212 -22.75 8.26 -0.16
CA SER C 212 -23.27 9.61 -0.45
C SER C 212 -24.44 9.87 0.49
N THR C 213 -25.31 8.88 0.66
CA THR C 213 -26.49 8.98 1.55
C THR C 213 -26.01 9.26 2.99
N PHE C 214 -24.98 8.54 3.44
CA PHE C 214 -24.41 8.74 4.79
C PHE C 214 -23.90 10.18 4.90
N LEU C 215 -23.19 10.67 3.89
CA LEU C 215 -22.68 12.05 3.91
C LEU C 215 -23.86 13.04 3.94
N ILE C 216 -24.94 12.76 3.22
CA ILE C 216 -26.11 13.67 3.24
C ILE C 216 -26.72 13.67 4.66
N VAL C 217 -26.83 12.51 5.29
CA VAL C 217 -27.30 12.46 6.70
C VAL C 217 -26.41 13.38 7.55
N CYS C 218 -25.09 13.27 7.41
CA CYS C 218 -24.14 14.12 8.19
C CYS C 218 -24.38 15.61 7.87
N PHE C 219 -24.65 15.93 6.60
CA PHE C 219 -24.88 17.32 6.17
C PHE C 219 -26.10 17.88 6.95
N PHE C 220 -27.20 17.15 6.99
CA PHE C 220 -28.42 17.64 7.66
C PHE C 220 -28.19 17.68 9.18
N ARG C 221 -27.50 16.71 9.74
CA ARG C 221 -27.18 16.76 11.20
C ARG C 221 -26.34 18.01 11.49
N GLN C 222 -25.36 18.30 10.64
CA GLN C 222 -24.50 19.50 10.81
C GLN C 222 -25.39 20.73 10.72
N LEU C 223 -26.30 20.79 9.74
CA LEU C 223 -27.20 21.97 9.57
C LEU C 223 -27.97 22.16 10.89
N LYS C 224 -28.31 21.05 11.58
CA LYS C 224 -29.11 21.07 12.84
C LYS C 224 -28.21 21.17 14.08
N PHE C 225 -26.91 21.39 13.91
CA PHE C 225 -25.93 21.65 15.01
C PHE C 225 -25.69 20.41 15.88
N HIS C 226 -25.88 19.19 15.39
CA HIS C 226 -25.73 17.99 16.23
C HIS C 226 -24.27 17.81 16.64
N PHE C 227 -23.34 18.13 15.75
CA PHE C 227 -21.92 17.82 15.95
C PHE C 227 -21.25 18.89 16.82
N THR C 228 -20.43 18.44 17.77
CA THR C 228 -19.49 19.38 18.41
C THR C 228 -18.12 19.29 17.74
N SER C 229 -17.26 20.23 18.08
CA SER C 229 -15.92 20.30 17.49
C SER C 229 -15.11 19.06 17.91
N ASN C 230 -15.53 18.35 18.96
CA ASN C 230 -14.81 17.19 19.49
C ASN C 230 -15.59 15.88 19.39
N HIS C 231 -16.91 15.94 19.18
CA HIS C 231 -17.79 14.74 19.23
C HIS C 231 -18.63 14.71 17.96
N HIS C 232 -18.28 13.78 17.06
CA HIS C 232 -18.90 13.75 15.73
C HIS C 232 -18.62 12.41 15.06
N PHE C 233 -18.90 11.33 15.78
CA PHE C 233 -18.51 10.00 15.29
C PHE C 233 -19.21 9.66 13.98
N GLY C 234 -20.46 10.07 13.81
CA GLY C 234 -21.19 9.79 12.58
C GLY C 234 -20.43 10.35 11.38
N PHE C 235 -19.89 11.54 11.52
CA PHE C 235 -19.09 12.18 10.45
C PHE C 235 -17.81 11.35 10.25
N GLU C 236 -17.12 10.97 11.33
CA GLU C 236 -15.84 10.20 11.19
C GLU C 236 -16.16 8.88 10.45
N ALA C 237 -17.20 8.20 10.84
CA ALA C 237 -17.60 6.90 10.27
C ALA C 237 -17.91 7.10 8.78
N ALA C 238 -18.63 8.16 8.43
CA ALA C 238 -18.99 8.45 7.02
C ALA C 238 -17.70 8.71 6.23
N ALA C 239 -16.76 9.42 6.82
CA ALA C 239 -15.47 9.75 6.16
C ALA C 239 -14.69 8.45 5.96
N TRP C 240 -14.62 7.59 6.98
CA TRP C 240 -13.89 6.30 6.84
C TRP C 240 -14.53 5.50 5.69
N TYR C 241 -15.85 5.43 5.70
CA TYR C 241 -16.59 4.68 4.68
C TYR C 241 -16.28 5.26 3.29
N TRP C 242 -16.24 6.57 3.22
CA TRP C 242 -16.00 7.29 1.95
C TRP C 242 -14.58 7.01 1.46
N HIS C 243 -13.59 7.00 2.34
CA HIS C 243 -12.21 6.65 1.93
C HIS C 243 -12.20 5.20 1.42
N PHE C 244 -12.88 4.30 2.10
CA PHE C 244 -13.03 2.89 1.67
C PHE C 244 -13.57 2.88 0.23
N VAL C 245 -14.65 3.60 -0.04
CA VAL C 245 -15.22 3.63 -1.42
C VAL C 245 -14.16 4.17 -2.42
N ASP C 246 -13.37 5.17 -2.03
CA ASP C 246 -12.30 5.72 -2.91
CA ASP C 246 -12.45 5.81 -2.74
C ASP C 246 -11.31 4.58 -3.22
C ASP C 246 -11.30 4.80 -3.10
N VAL C 247 -10.84 3.95 -2.16
CA VAL C 247 -9.75 2.95 -2.33
C VAL C 247 -10.27 1.78 -3.21
N VAL C 248 -11.50 1.32 -2.97
CA VAL C 248 -12.04 0.24 -3.82
C VAL C 248 -12.02 0.72 -5.28
N TRP C 249 -12.44 1.95 -5.55
CA TRP C 249 -12.43 2.49 -6.93
C TRP C 249 -11.01 2.42 -7.50
N LEU C 250 -10.00 2.87 -6.74
CA LEU C 250 -8.63 2.89 -7.30
C LEU C 250 -8.24 1.45 -7.68
N PHE C 251 -8.57 0.46 -6.86
CA PHE C 251 -8.26 -0.95 -7.19
C PHE C 251 -9.06 -1.38 -8.43
N LEU C 252 -10.33 -1.00 -8.53
CA LEU C 252 -11.13 -1.35 -9.74
C LEU C 252 -10.48 -0.70 -10.99
N TYR C 253 -10.11 0.56 -10.89
CA TYR C 253 -9.56 1.33 -12.01
C TYR C 253 -8.29 0.63 -12.49
N VAL C 254 -7.37 0.35 -11.57
CA VAL C 254 -6.07 -0.25 -11.97
C VAL C 254 -6.34 -1.66 -12.52
N SER C 255 -7.23 -2.43 -11.90
CA SER C 255 -7.39 -3.88 -12.19
C SER C 255 -8.23 -4.06 -13.46
N ILE C 256 -9.45 -3.55 -13.43
CA ILE C 256 -10.46 -3.88 -14.48
C ILE C 256 -10.32 -2.92 -15.67
N TYR C 257 -10.19 -1.63 -15.43
CA TYR C 257 -10.24 -0.63 -16.52
C TYR C 257 -8.90 -0.51 -17.22
N TRP C 258 -7.81 -0.55 -16.46
CA TRP C 258 -6.45 -0.26 -17.02
C TRP C 258 -5.79 -1.61 -17.32
N TRP C 259 -5.41 -2.35 -16.31
CA TRP C 259 -4.68 -3.63 -16.53
C TRP C 259 -5.56 -4.61 -17.36
N GLY C 260 -6.88 -4.62 -17.15
CA GLY C 260 -7.82 -5.50 -17.88
C GLY C 260 -8.24 -5.02 -19.27
N SER C 261 -7.68 -3.93 -19.78
CA SER C 261 -8.09 -3.36 -21.09
C SER C 261 -7.18 -3.95 -22.17
N SER D 4 -28.49 -27.37 59.70
CA SER D 4 -28.13 -26.02 59.01
C SER D 4 -28.91 -25.84 57.71
N VAL D 5 -29.70 -24.79 57.59
CA VAL D 5 -30.53 -24.51 56.39
C VAL D 5 -29.75 -23.51 55.52
N VAL D 6 -29.40 -23.94 54.32
CA VAL D 6 -28.70 -23.06 53.33
C VAL D 6 -29.74 -22.36 52.47
N LYS D 7 -29.57 -21.06 52.28
CA LYS D 7 -30.58 -20.18 51.66
C LYS D 7 -29.98 -19.64 50.35
N SER D 8 -30.83 -19.55 49.33
CA SER D 8 -30.56 -18.88 48.03
C SER D 8 -30.02 -17.48 48.27
N GLU D 9 -30.63 -16.73 49.21
CA GLU D 9 -30.24 -15.31 49.43
C GLU D 9 -28.84 -15.21 50.09
N ASP D 10 -28.17 -16.33 50.45
CA ASP D 10 -26.77 -16.31 50.99
C ASP D 10 -25.74 -16.52 49.87
N TYR D 11 -26.11 -16.52 48.58
CA TYR D 11 -25.20 -16.89 47.45
C TYR D 11 -23.88 -16.08 47.53
N ALA D 12 -23.92 -14.78 47.89
CA ALA D 12 -22.74 -13.87 47.79
C ALA D 12 -21.85 -13.99 49.05
N LEU D 13 -22.28 -14.79 50.04
CA LEU D 13 -21.52 -14.94 51.29
C LEU D 13 -20.68 -16.20 51.19
N PRO D 14 -19.56 -16.24 51.93
CA PRO D 14 -18.79 -17.46 52.06
C PRO D 14 -19.71 -18.59 52.52
N SER D 15 -19.48 -19.76 51.96
CA SER D 15 -20.36 -20.92 52.20
C SER D 15 -19.54 -22.13 52.66
N TYR D 16 -20.25 -23.13 53.16
CA TYR D 16 -19.71 -24.41 53.64
C TYR D 16 -19.60 -25.34 52.43
N VAL D 17 -18.47 -26.06 52.33
N VAL D 17 -18.52 -26.12 52.40
CA VAL D 17 -18.29 -27.18 51.34
CA VAL D 17 -18.45 -27.23 51.42
C VAL D 17 -17.60 -28.36 52.04
C VAL D 17 -17.56 -28.34 51.95
N ASP D 18 -17.93 -29.57 51.61
CA ASP D 18 -17.13 -30.78 51.89
C ASP D 18 -16.37 -31.11 50.61
N ARG D 19 -15.05 -30.85 50.61
CA ARG D 19 -14.19 -31.16 49.45
C ARG D 19 -12.86 -31.62 49.99
N ARG D 20 -12.35 -32.75 49.54
CA ARG D 20 -11.11 -33.31 50.13
C ARG D 20 -9.90 -32.39 49.85
N ASP D 21 -9.97 -31.55 48.80
CA ASP D 21 -8.93 -30.62 48.30
C ASP D 21 -9.14 -29.25 48.96
N TYR D 22 -10.14 -29.09 49.85
CA TYR D 22 -10.43 -27.81 50.57
C TYR D 22 -10.87 -28.18 51.99
N PRO D 23 -9.97 -28.80 52.76
CA PRO D 23 -10.34 -29.45 54.01
C PRO D 23 -10.96 -28.50 55.06
N LEU D 24 -10.54 -27.24 55.07
CA LEU D 24 -10.99 -26.27 56.11
C LEU D 24 -11.79 -25.18 55.40
N PRO D 25 -13.10 -25.38 55.28
CA PRO D 25 -13.91 -24.43 54.55
C PRO D 25 -14.10 -23.11 55.29
N ASP D 26 -14.68 -22.16 54.59
CA ASP D 26 -14.64 -20.72 54.95
C ASP D 26 -15.51 -20.45 56.20
N VAL D 27 -16.49 -21.30 56.49
CA VAL D 27 -17.43 -21.13 57.62
C VAL D 27 -17.60 -22.48 58.32
N ALA D 28 -18.03 -22.44 59.57
CA ALA D 28 -18.47 -23.64 60.30
C ALA D 28 -19.75 -24.18 59.65
N HIS D 29 -19.92 -25.50 59.70
CA HIS D 29 -21.18 -26.17 59.28
C HIS D 29 -22.36 -25.62 60.10
N VAL D 30 -22.16 -25.48 61.42
CA VAL D 30 -23.24 -25.02 62.33
C VAL D 30 -22.78 -23.74 63.00
N LYS D 31 -23.43 -22.61 62.74
CA LYS D 31 -23.02 -21.31 63.37
C LYS D 31 -23.83 -21.04 64.63
N ASN D 32 -25.10 -21.42 64.65
CA ASN D 32 -25.96 -21.12 65.83
C ASN D 32 -25.78 -22.25 66.87
N LEU D 33 -25.63 -21.89 68.13
CA LEU D 33 -25.32 -22.82 69.25
C LEU D 33 -26.44 -22.74 70.28
N SER D 34 -26.88 -23.90 70.72
CA SER D 34 -27.80 -24.06 71.86
C SER D 34 -27.05 -23.75 73.15
N ALA D 35 -27.76 -23.67 74.26
CA ALA D 35 -27.11 -23.56 75.58
C ALA D 35 -26.03 -24.64 75.75
N SER D 36 -26.33 -25.92 75.49
CA SER D 36 -25.33 -26.99 75.75
C SER D 36 -24.15 -26.82 74.78
N GLN D 37 -24.42 -26.41 73.54
CA GLN D 37 -23.35 -26.29 72.53
C GLN D 37 -22.45 -25.11 72.90
N LYS D 38 -23.01 -24.03 73.43
CA LYS D 38 -22.18 -22.89 73.93
C LYS D 38 -21.28 -23.38 75.07
N ALA D 39 -21.81 -24.20 75.99
CA ALA D 39 -21.03 -24.71 77.15
C ALA D 39 -19.88 -25.60 76.61
N LEU D 40 -20.15 -26.36 75.55
CA LEU D 40 -19.14 -27.27 74.92
C LEU D 40 -18.03 -26.42 74.28
N LYS D 41 -18.37 -25.34 73.59
CA LYS D 41 -17.33 -24.45 73.01
C LYS D 41 -16.53 -23.78 74.11
N GLU D 42 -17.13 -23.48 75.28
CA GLU D 42 -16.29 -22.95 76.40
C GLU D 42 -15.34 -24.04 76.89
N LYS D 43 -15.83 -25.27 77.02
CA LYS D 43 -15.03 -26.43 77.52
C LYS D 43 -13.84 -26.67 76.56
N GLU D 44 -14.06 -26.43 75.28
CA GLU D 44 -13.00 -26.58 74.26
C GLU D 44 -11.82 -25.63 74.52
N LYS D 45 -11.99 -24.56 75.30
CA LYS D 45 -10.88 -23.61 75.61
C LYS D 45 -9.95 -24.20 76.65
N ALA D 46 -10.38 -25.24 77.35
CA ALA D 46 -9.55 -25.95 78.35
C ALA D 46 -8.96 -27.21 77.69
N SER D 47 -8.25 -28.02 78.45
CA SER D 47 -7.53 -29.19 77.95
C SER D 47 -8.48 -30.09 77.15
N TRP D 48 -8.06 -30.48 75.94
CA TRP D 48 -8.88 -31.42 75.15
C TRP D 48 -8.86 -32.82 75.76
N SER D 49 -7.89 -33.12 76.63
CA SER D 49 -7.86 -34.40 77.38
C SER D 49 -9.11 -34.55 78.26
N SER D 50 -9.76 -33.45 78.64
CA SER D 50 -10.93 -33.43 79.55
C SER D 50 -12.23 -33.56 78.77
N LEU D 51 -12.16 -33.48 77.45
CA LEU D 51 -13.36 -33.72 76.62
C LEU D 51 -13.59 -35.24 76.49
N SER D 52 -14.84 -35.67 76.57
CA SER D 52 -15.23 -37.07 76.30
C SER D 52 -15.16 -37.31 74.78
N ILE D 53 -15.13 -38.57 74.37
CA ILE D 53 -15.26 -38.95 72.95
C ILE D 53 -16.53 -38.29 72.36
N ASP D 54 -17.66 -38.34 73.07
CA ASP D 54 -18.93 -37.78 72.53
C ASP D 54 -18.79 -36.28 72.34
N GLU D 55 -18.13 -35.59 73.27
CA GLU D 55 -17.96 -34.12 73.16
C GLU D 55 -17.06 -33.81 71.95
N LYS D 56 -16.02 -34.61 71.74
CA LYS D 56 -15.08 -34.43 70.59
C LYS D 56 -15.85 -34.63 69.27
N VAL D 57 -16.68 -35.66 69.18
CA VAL D 57 -17.51 -35.90 67.98
C VAL D 57 -18.47 -34.73 67.78
N GLU D 58 -19.09 -34.26 68.86
CA GLU D 58 -20.06 -33.13 68.77
C GLU D 58 -19.30 -31.90 68.22
N LEU D 59 -18.10 -31.62 68.71
CA LEU D 59 -17.32 -30.45 68.22
C LEU D 59 -17.01 -30.62 66.72
N TYR D 60 -16.63 -31.84 66.30
CA TYR D 60 -16.34 -32.11 64.88
C TYR D 60 -17.59 -31.83 64.06
N ARG D 61 -18.74 -32.27 64.54
CA ARG D 61 -20.02 -32.19 63.77
C ARG D 61 -20.58 -30.76 63.81
N LEU D 62 -20.16 -29.90 64.74
CA LEU D 62 -20.50 -28.46 64.62
C LEU D 62 -19.67 -27.81 63.50
N LYS D 63 -18.41 -28.20 63.40
CA LYS D 63 -17.47 -27.54 62.48
C LYS D 63 -17.74 -28.04 61.05
N PHE D 64 -17.97 -29.35 60.93
CA PHE D 64 -18.05 -30.04 59.63
C PHE D 64 -19.36 -30.81 59.50
N LYS D 65 -19.80 -30.96 58.24
CA LYS D 65 -21.00 -31.78 57.93
C LYS D 65 -20.58 -33.24 57.83
N GLU D 66 -19.87 -33.59 56.78
CA GLU D 66 -19.42 -34.98 56.59
C GLU D 66 -17.93 -35.10 56.88
N SER D 67 -17.53 -36.25 57.40
CA SER D 67 -16.11 -36.67 57.51
C SER D 67 -15.54 -36.95 56.12
N PHE D 68 -14.23 -37.05 56.03
CA PHE D 68 -13.59 -37.50 54.76
C PHE D 68 -14.14 -38.85 54.33
N ALA D 69 -14.24 -39.82 55.25
CA ALA D 69 -14.73 -41.17 54.89
C ALA D 69 -16.14 -41.06 54.28
N GLU D 70 -17.02 -40.24 54.87
CA GLU D 70 -18.40 -40.09 54.38
C GLU D 70 -18.37 -39.41 53.00
N MET D 71 -17.66 -38.29 52.86
CA MET D 71 -17.79 -37.47 51.63
C MET D 71 -17.17 -38.26 50.47
N ASN D 72 -16.26 -39.18 50.75
CA ASN D 72 -15.47 -39.90 49.73
C ASN D 72 -16.12 -41.26 49.40
N ARG D 73 -17.25 -41.60 49.98
CA ARG D 73 -17.77 -42.98 49.86
C ARG D 73 -18.11 -43.26 48.41
N SER D 74 -18.03 -44.51 48.06
CA SER D 74 -18.47 -45.06 46.77
C SER D 74 -19.98 -45.26 46.79
N THR D 75 -20.59 -45.35 45.63
CA THR D 75 -22.04 -45.55 45.52
C THR D 75 -22.32 -46.63 44.48
N ASN D 76 -23.57 -47.05 44.45
CA ASN D 76 -24.10 -48.07 43.52
C ASN D 76 -24.63 -47.41 42.24
N GLU D 77 -24.39 -46.12 42.05
CA GLU D 77 -24.98 -45.36 40.92
C GLU D 77 -24.57 -46.03 39.59
N TRP D 78 -23.38 -46.61 39.50
CA TRP D 78 -22.88 -47.18 38.24
C TRP D 78 -23.87 -48.26 37.77
N LYS D 79 -24.48 -49.01 38.70
CA LYS D 79 -25.41 -50.09 38.32
C LYS D 79 -26.64 -49.51 37.62
N THR D 80 -27.18 -48.43 38.17
CA THR D 80 -28.34 -47.75 37.58
C THR D 80 -27.95 -47.21 36.19
N VAL D 81 -26.80 -46.54 36.09
CA VAL D 81 -26.41 -45.90 34.81
C VAL D 81 -26.24 -46.99 33.73
N VAL D 82 -25.45 -48.02 34.01
CA VAL D 82 -25.15 -49.08 33.01
C VAL D 82 -26.45 -49.83 32.68
N GLY D 83 -27.23 -50.23 33.68
CA GLY D 83 -28.50 -50.96 33.48
C GLY D 83 -29.46 -50.13 32.63
N ALA D 84 -29.59 -48.83 32.95
CA ALA D 84 -30.56 -47.96 32.26
C ALA D 84 -30.09 -47.78 30.81
N ALA D 85 -28.78 -47.59 30.61
CA ALA D 85 -28.21 -47.39 29.26
C ALA D 85 -28.54 -48.65 28.43
N MET D 86 -28.34 -49.83 29.00
CA MET D 86 -28.62 -51.09 28.28
C MET D 86 -30.13 -51.19 28.00
N PHE D 87 -30.98 -50.76 28.94
CA PHE D 87 -32.43 -50.75 28.68
C PHE D 87 -32.76 -49.92 27.43
N PHE D 88 -32.26 -48.68 27.38
CA PHE D 88 -32.60 -47.76 26.27
C PHE D 88 -31.98 -48.27 24.95
N ILE D 89 -30.80 -48.87 25.02
CA ILE D 89 -30.19 -49.48 23.82
C ILE D 89 -31.10 -50.65 23.38
N GLY D 90 -31.58 -51.44 24.33
CA GLY D 90 -32.57 -52.49 24.06
C GLY D 90 -33.82 -51.92 23.41
N PHE D 91 -34.36 -50.83 23.96
CA PHE D 91 -35.55 -50.18 23.35
C PHE D 91 -35.26 -49.83 21.89
N THR D 92 -34.04 -49.41 21.60
CA THR D 92 -33.67 -49.00 20.23
C THR D 92 -33.86 -50.17 19.25
N ALA D 93 -33.57 -51.39 19.68
CA ALA D 93 -33.75 -52.57 18.82
C ALA D 93 -35.23 -52.74 18.50
N LEU D 94 -36.14 -52.34 19.40
CA LEU D 94 -37.59 -52.40 19.08
C LEU D 94 -37.91 -51.48 17.90
N LEU D 95 -37.33 -50.28 17.88
CA LEU D 95 -37.53 -49.34 16.75
C LEU D 95 -37.01 -49.98 15.46
N LEU D 96 -35.89 -50.68 15.53
CA LEU D 96 -35.29 -51.32 14.33
C LEU D 96 -36.15 -52.51 13.87
N ILE D 97 -36.76 -53.23 14.81
CA ILE D 97 -37.71 -54.32 14.46
C ILE D 97 -38.93 -53.73 13.75
N TRP D 98 -39.48 -52.65 14.29
CA TRP D 98 -40.64 -51.96 13.70
C TRP D 98 -40.27 -51.51 12.28
N GLU D 99 -39.08 -50.92 12.11
CA GLU D 99 -38.67 -50.40 10.78
C GLU D 99 -38.60 -51.57 9.78
N LYS D 100 -37.97 -52.65 10.18
CA LYS D 100 -37.81 -53.84 9.31
C LYS D 100 -39.18 -54.37 8.89
N HIS D 101 -40.12 -54.46 9.83
CA HIS D 101 -41.46 -55.04 9.57
C HIS D 101 -42.32 -54.11 8.70
N TYR D 102 -42.34 -52.80 9.00
CA TYR D 102 -43.37 -51.89 8.43
C TYR D 102 -42.79 -50.98 7.35
N VAL D 103 -41.49 -50.77 7.28
CA VAL D 103 -40.93 -49.75 6.34
C VAL D 103 -40.16 -50.43 5.21
N TYR D 104 -39.31 -51.38 5.57
CA TYR D 104 -38.35 -52.04 4.66
C TYR D 104 -39.08 -53.11 3.85
N GLY D 105 -39.18 -52.93 2.53
CA GLY D 105 -39.75 -54.00 1.70
C GLY D 105 -38.69 -55.05 1.41
N PRO D 106 -38.97 -55.99 0.50
CA PRO D 106 -38.01 -57.05 0.18
C PRO D 106 -36.65 -56.50 -0.30
N ILE D 107 -35.58 -57.17 0.06
CA ILE D 107 -34.28 -56.70 -0.42
C ILE D 107 -34.11 -57.14 -1.87
N PRO D 108 -33.18 -56.52 -2.59
CA PRO D 108 -32.94 -56.92 -3.97
C PRO D 108 -32.65 -58.43 -4.17
N HIS D 109 -33.00 -58.92 -5.35
CA HIS D 109 -32.90 -60.36 -5.69
C HIS D 109 -31.44 -60.83 -5.73
N THR D 110 -30.48 -59.91 -5.79
CA THR D 110 -29.03 -60.23 -5.85
C THR D 110 -28.52 -60.76 -4.51
N PHE D 111 -29.34 -60.73 -3.46
CA PHE D 111 -28.97 -61.30 -2.15
C PHE D 111 -29.51 -62.72 -2.02
N GLU D 112 -30.28 -63.22 -2.99
CA GLU D 112 -30.80 -64.63 -2.93
C GLU D 112 -29.60 -65.59 -2.89
N GLU D 113 -29.69 -66.70 -2.17
CA GLU D 113 -28.60 -67.67 -1.97
C GLU D 113 -28.00 -68.08 -3.33
N GLU D 114 -28.84 -68.43 -4.30
CA GLU D 114 -28.32 -68.92 -5.59
C GLU D 114 -27.56 -67.79 -6.32
N TRP D 115 -28.09 -66.57 -6.30
CA TRP D 115 -27.40 -65.42 -6.94
C TRP D 115 -26.04 -65.26 -6.28
N VAL D 116 -25.98 -65.30 -4.95
CA VAL D 116 -24.72 -65.07 -4.20
C VAL D 116 -23.72 -66.17 -4.57
N ALA D 117 -24.16 -67.41 -4.70
CA ALA D 117 -23.25 -68.53 -5.07
C ALA D 117 -22.65 -68.30 -6.46
N LYS D 118 -23.47 -67.85 -7.40
CA LYS D 118 -23.01 -67.59 -8.80
C LYS D 118 -22.11 -66.36 -8.82
N GLN D 119 -22.48 -65.31 -8.09
CA GLN D 119 -21.68 -64.07 -8.05
C GLN D 119 -20.30 -64.38 -7.44
N THR D 120 -20.30 -65.22 -6.40
CA THR D 120 -19.05 -65.62 -5.72
C THR D 120 -18.14 -66.32 -6.75
N LYS D 121 -18.68 -67.29 -7.48
CA LYS D 121 -17.85 -67.95 -8.51
C LYS D 121 -17.36 -66.91 -9.53
N ARG D 122 -18.23 -66.02 -10.00
CA ARG D 122 -17.77 -65.04 -11.00
C ARG D 122 -16.69 -64.12 -10.42
N MET D 123 -16.83 -63.69 -9.16
CA MET D 123 -15.71 -62.92 -8.51
C MET D 123 -14.41 -63.74 -8.48
N LEU D 124 -14.47 -65.04 -8.18
CA LEU D 124 -13.26 -65.90 -8.16
C LEU D 124 -12.72 -66.10 -9.60
N ASP D 125 -13.60 -66.16 -10.60
CA ASP D 125 -13.20 -66.27 -12.03
C ASP D 125 -12.51 -64.99 -12.49
N MET D 126 -12.94 -63.80 -12.02
CA MET D 126 -12.23 -62.55 -12.40
C MET D 126 -11.10 -62.25 -11.40
N LYS D 127 -10.87 -63.14 -10.42
CA LYS D 127 -9.76 -63.02 -9.44
C LYS D 127 -9.89 -61.66 -8.72
N VAL D 128 -11.08 -61.38 -8.23
CA VAL D 128 -11.27 -60.19 -7.33
C VAL D 128 -10.30 -60.32 -6.16
N ALA D 129 -9.51 -59.27 -5.89
CA ALA D 129 -8.57 -59.17 -4.75
C ALA D 129 -7.78 -60.47 -4.57
N PRO D 130 -6.90 -60.77 -5.54
CA PRO D 130 -6.18 -62.06 -5.58
C PRO D 130 -4.89 -62.07 -4.73
N ILE D 131 -4.50 -60.87 -4.24
CA ILE D 131 -3.24 -60.75 -3.46
C ILE D 131 -3.54 -61.01 -1.98
N GLN D 132 -4.60 -60.39 -1.44
CA GLN D 132 -4.97 -60.56 -0.01
C GLN D 132 -6.49 -60.72 0.23
N GLY D 133 -7.32 -59.93 -0.43
CA GLY D 133 -8.69 -59.60 0.02
C GLY D 133 -9.72 -60.70 -0.13
N PHE D 134 -9.72 -61.44 -1.23
CA PHE D 134 -10.90 -62.28 -1.59
C PHE D 134 -10.45 -63.55 -2.30
N SER D 135 -10.08 -63.45 -3.58
CA SER D 135 -9.58 -64.62 -4.34
C SER D 135 -8.33 -65.22 -3.68
N ALA D 136 -7.53 -64.44 -2.97
CA ALA D 136 -6.34 -64.95 -2.23
C ALA D 136 -6.77 -66.02 -1.23
N LYS D 137 -8.03 -66.01 -0.81
CA LYS D 137 -8.56 -66.94 0.23
C LYS D 137 -9.13 -68.21 -0.39
N TRP D 138 -9.11 -68.29 -1.71
CA TRP D 138 -9.61 -69.47 -2.47
C TRP D 138 -8.41 -70.30 -2.94
N ASP D 139 -8.51 -71.61 -2.77
CA ASP D 139 -7.48 -72.57 -3.26
C ASP D 139 -7.90 -73.04 -4.65
N TYR D 140 -7.30 -72.46 -5.68
CA TYR D 140 -7.63 -72.76 -7.09
C TYR D 140 -7.15 -74.16 -7.46
N ASP D 141 -6.20 -74.72 -6.71
CA ASP D 141 -5.72 -76.10 -6.94
C ASP D 141 -6.75 -77.10 -6.43
N LYS D 142 -7.30 -76.90 -5.23
CA LYS D 142 -8.18 -77.91 -4.56
C LYS D 142 -9.64 -77.53 -4.74
N ASN D 143 -9.94 -76.34 -5.28
CA ASN D 143 -11.33 -75.94 -5.60
C ASN D 143 -12.14 -75.84 -4.28
N GLU D 144 -11.58 -75.17 -3.30
CA GLU D 144 -12.22 -74.99 -1.98
C GLU D 144 -11.61 -73.73 -1.32
N TRP D 145 -12.29 -73.16 -0.33
CA TRP D 145 -11.70 -72.09 0.52
C TRP D 145 -10.48 -72.64 1.27
N LYS D 146 -9.40 -71.87 1.35
CA LYS D 146 -8.17 -72.25 2.09
C LYS D 146 -8.50 -72.52 3.56
N THR E 7 14.91 -26.43 48.26
CA THR E 7 15.19 -27.80 48.84
C THR E 7 14.09 -28.22 49.83
N ASP E 8 13.98 -29.53 50.07
CA ASP E 8 12.98 -30.13 50.97
C ASP E 8 13.02 -29.49 52.37
N GLU E 9 14.20 -29.41 52.97
CA GLU E 9 14.40 -28.88 54.36
C GLU E 9 13.91 -27.43 54.44
N GLU E 10 14.21 -26.61 53.43
CA GLU E 10 13.82 -25.17 53.37
C GLU E 10 12.31 -25.06 53.24
N PHE E 11 11.70 -25.91 52.42
CA PHE E 11 10.23 -25.94 52.24
C PHE E 11 9.58 -26.26 53.59
N ASP E 12 10.05 -27.33 54.23
CA ASP E 12 9.47 -27.80 55.51
C ASP E 12 9.65 -26.71 56.56
N ALA E 13 10.82 -26.08 56.63
CA ALA E 13 11.12 -25.06 57.68
C ALA E 13 10.17 -23.86 57.48
N ARG E 14 9.89 -23.46 56.24
CA ARG E 14 8.99 -22.33 55.91
C ARG E 14 7.57 -22.61 56.45
N TRP E 15 7.11 -23.84 56.26
CA TRP E 15 5.77 -24.28 56.68
C TRP E 15 5.68 -24.43 58.20
N VAL E 16 6.72 -24.97 58.84
CA VAL E 16 6.79 -25.03 60.34
C VAL E 16 6.70 -23.61 60.89
N THR E 17 7.47 -22.68 60.34
CA THR E 17 7.47 -21.25 60.76
C THR E 17 6.07 -20.65 60.59
N TYR E 18 5.43 -20.95 59.48
CA TYR E 18 4.09 -20.42 59.13
C TYR E 18 3.12 -20.78 60.27
N PHE E 19 3.04 -22.06 60.61
CA PHE E 19 2.04 -22.55 61.60
C PHE E 19 2.47 -22.19 63.03
N ASN E 20 3.77 -22.00 63.29
CA ASN E 20 4.30 -21.71 64.65
C ASN E 20 4.07 -20.25 65.05
N LYS E 21 3.64 -19.38 64.15
CA LYS E 21 3.41 -17.94 64.49
C LYS E 21 2.44 -17.87 65.68
N PRO E 22 2.87 -17.31 66.84
CA PRO E 22 2.03 -17.39 68.04
C PRO E 22 0.60 -16.89 67.81
N ASP E 23 0.45 -15.73 67.17
CA ASP E 23 -0.87 -15.07 66.96
C ASP E 23 -1.42 -15.41 65.57
N ILE E 24 -1.08 -16.55 65.00
CA ILE E 24 -1.74 -17.02 63.74
C ILE E 24 -3.26 -16.94 63.95
N ASP E 25 -3.99 -16.42 62.97
CA ASP E 25 -5.46 -16.33 63.08
C ASP E 25 -6.13 -17.48 62.27
N ALA E 26 -7.42 -17.64 62.47
CA ALA E 26 -8.23 -18.75 61.92
C ALA E 26 -8.07 -18.73 60.39
N TRP E 27 -8.15 -17.53 59.81
CA TRP E 27 -8.02 -17.36 58.33
C TRP E 27 -6.68 -17.92 57.88
N GLU E 28 -5.61 -17.57 58.59
CA GLU E 28 -4.26 -18.02 58.21
C GLU E 28 -4.13 -19.54 58.39
N LEU E 29 -4.71 -20.11 59.45
CA LEU E 29 -4.66 -21.57 59.63
C LEU E 29 -5.30 -22.24 58.40
N ARG E 30 -6.48 -21.77 58.01
CA ARG E 30 -7.21 -22.40 56.88
C ARG E 30 -6.43 -22.20 55.59
N LYS E 31 -5.97 -20.97 55.33
CA LYS E 31 -5.21 -20.63 54.11
C LYS E 31 -4.00 -21.56 54.03
N GLY E 32 -3.32 -21.77 55.14
CA GLY E 32 -2.12 -22.61 55.13
C GLY E 32 -2.46 -24.04 54.78
N MET E 33 -3.43 -24.63 55.47
CA MET E 33 -3.76 -26.06 55.20
C MET E 33 -4.33 -26.20 53.78
N ASN E 34 -5.19 -25.28 53.34
CA ASN E 34 -5.86 -25.42 52.03
C ASN E 34 -4.81 -25.25 50.91
N THR E 35 -3.76 -24.47 51.15
CA THR E 35 -2.66 -24.26 50.19
C THR E 35 -1.76 -25.49 50.21
N LEU E 36 -1.39 -25.95 51.41
CA LEU E 36 -0.42 -27.07 51.55
C LEU E 36 -0.94 -28.32 50.82
N VAL E 37 -2.24 -28.59 50.89
CA VAL E 37 -2.76 -29.85 50.32
C VAL E 37 -2.78 -29.77 48.79
N GLY E 38 -2.42 -28.63 48.18
CA GLY E 38 -2.34 -28.56 46.71
C GLY E 38 -1.03 -29.12 46.18
N TYR E 39 -0.04 -29.31 47.05
CA TYR E 39 1.32 -29.75 46.64
C TYR E 39 1.36 -31.27 46.46
N ASP E 40 2.34 -31.71 45.68
CA ASP E 40 2.57 -33.16 45.44
C ASP E 40 3.40 -33.72 46.58
N LEU E 41 2.82 -33.80 47.77
CA LEU E 41 3.51 -34.37 48.96
C LEU E 41 2.47 -34.57 50.04
N VAL E 42 2.77 -35.51 50.93
CA VAL E 42 2.10 -35.59 52.24
C VAL E 42 2.97 -34.80 53.20
N PRO E 43 2.44 -33.80 53.92
CA PRO E 43 3.32 -33.00 54.77
C PRO E 43 4.04 -33.83 55.84
N GLU E 44 5.29 -33.43 56.09
CA GLU E 44 6.14 -34.04 57.14
C GLU E 44 5.43 -33.89 58.49
N PRO E 45 5.56 -34.89 59.39
CA PRO E 45 5.06 -34.76 60.77
C PRO E 45 5.39 -33.41 61.42
N LYS E 46 6.58 -32.86 61.20
CA LYS E 46 6.96 -31.59 61.91
C LYS E 46 6.01 -30.48 61.42
N ILE E 47 5.55 -30.52 60.17
CA ILE E 47 4.61 -29.47 59.69
C ILE E 47 3.26 -29.70 60.36
N ILE E 48 2.79 -30.96 60.33
CA ILE E 48 1.47 -31.29 60.92
C ILE E 48 1.52 -30.92 62.41
N ASP E 49 2.60 -31.22 63.11
CA ASP E 49 2.76 -30.90 64.55
C ASP E 49 2.51 -29.41 64.75
N ALA E 50 3.15 -28.56 63.97
CA ALA E 50 3.00 -27.10 64.07
C ALA E 50 1.55 -26.70 63.75
N ALA E 51 0.92 -27.29 62.74
CA ALA E 51 -0.49 -26.95 62.45
C ALA E 51 -1.42 -27.36 63.60
N LEU E 52 -1.20 -28.53 64.20
CA LEU E 52 -2.06 -29.01 65.31
C LEU E 52 -1.90 -28.07 66.52
N ARG E 53 -0.68 -27.56 66.78
CA ARG E 53 -0.45 -26.62 67.90
C ARG E 53 -1.09 -25.26 67.60
N ALA E 54 -1.10 -24.83 66.34
CA ALA E 54 -1.89 -23.65 65.93
C ALA E 54 -3.39 -23.88 66.25
N CYS E 55 -3.92 -25.07 65.93
CA CYS E 55 -5.34 -25.40 66.25
C CYS E 55 -5.55 -25.20 67.76
N ARG E 56 -4.59 -25.65 68.55
CA ARG E 56 -4.74 -25.53 70.03
C ARG E 56 -4.75 -24.05 70.44
N ARG E 57 -3.86 -23.23 69.88
CA ARG E 57 -3.84 -21.78 70.22
C ARG E 57 -5.16 -21.14 69.79
N LEU E 58 -5.79 -21.67 68.72
CA LEU E 58 -7.06 -21.14 68.18
C LEU E 58 -8.27 -21.86 68.80
N ASN E 59 -8.07 -22.67 69.83
CA ASN E 59 -9.16 -23.38 70.55
C ASN E 59 -10.05 -24.13 69.55
N ASP E 60 -9.45 -24.81 68.57
CA ASP E 60 -10.23 -25.43 67.47
C ASP E 60 -9.87 -26.92 67.41
N PHE E 61 -10.56 -27.73 68.19
CA PHE E 61 -10.32 -29.18 68.26
C PHE E 61 -10.68 -29.80 66.91
N ALA E 62 -11.81 -29.37 66.33
CA ALA E 62 -12.35 -30.04 65.13
C ALA E 62 -11.35 -29.93 63.98
N SER E 63 -10.74 -28.76 63.81
CA SER E 63 -9.79 -28.53 62.69
C SER E 63 -8.59 -29.45 62.88
N ALA E 64 -8.19 -29.73 64.13
CA ALA E 64 -7.05 -30.63 64.37
C ALA E 64 -7.39 -32.03 63.82
N VAL E 65 -8.60 -32.50 64.07
CA VAL E 65 -9.04 -33.83 63.56
C VAL E 65 -9.05 -33.82 62.03
N ARG E 66 -9.59 -32.75 61.43
CA ARG E 66 -9.70 -32.61 59.95
C ARG E 66 -8.31 -32.61 59.31
N ILE E 67 -7.32 -32.03 59.98
CA ILE E 67 -5.93 -32.03 59.48
C ILE E 67 -5.44 -33.49 59.41
N LEU E 68 -5.70 -34.27 60.44
CA LEU E 68 -5.29 -35.69 60.39
C LEU E 68 -5.99 -36.38 59.22
N GLU E 69 -7.27 -36.09 58.98
CA GLU E 69 -8.00 -36.75 57.87
C GLU E 69 -7.32 -36.39 56.53
N VAL E 70 -6.91 -35.14 56.37
CA VAL E 70 -6.42 -34.73 55.04
C VAL E 70 -5.02 -35.31 54.85
N VAL E 71 -4.25 -35.58 55.89
CA VAL E 71 -2.95 -36.30 55.76
C VAL E 71 -3.22 -37.69 55.15
N LYS E 72 -4.19 -38.40 55.71
CA LYS E 72 -4.56 -39.73 55.19
C LYS E 72 -4.97 -39.58 53.72
N ASP E 73 -5.76 -38.57 53.42
CA ASP E 73 -6.32 -38.42 52.06
C ASP E 73 -5.19 -38.16 51.05
N LYS E 74 -4.22 -37.33 51.41
CA LYS E 74 -3.14 -36.91 50.49
C LYS E 74 -2.24 -38.09 50.14
N ALA E 75 -2.18 -39.11 51.00
CA ALA E 75 -1.37 -40.33 50.74
C ALA E 75 -1.99 -41.20 49.66
N GLY E 76 -3.27 -41.01 49.32
CA GLY E 76 -3.89 -41.79 48.23
C GLY E 76 -3.79 -43.28 48.56
N PRO E 77 -3.27 -44.10 47.63
CA PRO E 77 -3.21 -45.56 47.83
C PRO E 77 -2.00 -46.02 48.66
N HIS E 78 -1.13 -45.08 49.05
CA HIS E 78 0.09 -45.39 49.84
C HIS E 78 -0.34 -45.54 51.31
N LYS E 79 -0.89 -46.71 51.66
CA LYS E 79 -1.54 -46.98 52.98
C LYS E 79 -0.53 -46.92 54.13
N GLU E 80 0.77 -46.93 53.88
CA GLU E 80 1.81 -46.99 54.93
C GLU E 80 2.04 -45.57 55.47
N ILE E 81 1.64 -44.51 54.76
CA ILE E 81 2.09 -43.15 55.13
C ILE E 81 1.32 -42.67 56.38
N TYR E 82 0.02 -42.78 56.38
CA TYR E 82 -0.80 -42.22 57.50
C TYR E 82 -0.42 -42.89 58.82
N PRO E 83 -0.38 -44.23 58.94
CA PRO E 83 0.03 -44.84 60.21
C PRO E 83 1.40 -44.35 60.69
N TYR E 84 2.36 -44.17 59.78
CA TYR E 84 3.69 -43.63 60.10
C TYR E 84 3.52 -42.22 60.70
N VAL E 85 2.73 -41.38 60.06
CA VAL E 85 2.59 -39.98 60.49
C VAL E 85 1.95 -39.97 61.91
N ILE E 86 0.91 -40.77 62.12
CA ILE E 86 0.24 -40.86 63.43
C ILE E 86 1.27 -41.31 64.48
N GLN E 87 2.06 -42.33 64.15
CA GLN E 87 3.11 -42.82 65.06
C GLN E 87 3.98 -41.62 65.49
N GLU E 88 4.45 -40.83 64.52
CA GLU E 88 5.39 -39.73 64.79
C GLU E 88 4.69 -38.64 65.60
N LEU E 89 3.38 -38.51 65.47
CA LEU E 89 2.60 -37.44 66.16
C LEU E 89 2.13 -37.88 67.55
N ARG E 90 2.22 -39.16 67.89
CA ARG E 90 1.60 -39.69 69.14
C ARG E 90 1.97 -38.80 70.34
N PRO E 91 3.24 -38.38 70.55
CA PRO E 91 3.55 -37.53 71.72
C PRO E 91 2.76 -36.21 71.72
N THR E 92 2.62 -35.59 70.55
CA THR E 92 1.84 -34.34 70.41
C THR E 92 0.35 -34.65 70.62
N LEU E 93 -0.16 -35.73 70.06
CA LEU E 93 -1.59 -36.07 70.21
C LEU E 93 -1.88 -36.28 71.71
N ASN E 94 -0.98 -36.97 72.40
CA ASN E 94 -1.15 -37.27 73.83
C ASN E 94 -1.10 -35.96 74.64
N GLU E 95 -0.12 -35.11 74.36
CA GLU E 95 0.10 -33.83 75.08
C GLU E 95 -1.12 -32.92 74.89
N LEU E 96 -1.69 -32.84 73.68
CA LEU E 96 -2.80 -31.90 73.39
C LEU E 96 -4.18 -32.57 73.55
N GLY E 97 -4.24 -33.87 73.82
CA GLY E 97 -5.53 -34.58 73.91
C GLY E 97 -6.25 -34.60 72.56
N ILE E 98 -5.51 -34.71 71.46
CA ILE E 98 -6.15 -34.84 70.12
C ILE E 98 -6.45 -36.32 69.88
N SER E 99 -7.71 -36.65 69.69
CA SER E 99 -8.18 -37.99 69.28
C SER E 99 -8.08 -38.10 67.75
N THR E 100 -7.60 -39.23 67.27
CA THR E 100 -7.52 -39.49 65.81
C THR E 100 -8.94 -39.64 65.26
N PRO E 101 -9.12 -39.47 63.94
CA PRO E 101 -10.41 -39.76 63.34
C PRO E 101 -10.89 -41.19 63.65
N GLU E 102 -9.94 -42.13 63.66
CA GLU E 102 -10.23 -43.56 63.94
C GLU E 102 -10.78 -43.69 65.37
N GLU E 103 -10.14 -43.03 66.34
CA GLU E 103 -10.56 -43.08 67.75
C GLU E 103 -11.95 -42.45 67.90
N LEU E 104 -12.31 -41.51 67.03
CA LEU E 104 -13.64 -40.87 67.04
C LEU E 104 -14.68 -41.59 66.16
N GLY E 105 -14.32 -42.66 65.47
CA GLY E 105 -15.27 -43.36 64.59
C GLY E 105 -15.52 -42.62 63.28
N LEU E 106 -14.73 -41.58 62.96
CA LEU E 106 -15.00 -40.70 61.81
C LEU E 106 -14.36 -41.29 60.53
N ASP E 107 -13.74 -42.46 60.64
CA ASP E 107 -13.26 -43.24 59.48
C ASP E 107 -14.39 -44.15 58.91
N LYS E 108 -15.61 -44.17 59.44
CA LYS E 108 -16.67 -45.14 59.01
C LYS E 108 -17.42 -44.52 57.81
N GLY F 3 -14.47 32.62 12.26
CA GLY F 3 -15.26 31.61 11.52
C GLY F 3 -15.60 30.48 12.47
N GLY F 4 -16.79 30.59 13.11
CA GLY F 4 -17.34 29.82 14.27
C GLY F 4 -18.68 29.08 13.98
N GLY F 5 -19.55 28.86 14.98
CA GLY F 5 -20.91 28.30 14.78
C GLY F 5 -21.02 26.80 15.12
N VAL F 6 -19.92 26.15 15.54
CA VAL F 6 -19.92 24.73 15.97
C VAL F 6 -19.96 24.70 17.48
N PRO F 7 -20.97 24.04 18.09
CA PRO F 7 -21.00 23.92 19.54
C PRO F 7 -19.79 23.12 20.06
N THR F 8 -19.42 23.40 21.30
CA THR F 8 -18.42 22.64 22.05
C THR F 8 -19.11 21.60 22.95
N ASP F 9 -18.37 20.58 23.36
CA ASP F 9 -18.82 19.64 24.40
C ASP F 9 -19.24 20.45 25.64
N GLU F 10 -18.45 21.44 26.05
CA GLU F 10 -18.78 22.27 27.25
C GLU F 10 -20.20 22.83 27.09
N GLU F 11 -20.54 23.32 25.90
CA GLU F 11 -21.87 23.93 25.64
C GLU F 11 -22.97 22.86 25.55
N GLN F 12 -22.70 21.71 24.95
CA GLN F 12 -23.81 20.87 24.40
C GLN F 12 -23.80 19.43 24.90
N ALA F 13 -22.69 18.91 25.45
CA ALA F 13 -22.68 17.53 26.00
C ALA F 13 -23.76 17.47 27.08
N THR F 14 -24.40 16.32 27.20
CA THR F 14 -25.55 16.13 28.12
C THR F 14 -25.48 14.75 28.76
N GLY F 15 -26.41 14.45 29.66
CA GLY F 15 -26.58 13.10 30.21
C GLY F 15 -25.27 12.54 30.77
N LEU F 16 -25.04 11.25 30.56
CA LEU F 16 -23.87 10.57 31.17
C LEU F 16 -22.57 11.10 30.55
N GLU F 17 -22.58 11.40 29.25
CA GLU F 17 -21.38 11.96 28.59
C GLU F 17 -20.92 13.21 29.37
N ARG F 18 -21.87 14.07 29.71
CA ARG F 18 -21.53 15.33 30.42
C ARG F 18 -21.03 14.98 31.84
N GLU F 19 -21.67 14.04 32.52
CA GLU F 19 -21.27 13.67 33.90
C GLU F 19 -19.82 13.19 33.88
N VAL F 20 -19.47 12.36 32.89
CA VAL F 20 -18.10 11.81 32.80
C VAL F 20 -17.10 12.95 32.56
N MET F 21 -17.45 13.87 31.67
N MET F 21 -17.42 13.88 31.67
CA MET F 21 -16.62 15.03 31.25
CA MET F 21 -16.49 14.98 31.32
C MET F 21 -16.34 15.91 32.48
C MET F 21 -16.30 15.88 32.55
N LEU F 22 -17.39 16.23 33.22
CA LEU F 22 -17.27 17.14 34.40
C LEU F 22 -16.50 16.44 35.54
N ALA F 23 -16.76 15.16 35.79
CA ALA F 23 -16.02 14.42 36.83
C ALA F 23 -14.52 14.36 36.46
N ALA F 24 -14.17 14.13 35.21
CA ALA F 24 -12.75 14.01 34.79
C ALA F 24 -12.02 15.34 35.00
N ARG F 25 -12.66 16.48 34.76
CA ARG F 25 -12.06 17.82 35.03
C ARG F 25 -11.66 17.89 36.50
N LYS F 26 -12.45 17.26 37.37
CA LYS F 26 -12.24 17.29 38.83
C LYS F 26 -11.29 16.17 39.29
N GLY F 27 -10.73 15.38 38.38
CA GLY F 27 -9.87 14.22 38.74
C GLY F 27 -10.67 13.09 39.39
N GLN F 28 -11.98 12.99 39.14
CA GLN F 28 -12.84 11.97 39.81
C GLN F 28 -13.31 10.96 38.77
N ASP F 29 -13.61 9.74 39.22
CA ASP F 29 -13.92 8.57 38.34
C ASP F 29 -15.16 7.84 38.85
N PRO F 30 -16.35 8.49 38.93
CA PRO F 30 -17.56 7.84 39.42
C PRO F 30 -18.05 6.69 38.51
N TYR F 31 -17.61 6.66 37.25
CA TYR F 31 -18.10 5.64 36.28
C TYR F 31 -17.00 4.65 35.92
N ASN F 32 -15.96 4.56 36.75
CA ASN F 32 -15.07 3.38 36.73
C ASN F 32 -14.36 3.23 35.39
N ILE F 33 -13.87 4.35 34.87
CA ILE F 33 -13.16 4.33 33.57
C ILE F 33 -11.70 3.91 33.78
N LEU F 34 -11.14 4.22 34.93
CA LEU F 34 -9.71 4.01 35.23
C LEU F 34 -9.55 2.79 36.12
N ALA F 35 -8.41 2.14 35.95
CA ALA F 35 -7.98 1.06 36.85
C ALA F 35 -7.48 1.70 38.13
N PRO F 36 -7.98 1.28 39.31
CA PRO F 36 -7.40 1.75 40.56
C PRO F 36 -5.98 1.23 40.76
N LYS F 37 -5.19 2.03 41.47
CA LYS F 37 -3.79 1.70 41.85
C LYS F 37 -3.82 1.01 43.20
N ALA F 38 -3.14 -0.11 43.35
CA ALA F 38 -3.10 -0.91 44.61
C ALA F 38 -2.33 -0.12 45.67
N THR F 39 -2.71 -0.32 46.92
CA THR F 39 -1.91 0.01 48.12
C THR F 39 -0.98 -1.17 48.41
N SER F 40 -0.31 -1.17 49.56
CA SER F 40 0.53 -2.33 49.98
C SER F 40 -0.37 -3.52 50.34
N GLY F 41 -1.66 -3.28 50.58
CA GLY F 41 -2.61 -4.36 50.82
C GLY F 41 -2.46 -5.05 52.17
N THR F 42 -1.86 -4.41 53.18
CA THR F 42 -1.75 -4.98 54.54
C THR F 42 -3.07 -4.72 55.30
N LYS F 43 -3.26 -5.31 56.48
CA LYS F 43 -4.51 -5.02 57.27
C LYS F 43 -4.47 -3.53 57.64
N GLU F 44 -3.30 -2.91 57.77
CA GLU F 44 -3.19 -1.50 58.22
C GLU F 44 -3.42 -0.59 57.00
N ASP F 45 -3.17 -1.13 55.81
CA ASP F 45 -3.19 -0.32 54.56
C ASP F 45 -3.96 -1.07 53.49
N PRO F 46 -5.25 -1.40 53.76
CA PRO F 46 -6.01 -2.20 52.83
C PRO F 46 -6.33 -1.46 51.52
N ASN F 47 -6.52 -2.22 50.44
CA ASN F 47 -7.05 -1.63 49.18
C ASN F 47 -8.47 -1.13 49.48
N LEU F 48 -8.73 0.15 49.19
CA LEU F 48 -10.04 0.77 49.48
C LEU F 48 -10.92 0.65 48.22
N VAL F 49 -12.03 -0.07 48.36
CA VAL F 49 -12.92 -0.41 47.23
C VAL F 49 -14.23 0.38 47.39
N PRO F 50 -14.44 1.43 46.55
CA PRO F 50 -15.68 2.19 46.57
C PRO F 50 -16.86 1.33 46.10
N SER F 51 -18.02 1.59 46.64
CA SER F 51 -19.25 0.93 46.18
C SER F 51 -20.44 1.85 46.46
N ILE F 52 -21.47 1.74 45.63
CA ILE F 52 -22.78 2.42 45.88
C ILE F 52 -23.71 1.50 46.65
N THR F 53 -23.25 0.31 47.01
CA THR F 53 -24.08 -0.64 47.79
C THR F 53 -23.17 -1.23 48.86
N ASN F 54 -23.59 -2.34 49.48
CA ASN F 54 -22.86 -2.93 50.63
C ASN F 54 -22.04 -4.16 50.23
N LYS F 55 -21.88 -4.39 48.92
CA LYS F 55 -20.96 -5.45 48.48
C LYS F 55 -20.59 -5.16 47.03
N ARG F 56 -19.39 -5.57 46.67
CA ARG F 56 -18.88 -5.38 45.29
C ARG F 56 -17.96 -6.56 44.97
N ILE F 57 -17.99 -7.00 43.71
CA ILE F 57 -17.03 -8.03 43.28
C ILE F 57 -15.64 -7.40 43.08
N VAL F 58 -14.67 -8.06 43.66
CA VAL F 58 -13.25 -7.78 43.48
C VAL F 58 -12.68 -8.88 42.61
N GLY F 59 -11.83 -8.49 41.66
CA GLY F 59 -10.91 -9.44 41.03
C GLY F 59 -9.50 -9.09 41.41
N CYS F 60 -8.77 -10.08 41.91
CA CYS F 60 -7.38 -9.90 42.35
C CYS F 60 -6.45 -10.59 41.35
N ILE F 61 -5.62 -9.78 40.71
CA ILE F 61 -4.46 -10.23 39.90
C ILE F 61 -3.28 -10.27 40.86
N CYS F 62 -3.02 -11.43 41.43
CA CYS F 62 -2.26 -11.53 42.71
C CYS F 62 -0.80 -11.12 42.45
N GLU F 63 -0.30 -11.52 41.29
CA GLU F 63 1.06 -11.17 40.84
C GLU F 63 0.96 -10.68 39.41
N GLU F 64 1.92 -9.82 39.08
CA GLU F 64 1.91 -9.13 37.80
C GLU F 64 1.93 -10.19 36.69
N ASP F 65 1.13 -10.02 35.67
CA ASP F 65 1.18 -11.02 34.57
C ASP F 65 0.56 -12.38 34.90
N ASN F 66 0.04 -12.64 36.10
CA ASN F 66 -0.85 -13.80 36.27
C ASN F 66 -1.96 -13.72 35.21
N SER F 67 -2.30 -14.85 34.59
CA SER F 67 -3.45 -14.90 33.67
C SER F 67 -4.76 -15.17 34.44
N THR F 68 -4.64 -15.81 35.58
CA THR F 68 -5.77 -16.19 36.46
C THR F 68 -6.16 -15.00 37.35
N VAL F 69 -7.39 -14.55 37.23
CA VAL F 69 -7.94 -13.52 38.15
C VAL F 69 -8.77 -14.25 39.22
N ILE F 70 -8.61 -13.83 40.46
CA ILE F 70 -9.35 -14.43 41.59
C ILE F 70 -10.50 -13.50 41.98
N TRP F 71 -11.71 -14.01 41.89
CA TRP F 71 -12.95 -13.19 42.05
C TRP F 71 -13.67 -13.51 43.35
N PHE F 72 -14.17 -12.47 44.03
CA PHE F 72 -14.95 -12.71 45.26
C PHE F 72 -15.73 -11.46 45.61
N TRP F 73 -16.84 -11.67 46.29
CA TRP F 73 -17.64 -10.57 46.86
C TRP F 73 -16.90 -9.99 48.05
N LEU F 74 -16.71 -8.66 48.03
CA LEU F 74 -16.23 -7.93 49.20
C LEU F 74 -17.46 -7.28 49.86
N HIS F 75 -17.66 -7.54 51.15
CA HIS F 75 -18.84 -7.09 51.92
C HIS F 75 -18.43 -5.90 52.79
N LYS F 76 -19.36 -4.96 53.01
CA LYS F 76 -19.18 -3.91 54.05
C LYS F 76 -18.79 -4.55 55.38
N GLY F 77 -17.79 -3.99 56.07
CA GLY F 77 -17.36 -4.44 57.39
C GLY F 77 -15.86 -4.59 57.45
N GLU F 78 -15.39 -5.54 58.25
CA GLU F 78 -13.94 -5.77 58.41
C GLU F 78 -13.32 -6.12 57.05
N ALA F 79 -12.08 -5.71 56.82
CA ALA F 79 -11.32 -6.03 55.60
C ALA F 79 -11.34 -7.54 55.37
N GLN F 80 -11.44 -7.92 54.11
CA GLN F 80 -11.34 -9.34 53.70
C GLN F 80 -10.06 -9.52 52.90
N ARG F 81 -9.62 -10.77 52.76
CA ARG F 81 -8.35 -11.12 52.13
C ARG F 81 -8.63 -11.91 50.87
N CYS F 82 -7.85 -11.65 49.84
CA CYS F 82 -7.84 -12.50 48.62
C CYS F 82 -7.57 -13.94 49.04
N PRO F 83 -8.43 -14.91 48.64
CA PRO F 83 -8.23 -16.29 49.07
C PRO F 83 -7.01 -16.97 48.44
N SER F 84 -6.38 -16.34 47.45
CA SER F 84 -5.15 -16.84 46.81
C SER F 84 -3.90 -16.18 47.44
N CYS F 85 -3.81 -14.84 47.52
CA CYS F 85 -2.55 -14.17 47.95
C CYS F 85 -2.65 -13.49 49.33
N GLY F 86 -3.86 -13.38 49.89
CA GLY F 86 -4.08 -12.78 51.24
C GLY F 86 -4.12 -11.26 51.26
N THR F 87 -3.98 -10.59 50.11
N THR F 87 -3.95 -10.59 50.13
CA THR F 87 -4.07 -9.12 49.94
CA THR F 87 -3.96 -9.11 50.14
C THR F 87 -5.37 -8.61 50.58
C THR F 87 -5.33 -8.62 50.63
N HIS F 88 -5.31 -7.52 51.36
CA HIS F 88 -6.48 -7.00 52.08
C HIS F 88 -7.22 -5.99 51.21
N TYR F 89 -8.53 -6.09 51.23
CA TYR F 89 -9.51 -5.19 50.60
C TYR F 89 -10.55 -4.76 51.63
N LYS F 90 -10.93 -3.50 51.58
CA LYS F 90 -11.96 -2.94 52.51
C LYS F 90 -12.95 -2.12 51.70
N LEU F 91 -14.25 -2.42 51.85
CA LEU F 91 -15.32 -1.70 51.15
C LEU F 91 -15.48 -0.32 51.79
N VAL F 92 -15.59 0.67 50.92
CA VAL F 92 -15.88 2.07 51.29
C VAL F 92 -17.19 2.41 50.57
N PRO F 93 -18.38 2.05 51.12
CA PRO F 93 -19.65 2.39 50.46
C PRO F 93 -19.89 3.92 50.35
N GLY G 12 -4.26 21.75 8.97
CA GLY G 12 -5.24 22.69 9.18
C GLY G 12 -6.33 22.59 8.08
N ALA G 13 -7.49 23.09 8.42
CA ALA G 13 -8.58 23.34 7.45
C ALA G 13 -8.10 24.21 6.27
N ARG G 14 -7.28 25.22 6.56
CA ARG G 14 -6.83 26.16 5.53
C ARG G 14 -6.04 25.41 4.45
N THR G 15 -5.18 24.51 4.88
CA THR G 15 -4.33 23.72 3.97
C THR G 15 -5.20 22.76 3.14
N TRP G 16 -6.16 22.11 3.74
CA TRP G 16 -7.00 21.15 2.99
C TRP G 16 -7.95 21.91 2.05
N ARG G 17 -8.38 23.11 2.40
CA ARG G 17 -9.19 23.91 1.45
C ARG G 17 -8.27 24.32 0.29
N PHE G 18 -7.05 24.76 0.59
CA PHE G 18 -6.05 25.12 -0.45
C PHE G 18 -5.89 23.92 -1.42
N LEU G 19 -5.74 22.70 -0.88
CA LEU G 19 -5.62 21.50 -1.76
C LEU G 19 -6.92 21.24 -2.53
N THR G 20 -8.08 21.44 -1.91
CA THR G 20 -9.36 21.20 -2.60
C THR G 20 -9.47 22.12 -3.83
N PHE G 21 -9.24 23.43 -3.66
CA PHE G 21 -9.45 24.39 -4.75
C PHE G 21 -8.20 24.53 -5.62
N GLY G 22 -7.01 24.24 -5.11
CA GLY G 22 -5.76 24.51 -5.85
C GLY G 22 -5.27 23.31 -6.63
N LEU G 23 -5.65 22.09 -6.22
CA LEU G 23 -5.18 20.85 -6.88
C LEU G 23 -6.35 19.97 -7.27
N ALA G 24 -7.22 19.62 -6.33
CA ALA G 24 -8.26 18.59 -6.55
C ALA G 24 -9.28 19.07 -7.59
N LEU G 25 -9.89 20.24 -7.38
CA LEU G 25 -10.93 20.66 -8.34
C LEU G 25 -10.31 21.04 -9.69
N PRO G 26 -9.13 21.69 -9.77
CA PRO G 26 -8.49 21.88 -11.06
C PRO G 26 -8.24 20.56 -11.83
N SER G 27 -7.89 19.48 -11.12
CA SER G 27 -7.69 18.14 -11.71
C SER G 27 -9.01 17.67 -12.31
N VAL G 28 -10.11 17.84 -11.58
CA VAL G 28 -11.43 17.42 -12.07
C VAL G 28 -11.79 18.23 -13.32
N ALA G 29 -11.53 19.52 -13.32
CA ALA G 29 -11.84 20.40 -14.46
C ALA G 29 -11.03 19.94 -15.69
N LEU G 30 -9.74 19.66 -15.51
CA LEU G 30 -8.88 19.21 -16.62
C LEU G 30 -9.41 17.87 -17.16
N CYS G 31 -9.75 16.92 -16.29
CA CYS G 31 -10.24 15.60 -16.76
C CYS G 31 -11.63 15.73 -17.39
N THR G 32 -12.43 16.70 -16.95
CA THR G 32 -13.77 16.99 -17.54
C THR G 32 -13.57 17.51 -18.97
N LEU G 33 -12.62 18.44 -19.15
CA LEU G 33 -12.19 18.94 -20.48
C LEU G 33 -11.79 17.76 -21.38
N ASN G 34 -10.85 16.94 -20.88
CA ASN G 34 -10.31 15.74 -21.60
C ASN G 34 -11.46 14.82 -22.05
N SER G 35 -12.40 14.46 -21.16
CA SER G 35 -13.53 13.57 -21.51
C SER G 35 -14.43 14.26 -22.54
N TRP G 36 -14.65 15.56 -22.33
CA TRP G 36 -15.49 16.44 -23.19
C TRP G 36 -14.98 16.32 -24.62
N LEU G 37 -13.65 16.41 -24.76
CA LEU G 37 -13.00 16.52 -26.08
C LEU G 37 -13.04 15.18 -26.79
N HIS G 38 -13.03 14.07 -26.07
CA HIS G 38 -12.94 12.70 -26.65
C HIS G 38 -14.33 12.05 -26.64
N SER G 39 -15.39 12.84 -26.44
CA SER G 39 -16.78 12.35 -26.43
C SER G 39 -17.26 12.27 -27.89
N GLY G 40 -18.56 12.12 -28.10
CA GLY G 40 -19.11 11.88 -29.45
C GLY G 40 -19.03 10.41 -29.81
N HIS G 41 -20.08 9.92 -30.47
CA HIS G 41 -20.29 8.47 -30.74
C HIS G 41 -19.19 7.97 -31.69
N ARG G 42 -18.46 6.91 -31.31
CA ARG G 42 -17.59 6.10 -32.20
C ARG G 42 -18.46 5.04 -32.90
N GLU G 43 -18.16 4.68 -34.15
CA GLU G 43 -18.98 3.74 -34.98
C GLU G 43 -19.13 2.40 -34.25
N ARG G 44 -20.29 1.76 -34.32
CA ARG G 44 -20.47 0.41 -33.75
C ARG G 44 -19.82 -0.64 -34.66
N PRO G 45 -19.25 -1.68 -34.02
CA PRO G 45 -18.60 -2.79 -34.73
C PRO G 45 -19.64 -3.68 -35.42
N ALA G 46 -19.27 -4.23 -36.59
CA ALA G 46 -20.00 -5.34 -37.22
C ALA G 46 -20.51 -6.29 -36.12
N PHE G 47 -21.75 -6.71 -36.23
CA PHE G 47 -22.31 -7.75 -35.34
C PHE G 47 -21.76 -9.11 -35.77
N ILE G 48 -21.28 -9.87 -34.81
CA ILE G 48 -20.87 -11.30 -35.00
C ILE G 48 -21.52 -12.05 -33.84
N PRO G 49 -22.34 -13.08 -34.13
CA PRO G 49 -23.04 -13.83 -33.07
C PRO G 49 -22.16 -14.82 -32.27
N TYR G 50 -21.07 -14.31 -31.68
CA TYR G 50 -20.18 -15.07 -30.79
C TYR G 50 -20.98 -15.70 -29.65
N HIS G 51 -20.67 -16.96 -29.34
CA HIS G 51 -21.45 -17.83 -28.42
C HIS G 51 -21.06 -17.49 -26.97
N HIS G 52 -19.97 -16.78 -26.76
CA HIS G 52 -19.51 -16.40 -25.40
C HIS G 52 -20.06 -15.03 -24.99
N LEU G 53 -20.84 -14.39 -25.86
CA LEU G 53 -21.45 -13.06 -25.65
C LEU G 53 -22.97 -13.17 -25.80
N ARG G 54 -23.69 -12.14 -25.39
CA ARG G 54 -25.16 -12.13 -25.46
C ARG G 54 -25.71 -13.43 -24.84
N ILE G 55 -25.19 -13.79 -23.67
CA ILE G 55 -25.58 -15.03 -22.98
C ILE G 55 -27.04 -14.96 -22.57
N ARG G 56 -27.76 -16.03 -22.84
CA ARG G 56 -29.16 -16.18 -22.38
C ARG G 56 -29.34 -17.60 -21.86
N THR G 57 -29.21 -17.81 -20.56
CA THR G 57 -29.52 -19.12 -19.92
C THR G 57 -30.88 -19.07 -19.24
N LYS G 58 -31.38 -17.87 -19.01
CA LYS G 58 -32.72 -17.66 -18.38
C LYS G 58 -33.19 -16.28 -18.84
N PRO G 59 -34.48 -16.10 -19.17
CA PRO G 59 -34.93 -14.78 -19.55
C PRO G 59 -34.70 -13.83 -18.36
N PHE G 60 -34.35 -12.59 -18.66
CA PHE G 60 -34.32 -11.48 -17.67
C PHE G 60 -35.74 -11.27 -17.12
N SER G 61 -35.83 -10.84 -15.87
CA SER G 61 -37.11 -10.71 -15.11
C SER G 61 -37.76 -9.36 -15.41
N TRP G 62 -37.48 -8.74 -16.53
CA TRP G 62 -38.14 -7.47 -16.94
C TRP G 62 -38.31 -7.48 -18.47
N GLY G 63 -39.09 -6.55 -18.99
CA GLY G 63 -39.26 -6.31 -20.44
C GLY G 63 -39.72 -7.60 -21.11
N ASP G 64 -39.13 -7.92 -22.25
CA ASP G 64 -39.50 -9.15 -23.02
C ASP G 64 -38.56 -10.30 -22.63
N GLY G 65 -37.75 -10.14 -21.57
CA GLY G 65 -36.81 -11.17 -21.13
C GLY G 65 -35.49 -11.21 -21.91
N ASN G 66 -35.35 -10.42 -22.96
CA ASN G 66 -34.20 -10.55 -23.90
C ASN G 66 -33.39 -9.26 -23.98
N HIS G 67 -33.73 -8.25 -23.17
CA HIS G 67 -33.04 -6.94 -23.18
C HIS G 67 -32.33 -6.77 -21.84
N THR G 68 -31.09 -6.37 -21.87
CA THR G 68 -30.35 -6.10 -20.62
C THR G 68 -30.94 -4.85 -19.97
N PHE G 69 -30.59 -4.67 -18.71
CA PHE G 69 -31.24 -3.65 -17.85
C PHE G 69 -30.99 -2.23 -18.35
N PHE G 70 -29.82 -1.93 -18.90
N PHE G 70 -29.76 -1.92 -18.82
CA PHE G 70 -29.50 -0.58 -19.42
CA PHE G 70 -29.34 -0.61 -19.41
C PHE G 70 -29.16 -0.76 -20.90
C PHE G 70 -29.12 -0.77 -20.91
N HIS G 71 -29.96 -1.58 -21.58
CA HIS G 71 -29.90 -1.80 -23.03
C HIS G 71 -29.88 -0.46 -23.77
N ASN G 72 -28.88 -0.29 -24.62
CA ASN G 72 -28.75 0.86 -25.52
C ASN G 72 -28.90 0.34 -26.94
N PRO G 73 -30.03 0.61 -27.64
CA PRO G 73 -30.24 0.08 -29.00
C PRO G 73 -29.08 0.40 -29.97
N ARG G 74 -28.38 1.52 -29.76
CA ARG G 74 -27.33 1.96 -30.72
C ARG G 74 -26.12 1.01 -30.64
N VAL G 75 -25.78 0.46 -29.47
CA VAL G 75 -24.47 -0.23 -29.32
C VAL G 75 -24.60 -1.63 -28.71
N ASN G 76 -25.79 -2.06 -28.28
CA ASN G 76 -25.97 -3.37 -27.62
C ASN G 76 -26.84 -4.22 -28.54
N PRO G 77 -26.24 -5.13 -29.34
CA PRO G 77 -27.08 -6.02 -30.16
C PRO G 77 -27.74 -7.07 -29.26
N LEU G 78 -28.90 -7.57 -29.68
CA LEU G 78 -29.53 -8.80 -29.14
C LEU G 78 -28.79 -10.01 -29.68
N PRO G 79 -29.07 -11.21 -29.13
CA PRO G 79 -28.47 -12.45 -29.64
C PRO G 79 -28.63 -12.56 -31.17
N THR G 80 -29.69 -11.96 -31.72
CA THR G 80 -29.99 -12.09 -33.18
C THR G 80 -29.42 -10.89 -33.96
N GLY G 81 -28.80 -9.93 -33.29
CA GLY G 81 -28.14 -8.78 -33.93
C GLY G 81 -28.75 -7.46 -33.47
N TYR G 82 -28.36 -6.37 -34.11
CA TYR G 82 -28.84 -5.02 -33.75
C TYR G 82 -30.33 -4.90 -34.05
N GLU G 83 -31.03 -4.16 -33.22
CA GLU G 83 -32.47 -3.83 -33.44
C GLU G 83 -32.70 -2.98 -34.69
N TYR H 11 3.62 -43.16 -35.17
CA TYR H 11 2.70 -42.37 -34.34
C TYR H 11 1.77 -43.35 -33.60
N GLN H 12 1.86 -43.35 -32.26
CA GLN H 12 0.97 -44.12 -31.37
C GLN H 12 -0.02 -43.13 -30.72
N THR H 13 0.48 -42.15 -30.00
CA THR H 13 -0.38 -41.10 -29.40
C THR H 13 0.44 -39.81 -29.28
N ALA H 14 -0.18 -38.78 -28.76
CA ALA H 14 0.46 -37.46 -28.60
C ALA H 14 1.53 -37.60 -27.55
N PRO H 15 2.79 -37.21 -27.83
CA PRO H 15 3.83 -37.27 -26.83
C PRO H 15 3.64 -36.18 -25.76
N PHE H 16 4.22 -36.44 -24.59
CA PHE H 16 4.52 -35.43 -23.55
C PHE H 16 5.01 -34.15 -24.23
N ASP H 17 4.45 -33.03 -23.82
CA ASP H 17 4.79 -31.68 -24.33
C ASP H 17 5.12 -30.80 -23.11
N SER H 18 6.35 -30.39 -22.97
CA SER H 18 6.86 -29.65 -21.77
C SER H 18 6.12 -28.32 -21.60
N ARG H 19 5.44 -27.85 -22.63
CA ARG H 19 4.65 -26.60 -22.54
C ARG H 19 3.41 -26.88 -21.68
N PHE H 20 2.97 -28.14 -21.61
CA PHE H 20 1.70 -28.56 -20.97
C PHE H 20 1.98 -29.76 -20.07
N PRO H 21 2.70 -29.54 -18.94
CA PRO H 21 3.14 -30.64 -18.10
C PRO H 21 2.20 -31.07 -16.96
N ASN H 22 1.08 -30.40 -16.82
CA ASN H 22 0.22 -30.54 -15.62
C ASN H 22 -1.07 -31.27 -15.97
N GLN H 23 -1.89 -31.49 -14.97
CA GLN H 23 -3.13 -32.30 -15.08
C GLN H 23 -4.05 -31.59 -16.09
N ASN H 24 -4.08 -30.25 -16.11
CA ASN H 24 -5.03 -29.53 -16.97
C ASN H 24 -4.46 -29.46 -18.38
N GLN H 25 -5.05 -30.24 -19.32
CA GLN H 25 -4.55 -30.40 -20.71
C GLN H 25 -5.41 -29.61 -21.69
N THR H 26 -6.26 -28.75 -21.19
CA THR H 26 -7.20 -28.00 -22.05
C THR H 26 -6.41 -27.23 -23.13
N ARG H 27 -5.35 -26.53 -22.74
CA ARG H 27 -4.64 -25.59 -23.65
C ARG H 27 -3.84 -26.42 -24.67
N ASN H 28 -3.46 -27.65 -24.31
CA ASN H 28 -2.73 -28.57 -25.23
C ASN H 28 -3.65 -28.92 -26.42
N CYS H 29 -4.87 -29.34 -26.15
CA CYS H 29 -5.90 -29.58 -27.18
C CYS H 29 -6.09 -28.31 -28.02
N TRP H 30 -6.32 -27.18 -27.36
CA TRP H 30 -6.63 -25.91 -28.03
C TRP H 30 -5.46 -25.51 -28.94
N GLN H 31 -4.24 -25.53 -28.41
CA GLN H 31 -3.05 -25.06 -29.15
C GLN H 31 -2.90 -25.90 -30.43
N ASN H 32 -3.07 -27.20 -30.33
CA ASN H 32 -2.84 -28.10 -31.49
C ASN H 32 -3.95 -27.91 -32.52
N TYR H 33 -5.20 -27.67 -32.08
CA TYR H 33 -6.33 -27.37 -32.98
C TYR H 33 -6.04 -26.06 -33.76
N LEU H 34 -5.65 -25.01 -33.05
CA LEU H 34 -5.27 -23.72 -33.67
C LEU H 34 -4.12 -23.94 -34.66
N ASP H 35 -3.08 -24.62 -34.22
CA ASP H 35 -1.84 -24.79 -35.02
C ASP H 35 -2.21 -25.53 -36.31
N PHE H 36 -3.03 -26.59 -36.22
CA PHE H 36 -3.46 -27.34 -37.43
C PHE H 36 -4.15 -26.38 -38.40
N HIS H 37 -5.16 -25.65 -37.91
CA HIS H 37 -6.01 -24.80 -38.78
C HIS H 37 -5.18 -23.62 -39.30
N ARG H 38 -4.26 -23.05 -38.51
CA ARG H 38 -3.38 -21.94 -38.99
C ARG H 38 -2.50 -22.48 -40.11
N CYS H 39 -1.93 -23.66 -39.88
CA CYS H 39 -1.05 -24.34 -40.86
C CYS H 39 -1.84 -24.60 -42.15
N GLU H 40 -3.03 -25.18 -42.05
CA GLU H 40 -3.89 -25.55 -43.20
C GLU H 40 -4.19 -24.26 -43.99
N LYS H 41 -4.44 -23.14 -43.31
CA LYS H 41 -4.79 -21.88 -44.01
C LYS H 41 -3.55 -21.35 -44.75
N ALA H 42 -2.38 -21.37 -44.11
CA ALA H 42 -1.09 -20.89 -44.68
C ALA H 42 -0.73 -21.73 -45.91
N MET H 43 -0.98 -23.04 -45.90
CA MET H 43 -0.64 -23.94 -47.03
C MET H 43 -1.62 -23.76 -48.19
N THR H 44 -2.93 -23.72 -47.92
CA THR H 44 -4.01 -23.62 -48.94
C THR H 44 -3.90 -22.27 -49.64
N ALA H 45 -3.47 -21.24 -48.89
CA ALA H 45 -3.24 -19.87 -49.40
C ALA H 45 -2.16 -19.90 -50.49
N LYS H 46 -0.92 -20.35 -50.21
CA LYS H 46 0.15 -20.35 -51.26
C LYS H 46 -0.15 -21.43 -52.31
N GLY H 47 -1.04 -22.40 -52.02
CA GLY H 47 -1.29 -23.56 -52.90
C GLY H 47 -0.29 -24.66 -52.60
N GLY H 48 0.43 -24.52 -51.47
CA GLY H 48 1.32 -25.53 -50.85
C GLY H 48 0.51 -26.73 -50.40
N ASP H 49 1.08 -27.59 -49.56
CA ASP H 49 0.58 -28.97 -49.30
C ASP H 49 0.16 -29.12 -47.82
N VAL H 50 -1.12 -29.38 -47.53
CA VAL H 50 -1.68 -29.46 -46.14
C VAL H 50 -1.07 -30.68 -45.43
N SER H 51 -0.54 -31.64 -46.17
CA SER H 51 0.18 -32.81 -45.60
C SER H 51 1.22 -32.33 -44.59
N VAL H 52 1.80 -31.11 -44.70
CA VAL H 52 2.86 -30.61 -43.78
C VAL H 52 2.23 -30.38 -42.40
N CYS H 53 0.92 -30.20 -42.36
CA CYS H 53 0.15 -29.86 -41.13
C CYS H 53 -0.25 -31.11 -40.32
N GLU H 54 0.10 -32.30 -40.79
CA GLU H 54 -0.46 -33.60 -40.32
C GLU H 54 -0.21 -33.78 -38.82
N TRP H 55 0.98 -33.41 -38.33
CA TRP H 55 1.37 -33.68 -36.93
C TRP H 55 0.32 -33.03 -36.02
N TYR H 56 -0.01 -31.76 -36.27
CA TYR H 56 -0.95 -30.98 -35.42
C TYR H 56 -2.31 -31.66 -35.46
N ARG H 57 -2.72 -32.15 -36.64
CA ARG H 57 -4.01 -32.85 -36.81
C ARG H 57 -4.04 -34.12 -35.94
N ARG H 58 -3.00 -34.95 -35.99
CA ARG H 58 -2.96 -36.23 -35.20
C ARG H 58 -3.03 -35.88 -33.72
N VAL H 59 -2.30 -34.86 -33.28
CA VAL H 59 -2.19 -34.53 -31.83
C VAL H 59 -3.55 -34.00 -31.35
N TYR H 60 -4.16 -33.06 -32.09
CA TYR H 60 -5.47 -32.51 -31.61
C TYR H 60 -6.54 -33.60 -31.68
N LYS H 61 -6.49 -34.47 -32.66
CA LYS H 61 -7.50 -35.56 -32.77
C LYS H 61 -7.36 -36.51 -31.56
N SER H 62 -6.12 -36.84 -31.17
CA SER H 62 -5.80 -37.71 -30.01
C SER H 62 -6.37 -37.07 -28.74
N LEU H 63 -6.08 -35.78 -28.52
CA LEU H 63 -6.31 -35.15 -27.19
C LEU H 63 -7.72 -34.58 -27.06
N CYS H 64 -8.29 -34.00 -28.11
CA CYS H 64 -9.48 -33.14 -28.01
C CYS H 64 -10.74 -33.98 -27.97
N PRO H 65 -11.65 -33.72 -27.01
CA PRO H 65 -12.99 -34.30 -27.09
C PRO H 65 -13.63 -34.06 -28.47
N ILE H 66 -14.31 -35.08 -28.97
CA ILE H 66 -15.08 -35.02 -30.25
C ILE H 66 -16.00 -33.80 -30.24
N SER H 67 -16.71 -33.54 -29.14
CA SER H 67 -17.73 -32.45 -29.09
C SER H 67 -17.03 -31.10 -29.17
N TRP H 68 -15.81 -30.97 -28.63
CA TRP H 68 -15.09 -29.68 -28.69
C TRP H 68 -14.72 -29.38 -30.15
N VAL H 69 -14.13 -30.37 -30.80
CA VAL H 69 -13.69 -30.26 -32.21
C VAL H 69 -14.92 -29.90 -33.07
N SER H 70 -15.99 -30.65 -32.89
CA SER H 70 -17.26 -30.51 -33.66
C SER H 70 -17.78 -29.07 -33.47
N THR H 71 -17.79 -28.58 -32.22
CA THR H 71 -18.31 -27.23 -31.93
C THR H 71 -17.37 -26.17 -32.55
N TRP H 72 -16.07 -26.33 -32.40
CA TRP H 72 -15.09 -25.39 -32.97
C TRP H 72 -15.22 -25.41 -34.51
N ASP H 73 -15.36 -26.59 -35.13
CA ASP H 73 -15.50 -26.65 -36.61
C ASP H 73 -16.76 -25.86 -37.01
N ASP H 74 -17.88 -26.12 -36.33
CA ASP H 74 -19.17 -25.44 -36.61
C ASP H 74 -18.95 -23.91 -36.52
N ARG H 75 -18.23 -23.45 -35.49
CA ARG H 75 -18.09 -22.00 -35.28
C ARG H 75 -17.17 -21.41 -36.36
N ARG H 76 -16.11 -22.10 -36.77
CA ARG H 76 -15.26 -21.61 -37.90
C ARG H 76 -16.17 -21.44 -39.14
N ALA H 77 -17.09 -22.37 -39.40
CA ALA H 77 -17.96 -22.31 -40.60
C ALA H 77 -18.94 -21.16 -40.43
N GLU H 78 -19.45 -20.92 -39.21
CA GLU H 78 -20.43 -19.84 -38.91
C GLU H 78 -19.77 -18.45 -38.95
N GLY H 79 -18.46 -18.34 -38.78
CA GLY H 79 -17.72 -17.08 -38.59
C GLY H 79 -17.70 -16.62 -37.14
N THR H 80 -17.92 -17.53 -36.18
CA THR H 80 -18.03 -17.20 -34.74
C THR H 80 -16.90 -17.83 -33.89
N PHE H 81 -15.88 -18.38 -34.53
CA PHE H 81 -14.74 -18.99 -33.82
C PHE H 81 -13.92 -17.84 -33.23
N PRO H 82 -13.70 -17.82 -31.92
CA PRO H 82 -13.07 -16.65 -31.29
C PRO H 82 -11.54 -16.63 -31.28
N GLY H 83 -10.91 -17.77 -31.64
CA GLY H 83 -9.44 -17.83 -31.79
C GLY H 83 -9.01 -17.29 -33.15
N LYS H 84 -7.79 -16.78 -33.23
CA LYS H 84 -7.17 -16.23 -34.46
C LYS H 84 -6.63 -17.40 -35.30
N ILE H 85 -7.14 -17.54 -36.52
CA ILE H 85 -6.62 -18.49 -37.53
C ILE H 85 -6.15 -17.69 -38.74
N ALA I 3 8.14 -50.13 65.58
CA ALA I 3 7.97 -48.80 64.90
C ALA I 3 7.92 -49.03 63.40
N LEU I 4 7.12 -48.22 62.73
CA LEU I 4 7.06 -48.18 61.25
C LEU I 4 8.22 -47.37 60.70
N ALA I 5 8.82 -47.82 59.61
CA ALA I 5 9.86 -47.08 58.86
C ALA I 5 9.21 -45.87 58.19
N LYS I 6 10.01 -44.81 58.00
CA LYS I 6 9.58 -43.63 57.22
C LYS I 6 9.46 -44.06 55.76
N PRO I 7 8.27 -43.91 55.17
CA PRO I 7 8.07 -44.14 53.74
C PRO I 7 8.39 -42.86 52.96
N GLN I 8 8.48 -43.01 51.65
CA GLN I 8 8.52 -41.86 50.72
C GLN I 8 7.20 -41.11 50.86
N MET I 9 7.28 -39.80 51.09
CA MET I 9 6.10 -38.95 51.29
C MET I 9 6.00 -37.83 50.26
N ARG I 10 7.04 -37.58 49.46
CA ARG I 10 7.08 -36.44 48.52
C ARG I 10 7.11 -36.98 47.08
N GLY I 11 6.43 -36.23 46.18
CA GLY I 11 6.52 -36.44 44.73
C GLY I 11 5.86 -37.74 44.31
N LEU I 12 4.85 -38.20 45.04
CA LEU I 12 4.18 -39.50 44.73
C LEU I 12 3.49 -39.41 43.35
N LEU I 13 2.80 -38.32 43.05
CA LEU I 13 2.11 -38.20 41.76
C LEU I 13 3.14 -38.18 40.63
N ALA I 14 4.22 -37.41 40.80
CA ALA I 14 5.30 -37.24 39.79
C ALA I 14 5.94 -38.61 39.57
N ARG I 15 6.20 -39.37 40.65
CA ARG I 15 6.84 -40.70 40.58
C ARG I 15 5.95 -41.63 39.73
N ARG I 16 4.65 -41.64 40.01
CA ARG I 16 3.66 -42.47 39.29
C ARG I 16 3.67 -42.09 37.80
N LEU I 17 3.67 -40.78 37.51
CA LEU I 17 3.64 -40.32 36.10
C LEU I 17 4.88 -40.82 35.37
N ARG I 18 6.07 -40.57 35.95
CA ARG I 18 7.34 -40.96 35.31
C ARG I 18 7.28 -42.45 34.96
N PHE I 19 6.93 -43.28 35.95
CA PHE I 19 6.88 -44.75 35.77
C PHE I 19 5.96 -45.11 34.58
N HIS I 20 4.78 -44.53 34.50
CA HIS I 20 3.77 -44.96 33.49
C HIS I 20 4.10 -44.35 32.11
N ILE I 21 4.70 -43.18 32.05
CA ILE I 21 5.01 -42.57 30.73
C ILE I 21 6.14 -43.40 30.10
N VAL I 22 7.11 -43.85 30.90
CA VAL I 22 8.21 -44.72 30.41
C VAL I 22 7.58 -46.04 29.93
N GLY I 23 6.65 -46.62 30.70
CA GLY I 23 5.92 -47.85 30.35
C GLY I 23 5.21 -47.66 29.03
N ALA I 24 4.54 -46.52 28.86
CA ALA I 24 3.84 -46.25 27.59
C ALA I 24 4.82 -46.12 26.41
N PHE I 25 6.00 -45.52 26.60
CA PHE I 25 6.99 -45.43 25.50
C PHE I 25 7.42 -46.86 25.11
N MET I 26 7.74 -47.67 26.11
CA MET I 26 8.21 -49.08 25.94
C MET I 26 7.12 -49.85 25.15
N VAL I 27 5.87 -49.69 25.54
CA VAL I 27 4.72 -50.39 24.88
C VAL I 27 4.59 -49.88 23.46
N SER I 28 4.72 -48.56 23.24
CA SER I 28 4.59 -47.95 21.89
C SER I 28 5.61 -48.60 20.95
N LEU I 29 6.84 -48.73 21.43
CA LEU I 29 7.94 -49.43 20.69
C LEU I 29 7.56 -50.89 20.36
N GLY I 30 7.02 -51.65 21.32
CA GLY I 30 6.54 -53.04 21.08
C GLY I 30 5.40 -53.07 20.06
N PHE I 31 4.46 -52.12 20.12
CA PHE I 31 3.37 -52.06 19.11
C PHE I 31 3.93 -51.77 17.71
N ALA I 32 4.84 -50.79 17.61
CA ALA I 32 5.45 -50.41 16.31
C ALA I 32 6.14 -51.66 15.71
N THR I 33 6.83 -52.44 16.53
CA THR I 33 7.54 -53.67 16.08
C THR I 33 6.51 -54.72 15.64
N PHE I 34 5.48 -54.98 16.47
CA PHE I 34 4.39 -55.94 16.15
C PHE I 34 3.70 -55.52 14.84
N TYR I 35 3.46 -54.21 14.64
CA TYR I 35 2.64 -53.72 13.51
C TYR I 35 3.45 -53.87 12.21
N LYS I 36 4.75 -53.61 12.33
CA LYS I 36 5.77 -53.78 11.26
C LYS I 36 5.65 -55.21 10.73
N PHE I 37 5.61 -56.19 11.64
CA PHE I 37 5.56 -57.64 11.38
C PHE I 37 4.17 -58.02 10.89
N ALA I 38 3.09 -57.62 11.58
CA ALA I 38 1.75 -58.21 11.40
C ALA I 38 1.01 -57.56 10.23
N VAL I 39 1.38 -56.33 9.85
CA VAL I 39 0.62 -55.57 8.82
C VAL I 39 1.58 -55.15 7.69
N ALA I 40 2.58 -54.31 7.97
CA ALA I 40 3.37 -53.62 6.92
C ALA I 40 4.20 -54.65 6.14
N GLU I 41 5.02 -55.42 6.83
CA GLU I 41 5.91 -56.42 6.17
C GLU I 41 5.07 -57.53 5.55
N LYS I 42 4.00 -57.93 6.24
CA LYS I 42 3.06 -58.97 5.72
C LYS I 42 2.57 -58.46 4.36
N ARG I 43 2.21 -57.19 4.29
CA ARG I 43 1.69 -56.65 3.01
C ARG I 43 2.75 -56.65 1.92
N LYS I 44 3.93 -56.13 2.24
CA LYS I 44 5.07 -56.08 1.28
C LYS I 44 5.34 -57.49 0.75
N LYS I 45 5.39 -58.47 1.64
CA LYS I 45 5.69 -59.89 1.30
C LYS I 45 4.54 -60.47 0.44
N ALA I 46 3.28 -60.22 0.78
CA ALA I 46 2.12 -60.73 0.01
C ALA I 46 2.26 -60.25 -1.44
N TYR I 47 2.53 -58.95 -1.66
CA TYR I 47 2.65 -58.40 -3.04
C TYR I 47 3.91 -58.96 -3.74
N ALA I 48 5.07 -58.99 -3.07
CA ALA I 48 6.32 -59.48 -3.64
C ALA I 48 6.14 -60.97 -4.01
N ASP I 49 5.55 -61.78 -3.14
CA ASP I 49 5.33 -63.23 -3.39
C ASP I 49 4.36 -63.42 -4.57
N PHE I 50 3.28 -62.66 -4.61
CA PHE I 50 2.26 -62.80 -5.68
C PHE I 50 2.94 -62.56 -7.04
N TYR I 51 3.75 -61.50 -7.14
CA TYR I 51 4.28 -61.04 -8.44
C TYR I 51 5.56 -61.79 -8.82
N ARG I 52 6.24 -62.47 -7.89
CA ARG I 52 7.59 -63.02 -8.14
C ARG I 52 7.55 -63.92 -9.38
N ASN I 53 6.57 -64.81 -9.48
CA ASN I 53 6.50 -65.78 -10.61
C ASN I 53 5.19 -65.57 -11.37
N TYR I 54 4.57 -64.40 -11.22
CA TYR I 54 3.23 -64.13 -11.80
C TYR I 54 3.34 -64.13 -13.33
N ASP I 55 2.42 -64.85 -13.96
CA ASP I 55 2.32 -64.99 -15.42
C ASP I 55 0.99 -64.33 -15.83
N SER I 56 1.04 -63.10 -16.33
CA SER I 56 -0.15 -62.29 -16.65
C SER I 56 -0.91 -62.96 -17.80
N MET I 57 -0.21 -63.57 -18.77
CA MET I 57 -0.89 -64.25 -19.92
C MET I 57 -1.65 -65.47 -19.41
N LYS I 58 -1.05 -66.23 -18.50
CA LYS I 58 -1.72 -67.42 -17.93
C LYS I 58 -2.98 -66.96 -17.17
N ASP I 59 -2.86 -65.89 -16.42
CA ASP I 59 -3.99 -65.29 -15.65
C ASP I 59 -5.09 -64.91 -16.65
N PHE I 60 -4.72 -64.20 -17.70
CA PHE I 60 -5.69 -63.78 -18.74
C PHE I 60 -6.37 -65.03 -19.36
N GLU I 61 -5.59 -66.06 -19.73
CA GLU I 61 -6.16 -67.28 -20.38
C GLU I 61 -7.22 -67.92 -19.46
N GLU I 62 -6.93 -68.00 -18.17
CA GLU I 62 -7.88 -68.56 -17.18
C GLU I 62 -9.15 -67.71 -17.18
N MET I 63 -8.99 -66.39 -17.15
CA MET I 63 -10.16 -65.48 -17.14
C MET I 63 -10.97 -65.64 -18.44
N ARG I 64 -10.26 -65.70 -19.56
CA ARG I 64 -10.92 -65.82 -20.89
C ARG I 64 -11.73 -67.12 -20.90
N LYS I 65 -11.12 -68.24 -20.48
CA LYS I 65 -11.77 -69.57 -20.55
C LYS I 65 -12.95 -69.62 -19.57
N ALA I 66 -12.93 -68.81 -18.50
CA ALA I 66 -14.07 -68.73 -17.56
C ALA I 66 -15.22 -67.89 -18.14
N GLY I 67 -15.01 -67.17 -19.25
CA GLY I 67 -16.06 -66.42 -19.99
C GLY I 67 -16.24 -65.03 -19.41
N ILE I 68 -15.25 -64.46 -18.72
CA ILE I 68 -15.51 -63.16 -18.07
C ILE I 68 -15.54 -61.97 -19.03
N PHE I 69 -14.89 -62.03 -20.18
CA PHE I 69 -14.61 -60.81 -20.98
C PHE I 69 -15.63 -60.59 -22.10
N GLN I 70 -15.93 -59.32 -22.35
CA GLN I 70 -16.64 -58.86 -23.58
C GLN I 70 -15.73 -58.97 -24.81
N SER I 71 -14.44 -58.69 -24.66
CA SER I 71 -13.49 -58.48 -25.79
C SER I 71 -12.79 -59.79 -26.18
N ALA I 72 -12.91 -60.89 -25.43
CA ALA I 72 -12.12 -62.14 -25.73
C ALA I 72 -12.96 -63.41 -25.49
N PHE J 1 -29.89 29.15 10.17
CA PHE J 1 -30.67 28.30 11.10
C PHE J 1 -30.11 28.51 12.50
N GLU J 2 -30.88 28.10 13.51
CA GLU J 2 -30.55 28.26 14.94
C GLU J 2 -30.37 26.87 15.58
N ASN J 3 -29.55 26.84 16.62
CA ASN J 3 -29.25 25.61 17.36
C ASN J 3 -30.41 25.36 18.34
N ARG J 4 -31.24 24.36 18.06
CA ARG J 4 -32.38 23.93 18.90
C ARG J 4 -32.08 22.59 19.57
N VAL J 5 -30.82 22.19 19.65
CA VAL J 5 -30.46 20.91 20.30
C VAL J 5 -30.95 20.88 21.75
N ALA J 6 -30.79 21.97 22.53
CA ALA J 6 -31.17 21.97 23.96
C ALA J 6 -32.66 21.58 24.10
N GLU J 7 -33.52 22.09 23.22
CA GLU J 7 -34.97 21.79 23.24
C GLU J 7 -35.21 20.29 23.02
N LYS J 8 -34.48 19.66 22.10
CA LYS J 8 -34.57 18.19 21.86
C LYS J 8 -34.01 17.42 23.06
N GLN J 9 -32.93 17.92 23.67
CA GLN J 9 -32.34 17.27 24.88
C GLN J 9 -33.42 17.26 25.96
N LYS J 10 -34.15 18.35 26.13
CA LYS J 10 -35.20 18.39 27.17
C LYS J 10 -36.27 17.34 26.83
N LEU J 11 -36.76 17.31 25.58
CA LEU J 11 -37.85 16.39 25.16
C LEU J 11 -37.39 14.95 25.42
N PHE J 12 -36.21 14.58 24.93
CA PHE J 12 -35.77 13.15 24.98
C PHE J 12 -35.30 12.73 26.38
N GLN J 13 -35.13 13.67 27.32
CA GLN J 13 -34.74 13.30 28.71
C GLN J 13 -35.95 13.37 29.66
N GLU J 14 -37.13 13.77 29.16
CA GLU J 14 -38.35 13.89 30.01
C GLU J 14 -38.53 12.54 30.71
N ASP J 15 -38.81 12.58 32.01
CA ASP J 15 -38.92 11.37 32.85
C ASP J 15 -40.33 10.78 32.69
N ASN J 16 -40.67 10.28 31.50
CA ASN J 16 -42.04 9.81 31.18
C ASN J 16 -42.06 8.30 30.92
N GLY J 17 -40.95 7.58 31.10
CA GLY J 17 -40.91 6.11 30.96
C GLY J 17 -41.01 5.63 29.50
N LEU J 18 -41.08 6.53 28.52
CA LEU J 18 -41.20 6.10 27.10
C LEU J 18 -39.87 5.58 26.62
N PRO J 19 -39.88 4.47 25.84
CA PRO J 19 -38.66 4.02 25.18
C PRO J 19 -38.30 5.01 24.08
N VAL J 20 -37.02 5.01 23.73
CA VAL J 20 -36.48 6.08 22.85
C VAL J 20 -37.21 6.06 21.51
N HIS J 21 -37.67 4.90 21.02
CA HIS J 21 -38.32 4.86 19.69
C HIS J 21 -39.69 5.50 19.70
N LEU J 22 -40.29 5.86 20.85
CA LEU J 22 -41.64 6.45 20.93
C LEU J 22 -41.56 7.83 21.60
N LYS J 23 -40.36 8.25 22.02
CA LYS J 23 -40.27 9.42 22.94
C LYS J 23 -40.46 10.76 22.18
N GLY J 24 -40.46 10.74 20.86
CA GLY J 24 -40.71 11.94 20.04
C GLY J 24 -42.16 12.34 20.06
N GLY J 25 -43.05 11.42 20.42
CA GLY J 25 -44.50 11.69 20.51
C GLY J 25 -45.28 10.91 19.46
N ALA J 26 -46.50 11.36 19.15
CA ALA J 26 -47.57 10.61 18.44
C ALA J 26 -47.08 10.16 17.06
N THR J 27 -46.27 10.96 16.35
CA THR J 27 -45.72 10.61 15.01
C THR J 27 -44.89 9.33 15.14
N ASP J 28 -44.16 9.14 16.24
CA ASP J 28 -43.33 7.92 16.40
C ASP J 28 -44.25 6.70 16.43
N ASN J 29 -45.35 6.77 17.17
CA ASN J 29 -46.32 5.65 17.30
C ASN J 29 -46.87 5.31 15.91
N ILE J 30 -47.22 6.33 15.12
CA ILE J 30 -47.79 6.12 13.77
C ILE J 30 -46.73 5.41 12.90
N LEU J 31 -45.52 5.92 12.88
CA LEU J 31 -44.48 5.34 11.99
C LEU J 31 -44.15 3.91 12.46
N TYR J 32 -44.12 3.66 13.76
CA TYR J 32 -43.93 2.29 14.31
C TYR J 32 -45.05 1.36 13.80
N ARG J 33 -46.30 1.82 13.91
CA ARG J 33 -47.49 0.98 13.54
C ARG J 33 -47.43 0.69 12.04
N VAL J 34 -47.04 1.66 11.22
CA VAL J 34 -46.95 1.46 9.74
C VAL J 34 -45.86 0.41 9.49
N THR J 35 -44.72 0.54 10.15
CA THR J 35 -43.57 -0.36 9.94
C THR J 35 -43.96 -1.79 10.32
N MET J 36 -44.49 -1.96 11.51
CA MET J 36 -44.79 -3.31 12.05
C MET J 36 -45.94 -3.92 11.23
N THR J 37 -46.93 -3.12 10.82
CA THR J 37 -48.04 -3.63 9.98
C THR J 37 -47.50 -4.13 8.64
N LEU J 38 -46.63 -3.36 7.98
CA LEU J 38 -46.04 -3.80 6.68
C LEU J 38 -45.19 -5.05 6.90
N CYS J 39 -44.37 -5.09 7.96
CA CYS J 39 -43.54 -6.27 8.27
C CYS J 39 -44.41 -7.52 8.50
N LEU J 40 -45.38 -7.46 9.42
CA LEU J 40 -46.16 -8.67 9.80
C LEU J 40 -47.07 -9.07 8.61
N GLY J 41 -47.72 -8.10 7.98
CA GLY J 41 -48.56 -8.37 6.81
C GLY J 41 -47.74 -8.92 5.65
N GLY J 42 -46.58 -8.33 5.37
CA GLY J 42 -45.69 -8.85 4.32
C GLY J 42 -45.24 -10.28 4.62
N THR J 43 -44.93 -10.57 5.89
CA THR J 43 -44.50 -11.91 6.33
C THR J 43 -45.65 -12.90 6.08
N LEU J 44 -46.88 -12.57 6.46
CA LEU J 44 -48.04 -13.46 6.19
C LEU J 44 -48.16 -13.66 4.67
N TYR J 45 -47.96 -12.61 3.87
CA TYR J 45 -48.02 -12.72 2.39
C TYR J 45 -46.89 -13.63 1.88
N SER J 46 -45.70 -13.51 2.46
CA SER J 46 -44.55 -14.37 2.05
C SER J 46 -44.93 -15.83 2.34
N LEU J 47 -45.60 -16.12 3.46
CA LEU J 47 -46.04 -17.51 3.77
C LEU J 47 -47.12 -18.01 2.78
N TYR J 48 -48.07 -17.17 2.40
CA TYR J 48 -49.07 -17.51 1.36
C TYR J 48 -48.35 -17.85 0.05
N CYS J 49 -47.37 -17.02 -0.32
CA CYS J 49 -46.57 -17.19 -1.55
C CYS J 49 -45.82 -18.54 -1.50
N LEU J 50 -45.27 -18.92 -0.37
CA LEU J 50 -44.66 -20.28 -0.18
C LEU J 50 -45.69 -21.41 -0.41
N GLY J 51 -46.85 -21.33 0.24
CA GLY J 51 -47.98 -22.25 0.08
C GLY J 51 -48.27 -22.44 -1.39
N TRP J 52 -48.37 -21.33 -2.11
CA TRP J 52 -48.66 -21.33 -3.57
C TRP J 52 -47.52 -22.01 -4.31
N ALA J 53 -46.29 -21.59 -4.06
CA ALA J 53 -45.09 -22.07 -4.79
C ALA J 53 -44.71 -23.51 -4.44
N SER J 54 -45.27 -24.08 -3.38
CA SER J 54 -44.97 -25.45 -2.88
C SER J 54 -45.67 -26.52 -3.72
N PHE J 55 -46.61 -26.13 -4.58
CA PHE J 55 -47.43 -27.05 -5.41
C PHE J 55 -47.30 -26.64 -6.87
N PRO J 56 -47.37 -27.60 -7.82
CA PRO J 56 -47.28 -27.28 -9.24
C PRO J 56 -48.37 -26.32 -9.76
N ALA K 6 -29.54 -44.37 55.41
CA ALA K 6 -30.72 -44.29 54.48
C ALA K 6 -30.33 -44.77 53.07
N PRO K 7 -30.74 -45.99 52.66
CA PRO K 7 -30.43 -46.50 51.34
C PRO K 7 -31.02 -45.55 50.27
N ASP K 8 -30.28 -45.27 49.21
CA ASP K 8 -30.77 -44.40 48.11
C ASP K 8 -31.32 -45.29 47.00
N PHE K 9 -31.76 -44.65 45.92
CA PHE K 9 -32.36 -45.37 44.78
C PHE K 9 -31.43 -46.50 44.31
N HIS K 10 -30.12 -46.24 44.24
CA HIS K 10 -29.11 -47.16 43.64
C HIS K 10 -28.92 -48.38 44.55
N ASP K 11 -28.91 -48.15 45.86
CA ASP K 11 -28.83 -49.23 46.88
C ASP K 11 -30.05 -50.16 46.74
N LYS K 12 -31.25 -49.62 46.54
CA LYS K 12 -32.50 -50.38 46.54
C LYS K 12 -32.67 -51.06 45.18
N TYR K 13 -32.37 -50.36 44.08
CA TYR K 13 -32.83 -50.85 42.75
C TYR K 13 -31.69 -51.11 41.76
N GLY K 14 -30.45 -50.72 42.07
CA GLY K 14 -29.34 -50.78 41.11
C GLY K 14 -29.13 -52.18 40.59
N ASN K 15 -29.14 -53.18 41.47
CA ASN K 15 -28.89 -54.60 41.08
C ASN K 15 -29.94 -55.01 40.06
N ALA K 16 -31.21 -54.69 40.30
CA ALA K 16 -32.35 -55.10 39.45
C ALA K 16 -32.26 -54.34 38.13
N VAL K 17 -31.91 -53.05 38.18
CA VAL K 17 -31.79 -52.23 36.94
C VAL K 17 -30.66 -52.81 36.08
N LEU K 18 -29.51 -53.12 36.67
CA LEU K 18 -28.37 -53.68 35.90
C LEU K 18 -28.76 -55.05 35.31
N ALA K 19 -29.30 -55.96 36.12
CA ALA K 19 -29.63 -57.33 35.65
C ALA K 19 -30.72 -57.29 34.57
N SER K 20 -31.83 -56.57 34.79
CA SER K 20 -32.97 -56.49 33.84
C SER K 20 -32.57 -55.77 32.56
N GLY K 21 -31.87 -54.64 32.68
CA GLY K 21 -31.39 -53.90 31.50
C GLY K 21 -30.49 -54.76 30.63
N ALA K 22 -29.52 -55.49 31.22
CA ALA K 22 -28.56 -56.37 30.46
C ALA K 22 -29.36 -57.48 29.75
N THR K 23 -30.25 -58.15 30.49
CA THR K 23 -31.04 -59.29 29.98
C THR K 23 -31.91 -58.81 28.82
N PHE K 24 -32.62 -57.70 29.02
CA PHE K 24 -33.52 -57.15 27.98
C PHE K 24 -32.67 -56.79 26.74
N CYS K 25 -31.58 -56.07 26.93
CA CYS K 25 -30.77 -55.56 25.81
C CYS K 25 -30.29 -56.73 24.95
N VAL K 26 -29.71 -57.73 25.58
CA VAL K 26 -29.20 -58.93 24.86
C VAL K 26 -30.34 -59.62 24.12
N ALA K 27 -31.44 -59.88 24.80
CA ALA K 27 -32.56 -60.65 24.21
C ALA K 27 -33.05 -59.93 22.95
N VAL K 28 -33.29 -58.62 23.03
CA VAL K 28 -33.98 -57.89 21.93
C VAL K 28 -33.00 -57.75 20.76
N TRP K 29 -31.71 -57.50 21.02
CA TRP K 29 -30.72 -57.35 19.93
C TRP K 29 -30.48 -58.71 19.26
N VAL K 30 -30.42 -59.79 20.03
CA VAL K 30 -30.26 -61.15 19.44
C VAL K 30 -31.49 -61.45 18.56
N TYR K 31 -32.70 -61.17 19.04
CA TYR K 31 -33.94 -61.37 18.25
C TYR K 31 -33.86 -60.53 16.97
N MET K 32 -33.56 -59.25 17.11
CA MET K 32 -33.50 -58.34 15.95
C MET K 32 -32.49 -58.87 14.93
N ALA K 33 -31.32 -59.31 15.39
CA ALA K 33 -30.19 -59.67 14.51
C ALA K 33 -30.50 -60.98 13.79
N THR K 34 -31.31 -61.86 14.36
CA THR K 34 -31.38 -63.26 13.87
C THR K 34 -32.76 -63.68 13.39
N GLN K 35 -33.84 -63.02 13.80
CA GLN K 35 -35.19 -63.64 13.67
C GLN K 35 -36.07 -62.88 12.69
N ILE K 36 -35.64 -61.74 12.15
CA ILE K 36 -36.61 -60.91 11.39
C ILE K 36 -36.14 -60.69 9.96
N GLY K 37 -35.16 -61.45 9.46
CA GLY K 37 -34.79 -61.43 8.03
C GLY K 37 -33.86 -60.28 7.68
N ILE K 38 -33.16 -59.65 8.63
CA ILE K 38 -32.15 -58.62 8.29
C ILE K 38 -31.10 -59.26 7.39
N GLU K 39 -30.71 -58.55 6.34
CA GLU K 39 -29.64 -59.01 5.43
C GLU K 39 -28.32 -58.42 5.88
N TRP K 40 -27.46 -59.26 6.46
CA TRP K 40 -26.16 -58.76 6.98
C TRP K 40 -25.15 -58.77 5.84
N ASN K 41 -25.36 -59.66 4.86
CA ASN K 41 -24.39 -59.87 3.76
C ASN K 41 -22.99 -60.15 4.31
N PRO K 42 -22.81 -61.25 5.06
CA PRO K 42 -21.48 -61.63 5.52
C PRO K 42 -20.60 -62.03 4.32
N SER K 43 -19.32 -62.19 4.60
CA SER K 43 -18.32 -62.70 3.62
C SER K 43 -18.74 -64.08 3.17
N PRO K 44 -18.68 -64.36 1.86
CA PRO K 44 -18.83 -65.74 1.40
C PRO K 44 -17.66 -66.66 1.74
N VAL K 45 -16.52 -66.10 2.14
CA VAL K 45 -15.29 -66.89 2.42
C VAL K 45 -15.62 -67.92 3.52
N GLY K 46 -15.32 -69.19 3.27
CA GLY K 46 -15.55 -70.31 4.21
C GLY K 46 -17.04 -70.61 4.43
N ARG K 47 -17.96 -70.01 3.67
CA ARG K 47 -19.43 -70.08 3.90
C ARG K 47 -20.16 -70.52 2.63
N VAL K 48 -19.84 -69.91 1.49
CA VAL K 48 -20.58 -70.09 0.22
C VAL K 48 -19.82 -71.07 -0.67
N THR K 49 -20.55 -72.05 -1.21
CA THR K 49 -20.05 -72.95 -2.26
C THR K 49 -20.27 -72.24 -3.59
N PRO K 50 -19.20 -71.80 -4.29
CA PRO K 50 -19.35 -71.18 -5.60
C PRO K 50 -20.10 -72.09 -6.58
N LYS K 51 -20.91 -71.47 -7.43
CA LYS K 51 -21.76 -72.20 -8.41
C LYS K 51 -21.56 -71.63 -9.81
N GLU K 52 -21.63 -72.50 -10.83
CA GLU K 52 -21.54 -72.10 -12.26
C GLU K 52 -22.57 -71.00 -12.51
N TRP K 53 -22.13 -69.98 -13.20
CA TRP K 53 -22.93 -68.76 -13.52
C TRP K 53 -23.05 -68.59 -15.01
N ARG K 54 -22.07 -69.03 -15.81
CA ARG K 54 -22.11 -68.77 -17.28
C ARG K 54 -23.05 -69.79 -18.00
N TYR L 3 -39.38 -6.52 35.13
CA TYR L 3 -39.46 -7.93 34.70
C TYR L 3 -39.20 -8.92 35.85
N GLU L 4 -39.79 -10.10 35.76
CA GLU L 4 -39.64 -11.19 36.77
C GLU L 4 -38.24 -11.76 36.64
N GLU L 5 -37.66 -12.05 37.79
CA GLU L 5 -36.28 -12.49 37.97
C GLU L 5 -36.38 -13.83 38.69
N GLY L 6 -35.42 -14.68 38.48
CA GLY L 6 -35.27 -15.91 39.26
C GLY L 6 -35.71 -17.12 38.46
N PRO L 7 -35.50 -18.29 39.09
CA PRO L 7 -35.72 -19.57 38.42
C PRO L 7 -37.16 -19.64 37.91
N GLY L 8 -37.31 -20.11 36.66
CA GLY L 8 -38.62 -20.28 36.02
C GLY L 8 -39.17 -18.97 35.44
N LYS L 9 -38.49 -17.83 35.60
CA LYS L 9 -39.03 -16.51 35.22
C LYS L 9 -38.21 -15.84 34.11
N ASN L 10 -37.01 -16.36 33.81
CA ASN L 10 -36.07 -15.79 32.83
C ASN L 10 -36.13 -16.57 31.51
N ILE L 11 -37.33 -17.03 31.16
CA ILE L 11 -37.59 -17.89 29.98
C ILE L 11 -38.90 -17.44 29.35
N PRO L 12 -39.03 -17.67 28.03
CA PRO L 12 -40.23 -17.25 27.31
C PRO L 12 -41.40 -18.23 27.37
N PHE L 13 -41.20 -19.32 28.09
CA PHE L 13 -42.23 -20.34 28.33
C PHE L 13 -42.45 -20.51 29.84
N SER L 14 -43.66 -20.93 30.20
CA SER L 14 -44.08 -21.16 31.60
C SER L 14 -43.61 -22.54 32.06
N VAL L 15 -43.09 -22.63 33.30
CA VAL L 15 -42.84 -23.92 33.97
C VAL L 15 -43.71 -23.99 35.24
N GLU L 16 -44.79 -23.25 35.30
CA GLU L 16 -45.68 -23.23 36.48
C GLU L 16 -46.37 -24.58 36.66
N ASN L 17 -46.74 -25.23 35.55
CA ASN L 17 -47.42 -26.54 35.54
C ASN L 17 -46.59 -27.53 34.69
N LYS L 18 -46.07 -28.60 35.30
CA LYS L 18 -45.14 -29.52 34.58
C LYS L 18 -45.86 -30.26 33.46
N TRP L 19 -47.18 -30.39 33.51
CA TRP L 19 -47.94 -31.13 32.47
C TRP L 19 -48.22 -30.20 31.29
N ARG L 20 -48.61 -28.96 31.55
CA ARG L 20 -48.68 -27.96 30.47
C ARG L 20 -47.28 -27.84 29.82
N LEU L 21 -46.23 -27.83 30.61
CA LEU L 21 -44.87 -27.71 30.05
C LEU L 21 -44.57 -28.93 29.18
N LEU L 22 -44.93 -30.12 29.62
CA LEU L 22 -44.67 -31.34 28.83
C LEU L 22 -45.38 -31.19 27.46
N ALA L 23 -46.61 -30.72 27.44
CA ALA L 23 -47.37 -30.49 26.18
C ALA L 23 -46.59 -29.49 25.32
N MET L 24 -46.17 -28.37 25.89
CA MET L 24 -45.46 -27.31 25.12
C MET L 24 -44.13 -27.88 24.57
N MET L 25 -43.38 -28.64 25.38
CA MET L 25 -42.07 -29.16 24.95
C MET L 25 -42.27 -30.20 23.82
N THR L 26 -43.27 -31.06 23.95
CA THR L 26 -43.74 -32.11 23.01
C THR L 26 -44.03 -31.45 21.64
N LEU L 27 -44.82 -30.37 21.68
CA LEU L 27 -45.18 -29.63 20.47
C LEU L 27 -43.93 -29.00 19.87
N PHE L 28 -43.08 -28.44 20.71
CA PHE L 28 -41.90 -27.67 20.26
C PHE L 28 -40.91 -28.63 19.59
N PHE L 29 -40.36 -29.56 20.36
CA PHE L 29 -39.32 -30.48 19.82
C PHE L 29 -39.97 -31.45 18.80
N GLY L 30 -41.20 -31.89 19.05
CA GLY L 30 -41.90 -32.81 18.14
C GLY L 30 -42.12 -32.17 16.77
N SER L 31 -42.49 -30.90 16.72
CA SER L 31 -42.69 -30.22 15.43
C SER L 31 -41.37 -30.20 14.64
N GLY L 32 -40.24 -29.91 15.28
CA GLY L 32 -38.95 -29.86 14.58
C GLY L 32 -38.59 -31.24 14.02
N PHE L 33 -38.75 -32.27 14.84
CA PHE L 33 -38.40 -33.64 14.44
C PHE L 33 -39.35 -34.10 13.32
N ALA L 34 -40.64 -33.75 13.40
CA ALA L 34 -41.64 -34.22 12.40
C ALA L 34 -41.40 -33.54 11.05
N ALA L 35 -40.92 -32.29 11.04
CA ALA L 35 -40.98 -31.47 9.81
C ALA L 35 -40.34 -32.21 8.64
N PRO L 36 -39.11 -32.73 8.76
CA PRO L 36 -38.48 -33.36 7.59
C PRO L 36 -39.27 -34.56 7.05
N PHE L 37 -39.91 -35.33 7.91
CA PHE L 37 -40.73 -36.47 7.45
C PHE L 37 -41.87 -35.93 6.58
N PHE L 38 -42.49 -34.84 7.01
CA PHE L 38 -43.64 -34.28 6.24
C PHE L 38 -43.15 -33.60 4.96
N ILE L 39 -41.94 -33.07 4.97
CA ILE L 39 -41.36 -32.48 3.73
C ILE L 39 -41.07 -33.61 2.71
N VAL L 40 -40.48 -34.69 3.16
CA VAL L 40 -40.21 -35.86 2.29
C VAL L 40 -41.54 -36.37 1.73
N ARG L 41 -42.56 -36.50 2.58
CA ARG L 41 -43.89 -36.96 2.13
C ARG L 41 -44.37 -36.02 1.02
N HIS L 42 -44.28 -34.73 1.25
CA HIS L 42 -44.69 -33.67 0.29
C HIS L 42 -43.94 -33.86 -1.04
N GLN L 43 -42.62 -34.06 -1.00
CA GLN L 43 -41.84 -34.25 -2.24
C GLN L 43 -42.28 -35.53 -2.94
N LEU L 44 -42.48 -36.61 -2.22
CA LEU L 44 -42.90 -37.90 -2.80
C LEU L 44 -44.31 -37.80 -3.39
N LEU L 45 -45.20 -37.01 -2.82
CA LEU L 45 -46.58 -36.92 -3.33
C LEU L 45 -46.68 -36.02 -4.57
N LYS L 46 -45.68 -35.22 -4.96
CA LYS L 46 -45.75 -34.52 -6.28
C LYS L 46 -45.60 -35.55 -7.41
N ILE M 1 -21.83 -29.00 43.06
CA ILE M 1 -22.97 -28.04 43.26
C ILE M 1 -23.82 -28.63 44.39
N THR M 2 -24.47 -27.77 45.15
CA THR M 2 -25.55 -28.22 46.06
C THR M 2 -26.83 -27.52 45.65
N ALA M 3 -27.94 -28.15 45.99
CA ALA M 3 -29.27 -27.69 45.57
C ALA M 3 -30.29 -28.07 46.61
N LYS M 4 -31.40 -27.37 46.57
CA LYS M 4 -32.55 -27.70 47.44
C LYS M 4 -33.16 -28.99 46.92
N PRO M 5 -33.86 -29.74 47.80
CA PRO M 5 -34.84 -30.71 47.34
C PRO M 5 -35.86 -30.07 46.39
N ALA M 6 -36.39 -30.91 45.49
CA ALA M 6 -37.36 -30.50 44.45
C ALA M 6 -38.53 -29.76 45.08
N LYS M 7 -38.89 -28.59 44.54
CA LYS M 7 -40.13 -27.89 44.98
C LYS M 7 -41.38 -28.63 44.52
N THR M 8 -41.31 -29.33 43.40
CA THR M 8 -42.46 -30.09 42.82
C THR M 8 -41.94 -31.47 42.40
N PRO M 9 -41.65 -32.35 43.37
CA PRO M 9 -41.01 -33.62 43.03
C PRO M 9 -41.75 -34.36 41.90
N THR M 10 -40.95 -35.00 41.05
CA THR M 10 -41.47 -35.81 39.92
C THR M 10 -41.24 -37.29 40.26
N SER M 11 -42.28 -37.98 40.67
CA SER M 11 -42.26 -39.38 41.13
C SER M 11 -41.85 -40.29 39.98
N PRO M 12 -41.39 -41.53 40.28
CA PRO M 12 -41.11 -42.48 39.20
C PRO M 12 -42.28 -42.61 38.19
N LYS M 13 -43.51 -42.72 38.67
CA LYS M 13 -44.68 -42.82 37.78
C LYS M 13 -44.75 -41.58 36.87
N GLU M 14 -44.56 -40.38 37.45
CA GLU M 14 -44.65 -39.14 36.65
C GLU M 14 -43.51 -39.14 35.63
N GLN M 15 -42.34 -39.62 36.00
CA GLN M 15 -41.19 -39.67 35.05
C GLN M 15 -41.52 -40.63 33.90
N ALA M 16 -42.17 -41.76 34.20
CA ALA M 16 -42.55 -42.76 33.17
C ALA M 16 -43.53 -42.09 32.21
N ILE M 17 -44.45 -41.26 32.72
CA ILE M 17 -45.41 -40.54 31.85
C ILE M 17 -44.63 -39.56 30.98
N GLY M 18 -43.75 -38.74 31.57
CA GLY M 18 -43.01 -37.73 30.79
C GLY M 18 -42.16 -38.39 29.72
N LEU M 19 -41.47 -39.47 30.08
CA LEU M 19 -40.56 -40.18 29.16
C LEU M 19 -41.40 -40.78 28.02
N SER M 20 -42.55 -41.36 28.34
CA SER M 20 -43.45 -42.01 27.36
C SER M 20 -43.99 -40.98 26.37
N VAL M 21 -44.49 -39.88 26.88
CA VAL M 21 -45.07 -38.81 26.03
C VAL M 21 -43.95 -38.24 25.16
N THR M 22 -42.77 -38.01 25.73
CA THR M 22 -41.66 -37.44 24.96
C THR M 22 -41.33 -38.38 23.79
N PHE M 23 -41.13 -39.67 24.07
CA PHE M 23 -40.75 -40.63 23.00
C PHE M 23 -41.85 -40.71 21.95
N LEU M 24 -43.11 -40.81 22.37
CA LEU M 24 -44.23 -40.90 21.39
C LEU M 24 -44.27 -39.63 20.53
N SER M 25 -43.97 -38.46 21.08
CA SER M 25 -44.04 -37.20 20.31
C SER M 25 -43.05 -37.24 19.13
N PHE M 26 -41.93 -37.94 19.28
CA PHE M 26 -40.93 -38.12 18.21
C PHE M 26 -41.35 -39.28 17.30
N LEU M 27 -41.84 -40.36 17.88
CA LEU M 27 -41.95 -41.63 17.12
C LEU M 27 -43.26 -41.68 16.34
N LEU M 28 -44.38 -41.22 16.86
CA LEU M 28 -45.67 -41.48 16.17
C LEU M 28 -45.77 -40.75 14.85
N PRO M 29 -45.42 -39.44 14.72
CA PRO M 29 -45.63 -38.75 13.45
C PRO M 29 -44.68 -39.33 12.38
N ALA M 30 -43.39 -39.50 12.70
CA ALA M 30 -42.42 -40.11 11.74
C ALA M 30 -42.92 -41.51 11.39
N GLY M 31 -43.41 -42.25 12.40
CA GLY M 31 -43.89 -43.64 12.19
C GLY M 31 -45.02 -43.65 11.16
N TRP M 32 -45.94 -42.70 11.32
CA TRP M 32 -47.09 -42.60 10.40
C TRP M 32 -46.59 -42.34 8.98
N VAL M 33 -45.67 -41.38 8.81
CA VAL M 33 -45.12 -41.08 7.46
C VAL M 33 -44.46 -42.34 6.88
N LEU M 34 -43.60 -43.01 7.64
CA LEU M 34 -42.76 -44.11 7.09
C LEU M 34 -43.67 -45.32 6.81
N TYR M 35 -44.71 -45.51 7.62
CA TYR M 35 -45.68 -46.60 7.42
C TYR M 35 -46.38 -46.40 6.07
N HIS M 36 -46.65 -45.15 5.72
CA HIS M 36 -47.49 -44.79 4.53
C HIS M 36 -46.58 -44.50 3.31
N LEU M 37 -45.28 -44.78 3.36
CA LEU M 37 -44.37 -44.46 2.21
C LEU M 37 -44.89 -45.11 0.93
N ASP M 38 -45.33 -46.37 0.99
CA ASP M 38 -45.80 -47.09 -0.22
C ASP M 38 -46.93 -46.28 -0.89
N ASN M 39 -47.86 -45.75 -0.07
CA ASN M 39 -49.05 -44.95 -0.50
C ASN M 39 -48.58 -43.66 -1.18
N TYR M 40 -47.58 -42.96 -0.64
CA TYR M 40 -46.98 -41.78 -1.31
C TYR M 40 -46.25 -42.28 -2.57
N PHE N 2 41.20 31.55 12.23
CA PHE N 2 40.75 31.66 10.85
C PHE N 2 40.24 30.29 10.36
N ILE N 3 40.97 29.22 10.66
CA ILE N 3 40.56 27.83 10.27
C ILE N 3 39.25 27.48 10.98
N ASN N 4 39.12 27.79 12.28
CA ASN N 4 37.88 27.44 13.03
C ASN N 4 36.70 28.14 12.36
N ARG N 5 36.85 29.40 11.96
CA ARG N 5 35.71 30.19 11.43
C ARG N 5 35.35 29.75 10.01
N TRP N 6 36.33 29.57 9.12
CA TRP N 6 36.08 29.45 7.65
C TRP N 6 36.19 28.01 7.14
N LEU N 7 36.81 27.08 7.87
CA LEU N 7 36.88 25.66 7.43
C LEU N 7 35.97 24.78 8.30
N PHE N 8 35.74 25.20 9.56
CA PHE N 8 34.98 24.42 10.57
C PHE N 8 33.66 25.13 10.90
N SER N 9 33.15 25.98 10.01
CA SER N 9 31.95 26.80 10.29
C SER N 9 30.75 25.95 10.70
N THR N 10 29.96 26.48 11.63
CA THR N 10 28.58 26.02 11.93
C THR N 10 27.64 27.22 11.91
N ASN N 11 27.99 28.26 11.14
CA ASN N 11 27.24 29.53 11.09
C ASN N 11 26.60 29.74 9.68
N HIS N 12 25.30 29.96 9.63
CA HIS N 12 24.54 30.08 8.36
C HIS N 12 25.09 31.23 7.51
N LYS N 13 25.49 32.34 8.14
CA LYS N 13 25.93 33.54 7.38
C LYS N 13 27.29 33.24 6.74
N ASP N 14 28.22 32.73 7.54
CA ASP N 14 29.58 32.49 7.02
C ASP N 14 29.50 31.41 5.93
N ILE N 15 28.65 30.40 6.11
CA ILE N 15 28.52 29.35 5.08
C ILE N 15 27.88 29.96 3.82
N GLY N 16 26.91 30.85 3.98
CA GLY N 16 26.34 31.60 2.85
C GLY N 16 27.42 32.38 2.14
N THR N 17 28.30 33.03 2.88
CA THR N 17 29.40 33.83 2.28
C THR N 17 30.31 32.88 1.49
N LEU N 18 30.71 31.76 2.06
CA LEU N 18 31.54 30.76 1.32
C LEU N 18 30.85 30.37 0.01
N TYR N 19 29.57 30.06 0.04
CA TYR N 19 28.80 29.72 -1.18
C TYR N 19 28.85 30.87 -2.21
N LEU N 20 28.66 32.11 -1.77
CA LEU N 20 28.69 33.25 -2.72
C LEU N 20 30.09 33.37 -3.37
N LEU N 21 31.16 33.22 -2.58
CA LEU N 21 32.55 33.32 -3.11
C LEU N 21 32.76 32.19 -4.11
N PHE N 22 32.34 31.00 -3.74
CA PHE N 22 32.50 29.81 -4.58
C PHE N 22 31.76 30.03 -5.91
N GLY N 23 30.51 30.46 -5.83
CA GLY N 23 29.68 30.67 -7.01
C GLY N 23 30.24 31.76 -7.89
N ALA N 24 30.76 32.85 -7.31
CA ALA N 24 31.35 33.96 -8.08
C ALA N 24 32.58 33.45 -8.85
N TRP N 25 33.44 32.64 -8.23
CA TRP N 25 34.62 32.07 -8.90
C TRP N 25 34.11 31.17 -10.04
N ALA N 26 33.15 30.30 -9.75
CA ALA N 26 32.60 29.35 -10.75
C ALA N 26 32.06 30.13 -11.95
N GLY N 27 31.39 31.24 -11.68
CA GLY N 27 30.85 32.08 -12.75
C GLY N 27 31.94 32.61 -13.67
N MET N 28 33.15 32.90 -13.14
CA MET N 28 34.25 33.35 -14.00
C MET N 28 34.65 32.19 -14.92
N VAL N 29 34.72 30.96 -14.38
CA VAL N 29 35.08 29.74 -15.15
C VAL N 29 34.03 29.55 -16.25
N GLY N 30 32.75 29.66 -15.89
CA GLY N 30 31.65 29.40 -16.83
C GLY N 30 31.65 30.45 -17.93
N THR N 31 31.97 31.69 -17.59
CA THR N 31 32.01 32.82 -18.56
C THR N 31 33.17 32.58 -19.55
N ALA N 32 34.34 32.21 -19.03
CA ALA N 32 35.50 31.91 -19.90
C ALA N 32 35.13 30.78 -20.86
N LEU N 33 34.47 29.73 -20.36
CA LEU N 33 34.04 28.62 -21.26
C LEU N 33 33.08 29.13 -22.36
N SER N 34 32.08 29.94 -21.99
CA SER N 34 31.11 30.62 -22.90
C SER N 34 31.87 31.43 -23.98
N LEU N 35 32.94 32.10 -23.60
CA LEU N 35 33.72 32.96 -24.53
C LEU N 35 34.54 32.09 -25.49
N LEU N 36 35.00 30.93 -25.02
CA LEU N 36 35.72 29.97 -25.90
C LEU N 36 34.74 29.38 -26.93
N ILE N 37 33.53 29.05 -26.51
CA ILE N 37 32.46 28.59 -27.45
C ILE N 37 32.26 29.68 -28.53
N ARG N 38 32.04 30.90 -28.10
CA ARG N 38 31.69 32.02 -29.01
C ARG N 38 32.92 32.45 -29.84
N ALA N 39 34.15 32.30 -29.34
CA ALA N 39 35.37 32.58 -30.15
C ALA N 39 35.39 31.59 -31.33
N GLU N 40 35.14 30.32 -31.05
CA GLU N 40 35.02 29.28 -32.12
C GLU N 40 33.90 29.65 -33.09
N LEU N 41 32.70 29.94 -32.61
CA LEU N 41 31.54 30.14 -33.52
C LEU N 41 31.56 31.53 -34.17
N GLY N 42 32.44 32.45 -33.74
CA GLY N 42 32.51 33.83 -34.22
C GLY N 42 32.99 33.97 -35.65
N GLN N 43 33.64 32.94 -36.20
CA GLN N 43 33.97 32.94 -37.64
C GLN N 43 33.95 31.48 -38.15
N PRO N 44 33.44 31.27 -39.38
CA PRO N 44 33.38 29.95 -39.99
C PRO N 44 34.79 29.39 -40.19
N GLY N 45 34.91 28.08 -40.22
CA GLY N 45 36.19 27.35 -40.16
C GLY N 45 36.51 26.98 -38.73
N THR N 46 37.53 26.16 -38.53
CA THR N 46 37.94 25.60 -37.22
C THR N 46 39.05 26.43 -36.57
N LEU N 47 38.81 26.92 -35.36
CA LEU N 47 39.81 27.66 -34.55
C LEU N 47 40.56 26.70 -33.62
N LEU N 48 39.85 25.92 -32.82
CA LEU N 48 40.44 25.18 -31.68
C LEU N 48 40.80 23.79 -32.20
N GLY N 49 39.81 23.08 -32.72
CA GLY N 49 40.00 21.69 -33.14
C GLY N 49 38.67 21.10 -33.54
N ASP N 50 38.56 19.78 -33.52
CA ASP N 50 37.37 19.08 -34.06
C ASP N 50 36.35 19.20 -32.95
N ASP N 51 35.28 18.42 -33.03
CA ASP N 51 34.15 18.64 -32.11
C ASP N 51 34.54 18.17 -30.69
N GLN N 52 35.57 17.33 -30.52
CA GLN N 52 35.86 16.79 -29.18
C GLN N 52 36.23 17.95 -28.25
N ILE N 53 37.28 18.71 -28.56
CA ILE N 53 37.70 19.80 -27.66
C ILE N 53 36.54 20.78 -27.50
N TYR N 54 35.88 21.12 -28.60
CA TYR N 54 34.76 22.09 -28.60
C TYR N 54 33.71 21.58 -27.58
N ASN N 55 33.30 20.31 -27.69
CA ASN N 55 32.19 19.80 -26.85
C ASN N 55 32.66 19.51 -25.42
N VAL N 56 33.96 19.33 -25.19
CA VAL N 56 34.47 19.32 -23.79
C VAL N 56 34.20 20.71 -23.18
N VAL N 57 34.43 21.78 -23.95
CA VAL N 57 34.19 23.16 -23.46
C VAL N 57 32.69 23.38 -23.26
N VAL N 58 31.88 22.96 -24.21
CA VAL N 58 30.40 23.18 -24.10
C VAL N 58 29.90 22.45 -22.86
N THR N 59 30.31 21.18 -22.69
CA THR N 59 29.84 20.32 -21.58
C THR N 59 30.27 20.98 -20.25
N ALA N 60 31.51 21.40 -20.13
CA ALA N 60 32.02 22.01 -18.89
C ALA N 60 31.29 23.33 -18.62
N HIS N 61 31.04 24.12 -19.67
CA HIS N 61 30.31 25.40 -19.57
C HIS N 61 28.99 25.17 -18.86
N ALA N 62 28.21 24.21 -19.34
CA ALA N 62 26.88 23.89 -18.75
C ALA N 62 27.03 23.42 -17.29
N PHE N 63 27.90 22.45 -17.02
CA PHE N 63 27.99 21.90 -15.64
C PHE N 63 28.42 23.02 -14.68
N VAL N 64 29.35 23.85 -15.11
CA VAL N 64 29.89 24.91 -14.22
C VAL N 64 28.77 25.93 -13.97
N MET N 65 28.10 26.38 -15.03
CA MET N 65 27.06 27.43 -14.84
C MET N 65 25.92 26.91 -13.96
N ILE N 66 25.49 25.66 -14.10
CA ILE N 66 24.33 25.11 -13.38
C ILE N 66 24.75 24.70 -11.97
N PHE N 67 25.72 23.80 -11.85
CA PHE N 67 26.00 23.11 -10.55
C PHE N 67 26.92 23.98 -9.69
N PHE N 68 27.78 24.78 -10.27
CA PHE N 68 28.81 25.51 -9.48
C PHE N 68 28.50 27.01 -9.38
N MET N 69 27.72 27.59 -10.29
CA MET N 69 27.38 29.04 -10.22
C MET N 69 25.94 29.21 -9.74
N VAL N 70 24.95 28.74 -10.48
CA VAL N 70 23.56 29.14 -10.11
C VAL N 70 23.14 28.49 -8.77
N MET N 71 23.27 27.18 -8.65
CA MET N 71 22.74 26.50 -7.45
C MET N 71 23.49 26.97 -6.20
N PRO N 72 24.83 27.05 -6.20
CA PRO N 72 25.54 27.51 -5.01
C PRO N 72 25.16 28.94 -4.63
N ILE N 73 25.00 29.81 -5.62
CA ILE N 73 24.65 31.22 -5.30
C ILE N 73 23.24 31.28 -4.76
N MET N 74 22.27 30.73 -5.50
CA MET N 74 20.86 30.94 -5.11
C MET N 74 20.51 30.19 -3.82
N ILE N 75 20.87 28.93 -3.73
CA ILE N 75 20.41 28.04 -2.63
C ILE N 75 21.45 28.12 -1.52
N GLY N 76 22.70 27.82 -1.82
CA GLY N 76 23.73 27.84 -0.77
C GLY N 76 23.95 29.25 -0.22
N GLY N 77 24.01 30.25 -1.09
CA GLY N 77 24.39 31.62 -0.73
C GLY N 77 23.22 32.40 -0.20
N PHE N 78 22.35 32.83 -1.09
CA PHE N 78 21.14 33.57 -0.66
C PHE N 78 20.32 32.72 0.32
N GLY N 79 20.14 31.42 0.05
CA GLY N 79 19.34 30.56 0.94
C GLY N 79 19.91 30.56 2.37
N ASN N 80 21.20 30.29 2.54
CA ASN N 80 21.79 30.18 3.88
C ASN N 80 21.74 31.55 4.54
N TRP N 81 22.06 32.60 3.82
CA TRP N 81 22.10 33.98 4.40
C TRP N 81 20.69 34.36 4.85
N LEU N 82 19.70 34.22 3.95
CA LEU N 82 18.41 34.91 4.13
C LEU N 82 17.38 34.04 4.86
N VAL N 83 17.35 32.73 4.63
CA VAL N 83 16.21 31.94 5.15
C VAL N 83 16.14 32.04 6.66
N PRO N 84 17.23 31.81 7.40
CA PRO N 84 17.10 31.90 8.86
C PRO N 84 16.72 33.31 9.32
N LEU N 85 17.24 34.33 8.66
CA LEU N 85 16.94 35.72 9.07
C LEU N 85 15.45 35.98 8.84
N MET N 86 14.93 35.53 7.69
CA MET N 86 13.53 35.85 7.32
C MET N 86 12.53 35.11 8.23
N ILE N 87 12.94 34.09 8.95
CA ILE N 87 12.00 33.40 9.88
C ILE N 87 12.47 33.62 11.33
N GLY N 88 13.44 34.52 11.58
CA GLY N 88 13.86 34.78 12.97
C GLY N 88 14.49 33.58 13.65
N ALA N 89 15.12 32.68 12.89
CA ALA N 89 15.74 31.47 13.43
C ALA N 89 17.20 31.77 13.76
N PRO N 90 17.77 31.09 14.77
CA PRO N 90 19.14 31.36 15.18
C PRO N 90 20.22 30.74 14.28
N ASP N 91 19.83 29.75 13.48
CA ASP N 91 20.72 29.13 12.45
C ASP N 91 19.86 28.15 11.68
N MET N 92 20.51 27.29 10.87
CA MET N 92 19.87 26.13 10.20
C MET N 92 19.67 25.00 11.23
N ALA N 93 18.77 24.07 10.92
CA ALA N 93 18.49 22.87 11.74
C ALA N 93 19.77 22.10 11.97
N PHE N 94 20.58 21.91 10.93
CA PHE N 94 21.76 21.01 10.96
C PHE N 94 22.98 21.82 10.53
N PRO N 95 23.50 22.66 11.45
CA PRO N 95 24.49 23.67 11.10
C PRO N 95 25.81 23.06 10.68
N ARG N 96 26.12 21.84 11.16
CA ARG N 96 27.39 21.17 10.86
C ARG N 96 27.17 20.46 9.51
N MET N 97 26.03 19.78 9.30
CA MET N 97 25.76 19.15 7.97
C MET N 97 25.79 20.23 6.86
N ASN N 98 25.30 21.42 7.17
CA ASN N 98 25.33 22.58 6.27
C ASN N 98 26.75 22.79 5.77
N ASN N 99 27.71 22.74 6.66
CA ASN N 99 29.12 23.00 6.31
C ASN N 99 29.60 21.92 5.32
N MET N 100 29.10 20.69 5.45
CA MET N 100 29.57 19.60 4.55
C MET N 100 28.93 19.81 3.18
N SER N 101 27.68 20.31 3.10
CA SER N 101 27.10 20.67 1.79
C SER N 101 28.05 21.64 1.08
N PHE N 102 28.58 22.64 1.78
CA PHE N 102 29.52 23.57 1.16
C PHE N 102 30.79 22.81 0.74
N TRP N 103 31.44 22.11 1.66
CA TRP N 103 32.82 21.61 1.41
C TRP N 103 32.82 20.47 0.37
N LEU N 104 31.67 19.88 0.06
CA LEU N 104 31.61 18.90 -1.06
C LEU N 104 31.81 19.61 -2.40
N LEU N 105 31.57 20.90 -2.49
CA LEU N 105 31.59 21.51 -3.84
C LEU N 105 33.01 21.72 -4.37
N PRO N 106 34.02 22.21 -3.61
CA PRO N 106 35.37 22.28 -4.18
C PRO N 106 35.86 20.94 -4.72
N PRO N 107 35.74 19.81 -3.97
CA PRO N 107 36.08 18.49 -4.54
C PRO N 107 35.27 18.14 -5.81
N SER N 108 33.98 18.42 -5.81
CA SER N 108 33.13 18.21 -7.01
C SER N 108 33.73 18.97 -8.23
N PHE N 109 34.13 20.20 -8.02
CA PHE N 109 34.68 21.07 -9.08
C PHE N 109 36.06 20.53 -9.49
N LEU N 110 36.88 20.11 -8.52
CA LEU N 110 38.20 19.51 -8.82
C LEU N 110 37.97 18.29 -9.73
N LEU N 111 36.98 17.44 -9.43
CA LEU N 111 36.71 16.27 -10.31
C LEU N 111 36.35 16.71 -11.74
N LEU N 112 35.52 17.74 -11.92
CA LEU N 112 35.16 18.26 -13.26
C LEU N 112 36.43 18.76 -13.96
N LEU N 113 37.29 19.50 -13.27
N LEU N 113 37.29 19.54 -13.27
CA LEU N 113 38.52 20.06 -13.93
CA LEU N 113 38.61 20.00 -13.81
C LEU N 113 39.52 18.90 -14.19
C LEU N 113 39.34 18.76 -14.33
N ALA N 114 39.49 17.78 -13.43
CA ALA N 114 40.30 16.58 -13.70
C ALA N 114 39.76 15.90 -14.98
N SER N 115 38.43 15.78 -15.12
N SER N 115 38.44 15.79 -15.10
CA SER N 115 37.78 15.19 -16.32
CA SER N 115 37.76 15.21 -16.29
C SER N 115 38.33 15.85 -17.59
C SER N 115 38.30 15.85 -17.57
N SER N 116 38.51 17.17 -17.57
CA SER N 116 38.92 17.95 -18.76
C SER N 116 40.43 17.87 -19.00
N MET N 117 41.20 17.46 -17.99
N MET N 117 41.21 17.51 -17.98
CA MET N 117 42.70 17.47 -18.05
CA MET N 117 42.70 17.48 -18.08
C MET N 117 43.24 16.09 -18.43
C MET N 117 43.15 16.10 -18.58
N VAL N 118 42.48 15.04 -18.13
CA VAL N 118 42.89 13.64 -18.46
C VAL N 118 42.33 13.28 -19.86
N GLU N 119 43.06 12.43 -20.58
CA GLU N 119 42.64 11.89 -21.90
C GLU N 119 42.20 13.06 -22.78
N ALA N 120 41.05 12.96 -23.43
CA ALA N 120 40.55 14.00 -24.39
C ALA N 120 39.33 14.71 -23.78
N GLY N 121 39.12 14.55 -22.48
CA GLY N 121 37.99 15.15 -21.78
C GLY N 121 36.69 14.43 -22.05
N ALA N 122 35.63 14.93 -21.39
CA ALA N 122 34.26 14.41 -21.57
C ALA N 122 33.50 15.34 -22.53
N GLY N 123 33.51 14.99 -23.83
CA GLY N 123 32.82 15.76 -24.89
C GLY N 123 31.46 15.17 -25.15
N THR N 124 30.60 15.16 -24.13
CA THR N 124 29.37 14.35 -24.15
C THR N 124 28.10 15.18 -24.21
N GLY N 125 28.18 16.48 -24.00
CA GLY N 125 27.01 17.26 -23.59
C GLY N 125 26.77 17.08 -22.09
N TRP N 126 26.11 18.03 -21.45
CA TRP N 126 25.88 17.97 -19.97
C TRP N 126 24.88 16.86 -19.63
N THR N 127 24.19 16.31 -20.64
CA THR N 127 23.23 15.19 -20.53
C THR N 127 23.96 13.84 -20.43
N VAL N 128 25.22 13.76 -20.91
CA VAL N 128 26.13 12.57 -20.78
C VAL N 128 25.43 11.32 -21.36
N TYR N 129 24.77 11.43 -22.50
CA TYR N 129 24.04 10.28 -23.09
C TYR N 129 25.02 9.18 -23.51
N PRO N 130 24.71 7.91 -23.19
CA PRO N 130 25.35 6.78 -23.85
C PRO N 130 24.72 6.55 -25.23
N PRO N 131 25.36 5.81 -26.16
CA PRO N 131 26.69 5.23 -25.99
C PRO N 131 27.88 6.18 -26.17
N LEU N 132 27.69 7.43 -26.61
CA LEU N 132 28.86 8.33 -26.74
C LEU N 132 29.61 8.43 -25.40
N ALA N 133 28.89 8.47 -24.27
CA ALA N 133 29.51 8.56 -22.93
C ALA N 133 29.98 7.19 -22.40
N GLY N 134 29.80 6.11 -23.16
CA GLY N 134 30.23 4.79 -22.68
C GLY N 134 31.72 4.52 -22.88
N ASN N 135 32.13 3.31 -22.57
CA ASN N 135 33.57 2.96 -22.42
C ASN N 135 34.23 2.66 -23.76
N LEU N 136 33.46 2.57 -24.84
N LEU N 136 33.50 2.64 -24.86
CA LEU N 136 34.02 2.42 -26.21
CA LEU N 136 34.13 2.41 -26.19
C LEU N 136 34.26 3.80 -26.82
C LEU N 136 34.21 3.73 -26.98
N ALA N 137 33.23 4.62 -26.86
CA ALA N 137 33.26 5.94 -27.56
C ALA N 137 33.90 7.02 -26.67
N HIS N 138 33.99 6.79 -25.34
CA HIS N 138 34.69 7.70 -24.38
C HIS N 138 35.52 6.86 -23.40
N ALA N 139 36.43 6.07 -23.95
CA ALA N 139 37.34 5.20 -23.16
C ALA N 139 38.17 6.12 -22.24
N GLY N 140 38.48 5.62 -21.06
CA GLY N 140 39.37 6.31 -20.11
C GLY N 140 38.60 7.06 -19.03
N ALA N 141 39.30 7.80 -18.19
CA ALA N 141 38.75 8.29 -16.89
C ALA N 141 37.82 9.49 -17.06
N SER N 142 37.78 10.23 -18.17
CA SER N 142 37.12 11.56 -18.18
C SER N 142 35.65 11.45 -17.74
N VAL N 143 34.89 10.62 -18.42
CA VAL N 143 33.45 10.49 -18.09
C VAL N 143 33.29 9.99 -16.64
N ASP N 144 34.13 9.07 -16.16
CA ASP N 144 33.99 8.58 -14.77
C ASP N 144 34.19 9.78 -13.80
N LEU N 145 35.15 10.62 -14.06
CA LEU N 145 35.40 11.79 -13.18
C LEU N 145 34.20 12.73 -13.25
N THR N 146 33.57 12.89 -14.41
CA THR N 146 32.33 13.70 -14.57
C THR N 146 31.22 13.09 -13.71
N ILE N 147 31.03 11.79 -13.80
CA ILE N 147 30.01 11.08 -13.00
C ILE N 147 30.28 11.34 -11.51
N PHE N 148 31.52 11.19 -11.05
CA PHE N 148 31.84 11.35 -9.62
C PHE N 148 31.59 12.81 -9.20
N SER N 149 31.92 13.75 -10.07
CA SER N 149 31.69 15.20 -9.83
C SER N 149 30.20 15.37 -9.53
N LEU N 150 29.35 14.78 -10.35
CA LEU N 150 27.87 14.91 -10.19
C LEU N 150 27.43 14.19 -8.91
N HIS N 151 28.00 13.03 -8.58
CA HIS N 151 27.68 12.37 -7.29
C HIS N 151 27.94 13.33 -6.13
N LEU N 152 29.08 14.00 -6.12
CA LEU N 152 29.42 14.84 -4.94
C LEU N 152 28.49 16.06 -4.93
N ALA N 153 28.25 16.67 -6.10
CA ALA N 153 27.31 17.81 -6.18
C ALA N 153 25.91 17.35 -5.71
N GLY N 154 25.50 16.16 -6.11
CA GLY N 154 24.18 15.61 -5.77
C GLY N 154 24.08 15.41 -4.26
N VAL N 155 25.09 14.83 -3.64
CA VAL N 155 25.03 14.62 -2.16
C VAL N 155 24.95 16.00 -1.48
N SER N 156 25.75 16.97 -1.94
CA SER N 156 25.78 18.33 -1.35
C SER N 156 24.34 18.86 -1.34
N SER N 157 23.68 18.81 -2.48
CA SER N 157 22.33 19.40 -2.65
C SER N 157 21.25 18.58 -1.92
N ILE N 158 21.38 17.25 -1.83
CA ILE N 158 20.38 16.42 -1.10
C ILE N 158 20.49 16.78 0.38
N LEU N 159 21.70 16.84 0.92
CA LEU N 159 21.84 17.19 2.34
C LEU N 159 21.37 18.63 2.56
N GLY N 160 21.67 19.53 1.64
CA GLY N 160 21.21 20.93 1.75
C GLY N 160 19.69 20.97 1.73
N ALA N 161 19.03 20.20 0.85
CA ALA N 161 17.56 20.16 0.78
C ALA N 161 16.98 19.68 2.13
N ILE N 162 17.57 18.63 2.71
CA ILE N 162 17.07 18.10 4.00
C ILE N 162 17.17 19.23 5.04
N ASN N 163 18.30 19.95 5.03
CA ASN N 163 18.53 21.07 5.98
C ASN N 163 17.47 22.15 5.77
N PHE N 164 17.30 22.62 4.53
CA PHE N 164 16.34 23.72 4.29
C PHE N 164 14.90 23.32 4.62
N ILE N 165 14.47 22.11 4.21
CA ILE N 165 13.06 21.69 4.50
C ILE N 165 12.88 21.65 6.04
N THR N 166 13.83 21.06 6.75
CA THR N 166 13.68 20.88 8.22
C THR N 166 13.66 22.27 8.87
N THR N 167 14.56 23.15 8.45
CA THR N 167 14.68 24.53 9.02
C THR N 167 13.35 25.25 8.84
N ILE N 168 12.84 25.22 7.62
CA ILE N 168 11.67 26.04 7.26
C ILE N 168 10.42 25.49 7.97
N ILE N 169 10.27 24.19 8.06
CA ILE N 169 9.10 23.57 8.74
C ILE N 169 9.21 23.76 10.27
N ASN N 170 10.38 23.58 10.84
CA ASN N 170 10.53 23.33 12.28
C ASN N 170 10.96 24.59 13.03
N MET N 171 11.55 25.60 12.39
CA MET N 171 12.29 26.65 13.14
C MET N 171 11.69 28.06 12.96
N LYS N 172 10.40 28.14 12.63
CA LYS N 172 9.69 29.44 12.57
C LYS N 172 9.26 29.79 14.00
N PRO N 173 8.92 31.07 14.25
CA PRO N 173 8.31 31.42 15.53
C PRO N 173 7.04 30.60 15.67
N PRO N 174 6.70 30.17 16.89
CA PRO N 174 5.54 29.28 17.08
C PRO N 174 4.22 29.86 16.58
N ALA N 175 4.07 31.17 16.55
CA ALA N 175 2.82 31.80 16.06
C ALA N 175 2.80 31.87 14.53
N MET N 176 3.95 31.74 13.85
CA MET N 176 4.06 31.95 12.38
C MET N 176 3.66 30.66 11.65
N SER N 177 2.58 30.68 10.91
CA SER N 177 2.21 29.52 10.08
C SER N 177 3.05 29.58 8.78
N GLN N 178 2.93 28.53 7.99
CA GLN N 178 3.60 28.50 6.67
C GLN N 178 3.08 29.65 5.81
N TYR N 179 1.83 30.09 6.04
CA TYR N 179 1.19 31.15 5.24
C TYR N 179 1.54 32.55 5.78
N GLN N 180 2.49 32.63 6.71
CA GLN N 180 3.09 33.91 7.15
C GLN N 180 4.61 33.93 6.93
N THR N 181 5.12 33.04 6.06
CA THR N 181 6.54 33.06 5.69
C THR N 181 6.68 33.84 4.39
N PRO N 182 7.80 34.55 4.22
CA PRO N 182 8.01 35.29 2.97
C PRO N 182 8.15 34.35 1.78
N LEU N 183 7.83 34.89 0.61
CA LEU N 183 7.85 34.11 -0.63
C LEU N 183 9.25 33.54 -0.91
N PHE N 184 10.33 34.22 -0.57
CA PHE N 184 11.67 33.65 -0.85
C PHE N 184 11.80 32.34 -0.09
N VAL N 185 11.31 32.33 1.15
CA VAL N 185 11.39 31.13 2.02
C VAL N 185 10.55 30.01 1.37
N TRP N 186 9.34 30.31 0.91
CA TRP N 186 8.57 29.30 0.15
C TRP N 186 9.36 28.80 -1.06
N SER N 187 9.98 29.70 -1.82
CA SER N 187 10.69 29.31 -3.07
C SER N 187 11.82 28.32 -2.76
N VAL N 188 12.53 28.53 -1.63
CA VAL N 188 13.63 27.65 -1.21
C VAL N 188 13.05 26.31 -0.73
N MET N 189 11.97 26.31 0.05
CA MET N 189 11.35 25.04 0.52
C MET N 189 10.97 24.22 -0.71
N ILE N 190 10.30 24.85 -1.67
CA ILE N 190 9.80 24.06 -2.83
C ILE N 190 11.00 23.54 -3.65
N THR N 191 12.00 24.38 -3.86
CA THR N 191 13.24 23.98 -4.57
C THR N 191 13.81 22.78 -3.85
N ALA N 192 13.91 22.85 -2.52
CA ALA N 192 14.52 21.75 -1.73
C ALA N 192 13.72 20.46 -1.94
N VAL N 193 12.39 20.51 -1.93
CA VAL N 193 11.58 19.31 -2.20
C VAL N 193 11.92 18.74 -3.61
N LEU N 194 12.01 19.61 -4.61
CA LEU N 194 12.38 19.13 -5.98
C LEU N 194 13.75 18.44 -5.97
N LEU N 195 14.74 19.03 -5.27
CA LEU N 195 16.10 18.45 -5.15
C LEU N 195 16.03 17.06 -4.51
N LEU N 196 15.27 16.95 -3.42
CA LEU N 196 15.19 15.72 -2.62
C LEU N 196 14.66 14.57 -3.48
N LEU N 197 13.72 14.89 -4.39
CA LEU N 197 13.05 13.81 -5.14
C LEU N 197 13.78 13.53 -6.46
N SER N 198 14.41 14.52 -7.05
CA SER N 198 14.97 14.43 -8.44
C SER N 198 16.40 13.89 -8.41
N LEU N 199 17.24 14.39 -7.53
CA LEU N 199 18.69 14.08 -7.54
C LEU N 199 18.92 12.60 -7.31
N PRO N 200 18.12 11.89 -6.48
CA PRO N 200 18.37 10.46 -6.30
C PRO N 200 18.16 9.66 -7.61
N VAL N 201 17.25 10.13 -8.45
CA VAL N 201 16.99 9.42 -9.73
C VAL N 201 18.19 9.69 -10.63
N LEU N 202 18.68 10.93 -10.67
CA LEU N 202 19.91 11.19 -11.44
C LEU N 202 21.02 10.25 -10.92
N ALA N 203 21.17 10.17 -9.60
CA ALA N 203 22.23 9.38 -8.97
C ALA N 203 22.09 7.91 -9.45
N ALA N 204 20.86 7.38 -9.49
CA ALA N 204 20.65 6.01 -9.95
C ALA N 204 21.14 5.89 -11.41
N GLY N 205 20.72 6.83 -12.26
CA GLY N 205 21.04 6.77 -13.69
C GLY N 205 22.53 6.86 -13.94
N ILE N 206 23.23 7.78 -13.30
CA ILE N 206 24.67 7.96 -13.60
C ILE N 206 25.45 6.82 -12.92
N THR N 207 24.90 6.22 -11.88
CA THR N 207 25.56 5.04 -11.27
C THR N 207 25.46 3.87 -12.28
N MET N 208 24.30 3.67 -12.90
N MET N 208 24.31 3.69 -12.93
CA MET N 208 24.13 2.65 -13.97
CA MET N 208 24.16 2.62 -13.93
C MET N 208 25.17 2.94 -15.07
C MET N 208 25.07 2.92 -15.14
N LEU N 209 25.33 4.20 -15.45
CA LEU N 209 26.31 4.53 -16.52
C LEU N 209 27.71 4.13 -16.05
N LEU N 210 28.04 4.40 -14.77
CA LEU N 210 29.34 4.04 -14.20
C LEU N 210 29.53 2.53 -14.28
N THR N 211 28.49 1.77 -13.96
CA THR N 211 28.62 0.28 -13.92
C THR N 211 28.70 -0.22 -15.36
N ASP N 212 27.99 0.41 -16.29
CA ASP N 212 28.10 -0.01 -17.71
C ASP N 212 29.54 0.24 -18.19
N ARG N 213 30.18 1.30 -17.69
CA ARG N 213 31.53 1.69 -18.14
C ARG N 213 32.61 0.81 -17.47
N ASN N 214 32.37 0.25 -16.27
CA ASN N 214 33.45 -0.34 -15.44
C ASN N 214 33.15 -1.72 -14.87
N LEU N 215 31.89 -2.18 -14.83
CA LEU N 215 31.54 -3.47 -14.20
C LEU N 215 30.81 -4.38 -15.18
N ASN N 216 30.78 -4.03 -16.46
CA ASN N 216 30.22 -4.93 -17.52
C ASN N 216 28.72 -5.13 -17.31
N THR N 217 28.05 -4.16 -16.72
CA THR N 217 26.57 -4.08 -16.79
C THR N 217 26.17 -3.59 -18.18
N THR N 218 24.90 -3.76 -18.53
CA THR N 218 24.39 -3.39 -19.88
C THR N 218 23.02 -2.74 -19.73
N PHE N 219 22.82 -1.89 -18.72
CA PHE N 219 21.57 -1.13 -18.59
C PHE N 219 21.24 -0.39 -19.90
N PHE N 220 22.25 0.16 -20.58
CA PHE N 220 22.05 1.09 -21.70
C PHE N 220 22.62 0.49 -22.99
N ASP N 221 23.07 -0.76 -22.93
CA ASP N 221 23.80 -1.42 -24.05
C ASP N 221 22.88 -2.48 -24.66
N PRO N 222 22.38 -2.24 -25.88
CA PRO N 222 21.49 -3.20 -26.56
C PRO N 222 22.07 -4.62 -26.64
N ALA N 223 23.38 -4.78 -26.64
CA ALA N 223 24.00 -6.12 -26.77
C ALA N 223 23.61 -6.97 -25.57
N GLY N 224 23.42 -6.37 -24.40
CA GLY N 224 22.97 -7.10 -23.21
C GLY N 224 21.46 -7.01 -22.99
N GLY N 225 20.71 -6.39 -23.91
CA GLY N 225 19.26 -6.20 -23.72
C GLY N 225 18.95 -4.87 -23.06
N GLY N 226 19.94 -3.99 -22.96
CA GLY N 226 19.73 -2.61 -22.44
C GLY N 226 19.21 -1.67 -23.51
N ASP N 227 19.12 -0.41 -23.16
CA ASP N 227 18.41 0.60 -23.98
C ASP N 227 18.99 1.97 -23.67
N PRO N 228 19.68 2.61 -24.63
CA PRO N 228 20.16 3.97 -24.44
C PRO N 228 19.05 4.93 -24.00
N ILE N 229 17.83 4.67 -24.43
CA ILE N 229 16.68 5.59 -24.15
C ILE N 229 16.30 5.51 -22.67
N LEU N 230 16.52 4.37 -22.00
CA LEU N 230 16.28 4.30 -20.54
C LEU N 230 17.13 5.39 -19.84
N TYR N 231 18.37 5.56 -20.24
CA TYR N 231 19.23 6.59 -19.62
C TYR N 231 18.55 7.96 -19.77
N GLN N 232 18.04 8.24 -20.96
CA GLN N 232 17.41 9.56 -21.26
C GLN N 232 16.22 9.78 -20.30
N HIS N 233 15.37 8.76 -20.11
CA HIS N 233 14.24 8.88 -19.15
C HIS N 233 14.77 9.21 -17.75
N LEU N 234 15.77 8.50 -17.27
CA LEU N 234 16.23 8.70 -15.88
C LEU N 234 16.86 10.08 -15.76
N PHE N 235 17.64 10.48 -16.77
CA PHE N 235 18.31 11.80 -16.75
C PHE N 235 17.23 12.87 -16.72
N TRP N 236 16.28 12.82 -17.65
CA TRP N 236 15.32 13.93 -17.80
C TRP N 236 14.27 13.93 -16.68
N PHE N 237 14.04 12.78 -16.04
CA PHE N 237 13.17 12.73 -14.83
C PHE N 237 13.77 13.66 -13.76
N PHE N 238 15.09 13.76 -13.70
CA PHE N 238 15.81 14.76 -12.89
C PHE N 238 15.88 16.11 -13.62
N GLY N 239 16.23 16.10 -14.89
CA GLY N 239 16.64 17.31 -15.61
C GLY N 239 15.53 18.32 -15.79
N HIS N 240 14.26 17.91 -15.94
CA HIS N 240 13.19 18.93 -16.02
C HIS N 240 13.01 19.56 -14.62
N PRO N 241 12.78 18.79 -13.54
CA PRO N 241 12.81 19.38 -12.19
C PRO N 241 14.01 20.29 -11.96
N GLU N 242 15.18 19.91 -12.47
CA GLU N 242 16.40 20.72 -12.29
C GLU N 242 16.20 22.16 -12.83
N VAL N 243 15.48 22.36 -13.94
CA VAL N 243 15.40 23.75 -14.46
C VAL N 243 14.45 24.55 -13.56
N TYR N 244 13.45 23.92 -12.97
CA TYR N 244 12.56 24.58 -11.98
C TYR N 244 13.35 24.87 -10.69
N ILE N 245 14.25 23.97 -10.29
CA ILE N 245 15.20 24.24 -9.18
C ILE N 245 16.03 25.49 -9.51
N LEU N 246 16.46 25.65 -10.77
CA LEU N 246 17.33 26.80 -11.13
C LEU N 246 16.54 28.12 -11.04
N ILE N 247 15.23 28.10 -11.35
CA ILE N 247 14.48 29.37 -11.49
C ILE N 247 13.70 29.69 -10.20
N LEU N 248 13.27 28.70 -9.44
CA LEU N 248 12.30 28.98 -8.34
C LEU N 248 12.90 29.95 -7.31
N PRO N 249 14.15 29.81 -6.83
CA PRO N 249 14.67 30.79 -5.87
C PRO N 249 14.77 32.17 -6.53
N GLY N 250 14.96 32.18 -7.85
CA GLY N 250 14.95 33.42 -8.64
C GLY N 250 13.58 34.07 -8.57
N PHE N 251 12.53 33.29 -8.78
CA PHE N 251 11.17 33.81 -8.60
C PHE N 251 10.98 34.37 -7.18
N GLY N 252 11.47 33.66 -6.16
CA GLY N 252 11.38 34.19 -4.80
C GLY N 252 12.09 35.53 -4.63
N MET N 253 13.32 35.66 -5.13
CA MET N 253 14.09 36.92 -5.00
C MET N 253 13.37 38.02 -5.78
N ILE N 254 12.86 37.71 -6.98
CA ILE N 254 12.11 38.72 -7.79
C ILE N 254 10.91 39.23 -6.99
N SER N 255 10.17 38.35 -6.36
CA SER N 255 8.99 38.77 -5.56
C SER N 255 9.45 39.79 -4.52
N HIS N 256 10.57 39.51 -3.81
CA HIS N 256 11.05 40.44 -2.74
C HIS N 256 11.52 41.76 -3.35
N ILE N 257 12.27 41.71 -4.43
CA ILE N 257 12.85 42.94 -5.06
C ILE N 257 11.72 43.82 -5.62
N VAL N 258 10.75 43.24 -6.36
CA VAL N 258 9.68 44.05 -6.96
C VAL N 258 8.86 44.68 -5.82
N THR N 259 8.58 43.92 -4.77
CA THR N 259 7.77 44.44 -3.64
C THR N 259 8.54 45.63 -3.03
N TYR N 260 9.82 45.43 -2.76
CA TYR N 260 10.66 46.41 -2.02
C TYR N 260 10.75 47.72 -2.81
N TYR N 261 11.09 47.66 -4.08
CA TYR N 261 11.34 48.87 -4.88
C TYR N 261 10.06 49.47 -5.43
N SER N 262 8.91 48.80 -5.25
CA SER N 262 7.57 49.35 -5.53
C SER N 262 7.08 50.09 -4.27
N GLY N 263 7.84 50.04 -3.16
CA GLY N 263 7.44 50.70 -1.91
C GLY N 263 6.22 50.02 -1.29
N LYS N 264 6.03 48.74 -1.56
CA LYS N 264 4.88 47.97 -1.05
C LYS N 264 5.29 47.20 0.22
N LYS N 265 4.32 46.95 1.07
CA LYS N 265 4.52 46.15 2.30
C LYS N 265 4.49 44.66 1.94
N GLU N 266 3.92 44.32 0.77
CA GLU N 266 3.59 42.92 0.44
C GLU N 266 3.43 42.75 -1.06
N PRO N 267 3.79 41.55 -1.56
CA PRO N 267 3.55 41.24 -2.97
C PRO N 267 2.05 41.11 -3.20
N PHE N 268 1.63 41.37 -4.44
CA PHE N 268 0.24 41.12 -4.83
C PHE N 268 -0.06 39.61 -4.81
N GLY N 269 -1.18 39.23 -4.19
CA GLY N 269 -1.73 37.86 -4.32
C GLY N 269 -0.77 36.81 -3.76
N TYR N 270 -0.35 36.99 -2.51
CA TYR N 270 0.57 36.10 -1.81
C TYR N 270 0.15 34.63 -2.00
N MET N 271 -1.10 34.27 -1.68
CA MET N 271 -1.47 32.84 -1.70
C MET N 271 -1.47 32.33 -3.16
N GLY N 272 -1.78 33.18 -4.12
CA GLY N 272 -1.63 32.81 -5.54
C GLY N 272 -0.15 32.53 -5.91
N MET N 273 0.79 33.29 -5.34
CA MET N 273 2.23 33.09 -5.57
C MET N 273 2.66 31.75 -4.99
N VAL N 274 2.21 31.42 -3.78
CA VAL N 274 2.52 30.12 -3.15
C VAL N 274 1.91 29.01 -4.02
N TRP N 275 0.66 29.16 -4.39
CA TRP N 275 -0.04 28.17 -5.24
C TRP N 275 0.77 27.98 -6.53
N ALA N 276 1.19 29.07 -7.15
CA ALA N 276 1.88 29.01 -8.46
C ALA N 276 3.18 28.24 -8.31
N MET N 277 3.97 28.54 -7.26
CA MET N 277 5.26 27.85 -7.12
C MET N 277 5.02 26.35 -6.84
N MET N 278 4.03 26.00 -6.03
N MET N 278 4.03 26.03 -6.02
CA MET N 278 3.76 24.57 -5.74
CA MET N 278 3.67 24.62 -5.70
C MET N 278 3.27 23.88 -7.02
C MET N 278 3.28 23.91 -7.00
N SER N 279 2.45 24.56 -7.82
CA SER N 279 1.89 23.99 -9.07
C SER N 279 3.04 23.72 -10.06
N ILE N 280 3.96 24.68 -10.17
CA ILE N 280 5.12 24.58 -11.09
C ILE N 280 5.96 23.42 -10.59
N GLY N 281 6.17 23.32 -9.27
CA GLY N 281 7.00 22.22 -8.77
C GLY N 281 6.39 20.88 -9.10
N PHE N 282 5.08 20.73 -8.90
CA PHE N 282 4.39 19.46 -9.14
C PHE N 282 4.41 19.15 -10.64
N LEU N 283 3.96 20.08 -11.45
CA LEU N 283 3.89 19.85 -12.93
C LEU N 283 5.28 19.55 -13.48
N GLY N 284 6.32 20.09 -12.89
CA GLY N 284 7.69 19.88 -13.32
C GLY N 284 8.15 18.42 -13.24
N PHE N 285 7.44 17.54 -12.53
CA PHE N 285 7.77 16.11 -12.41
C PHE N 285 7.06 15.28 -13.48
N ILE N 286 6.12 15.84 -14.27
CA ILE N 286 5.27 14.98 -15.13
C ILE N 286 5.44 15.34 -16.62
N VAL N 287 6.55 15.98 -16.98
CA VAL N 287 6.71 16.59 -18.32
C VAL N 287 8.03 16.19 -19.00
N TRP N 288 8.85 15.36 -18.37
CA TRP N 288 10.30 15.22 -18.72
C TRP N 288 10.45 14.82 -20.17
N ALA N 289 9.52 14.07 -20.74
CA ALA N 289 9.79 13.47 -22.07
C ALA N 289 9.62 14.51 -23.19
N HIS N 290 9.34 15.79 -22.87
CA HIS N 290 9.44 16.85 -23.91
C HIS N 290 10.92 17.04 -24.34
N HIS N 291 11.87 16.41 -23.67
CA HIS N 291 13.31 16.40 -24.07
C HIS N 291 13.56 15.23 -25.03
N MET N 292 12.51 14.48 -25.41
CA MET N 292 12.67 13.19 -26.11
C MET N 292 11.69 13.07 -27.27
N PHE N 293 11.24 14.18 -27.82
CA PHE N 293 10.20 14.10 -28.86
C PHE N 293 10.71 13.51 -30.18
N THR N 294 12.02 13.38 -30.38
CA THR N 294 12.56 12.80 -31.64
C THR N 294 13.09 11.38 -31.44
N VAL N 295 12.90 10.76 -30.28
CA VAL N 295 13.54 9.45 -29.99
C VAL N 295 12.69 8.28 -30.56
N GLY N 296 11.45 8.54 -30.99
CA GLY N 296 10.54 7.50 -31.49
C GLY N 296 9.51 7.01 -30.48
N MET N 297 9.04 7.83 -29.55
N MET N 297 8.78 8.01 -30.06
CA MET N 297 7.95 7.41 -28.60
CA MET N 297 7.78 8.04 -28.96
C MET N 297 6.60 7.37 -29.35
C MET N 297 6.41 7.81 -29.59
N ASP N 298 5.56 6.75 -28.77
N ASP N 298 5.62 6.86 -29.06
CA ASP N 298 4.20 6.62 -29.36
CA ASP N 298 4.26 6.67 -29.59
C ASP N 298 3.56 8.02 -29.50
C ASP N 298 3.58 8.03 -29.56
N VAL N 299 2.65 8.22 -30.48
CA VAL N 299 1.98 9.52 -30.70
C VAL N 299 1.15 9.95 -29.47
N ASP N 300 0.45 9.03 -28.82
CA ASP N 300 -0.41 9.41 -27.67
C ASP N 300 0.50 9.96 -26.54
N THR N 301 1.67 9.35 -26.36
CA THR N 301 2.67 9.78 -25.36
C THR N 301 3.14 11.20 -25.70
N ARG N 302 3.44 11.47 -26.97
CA ARG N 302 3.87 12.82 -27.40
C ARG N 302 2.72 13.80 -27.17
N ALA N 303 1.47 13.39 -27.39
CA ALA N 303 0.31 14.29 -27.20
C ALA N 303 0.18 14.64 -25.71
N TYR N 304 0.34 13.67 -24.83
CA TYR N 304 0.30 13.87 -23.35
C TYR N 304 1.41 14.84 -22.97
N PHE N 305 2.65 14.60 -23.40
CA PHE N 305 3.77 15.44 -22.93
C PHE N 305 3.63 16.86 -23.49
N THR N 306 3.10 17.04 -24.70
CA THR N 306 2.81 18.38 -25.24
C THR N 306 1.85 19.13 -24.30
N SER N 307 0.75 18.49 -23.94
CA SER N 307 -0.36 19.11 -23.20
C SER N 307 0.08 19.43 -21.76
N ALA N 308 0.71 18.45 -21.09
CA ALA N 308 1.14 18.59 -19.69
C ALA N 308 2.16 19.72 -19.64
N THR N 309 3.04 19.82 -20.63
CA THR N 309 4.10 20.85 -20.61
C THR N 309 3.44 22.23 -20.71
N MET N 310 2.45 22.37 -21.59
CA MET N 310 1.85 23.70 -21.82
C MET N 310 1.14 24.22 -20.57
N ILE N 311 0.62 23.32 -19.72
N ILE N 311 0.49 23.37 -19.77
CA ILE N 311 -0.14 23.64 -18.48
CA ILE N 311 -0.40 23.88 -18.70
C ILE N 311 0.71 24.51 -17.55
C ILE N 311 0.45 24.61 -17.65
N ILE N 312 2.02 24.33 -17.56
N ILE N 312 1.76 24.37 -17.59
CA ILE N 312 2.93 25.11 -16.67
CA ILE N 312 2.62 25.09 -16.62
C ILE N 312 2.80 26.63 -16.97
C ILE N 312 2.65 26.61 -16.93
N ALA N 313 2.37 27.03 -18.16
CA ALA N 313 2.21 28.47 -18.48
C ALA N 313 1.16 29.12 -17.56
N ILE N 314 0.14 28.36 -17.09
CA ILE N 314 -0.96 28.96 -16.31
C ILE N 314 -0.43 29.44 -14.95
N PRO N 315 0.14 28.60 -14.04
CA PRO N 315 0.68 29.13 -12.79
C PRO N 315 1.81 30.13 -13.04
N THR N 316 2.61 29.92 -14.09
CA THR N 316 3.73 30.85 -14.37
C THR N 316 3.16 32.25 -14.69
N GLY N 317 2.11 32.30 -15.50
CA GLY N 317 1.46 33.56 -15.87
C GLY N 317 0.90 34.25 -14.63
N VAL N 318 0.36 33.48 -13.72
CA VAL N 318 -0.12 34.08 -12.44
C VAL N 318 1.04 34.82 -11.77
N LYS N 319 2.24 34.25 -11.73
CA LYS N 319 3.37 34.97 -11.08
C LYS N 319 3.72 36.22 -11.88
N VAL N 320 3.78 36.14 -13.20
CA VAL N 320 4.18 37.31 -14.00
C VAL N 320 3.17 38.43 -13.77
N PHE N 321 1.89 38.13 -13.84
CA PHE N 321 0.82 39.13 -13.69
C PHE N 321 0.83 39.66 -12.25
N SER N 322 1.17 38.85 -11.27
CA SER N 322 1.22 39.28 -9.86
C SER N 322 2.42 40.21 -9.63
N TRP N 323 3.56 39.99 -10.30
CA TRP N 323 4.69 40.96 -10.23
C TRP N 323 4.23 42.30 -10.82
N LEU N 324 3.54 42.25 -11.94
CA LEU N 324 3.09 43.48 -12.59
C LEU N 324 2.09 44.20 -11.67
N ALA N 325 1.21 43.45 -11.01
CA ALA N 325 0.22 44.03 -10.07
C ALA N 325 0.90 44.50 -8.77
N THR N 326 2.10 44.05 -8.46
CA THR N 326 2.88 44.59 -7.32
C THR N 326 3.45 45.96 -7.69
N LEU N 327 3.95 46.13 -8.92
CA LEU N 327 4.41 47.44 -9.43
C LEU N 327 3.23 48.43 -9.39
N HIS N 328 2.05 47.96 -9.77
CA HIS N 328 0.86 48.82 -9.96
C HIS N 328 0.63 49.66 -8.69
N GLY N 329 0.64 50.97 -8.86
CA GLY N 329 0.36 51.91 -7.75
C GLY N 329 1.55 52.14 -6.86
N GLY N 330 2.70 51.60 -7.22
CA GLY N 330 3.89 51.76 -6.40
C GLY N 330 4.49 53.15 -6.51
N ASN N 331 5.17 53.55 -5.46
CA ASN N 331 6.15 54.66 -5.52
C ASN N 331 7.45 54.00 -5.96
N ILE N 332 7.71 53.98 -7.27
CA ILE N 332 8.80 53.12 -7.83
C ILE N 332 10.15 53.77 -7.54
N LYS N 333 11.05 53.01 -6.94
CA LYS N 333 12.48 53.43 -6.82
C LYS N 333 13.23 52.71 -7.95
N TRP N 334 13.80 53.48 -8.87
CA TRP N 334 14.57 52.93 -10.01
C TRP N 334 15.99 52.57 -9.58
N SER N 335 16.11 51.73 -8.59
CA SER N 335 17.39 51.19 -8.11
C SER N 335 17.95 50.24 -9.17
N PRO N 336 19.26 49.97 -9.15
CA PRO N 336 19.81 48.93 -10.01
C PRO N 336 19.09 47.60 -9.82
N ALA N 337 18.82 47.19 -8.57
CA ALA N 337 18.13 45.90 -8.34
C ALA N 337 16.78 45.87 -9.06
N MET N 338 16.02 46.95 -8.99
CA MET N 338 14.72 47.02 -9.67
C MET N 338 14.92 46.84 -11.19
N MET N 339 15.96 47.44 -11.75
CA MET N 339 16.29 47.27 -13.21
C MET N 339 16.49 45.79 -13.53
N TRP N 340 17.28 45.09 -12.73
CA TRP N 340 17.51 43.64 -12.95
C TRP N 340 16.16 42.91 -12.91
N ALA N 341 15.29 43.26 -11.95
CA ALA N 341 14.02 42.55 -11.78
C ALA N 341 13.09 42.85 -12.96
N LEU N 342 13.02 44.10 -13.43
CA LEU N 342 12.17 44.42 -14.58
C LEU N 342 12.70 43.69 -15.82
N GLY N 343 14.02 43.66 -16.03
CA GLY N 343 14.62 42.90 -17.14
C GLY N 343 14.19 41.44 -17.01
N PHE N 344 14.27 40.89 -15.79
CA PHE N 344 13.85 39.50 -15.53
C PHE N 344 12.42 39.29 -16.04
N ILE N 345 11.47 40.13 -15.60
CA ILE N 345 10.04 39.84 -15.88
C ILE N 345 9.85 39.74 -17.41
N PHE N 346 10.41 40.67 -18.16
CA PHE N 346 10.23 40.69 -19.63
C PHE N 346 10.99 39.51 -20.27
N LEU N 347 12.29 39.37 -19.95
CA LEU N 347 13.16 38.41 -20.70
C LEU N 347 12.78 36.98 -20.31
N PHE N 348 12.50 36.74 -19.03
CA PHE N 348 11.96 35.43 -18.58
C PHE N 348 10.68 35.12 -19.38
N THR N 349 9.79 36.10 -19.57
CA THR N 349 8.52 35.86 -20.30
C THR N 349 8.84 35.42 -21.74
N VAL N 350 9.78 36.08 -22.38
CA VAL N 350 10.16 35.73 -23.78
C VAL N 350 10.66 34.29 -23.80
N GLY N 351 11.57 33.94 -22.91
CA GLY N 351 12.11 32.59 -22.86
C GLY N 351 11.05 31.55 -22.52
N GLY N 352 10.14 31.89 -21.62
CA GLY N 352 9.04 30.99 -21.31
C GLY N 352 8.18 30.71 -22.52
N LEU N 353 7.91 31.76 -23.30
CA LEU N 353 7.02 31.63 -24.47
C LEU N 353 7.73 30.78 -25.54
N THR N 354 9.03 30.89 -25.72
CA THR N 354 9.73 30.01 -26.71
C THR N 354 9.75 28.58 -26.16
N GLY N 355 9.70 28.42 -24.84
CA GLY N 355 9.49 27.07 -24.25
C GLY N 355 8.15 26.50 -24.67
N ILE N 356 7.09 27.33 -24.67
CA ILE N 356 5.72 26.87 -25.07
C ILE N 356 5.75 26.50 -26.56
N VAL N 357 6.50 27.19 -27.38
CA VAL N 357 6.66 26.81 -28.81
C VAL N 357 7.24 25.38 -28.86
N LEU N 358 8.33 25.15 -28.11
CA LEU N 358 9.06 23.86 -28.10
C LEU N 358 8.20 22.75 -27.53
N ALA N 359 7.22 23.06 -26.68
CA ALA N 359 6.33 22.06 -26.04
C ALA N 359 5.50 21.30 -27.09
N ASN N 360 5.35 21.89 -28.27
CA ASN N 360 4.54 21.31 -29.35
C ASN N 360 5.38 20.25 -30.05
N SER N 361 5.15 18.98 -29.76
N SER N 361 5.07 18.99 -29.80
CA SER N 361 6.00 17.87 -30.24
CA SER N 361 5.85 17.83 -30.31
C SER N 361 6.18 17.98 -31.77
C SER N 361 5.93 17.86 -31.83
N SER N 362 5.09 18.24 -32.49
N SER N 362 4.95 18.45 -32.50
CA SER N 362 5.15 18.35 -33.98
CA SER N 362 4.90 18.47 -33.99
C SER N 362 6.21 19.37 -34.39
C SER N 362 5.99 19.42 -34.50
N LEU N 363 6.12 20.59 -33.88
CA LEU N 363 7.09 21.63 -34.32
C LEU N 363 8.46 21.35 -33.70
N ASP N 364 8.49 20.69 -32.53
CA ASP N 364 9.79 20.34 -31.91
C ASP N 364 10.59 19.38 -32.81
N ILE N 365 9.94 18.62 -33.70
CA ILE N 365 10.72 17.76 -34.64
C ILE N 365 11.76 18.65 -35.32
N VAL N 366 11.35 19.83 -35.80
CA VAL N 366 12.22 20.72 -36.61
C VAL N 366 13.08 21.55 -35.68
N LEU N 367 12.64 21.82 -34.45
CA LEU N 367 13.42 22.74 -33.55
C LEU N 367 14.40 21.97 -32.63
N HIS N 368 14.13 20.70 -32.41
CA HIS N 368 14.93 19.86 -31.47
C HIS N 368 16.38 19.83 -31.93
N ASP N 369 17.33 19.92 -31.00
CA ASP N 369 18.78 19.81 -31.33
C ASP N 369 19.17 20.93 -32.30
N THR N 370 18.48 22.08 -32.24
CA THR N 370 18.87 23.30 -32.96
C THR N 370 19.08 24.46 -31.98
N TYR N 371 19.59 25.55 -32.50
CA TYR N 371 19.87 26.76 -31.70
C TYR N 371 18.56 27.37 -31.21
N TYR N 372 17.38 26.94 -31.67
CA TYR N 372 16.13 27.51 -31.13
C TYR N 372 16.06 27.13 -29.64
N VAL N 373 16.47 25.90 -29.34
CA VAL N 373 16.43 25.43 -27.95
C VAL N 373 17.43 26.24 -27.12
N VAL N 374 18.62 26.45 -27.67
CA VAL N 374 19.73 27.24 -27.04
C VAL N 374 19.20 28.65 -26.75
N ALA N 375 18.42 29.24 -27.68
CA ALA N 375 17.86 30.59 -27.47
C ALA N 375 16.87 30.55 -26.30
N HIS N 376 15.95 29.60 -26.33
CA HIS N 376 14.95 29.41 -25.26
C HIS N 376 15.70 29.39 -23.91
N PHE N 377 16.66 28.48 -23.74
CA PHE N 377 17.14 28.25 -22.37
C PHE N 377 18.06 29.37 -21.94
N HIS N 378 18.74 30.08 -22.85
CA HIS N 378 19.58 31.22 -22.37
C HIS N 378 18.71 32.42 -22.02
N TYR N 379 17.54 32.59 -22.63
CA TYR N 379 16.61 33.65 -22.17
C TYR N 379 16.22 33.34 -20.70
N VAL N 380 15.89 32.10 -20.40
CA VAL N 380 15.43 31.80 -18.99
C VAL N 380 16.63 31.67 -18.03
N LEU N 381 17.87 31.34 -18.50
CA LEU N 381 19.03 31.12 -17.59
C LEU N 381 19.93 32.34 -17.56
N SER N 382 20.43 32.76 -18.73
CA SER N 382 21.39 33.89 -18.84
C SER N 382 20.65 35.23 -18.67
N MET N 383 19.33 35.26 -18.81
CA MET N 383 18.55 36.52 -18.60
C MET N 383 17.47 36.40 -17.53
N GLY N 384 17.13 35.22 -17.10
CA GLY N 384 16.22 35.00 -15.97
C GLY N 384 16.99 34.67 -14.71
N ALA N 385 17.50 33.44 -14.60
CA ALA N 385 18.26 33.04 -13.39
C ALA N 385 19.33 34.10 -13.10
N VAL N 386 20.14 34.46 -14.11
CA VAL N 386 21.27 35.39 -13.88
C VAL N 386 20.76 36.77 -13.43
N PHE N 387 19.68 37.27 -14.05
CA PHE N 387 19.16 38.62 -13.71
C PHE N 387 18.63 38.59 -12.28
N ALA N 388 17.98 37.50 -11.86
CA ALA N 388 17.52 37.37 -10.46
C ALA N 388 18.73 37.36 -9.52
N ILE N 389 19.80 36.62 -9.89
CA ILE N 389 21.04 36.61 -9.06
C ILE N 389 21.60 38.03 -8.97
N MET N 390 21.69 38.75 -10.10
CA MET N 390 22.34 40.06 -10.07
C MET N 390 21.47 41.04 -9.27
N GLY N 391 20.15 40.97 -9.42
CA GLY N 391 19.25 41.84 -8.65
C GLY N 391 19.32 41.54 -7.17
N GLY N 392 19.34 40.26 -6.82
CA GLY N 392 19.51 39.87 -5.40
C GLY N 392 20.85 40.33 -4.86
N PHE N 393 21.91 40.15 -5.66
CA PHE N 393 23.26 40.53 -5.22
C PHE N 393 23.30 42.04 -4.92
N VAL N 394 22.82 42.89 -5.84
N VAL N 394 22.86 42.85 -5.88
CA VAL N 394 22.96 44.35 -5.61
CA VAL N 394 22.85 44.33 -5.72
C VAL N 394 21.97 44.79 -4.52
C VAL N 394 22.03 44.68 -4.46
N HIS N 395 20.83 44.12 -4.37
CA HIS N 395 19.86 44.45 -3.29
C HIS N 395 20.43 44.09 -1.91
N TRP N 396 20.97 42.87 -1.77
CA TRP N 396 21.38 42.37 -0.43
C TRP N 396 22.89 42.56 -0.16
N PHE N 397 23.71 42.96 -1.14
CA PHE N 397 25.14 43.19 -0.87
C PHE N 397 25.33 44.04 0.38
N PRO N 398 24.59 45.16 0.59
CA PRO N 398 24.81 45.98 1.79
C PRO N 398 24.47 45.25 3.10
N LEU N 399 23.51 44.33 3.04
CA LEU N 399 23.15 43.52 4.22
C LEU N 399 24.33 42.63 4.55
N PHE N 400 24.87 41.96 3.53
CA PHE N 400 25.89 40.91 3.76
C PHE N 400 27.20 41.57 4.18
N SER N 401 27.55 42.70 3.56
CA SER N 401 28.87 43.35 3.68
C SER N 401 28.90 44.47 4.73
N GLY N 402 27.79 45.19 4.91
CA GLY N 402 27.73 46.46 5.65
C GLY N 402 28.10 47.66 4.81
N TYR N 403 28.42 47.48 3.51
CA TYR N 403 28.89 48.57 2.62
C TYR N 403 27.91 48.77 1.48
N THR N 404 27.81 50.01 0.97
CA THR N 404 26.97 50.33 -0.21
C THR N 404 27.79 50.24 -1.48
N LEU N 405 27.11 49.85 -2.56
CA LEU N 405 27.65 49.92 -3.92
C LEU N 405 27.49 51.34 -4.43
N ASN N 406 28.19 51.65 -5.51
CA ASN N 406 27.93 52.88 -6.25
C ASN N 406 26.76 52.60 -7.21
N ASP N 407 25.60 53.23 -6.98
CA ASP N 407 24.37 52.90 -7.76
C ASP N 407 24.55 53.27 -9.23
N THR N 408 25.30 54.32 -9.54
CA THR N 408 25.50 54.72 -10.95
C THR N 408 26.31 53.62 -11.66
N TRP N 409 27.40 53.16 -11.06
CA TRP N 409 28.18 52.03 -11.65
C TRP N 409 27.26 50.81 -11.85
N ALA N 410 26.45 50.48 -10.85
CA ALA N 410 25.57 49.31 -10.91
C ALA N 410 24.57 49.47 -12.07
N LYS N 411 24.08 50.67 -12.34
CA LYS N 411 23.17 50.91 -13.49
C LYS N 411 23.94 50.73 -14.81
N ILE N 412 25.19 51.20 -14.88
CA ILE N 412 26.04 51.06 -16.09
C ILE N 412 26.20 49.56 -16.35
N HIS N 413 26.53 48.81 -15.30
CA HIS N 413 26.70 47.35 -15.39
C HIS N 413 25.43 46.71 -15.98
N PHE N 414 24.27 47.02 -15.43
CA PHE N 414 22.99 46.50 -15.94
C PHE N 414 22.86 46.80 -17.45
N ALA N 415 23.11 48.04 -17.87
CA ALA N 415 22.88 48.48 -19.26
C ALA N 415 23.79 47.66 -20.17
N ILE N 416 25.06 47.47 -19.79
CA ILE N 416 26.03 46.73 -20.64
C ILE N 416 25.54 45.28 -20.75
N MET N 417 25.22 44.67 -19.62
N MET N 417 25.23 44.65 -19.62
CA MET N 417 24.81 43.23 -19.59
CA MET N 417 24.82 43.23 -19.62
C MET N 417 23.54 43.04 -20.43
C MET N 417 23.56 43.07 -20.49
N PHE N 418 22.58 43.98 -20.33
CA PHE N 418 21.29 43.89 -21.05
C PHE N 418 21.56 43.85 -22.56
N VAL N 419 22.44 44.73 -23.04
CA VAL N 419 22.78 44.78 -24.49
C VAL N 419 23.48 43.47 -24.86
N GLY N 420 24.46 43.04 -24.07
CA GLY N 420 25.30 41.87 -24.38
C GLY N 420 24.44 40.61 -24.52
N VAL N 421 23.61 40.32 -23.54
CA VAL N 421 22.87 39.02 -23.55
C VAL N 421 21.85 39.03 -24.69
N ASN N 422 21.25 40.17 -24.98
CA ASN N 422 20.23 40.24 -26.07
C ASN N 422 20.94 40.09 -27.42
N MET N 423 22.10 40.71 -27.60
N MET N 423 22.09 40.71 -27.61
CA MET N 423 22.85 40.62 -28.86
CA MET N 423 22.83 40.58 -28.89
C MET N 423 23.36 39.18 -29.03
C MET N 423 23.32 39.13 -29.04
N THR N 424 23.70 38.50 -27.93
CA THR N 424 24.19 37.11 -27.95
C THR N 424 23.05 36.19 -28.40
N PHE N 425 21.88 36.26 -27.75
CA PHE N 425 20.90 35.15 -27.83
C PHE N 425 19.75 35.44 -28.81
N PHE N 426 19.39 36.69 -29.05
CA PHE N 426 18.24 36.94 -29.92
C PHE N 426 18.46 36.33 -31.29
N PRO N 427 19.64 36.50 -31.93
CA PRO N 427 19.86 35.95 -33.28
C PRO N 427 19.85 34.43 -33.31
N GLN N 428 20.06 33.77 -32.17
CA GLN N 428 20.11 32.30 -32.14
C GLN N 428 18.71 31.76 -32.47
N HIS N 429 17.64 32.53 -32.29
CA HIS N 429 16.30 32.09 -32.78
C HIS N 429 16.36 31.84 -34.30
N PHE N 430 16.97 32.76 -35.02
CA PHE N 430 17.05 32.69 -36.50
C PHE N 430 17.85 31.45 -36.88
N LEU N 431 19.01 31.29 -36.24
CA LEU N 431 19.90 30.13 -36.47
C LEU N 431 19.13 28.83 -36.22
N GLY N 432 18.31 28.77 -35.19
CA GLY N 432 17.47 27.59 -34.89
C GLY N 432 16.42 27.34 -35.96
N LEU N 433 15.60 28.34 -36.29
CA LEU N 433 14.52 28.18 -37.29
C LEU N 433 15.14 27.73 -38.61
N SER N 434 16.35 28.23 -38.94
CA SER N 434 16.99 27.98 -40.26
C SER N 434 17.80 26.66 -40.19
N GLY N 435 17.87 26.02 -39.01
CA GLY N 435 18.31 24.63 -38.84
C GLY N 435 19.76 24.44 -38.41
N MET N 436 20.42 25.43 -37.81
CA MET N 436 21.77 25.21 -37.26
C MET N 436 21.72 24.24 -36.07
N PRO N 437 22.37 23.06 -36.14
CA PRO N 437 22.33 22.12 -35.03
C PRO N 437 23.08 22.57 -33.78
N ARG N 438 22.72 21.98 -32.64
CA ARG N 438 23.51 22.12 -31.39
C ARG N 438 24.82 21.34 -31.47
N ARG N 439 25.79 21.79 -30.68
CA ARG N 439 27.03 21.03 -30.35
C ARG N 439 27.91 20.92 -31.60
N TYR N 440 27.81 21.92 -32.49
CA TYR N 440 28.67 22.05 -33.70
C TYR N 440 29.82 23.03 -33.45
N SER N 441 31.06 22.60 -33.69
CA SER N 441 32.25 23.48 -33.67
C SER N 441 32.30 24.36 -34.93
N ASP N 442 31.58 23.97 -35.98
CA ASP N 442 31.61 24.68 -37.28
C ASP N 442 30.28 24.47 -38.02
N TYR N 443 29.94 25.40 -38.90
CA TYR N 443 28.60 25.51 -39.49
C TYR N 443 28.69 25.86 -40.96
N PRO N 444 27.71 25.42 -41.77
CA PRO N 444 27.63 25.84 -43.16
C PRO N 444 27.68 27.37 -43.25
N ASP N 445 28.18 27.87 -44.36
CA ASP N 445 28.53 29.30 -44.56
C ASP N 445 27.31 30.21 -44.32
N ALA N 446 26.10 29.76 -44.67
CA ALA N 446 24.86 30.57 -44.64
C ALA N 446 24.62 31.12 -43.23
N TYR N 447 25.07 30.39 -42.22
CA TYR N 447 24.79 30.74 -40.80
C TYR N 447 25.79 31.78 -40.27
N THR N 448 26.68 32.33 -41.11
CA THR N 448 27.83 33.16 -40.63
C THR N 448 27.36 34.45 -39.94
N MET N 449 26.47 35.21 -40.56
CA MET N 449 26.13 36.56 -40.06
C MET N 449 25.61 36.49 -38.63
N TRP N 450 24.64 35.64 -38.34
CA TRP N 450 24.04 35.60 -36.98
C TRP N 450 25.04 35.02 -35.97
N ASN N 451 25.88 34.04 -36.35
CA ASN N 451 26.96 33.57 -35.45
C ASN N 451 27.94 34.71 -35.15
N THR N 452 28.25 35.54 -36.14
CA THR N 452 29.22 36.64 -35.99
C THR N 452 28.64 37.62 -34.96
N ILE N 453 27.38 38.01 -35.15
CA ILE N 453 26.69 38.95 -34.23
C ILE N 453 26.59 38.35 -32.84
N SER N 454 26.17 37.10 -32.72
CA SER N 454 26.04 36.43 -31.40
C SER N 454 27.37 36.51 -30.64
N SER N 455 28.48 36.21 -31.33
CA SER N 455 29.83 36.20 -30.72
C SER N 455 30.18 37.63 -30.27
N MET N 456 29.81 38.64 -31.04
CA MET N 456 30.06 40.04 -30.66
C MET N 456 29.29 40.36 -29.35
N GLY N 457 28.06 39.90 -29.23
CA GLY N 457 27.27 40.02 -27.98
C GLY N 457 28.00 39.40 -26.79
N SER N 458 28.61 38.22 -26.94
CA SER N 458 29.26 37.52 -25.82
C SER N 458 30.42 38.37 -25.26
N PHE N 459 31.13 39.11 -26.13
CA PHE N 459 32.23 39.99 -25.69
C PHE N 459 31.67 41.17 -24.90
N ILE N 460 30.49 41.65 -25.26
CA ILE N 460 29.83 42.76 -24.51
C ILE N 460 29.51 42.24 -23.11
N SER N 461 28.98 41.03 -23.00
CA SER N 461 28.67 40.43 -21.69
C SER N 461 29.97 40.26 -20.89
N LEU N 462 31.07 39.90 -21.54
CA LEU N 462 32.37 39.77 -20.85
C LEU N 462 32.71 41.11 -20.22
N THR N 463 32.54 42.20 -20.97
CA THR N 463 32.88 43.55 -20.45
C THR N 463 32.06 43.80 -19.17
N ALA N 464 30.78 43.44 -19.17
CA ALA N 464 29.89 43.62 -18.00
C ALA N 464 30.40 42.79 -16.82
N VAL N 465 30.79 41.53 -17.04
CA VAL N 465 31.37 40.70 -15.95
C VAL N 465 32.62 41.36 -15.37
N MET N 466 33.55 41.83 -16.21
CA MET N 466 34.80 42.44 -15.70
C MET N 466 34.41 43.68 -14.90
N LEU N 467 33.42 44.45 -15.37
CA LEU N 467 33.00 45.69 -14.67
C LEU N 467 32.41 45.34 -13.29
N MET N 468 31.63 44.27 -13.19
CA MET N 468 31.03 43.86 -11.92
C MET N 468 32.12 43.62 -10.87
N VAL N 469 33.24 43.01 -11.25
CA VAL N 469 34.34 42.74 -10.30
C VAL N 469 34.89 44.10 -9.81
N PHE N 470 35.10 45.06 -10.71
CA PHE N 470 35.59 46.41 -10.34
C PHE N 470 34.60 47.05 -9.35
N ILE N 471 33.29 46.90 -9.61
CA ILE N 471 32.23 47.56 -8.80
C ILE N 471 32.24 47.02 -7.37
N ILE N 472 32.43 45.72 -7.21
CA ILE N 472 32.52 45.05 -5.88
C ILE N 472 33.80 45.59 -5.22
N TRP N 473 34.92 45.64 -5.95
CA TRP N 473 36.18 46.20 -5.41
C TRP N 473 35.91 47.61 -4.87
N GLU N 474 35.28 48.46 -5.69
CA GLU N 474 35.12 49.90 -5.33
C GLU N 474 34.31 50.01 -4.03
N ALA N 475 33.29 49.17 -3.81
CA ALA N 475 32.45 49.22 -2.60
C ALA N 475 33.31 48.88 -1.37
N PHE N 476 34.11 47.80 -1.48
CA PHE N 476 35.00 47.39 -0.36
C PHE N 476 36.15 48.39 -0.20
N ALA N 477 36.58 49.02 -1.31
CA ALA N 477 37.68 50.00 -1.29
C ALA N 477 37.25 51.29 -0.58
N SER N 478 36.00 51.71 -0.74
CA SER N 478 35.51 53.05 -0.30
C SER N 478 34.94 52.98 1.11
N LYS N 479 34.36 51.85 1.50
CA LYS N 479 33.84 51.62 2.88
C LYS N 479 32.81 52.70 3.26
N ARG N 480 31.73 52.79 2.48
CA ARG N 480 30.49 53.54 2.86
C ARG N 480 29.63 52.60 3.72
N GLU N 481 29.64 52.79 5.05
CA GLU N 481 28.93 51.88 5.99
C GLU N 481 27.46 52.26 6.06
N VAL N 482 26.61 51.26 5.93
CA VAL N 482 25.14 51.44 5.90
C VAL N 482 24.77 52.10 7.23
N LEU N 483 23.83 53.00 7.17
CA LEU N 483 23.19 53.62 8.35
C LEU N 483 21.76 53.06 8.52
N THR N 484 20.90 53.38 7.55
CA THR N 484 19.45 53.02 7.59
C THR N 484 19.02 52.38 6.28
N VAL N 485 18.00 51.54 6.35
CA VAL N 485 17.30 51.07 5.15
C VAL N 485 15.79 51.20 5.42
N ASP N 486 15.04 51.52 4.39
CA ASP N 486 13.58 51.64 4.50
C ASP N 486 12.91 50.26 4.50
N LEU N 487 11.66 50.24 4.93
CA LEU N 487 10.71 49.10 4.83
C LEU N 487 11.21 47.94 5.69
N THR N 488 11.93 48.20 6.81
CA THR N 488 12.35 47.07 7.66
C THR N 488 11.10 46.39 8.24
N THR N 489 9.95 47.10 8.36
CA THR N 489 8.76 46.46 8.96
C THR N 489 8.32 45.26 8.13
N THR N 490 8.69 45.16 6.85
CA THR N 490 8.25 44.00 6.03
C THR N 490 9.46 43.32 5.41
N ASN N 491 10.63 43.48 6.00
CA ASN N 491 11.88 42.88 5.48
C ASN N 491 12.77 42.57 6.68
N LEU N 492 12.41 41.54 7.44
CA LEU N 492 13.00 41.17 8.75
C LEU N 492 14.50 40.96 8.61
N GLU N 493 15.00 40.54 7.44
CA GLU N 493 16.43 40.19 7.32
C GLU N 493 17.31 41.42 7.57
N TRP N 494 16.79 42.64 7.44
CA TRP N 494 17.57 43.90 7.60
C TRP N 494 17.58 44.36 9.06
N LEU N 495 16.74 43.80 9.92
CA LEU N 495 16.41 44.49 11.18
C LEU N 495 17.51 44.28 12.23
N ASN N 496 18.51 43.44 11.96
CA ASN N 496 19.67 43.26 12.87
C ASN N 496 20.88 44.05 12.38
N GLY N 497 20.70 44.99 11.45
CA GLY N 497 21.81 45.82 10.96
C GLY N 497 22.62 45.13 9.88
N CYS N 498 23.64 45.84 9.40
CA CYS N 498 24.44 45.52 8.20
C CYS N 498 25.91 45.61 8.54
N PRO N 499 26.65 44.48 8.57
CA PRO N 499 26.06 43.14 8.51
C PRO N 499 25.47 42.80 9.87
N PRO N 500 24.54 41.84 9.94
CA PRO N 500 24.02 41.39 11.23
C PRO N 500 25.14 40.72 12.01
N PRO N 501 25.06 40.70 13.35
CA PRO N 501 26.02 39.99 14.20
C PRO N 501 26.08 38.49 13.87
N TYR N 502 27.22 37.89 14.19
CA TYR N 502 27.48 36.45 13.97
C TYR N 502 26.30 35.63 14.47
N HIS N 503 25.90 35.87 15.70
CA HIS N 503 24.68 35.26 16.29
C HIS N 503 23.55 36.27 16.22
N THR N 504 22.49 35.93 15.50
CA THR N 504 21.23 36.70 15.50
C THR N 504 20.11 35.84 16.09
N PHE N 505 19.08 36.51 16.60
CA PHE N 505 17.89 35.88 17.19
C PHE N 505 18.31 34.91 18.30
N GLU N 506 19.35 35.28 19.07
CA GLU N 506 19.69 34.58 20.32
C GLU N 506 18.48 34.64 21.25
N GLU N 507 17.91 35.83 21.37
CA GLU N 507 16.57 36.04 21.91
C GLU N 507 15.62 36.07 20.71
N PRO N 508 14.70 35.10 20.60
CA PRO N 508 13.81 35.04 19.45
C PRO N 508 12.86 36.23 19.40
N THR N 509 12.27 36.42 18.24
CA THR N 509 11.19 37.41 18.03
C THR N 509 10.02 37.01 18.93
N TYR N 510 9.25 38.03 19.29
CA TYR N 510 7.96 37.86 19.97
C TYR N 510 6.87 38.00 18.93
N VAL N 511 6.08 36.94 18.74
CA VAL N 511 4.91 36.96 17.83
C VAL N 511 3.73 36.33 18.57
N ASN N 512 2.66 37.09 18.82
CA ASN N 512 1.55 36.48 19.58
C ASN N 512 0.48 35.96 18.60
N LEU N 513 -0.49 35.22 19.13
CA LEU N 513 -1.71 34.78 18.38
C LEU N 513 -2.93 35.58 18.79
N ALA O 2 19.69 26.23 -45.85
CA ALA O 2 19.63 27.60 -45.37
C ALA O 2 20.37 28.57 -46.31
N TYR O 3 19.99 29.85 -46.29
CA TYR O 3 20.64 30.89 -47.12
C TYR O 3 21.10 32.02 -46.20
N PRO O 4 22.04 32.88 -46.64
CA PRO O 4 22.53 33.97 -45.79
C PRO O 4 21.42 34.91 -45.27
N MET O 5 21.54 35.29 -43.99
CA MET O 5 20.66 36.25 -43.28
C MET O 5 19.24 35.69 -43.15
N GLN O 6 19.09 34.38 -43.11
CA GLN O 6 17.77 33.74 -43.02
C GLN O 6 17.19 33.99 -41.62
N LEU O 7 15.91 34.38 -41.55
CA LEU O 7 15.23 34.65 -40.25
C LEU O 7 14.35 33.47 -39.85
N GLY O 8 13.72 32.78 -40.82
CA GLY O 8 12.69 31.76 -40.54
C GLY O 8 13.09 30.36 -41.01
N PHE O 9 12.09 29.52 -41.15
CA PHE O 9 12.31 28.13 -41.62
C PHE O 9 12.74 28.14 -43.07
N GLN O 10 13.50 27.12 -43.43
CA GLN O 10 13.74 26.77 -44.83
C GLN O 10 12.37 26.55 -45.51
N ASP O 11 12.24 26.93 -46.77
CA ASP O 11 10.97 26.79 -47.51
C ASP O 11 10.51 25.33 -47.39
N ALA O 12 9.22 25.12 -47.16
CA ALA O 12 8.60 23.79 -47.05
C ALA O 12 8.70 23.04 -48.38
N THR O 13 9.17 21.81 -48.30
CA THR O 13 9.28 20.89 -49.45
C THR O 13 8.27 19.73 -49.32
N SER O 14 7.61 19.58 -48.18
CA SER O 14 6.59 18.53 -47.96
C SER O 14 5.32 19.19 -47.41
N PRO O 15 4.15 18.58 -47.65
CA PRO O 15 2.90 19.05 -47.07
C PRO O 15 2.98 19.22 -45.55
N ILE O 16 3.59 18.27 -44.82
N ILE O 16 3.61 18.27 -44.84
CA ILE O 16 3.66 18.42 -43.33
CA ILE O 16 3.74 18.33 -43.35
C ILE O 16 4.53 19.65 -43.00
C ILE O 16 4.54 19.59 -42.99
N MET O 17 5.63 19.90 -43.72
CA MET O 17 6.46 21.09 -43.39
C MET O 17 5.64 22.36 -43.64
N GLU O 18 4.85 22.39 -44.71
N GLU O 18 4.79 22.40 -44.67
CA GLU O 18 3.91 23.53 -44.97
CA GLU O 18 3.97 23.61 -44.91
C GLU O 18 3.05 23.72 -43.72
C GLU O 18 2.97 23.75 -43.76
N GLU O 19 2.40 22.64 -43.26
CA GLU O 19 1.52 22.71 -42.05
C GLU O 19 2.28 23.33 -40.86
N LEU O 20 3.50 22.89 -40.64
CA LEU O 20 4.32 23.40 -39.51
C LEU O 20 4.60 24.89 -39.73
N LEU O 21 4.85 25.34 -40.97
CA LEU O 21 5.06 26.79 -41.21
C LEU O 21 3.83 27.58 -40.71
N HIS O 22 2.64 27.14 -41.10
N HIS O 22 2.60 27.23 -41.11
CA HIS O 22 1.38 27.84 -40.79
CA HIS O 22 1.45 28.07 -40.70
C HIS O 22 1.20 27.82 -39.27
C HIS O 22 1.14 27.85 -39.22
N PHE O 23 1.45 26.67 -38.66
CA PHE O 23 1.35 26.47 -37.20
C PHE O 23 2.34 27.39 -36.47
N HIS O 24 3.59 27.42 -36.91
CA HIS O 24 4.58 28.37 -36.32
C HIS O 24 4.06 29.82 -36.46
N ASP O 25 3.58 30.24 -37.64
CA ASP O 25 3.09 31.61 -37.83
C ASP O 25 2.01 31.94 -36.77
N HIS O 26 1.07 31.01 -36.57
CA HIS O 26 -0.03 31.13 -35.58
C HIS O 26 0.57 31.30 -34.18
N THR O 27 1.53 30.46 -33.83
CA THR O 27 2.06 30.44 -32.48
C THR O 27 2.94 31.66 -32.27
N LEU O 28 3.68 32.10 -33.27
CA LEU O 28 4.58 33.28 -33.13
C LEU O 28 3.72 34.55 -32.96
N MET O 29 2.56 34.61 -33.59
CA MET O 29 1.67 35.79 -33.39
C MET O 29 1.33 35.90 -31.91
N ILE O 30 0.97 34.78 -31.30
CA ILE O 30 0.65 34.73 -29.86
C ILE O 30 1.88 35.09 -29.01
N VAL O 31 3.05 34.55 -29.30
CA VAL O 31 4.31 34.86 -28.56
C VAL O 31 4.60 36.37 -28.63
N PHE O 32 4.50 36.94 -29.83
N PHE O 32 4.49 36.97 -29.81
CA PHE O 32 4.74 38.38 -30.09
CA PHE O 32 4.81 38.41 -29.96
C PHE O 32 3.76 39.21 -29.23
C PHE O 32 3.75 39.25 -29.23
N LEU O 33 2.48 38.87 -29.30
CA LEU O 33 1.39 39.63 -28.59
C LEU O 33 1.64 39.57 -27.09
N ILE O 34 1.89 38.38 -26.55
CA ILE O 34 2.03 38.23 -25.07
C ILE O 34 3.30 38.97 -24.61
N SER O 35 4.42 38.79 -25.30
CA SER O 35 5.69 39.49 -25.04
C SER O 35 5.44 41.01 -25.01
N SER O 36 4.74 41.49 -26.02
CA SER O 36 4.47 42.94 -26.25
C SER O 36 3.56 43.45 -25.14
N LEU O 37 2.56 42.65 -24.78
CA LEU O 37 1.62 43.09 -23.72
C LEU O 37 2.36 43.21 -22.39
N VAL O 38 3.24 42.26 -22.08
CA VAL O 38 4.00 42.32 -20.80
C VAL O 38 4.92 43.54 -20.82
N LEU O 39 5.64 43.79 -21.92
CA LEU O 39 6.53 44.97 -22.01
C LEU O 39 5.69 46.25 -21.85
N TYR O 40 4.55 46.32 -22.54
CA TYR O 40 3.69 47.51 -22.46
C TYR O 40 3.20 47.71 -21.04
N ILE O 41 2.67 46.65 -20.43
CA ILE O 41 2.14 46.75 -19.05
C ILE O 41 3.26 47.17 -18.10
N ILE O 42 4.48 46.63 -18.27
CA ILE O 42 5.64 47.10 -17.45
C ILE O 42 5.69 48.62 -17.64
N SER O 43 5.75 49.12 -18.88
CA SER O 43 5.90 50.57 -19.11
C SER O 43 4.73 51.34 -18.45
N LEU O 44 3.51 50.82 -18.53
CA LEU O 44 2.29 51.47 -17.96
C LEU O 44 2.42 51.53 -16.43
N MET O 45 2.90 50.47 -15.79
CA MET O 45 2.99 50.45 -14.32
C MET O 45 4.03 51.50 -13.87
N LEU O 46 5.00 51.81 -14.72
CA LEU O 46 6.20 52.58 -14.28
C LEU O 46 6.09 54.07 -14.64
N THR O 47 4.99 54.51 -15.25
CA THR O 47 4.92 55.87 -15.88
C THR O 47 3.82 56.72 -15.22
N THR O 48 3.48 56.49 -13.95
CA THR O 48 2.50 57.39 -13.29
C THR O 48 2.99 57.74 -11.89
N LYS O 49 2.80 58.99 -11.49
CA LYS O 49 3.02 59.47 -10.11
C LYS O 49 1.85 59.06 -9.20
N LEU O 50 0.73 58.58 -9.75
CA LEU O 50 -0.42 58.11 -8.94
C LEU O 50 -0.02 56.85 -8.18
N THR O 51 -0.47 56.73 -6.95
CA THR O 51 -0.15 55.59 -6.07
C THR O 51 -1.41 54.97 -5.44
N HIS O 52 -1.24 53.72 -5.11
CA HIS O 52 -2.18 52.86 -4.37
C HIS O 52 -1.34 51.77 -3.74
N THR O 53 -1.03 51.90 -2.45
CA THR O 53 0.01 51.06 -1.77
C THR O 53 -0.64 50.20 -0.68
N SER O 54 -1.94 50.40 -0.45
CA SER O 54 -2.67 49.57 0.53
C SER O 54 -2.93 48.20 -0.09
N THR O 55 -3.38 47.25 0.73
CA THR O 55 -3.62 45.85 0.29
C THR O 55 -4.63 45.85 -0.84
N MET O 56 -4.35 45.10 -1.90
CA MET O 56 -5.26 44.92 -3.07
C MET O 56 -5.84 43.50 -3.04
N ASP O 57 -7.15 43.39 -3.32
CA ASP O 57 -7.88 42.11 -3.49
C ASP O 57 -7.46 41.48 -4.84
N ALA O 58 -7.08 40.19 -4.80
CA ALA O 58 -6.47 39.46 -5.93
C ALA O 58 -7.47 38.52 -6.62
N GLN O 59 -8.57 38.17 -5.96
CA GLN O 59 -9.44 37.02 -6.37
C GLN O 59 -10.08 37.28 -7.75
N GLU O 60 -10.63 38.49 -7.96
CA GLU O 60 -11.33 38.81 -9.24
C GLU O 60 -10.32 38.67 -10.39
N VAL O 61 -9.17 39.33 -10.29
CA VAL O 61 -8.25 39.46 -11.46
C VAL O 61 -7.61 38.10 -11.74
N GLU O 62 -7.47 37.24 -10.72
CA GLU O 62 -6.78 35.94 -10.97
C GLU O 62 -7.66 35.03 -11.84
N THR O 63 -8.97 35.22 -11.86
CA THR O 63 -9.84 34.48 -12.80
C THR O 63 -9.39 34.84 -14.24
N ILE O 64 -9.24 36.12 -14.52
CA ILE O 64 -8.83 36.59 -15.87
C ILE O 64 -7.46 35.96 -16.20
N TRP O 65 -6.53 35.99 -15.25
CA TRP O 65 -5.13 35.56 -15.42
C TRP O 65 -4.99 34.07 -15.56
N THR O 66 -6.00 33.27 -15.24
CA THR O 66 -5.93 31.80 -15.42
C THR O 66 -6.81 31.41 -16.61
N ILE O 67 -7.99 32.00 -16.76
CA ILE O 67 -8.92 31.57 -17.85
C ILE O 67 -8.36 31.99 -19.22
N LEU O 68 -7.88 33.21 -19.37
CA LEU O 68 -7.45 33.71 -20.71
C LEU O 68 -6.22 32.91 -21.15
N PRO O 69 -5.21 32.70 -20.28
CA PRO O 69 -4.12 31.80 -20.70
C PRO O 69 -4.56 30.38 -21.02
N ALA O 70 -5.52 29.83 -20.31
CA ALA O 70 -6.03 28.45 -20.56
C ALA O 70 -6.64 28.43 -21.96
N ILE O 71 -7.41 29.45 -22.31
CA ILE O 71 -8.03 29.52 -23.65
C ILE O 71 -6.91 29.58 -24.70
N ILE O 72 -5.90 30.41 -24.46
CA ILE O 72 -4.79 30.60 -25.45
C ILE O 72 -4.08 29.27 -25.64
N LEU O 73 -3.77 28.56 -24.56
CA LEU O 73 -3.08 27.26 -24.67
C LEU O 73 -3.94 26.30 -25.50
N ILE O 74 -5.26 26.30 -25.31
CA ILE O 74 -6.17 25.40 -26.09
C ILE O 74 -6.08 25.80 -27.56
N LEU O 75 -6.01 27.10 -27.83
CA LEU O 75 -5.94 27.56 -29.24
C LEU O 75 -4.59 27.21 -29.90
N ILE O 76 -3.53 26.96 -29.12
CA ILE O 76 -2.23 26.43 -29.65
C ILE O 76 -2.32 24.90 -29.74
N ALA O 77 -2.84 24.23 -28.73
CA ALA O 77 -2.82 22.75 -28.66
C ALA O 77 -3.69 22.13 -29.75
N LEU O 78 -4.84 22.73 -30.09
CA LEU O 78 -5.76 22.12 -31.09
C LEU O 78 -5.02 21.93 -32.42
N PRO O 79 -4.46 22.98 -33.07
CA PRO O 79 -3.75 22.77 -34.33
C PRO O 79 -2.45 21.95 -34.15
N SER O 80 -1.75 22.12 -33.01
CA SER O 80 -0.53 21.35 -32.67
C SER O 80 -0.79 19.84 -32.79
N LEU O 81 -1.85 19.41 -32.11
CA LEU O 81 -2.19 17.98 -31.98
C LEU O 81 -2.80 17.51 -33.30
N ARG O 82 -3.52 18.38 -34.03
CA ARG O 82 -4.01 18.02 -35.39
C ARG O 82 -2.80 17.62 -36.26
N ILE O 83 -1.73 18.42 -36.27
CA ILE O 83 -0.53 18.11 -37.10
C ILE O 83 0.13 16.84 -36.56
N LEU O 84 0.28 16.73 -35.25
CA LEU O 84 0.92 15.55 -34.63
C LEU O 84 0.26 14.26 -35.14
N TYR O 85 -1.07 14.22 -35.15
CA TYR O 85 -1.81 13.00 -35.56
C TYR O 85 -1.74 12.85 -37.08
N MET O 86 -1.68 13.94 -37.84
CA MET O 86 -1.48 13.83 -39.32
C MET O 86 -0.15 13.13 -39.62
N MET O 87 0.93 13.51 -38.92
N MET O 87 0.95 13.57 -38.99
CA MET O 87 2.30 12.96 -39.06
CA MET O 87 2.30 12.95 -39.10
C MET O 87 2.38 11.52 -38.52
C MET O 87 2.15 11.42 -38.88
N ASP O 88 1.28 11.00 -37.95
CA ASP O 88 1.18 9.58 -37.50
C ASP O 88 0.25 8.74 -38.41
N GLU O 89 -0.56 9.36 -39.28
CA GLU O 89 -1.62 8.69 -40.08
C GLU O 89 -1.02 7.56 -40.94
N ILE O 90 -1.81 6.51 -41.17
CA ILE O 90 -1.45 5.31 -41.94
C ILE O 90 -1.23 5.84 -43.35
N ASN O 91 -0.10 5.54 -43.94
CA ASN O 91 -0.01 5.71 -45.40
C ASN O 91 0.48 4.37 -45.95
N ASN O 92 0.35 4.19 -47.25
CA ASN O 92 0.88 3.00 -47.95
C ASN O 92 2.11 3.52 -48.67
N PRO O 93 3.31 3.41 -48.05
CA PRO O 93 4.54 3.78 -48.71
C PRO O 93 4.72 2.86 -49.92
N SER O 94 5.41 3.35 -50.94
CA SER O 94 5.67 2.56 -52.17
C SER O 94 7.13 2.09 -52.17
N LEU O 95 7.91 2.50 -51.17
CA LEU O 95 9.38 2.32 -51.08
C LEU O 95 9.79 2.41 -49.61
N THR O 96 10.64 1.50 -49.14
CA THR O 96 11.33 1.59 -47.83
C THR O 96 12.82 1.76 -48.08
N VAL O 97 13.40 2.76 -47.44
CA VAL O 97 14.86 2.99 -47.39
C VAL O 97 15.30 3.01 -45.93
N LYS O 98 16.41 2.32 -45.64
CA LYS O 98 17.06 2.40 -44.31
C LYS O 98 18.26 3.33 -44.38
N THR O 99 18.47 4.09 -43.30
CA THR O 99 19.75 4.76 -43.07
C THR O 99 20.32 4.31 -41.73
N MET O 100 21.62 4.04 -41.71
CA MET O 100 22.36 3.71 -40.48
C MET O 100 23.38 4.82 -40.26
N GLY O 101 23.34 5.42 -39.06
CA GLY O 101 24.37 6.38 -38.61
C GLY O 101 25.64 5.63 -38.23
N HIS O 102 26.78 6.25 -38.52
CA HIS O 102 28.13 5.81 -38.10
C HIS O 102 28.92 7.04 -37.70
N GLN O 103 29.97 6.83 -36.92
CA GLN O 103 31.03 7.84 -36.69
C GLN O 103 32.02 7.80 -37.88
N TRP O 104 31.97 8.78 -38.78
CA TRP O 104 31.04 9.90 -38.91
C TRP O 104 30.59 10.01 -40.37
N TYR O 105 29.52 9.28 -40.71
CA TYR O 105 28.96 9.21 -42.08
C TYR O 105 27.66 8.45 -41.99
N TRP O 106 26.84 8.53 -43.03
CA TRP O 106 25.58 7.75 -43.11
C TRP O 106 25.74 6.64 -44.15
N SER O 107 25.13 5.50 -43.87
CA SER O 107 24.92 4.46 -44.89
C SER O 107 23.43 4.32 -45.21
N TYR O 108 23.13 3.92 -46.45
CA TYR O 108 21.76 3.78 -46.96
C TYR O 108 21.62 2.38 -47.54
N GLU O 109 20.43 1.82 -47.33
CA GLU O 109 20.07 0.47 -47.79
C GLU O 109 18.72 0.54 -48.48
N TYR O 110 18.62 0.00 -49.68
CA TYR O 110 17.38 -0.05 -50.47
C TYR O 110 17.19 -1.54 -50.77
N THR O 111 16.51 -2.27 -49.90
CA THR O 111 16.51 -3.75 -49.93
C THR O 111 15.07 -4.26 -50.16
N ASP O 112 14.19 -3.43 -50.74
CA ASP O 112 12.84 -3.94 -51.13
C ASP O 112 12.97 -5.06 -52.16
N TYR O 113 13.88 -4.94 -53.15
CA TYR O 113 14.03 -5.87 -54.31
C TYR O 113 15.45 -6.44 -54.39
N GLU O 114 16.47 -5.60 -54.53
CA GLU O 114 17.92 -5.97 -54.62
C GLU O 114 18.56 -5.66 -53.29
N ASP O 115 19.74 -6.18 -52.98
CA ASP O 115 20.52 -5.69 -51.82
C ASP O 115 21.41 -4.55 -52.31
N LEU O 116 20.86 -3.34 -52.34
CA LEU O 116 21.57 -2.10 -52.76
C LEU O 116 21.96 -1.36 -51.48
N SER O 117 23.25 -1.08 -51.30
CA SER O 117 23.64 -0.22 -50.18
C SER O 117 24.90 0.55 -50.52
N PHE O 118 25.09 1.67 -49.82
CA PHE O 118 26.27 2.54 -50.02
C PHE O 118 26.45 3.45 -48.81
N ASP O 119 27.66 3.98 -48.73
CA ASP O 119 28.11 4.96 -47.71
C ASP O 119 28.05 6.38 -48.31
N SER O 120 27.81 7.35 -47.45
CA SER O 120 27.58 8.77 -47.82
C SER O 120 28.43 9.61 -46.89
N TYR O 121 29.54 10.10 -47.40
CA TYR O 121 30.57 10.87 -46.64
C TYR O 121 30.58 12.32 -47.09
N MET O 122 30.91 13.20 -46.16
CA MET O 122 31.02 14.65 -46.44
C MET O 122 32.13 14.87 -47.46
N ILE O 123 31.93 15.77 -48.41
CA ILE O 123 33.04 16.23 -49.30
C ILE O 123 33.88 17.20 -48.47
N PRO O 124 35.17 16.88 -48.24
CA PRO O 124 36.08 17.77 -47.53
C PRO O 124 36.18 19.10 -48.28
N THR O 125 36.43 20.19 -47.56
CA THR O 125 36.50 21.56 -48.09
C THR O 125 37.52 21.64 -49.23
N SER O 126 38.65 20.97 -49.06
CA SER O 126 39.81 20.94 -49.98
C SER O 126 39.42 20.23 -51.30
N GLU O 127 38.29 19.49 -51.34
CA GLU O 127 37.88 18.70 -52.54
C GLU O 127 36.59 19.23 -53.17
N LEU O 128 35.96 20.24 -52.61
CA LEU O 128 34.71 20.81 -53.17
C LEU O 128 34.99 21.30 -54.58
N LYS O 129 34.06 21.02 -55.48
CA LYS O 129 34.06 21.55 -56.87
C LYS O 129 33.53 22.97 -56.79
N PRO O 130 33.96 23.90 -57.66
CA PRO O 130 33.49 25.29 -57.59
C PRO O 130 31.96 25.39 -57.54
N GLY O 131 31.47 26.18 -56.59
CA GLY O 131 30.04 26.40 -56.33
C GLY O 131 29.44 25.41 -55.36
N GLU O 132 30.16 24.35 -54.98
CA GLU O 132 29.69 23.34 -54.00
C GLU O 132 29.73 23.94 -52.59
N LEU O 133 28.91 23.40 -51.69
CA LEU O 133 28.65 24.00 -50.35
C LEU O 133 29.54 23.38 -49.28
N ARG O 134 30.25 24.24 -48.54
CA ARG O 134 31.15 23.82 -47.42
C ARG O 134 30.30 23.09 -46.36
N LEU O 135 30.78 21.91 -45.98
CA LEU O 135 30.24 21.03 -44.91
C LEU O 135 28.92 20.36 -45.28
N LEU O 136 28.36 20.57 -46.49
CA LEU O 136 27.00 20.05 -46.82
C LEU O 136 26.99 18.98 -47.91
N GLU O 137 27.98 18.96 -48.81
CA GLU O 137 27.92 18.01 -49.94
C GLU O 137 28.41 16.65 -49.44
N VAL O 138 27.94 15.59 -50.10
CA VAL O 138 28.38 14.19 -49.88
C VAL O 138 28.74 13.58 -51.22
N ASP O 139 29.48 12.49 -51.18
CA ASP O 139 29.95 11.77 -52.40
C ASP O 139 28.76 11.02 -53.01
N ASN O 140 27.93 10.39 -52.18
CA ASN O 140 26.77 9.60 -52.65
C ASN O 140 25.50 10.14 -51.98
N ARG O 141 24.65 10.79 -52.78
CA ARG O 141 23.35 11.35 -52.35
C ARG O 141 22.30 10.25 -52.21
N VAL O 142 21.27 10.58 -51.44
CA VAL O 142 20.14 9.65 -51.23
C VAL O 142 19.14 9.89 -52.36
N VAL O 143 19.24 9.06 -53.40
CA VAL O 143 18.36 9.19 -54.59
C VAL O 143 16.98 8.61 -54.22
N LEU O 144 15.93 9.39 -54.46
CA LEU O 144 14.55 9.05 -54.08
C LEU O 144 13.58 9.57 -55.14
N PRO O 145 12.44 8.91 -55.33
CA PRO O 145 11.39 9.43 -56.19
C PRO O 145 10.60 10.55 -55.50
N MET O 146 10.38 11.65 -56.23
CA MET O 146 9.48 12.76 -55.82
C MET O 146 8.02 12.32 -55.89
N GLU O 147 7.16 13.05 -55.17
CA GLU O 147 5.68 12.92 -55.19
C GLU O 147 5.31 11.49 -54.85
N MET O 148 6.09 10.82 -54.01
CA MET O 148 5.74 9.48 -53.53
C MET O 148 6.01 9.34 -52.04
N THR O 149 5.15 8.57 -51.40
CA THR O 149 5.25 8.30 -49.95
C THR O 149 6.37 7.27 -49.74
N ILE O 150 7.42 7.66 -49.02
CA ILE O 150 8.60 6.81 -48.74
C ILE O 150 8.68 6.55 -47.23
N ARG O 151 8.86 5.29 -46.87
CA ARG O 151 9.16 4.91 -45.48
C ARG O 151 10.68 4.98 -45.26
N MET O 152 11.15 5.87 -44.39
CA MET O 152 12.58 5.91 -43.98
C MET O 152 12.65 5.21 -42.61
N LEU O 153 13.58 4.28 -42.48
CA LEU O 153 13.89 3.60 -41.21
C LEU O 153 15.30 4.02 -40.82
N VAL O 154 15.48 4.38 -39.57
CA VAL O 154 16.73 5.00 -39.07
C VAL O 154 17.22 4.17 -37.88
N SER O 155 18.51 3.84 -37.91
CA SER O 155 19.22 3.25 -36.77
C SER O 155 20.68 3.68 -36.83
N SER O 156 21.47 3.14 -35.92
CA SER O 156 22.91 3.45 -35.80
C SER O 156 23.66 2.16 -35.56
N GLU O 157 24.90 2.11 -36.05
CA GLU O 157 25.78 0.97 -35.75
C GLU O 157 26.78 1.35 -34.67
N ASP O 158 26.67 2.53 -34.06
CA ASP O 158 27.62 2.84 -32.96
C ASP O 158 26.92 3.71 -31.92
N VAL O 159 27.13 5.01 -31.96
CA VAL O 159 26.60 5.93 -30.92
C VAL O 159 25.27 6.52 -31.41
N LEU O 160 24.66 7.41 -30.64
CA LEU O 160 23.45 8.11 -31.15
C LEU O 160 23.85 9.05 -32.28
N HIS O 161 23.04 9.10 -33.33
CA HIS O 161 23.03 10.18 -34.33
C HIS O 161 21.58 10.61 -34.47
N SER O 162 21.32 11.56 -35.35
CA SER O 162 19.92 11.91 -35.65
C SER O 162 19.89 12.40 -37.09
N TRP O 163 18.95 11.84 -37.84
CA TRP O 163 18.83 12.03 -39.30
C TRP O 163 17.80 13.14 -39.52
N ALA O 164 18.26 14.29 -39.99
CA ALA O 164 17.43 15.50 -40.14
C ALA O 164 17.46 16.00 -41.58
N VAL O 165 16.30 16.43 -42.06
CA VAL O 165 16.16 17.23 -43.30
C VAL O 165 15.12 18.31 -43.06
N PRO O 166 15.55 19.51 -42.61
CA PRO O 166 14.63 20.56 -42.20
C PRO O 166 13.58 20.94 -43.26
N SER O 167 13.96 20.98 -44.53
CA SER O 167 12.97 21.47 -45.52
C SER O 167 11.86 20.43 -45.71
N LEU O 168 12.05 19.17 -45.32
CA LEU O 168 10.94 18.17 -45.33
C LEU O 168 10.29 18.00 -43.94
N GLY O 169 10.76 18.70 -42.91
CA GLY O 169 10.15 18.58 -41.59
C GLY O 169 10.58 17.32 -40.86
N LEU O 170 11.77 16.80 -41.14
CA LEU O 170 12.23 15.47 -40.67
C LEU O 170 13.34 15.60 -39.65
N LYS O 171 13.19 14.84 -38.56
CA LYS O 171 14.29 14.61 -37.60
C LYS O 171 13.93 13.35 -36.82
N THR O 172 14.72 12.33 -37.02
CA THR O 172 14.50 11.00 -36.40
C THR O 172 15.82 10.50 -35.80
N ASP O 173 15.83 10.27 -34.50
CA ASP O 173 17.07 9.83 -33.83
C ASP O 173 17.44 8.45 -34.34
N ALA O 174 18.76 8.24 -34.41
CA ALA O 174 19.42 7.02 -34.88
C ALA O 174 20.04 6.36 -33.65
N ILE O 175 19.37 5.32 -33.16
CA ILE O 175 19.69 4.68 -31.86
C ILE O 175 20.06 3.25 -32.16
N PRO O 176 21.23 2.79 -31.68
CA PRO O 176 21.64 1.40 -31.90
C PRO O 176 20.66 0.44 -31.22
N GLY O 177 20.30 -0.61 -31.95
CA GLY O 177 19.38 -1.65 -31.44
C GLY O 177 17.93 -1.26 -31.65
N ARG O 178 17.67 -0.10 -32.27
CA ARG O 178 16.30 0.39 -32.47
C ARG O 178 16.13 0.81 -33.94
N LEU O 179 14.94 0.56 -34.48
CA LEU O 179 14.60 0.90 -35.86
C LEU O 179 13.46 1.91 -35.79
N ASN O 180 13.77 3.19 -35.97
CA ASN O 180 12.77 4.28 -35.94
C ASN O 180 12.29 4.57 -37.37
N GLN O 181 11.00 4.77 -37.49
CA GLN O 181 10.29 5.02 -38.76
C GLN O 181 9.86 6.49 -38.86
N THR O 182 10.00 7.04 -40.06
CA THR O 182 9.40 8.33 -40.46
C THR O 182 8.94 8.19 -41.91
N THR O 183 8.06 9.07 -42.33
CA THR O 183 7.53 9.15 -43.71
C THR O 183 8.15 10.39 -44.37
N LEU O 184 8.58 10.22 -45.61
CA LEU O 184 9.21 11.25 -46.45
C LEU O 184 8.34 11.37 -47.69
N MET O 185 7.91 12.59 -48.05
CA MET O 185 7.16 12.87 -49.30
C MET O 185 7.61 14.24 -49.79
N SER O 186 8.39 14.31 -50.89
CA SER O 186 8.81 15.59 -51.50
C SER O 186 7.81 15.98 -52.59
N SER O 187 7.31 17.22 -52.48
CA SER O 187 6.42 17.84 -53.48
C SER O 187 7.22 18.23 -54.72
N ARG O 188 8.55 18.30 -54.61
CA ARG O 188 9.42 18.89 -55.67
C ARG O 188 10.65 18.04 -55.90
N PRO O 189 11.19 18.04 -57.13
CA PRO O 189 12.52 17.53 -57.38
C PRO O 189 13.54 18.45 -56.72
N GLY O 190 14.78 17.99 -56.63
CA GLY O 190 15.92 18.84 -56.29
C GLY O 190 16.80 18.19 -55.24
N LEU O 191 17.64 19.02 -54.62
CA LEU O 191 18.61 18.59 -53.59
C LEU O 191 18.13 19.16 -52.26
N TYR O 192 18.03 18.31 -51.25
CA TYR O 192 17.56 18.72 -49.90
C TYR O 192 18.57 18.21 -48.86
N TYR O 193 19.05 19.15 -48.06
CA TYR O 193 20.21 19.01 -47.17
C TYR O 193 19.74 18.97 -45.72
N GLY O 194 20.47 18.20 -44.93
CA GLY O 194 20.37 18.20 -43.47
C GLY O 194 21.68 17.78 -42.87
N GLN O 195 21.71 17.73 -41.52
CA GLN O 195 22.95 17.54 -40.76
C GLN O 195 22.65 16.71 -39.52
N CYS O 196 23.64 15.92 -39.11
CA CYS O 196 23.52 15.01 -37.96
C CYS O 196 23.08 15.83 -36.76
N SER O 197 22.04 15.39 -36.08
CA SER O 197 21.37 16.21 -35.04
C SER O 197 21.37 15.53 -33.65
N GLU O 198 22.38 14.70 -33.38
CA GLU O 198 22.74 14.22 -32.04
C GLU O 198 24.27 14.12 -31.94
N ILE O 199 24.75 14.83 -30.88
CA ILE O 199 26.20 14.85 -30.56
C ILE O 199 26.71 13.41 -30.60
N CYS O 200 27.74 13.18 -31.42
CA CYS O 200 28.22 11.82 -31.76
C CYS O 200 29.75 11.75 -31.77
N GLY O 201 30.44 12.76 -31.24
CA GLY O 201 31.90 12.76 -31.12
C GLY O 201 32.61 13.66 -32.12
N SER O 202 33.82 13.28 -32.50
CA SER O 202 34.83 14.13 -33.16
C SER O 202 34.29 14.85 -34.39
N ASN O 203 33.44 14.19 -35.18
CA ASN O 203 33.02 14.73 -36.52
C ASN O 203 31.50 14.85 -36.61
N HIS O 204 30.83 15.11 -35.49
CA HIS O 204 29.38 15.43 -35.43
C HIS O 204 29.01 16.55 -36.43
N SER O 205 29.84 17.59 -36.57
CA SER O 205 29.55 18.76 -37.46
C SER O 205 29.68 18.35 -38.94
N PHE O 206 30.18 17.15 -39.21
CA PHE O 206 30.78 16.83 -40.53
C PHE O 206 30.18 15.54 -41.09
N MET O 207 28.89 15.27 -40.88
CA MET O 207 28.28 14.05 -41.47
C MET O 207 26.89 14.39 -41.97
N PRO O 208 26.83 15.18 -43.07
CA PRO O 208 25.56 15.66 -43.59
C PRO O 208 24.77 14.62 -44.40
N ILE O 209 23.55 15.03 -44.70
CA ILE O 209 22.49 14.26 -45.40
C ILE O 209 22.16 15.05 -46.66
N VAL O 210 22.22 14.42 -47.82
CA VAL O 210 21.73 15.10 -49.06
C VAL O 210 20.80 14.14 -49.78
N LEU O 211 19.54 14.57 -49.94
CA LEU O 211 18.52 13.85 -50.73
C LEU O 211 18.55 14.41 -52.13
N GLU O 212 18.41 13.51 -53.10
CA GLU O 212 18.28 13.87 -54.52
C GLU O 212 16.93 13.32 -54.98
N LEU O 213 15.99 14.23 -55.18
CA LEU O 213 14.57 13.92 -55.52
C LEU O 213 14.43 14.06 -57.03
N VAL O 214 14.05 12.98 -57.68
CA VAL O 214 13.93 12.88 -59.15
C VAL O 214 12.60 12.20 -59.47
N PRO O 215 12.08 12.31 -60.71
CA PRO O 215 10.88 11.58 -61.09
C PRO O 215 11.12 10.06 -60.97
N LEU O 216 10.02 9.31 -60.76
CA LEU O 216 10.04 7.83 -60.58
C LEU O 216 10.84 7.17 -61.70
N LYS O 217 10.61 7.57 -62.96
CA LYS O 217 11.26 6.89 -64.12
C LYS O 217 12.79 7.01 -63.93
N TYR O 218 13.27 8.18 -63.51
CA TYR O 218 14.71 8.40 -63.26
C TYR O 218 15.16 7.61 -62.03
N PHE O 219 14.32 7.52 -61.00
CA PHE O 219 14.65 6.71 -59.80
C PHE O 219 14.84 5.25 -60.21
N GLU O 220 13.92 4.72 -61.02
CA GLU O 220 13.98 3.31 -61.55
C GLU O 220 15.22 3.11 -62.39
N LYS O 221 15.59 4.06 -63.27
CA LYS O 221 16.81 3.91 -64.13
C LYS O 221 18.02 3.92 -63.19
N TRP O 222 18.04 4.76 -62.16
CA TRP O 222 19.15 4.78 -61.19
C TRP O 222 19.24 3.44 -60.44
N SER O 223 18.13 2.93 -59.92
CA SER O 223 18.07 1.63 -59.18
C SER O 223 18.66 0.54 -60.08
N ALA O 224 18.18 0.49 -61.32
CA ALA O 224 18.59 -0.49 -62.36
C ALA O 224 20.10 -0.40 -62.62
N SER O 225 20.71 0.79 -62.64
CA SER O 225 22.15 0.99 -62.99
C SER O 225 23.03 0.45 -61.86
N MET O 226 22.45 0.26 -60.67
CA MET O 226 23.16 -0.16 -59.44
C MET O 226 23.44 -1.66 -59.48
N LEU O 227 22.67 -2.38 -60.31
CA LEU O 227 22.73 -3.86 -60.59
C LEU O 227 24.11 -4.26 -61.14
N GLN P 4 21.26 32.27 25.01
CA GLN P 4 20.10 32.08 24.12
C GLN P 4 18.81 31.91 24.95
N THR P 5 17.68 32.36 24.43
CA THR P 5 16.37 32.04 25.01
C THR P 5 15.48 31.37 23.96
N HIS P 6 16.08 30.66 23.01
CA HIS P 6 15.41 29.64 22.18
C HIS P 6 15.92 28.26 22.58
N ALA P 7 15.29 27.21 22.06
CA ALA P 7 15.58 25.81 22.43
C ALA P 7 16.48 25.10 21.40
N TYR P 8 17.01 25.82 20.42
CA TYR P 8 17.79 25.21 19.31
C TYR P 8 19.27 25.08 19.68
N HIS P 9 19.94 24.23 18.90
CA HIS P 9 21.31 23.79 19.18
C HIS P 9 22.31 24.56 18.31
N MET P 10 23.08 25.44 18.92
CA MET P 10 24.24 26.09 18.26
C MET P 10 25.44 25.15 18.41
N VAL P 11 25.84 24.54 17.31
CA VAL P 11 26.83 23.45 17.30
C VAL P 11 28.24 24.04 17.35
N ASN P 12 29.12 23.39 18.09
CA ASN P 12 30.53 23.82 18.19
C ASN P 12 31.13 23.73 16.81
N PRO P 13 31.98 24.69 16.38
CA PRO P 13 32.75 24.53 15.14
C PRO P 13 33.42 23.15 15.11
N SER P 14 33.31 22.50 13.94
CA SER P 14 33.63 21.06 13.78
C SER P 14 34.46 20.83 12.52
N PRO P 15 35.48 19.97 12.60
CA PRO P 15 36.24 19.60 11.42
C PRO P 15 35.61 18.49 10.55
N TRP P 16 34.58 17.83 11.05
CA TRP P 16 34.09 16.58 10.39
C TRP P 16 33.44 16.86 9.05
N PRO P 17 32.75 18.02 8.83
CA PRO P 17 32.26 18.35 7.48
C PRO P 17 33.38 18.34 6.45
N LEU P 18 34.50 18.97 6.78
CA LEU P 18 35.65 19.05 5.87
C LEU P 18 36.28 17.66 5.71
N THR P 19 36.51 16.91 6.79
CA THR P 19 37.08 15.55 6.63
C THR P 19 36.11 14.66 5.83
N GLY P 20 34.80 14.80 6.02
CA GLY P 20 33.79 14.05 5.24
C GLY P 20 33.86 14.40 3.77
N ALA P 21 33.94 15.69 3.44
CA ALA P 21 34.03 16.17 2.03
C ALA P 21 35.32 15.65 1.39
N LEU P 22 36.43 15.71 2.10
CA LEU P 22 37.71 15.21 1.57
C LEU P 22 37.65 13.69 1.42
N SER P 23 37.00 12.98 2.36
N SER P 23 37.04 12.97 2.37
CA SER P 23 36.83 11.51 2.29
CA SER P 23 36.84 11.51 2.25
C SER P 23 36.04 11.15 1.01
C SER P 23 36.13 11.23 0.92
N ALA P 24 35.11 12.01 0.59
CA ALA P 24 34.33 11.81 -0.65
C ALA P 24 35.25 11.98 -1.88
N LEU P 25 36.11 13.00 -1.86
CA LEU P 25 37.11 13.24 -2.93
C LEU P 25 38.03 12.02 -3.02
N LEU P 26 38.48 11.50 -1.88
CA LEU P 26 39.44 10.36 -1.88
C LEU P 26 38.76 9.08 -2.35
N MET P 27 37.50 8.86 -2.00
CA MET P 27 36.80 7.61 -2.40
C MET P 27 36.50 7.67 -3.91
N THR P 28 36.14 8.84 -4.43
CA THR P 28 35.76 8.96 -5.86
C THR P 28 37.02 8.95 -6.74
N SER P 29 38.02 9.74 -6.40
CA SER P 29 39.32 9.72 -7.11
C SER P 29 39.94 8.31 -6.94
N GLY P 30 39.75 7.70 -5.76
CA GLY P 30 40.20 6.33 -5.46
C GLY P 30 39.54 5.30 -6.39
N LEU P 31 38.21 5.37 -6.58
CA LEU P 31 37.51 4.46 -7.52
C LEU P 31 38.04 4.68 -8.95
N THR P 32 38.28 5.94 -9.32
CA THR P 32 38.85 6.29 -10.64
C THR P 32 40.21 5.60 -10.81
N MET P 33 41.06 5.71 -9.78
N MET P 33 41.09 5.74 -9.82
CA MET P 33 42.46 5.18 -9.79
CA MET P 33 42.43 5.11 -9.86
C MET P 33 42.43 3.63 -9.74
C MET P 33 42.26 3.59 -10.00
N TRP P 34 41.37 3.02 -9.19
CA TRP P 34 41.16 1.55 -9.21
C TRP P 34 40.66 1.10 -10.59
N PHE P 35 39.70 1.80 -11.17
CA PHE P 35 39.10 1.38 -12.45
C PHE P 35 40.06 1.62 -13.62
N HIS P 36 40.97 2.59 -13.53
CA HIS P 36 41.76 3.05 -14.70
C HIS P 36 43.28 2.92 -14.58
N PHE P 37 43.82 2.95 -13.38
CA PHE P 37 45.25 3.17 -13.12
C PHE P 37 45.76 2.07 -12.20
N ASN P 38 44.97 0.99 -12.13
CA ASN P 38 45.30 -0.32 -11.54
C ASN P 38 45.77 -0.20 -10.07
N SER P 39 45.13 0.60 -9.23
CA SER P 39 45.63 0.89 -7.86
C SER P 39 44.50 1.22 -6.88
N MET P 40 44.61 0.67 -5.67
CA MET P 40 43.55 0.72 -4.63
C MET P 40 43.94 1.71 -3.52
N THR P 41 45.10 2.34 -3.64
CA THR P 41 45.70 3.14 -2.53
C THR P 41 44.80 4.30 -2.12
N LEU P 42 44.47 5.19 -3.05
CA LEU P 42 43.60 6.36 -2.74
C LEU P 42 42.29 5.84 -2.17
N LEU P 43 41.71 4.81 -2.79
CA LEU P 43 40.38 4.32 -2.35
C LEU P 43 40.46 3.85 -0.88
N MET P 44 41.52 3.15 -0.49
N MET P 44 41.52 3.12 -0.52
CA MET P 44 41.59 2.62 0.90
CA MET P 44 41.72 2.62 0.86
C MET P 44 41.80 3.77 1.89
C MET P 44 41.73 3.80 1.83
N ILE P 45 42.49 4.85 1.49
CA ILE P 45 42.63 6.07 2.34
C ILE P 45 41.26 6.73 2.49
N GLY P 46 40.53 6.86 1.39
CA GLY P 46 39.20 7.48 1.42
C GLY P 46 38.23 6.69 2.27
N LEU P 47 38.19 5.37 2.11
CA LEU P 47 37.29 4.53 2.93
C LEU P 47 37.68 4.69 4.40
N THR P 48 38.97 4.75 4.72
CA THR P 48 39.44 4.89 6.12
C THR P 48 38.99 6.25 6.66
N THR P 49 39.23 7.32 5.93
CA THR P 49 38.88 8.69 6.43
C THR P 49 37.36 8.84 6.51
N ASN P 50 36.62 8.18 5.63
CA ASN P 50 35.14 8.21 5.69
C ASN P 50 34.67 7.56 7.00
N MET P 51 35.20 6.38 7.33
N MET P 51 35.20 6.38 7.33
CA MET P 51 34.82 5.64 8.57
CA MET P 51 34.83 5.66 8.57
C MET P 51 35.25 6.47 9.79
C MET P 51 35.25 6.47 9.79
N LEU P 52 36.44 7.07 9.78
CA LEU P 52 36.90 7.95 10.89
C LEU P 52 35.94 9.14 11.08
N THR P 53 35.55 9.74 9.96
CA THR P 53 34.66 10.92 9.95
C THR P 53 33.30 10.51 10.54
N MET P 54 32.69 9.44 10.04
N MET P 54 32.70 9.45 10.02
CA MET P 54 31.35 9.03 10.54
CA MET P 54 31.37 9.00 10.52
C MET P 54 31.44 8.68 12.03
C MET P 54 31.49 8.73 12.04
N TYR P 55 32.50 7.99 12.47
CA TYR P 55 32.65 7.59 13.88
C TYR P 55 32.68 8.87 14.75
N GLN P 56 33.51 9.83 14.40
CA GLN P 56 33.73 11.02 15.27
C GLN P 56 32.50 11.94 15.20
N TRP P 57 31.88 12.08 14.04
CA TRP P 57 30.70 12.96 13.87
C TRP P 57 29.55 12.41 14.73
N TRP P 58 29.24 11.14 14.63
CA TRP P 58 28.09 10.58 15.39
C TRP P 58 28.46 10.41 16.86
N ARG P 59 29.73 10.13 17.16
CA ARG P 59 30.22 10.24 18.57
C ARG P 59 29.86 11.62 19.11
N ASP P 60 30.11 12.67 18.35
CA ASP P 60 29.91 14.05 18.84
C ASP P 60 28.40 14.28 19.04
N VAL P 61 27.56 13.71 18.19
CA VAL P 61 26.09 13.92 18.36
C VAL P 61 25.65 13.24 19.68
N ILE P 62 26.21 12.08 19.98
CA ILE P 62 25.91 11.39 21.27
C ILE P 62 26.42 12.26 22.42
N ARG P 63 27.62 12.80 22.30
CA ARG P 63 28.13 13.68 23.37
C ARG P 63 27.17 14.87 23.57
N GLU P 64 26.74 15.48 22.48
CA GLU P 64 25.89 16.71 22.54
C GLU P 64 24.52 16.38 23.15
N SER P 65 24.01 15.16 22.98
CA SER P 65 22.62 14.82 23.37
C SER P 65 22.60 14.10 24.73
N THR P 66 23.15 12.90 24.80
CA THR P 66 23.15 12.09 26.04
C THR P 66 23.97 12.84 27.10
N PHE P 67 25.14 13.37 26.75
CA PHE P 67 26.11 13.86 27.76
C PHE P 67 25.89 15.36 28.04
N GLN P 68 25.46 16.16 27.06
CA GLN P 68 25.44 17.65 27.20
C GLN P 68 23.99 18.17 27.25
N GLY P 69 22.98 17.39 26.86
CA GLY P 69 21.57 17.79 27.03
C GLY P 69 21.07 18.76 25.95
N HIS P 70 21.70 18.84 24.77
CA HIS P 70 21.28 19.82 23.72
C HIS P 70 20.02 19.38 22.97
N HIS P 71 19.56 18.13 23.10
CA HIS P 71 18.40 17.68 22.31
C HIS P 71 17.11 17.94 23.10
N THR P 72 16.70 19.19 23.05
CA THR P 72 15.35 19.64 23.48
C THR P 72 14.32 19.04 22.55
N PRO P 73 13.02 19.07 22.93
CA PRO P 73 11.96 18.58 22.03
C PRO P 73 12.01 19.21 20.65
N ALA P 74 12.32 20.50 20.54
CA ALA P 74 12.37 21.19 19.22
C ALA P 74 13.50 20.55 18.36
N VAL P 75 14.66 20.31 18.98
CA VAL P 75 15.81 19.73 18.26
C VAL P 75 15.41 18.32 17.82
N GLN P 76 14.80 17.56 18.73
CA GLN P 76 14.42 16.17 18.43
C GLN P 76 13.43 16.18 17.24
N LYS P 77 12.47 17.11 17.25
CA LYS P 77 11.48 17.19 16.15
C LYS P 77 12.22 17.44 14.81
N GLY P 78 13.21 18.31 14.80
CA GLY P 78 14.03 18.54 13.60
C GLY P 78 14.70 17.27 13.10
N LEU P 79 15.31 16.53 14.01
CA LEU P 79 15.99 15.26 13.63
C LEU P 79 14.96 14.27 13.05
N ARG P 80 13.75 14.23 13.56
CA ARG P 80 12.69 13.33 13.02
C ARG P 80 12.43 13.74 11.57
N TYR P 81 12.22 15.02 11.29
CA TYR P 81 12.02 15.45 9.88
C TYR P 81 13.25 15.06 9.06
N GLY P 82 14.44 15.31 9.58
CA GLY P 82 15.66 15.06 8.80
C GLY P 82 15.74 13.59 8.39
N MET P 83 15.43 12.70 9.32
CA MET P 83 15.52 11.25 9.05
C MET P 83 14.44 10.85 8.04
N ILE P 84 13.24 11.37 8.17
CA ILE P 84 12.14 11.02 7.22
C ILE P 84 12.58 11.50 5.83
N LEU P 85 13.07 12.71 5.70
CA LEU P 85 13.49 13.25 4.39
C LEU P 85 14.62 12.42 3.81
N PHE P 86 15.57 12.01 4.64
CA PHE P 86 16.68 11.17 4.15
C PHE P 86 16.09 9.87 3.57
N ILE P 87 15.17 9.24 4.30
CA ILE P 87 14.57 7.95 3.86
C ILE P 87 13.84 8.18 2.52
N ILE P 88 13.12 9.29 2.39
CA ILE P 88 12.45 9.62 1.11
C ILE P 88 13.51 9.66 0.00
N SER P 89 14.63 10.31 0.20
CA SER P 89 15.67 10.42 -0.86
C SER P 89 16.13 8.99 -1.21
N GLU P 90 16.25 8.10 -0.22
CA GLU P 90 16.71 6.73 -0.47
C GLU P 90 15.65 5.95 -1.26
N VAL P 91 14.38 6.19 -0.98
CA VAL P 91 13.28 5.55 -1.74
C VAL P 91 13.42 5.95 -3.23
N LEU P 92 13.63 7.23 -3.52
CA LEU P 92 13.70 7.71 -4.92
C LEU P 92 14.95 7.13 -5.58
N PHE P 93 16.04 6.93 -4.84
CA PHE P 93 17.25 6.26 -5.40
C PHE P 93 16.85 4.86 -5.87
N PHE P 94 16.21 4.07 -5.00
CA PHE P 94 15.75 2.72 -5.39
C PHE P 94 14.77 2.82 -6.56
N THR P 95 13.90 3.83 -6.59
CA THR P 95 12.90 3.94 -7.67
C THR P 95 13.61 3.89 -9.03
N GLY P 96 14.78 4.51 -9.14
CA GLY P 96 15.52 4.54 -10.42
C GLY P 96 15.90 3.11 -10.82
N PHE P 97 16.32 2.29 -9.87
CA PHE P 97 16.70 0.89 -10.17
C PHE P 97 15.46 0.06 -10.53
N PHE P 98 14.32 0.28 -9.86
CA PHE P 98 13.07 -0.42 -10.23
C PHE P 98 12.65 0.00 -11.63
N TRP P 99 12.80 1.27 -11.96
CA TRP P 99 12.40 1.77 -13.30
C TRP P 99 13.28 1.03 -14.33
N ALA P 100 14.59 0.95 -14.08
CA ALA P 100 15.50 0.24 -15.01
C ALA P 100 14.98 -1.20 -15.18
N PHE P 101 14.67 -1.85 -14.07
CA PHE P 101 14.23 -3.26 -14.09
C PHE P 101 12.95 -3.41 -14.92
N TYR P 102 11.93 -2.62 -14.65
CA TYR P 102 10.65 -2.75 -15.38
C TYR P 102 10.82 -2.38 -16.85
N HIS P 103 11.65 -1.38 -17.16
CA HIS P 103 11.91 -0.98 -18.57
C HIS P 103 12.41 -2.19 -19.37
N SER P 104 13.41 -2.89 -18.85
CA SER P 104 14.16 -3.98 -19.51
C SER P 104 13.26 -5.22 -19.59
N SER P 105 12.50 -5.50 -18.54
CA SER P 105 11.75 -6.77 -18.36
C SER P 105 10.40 -6.71 -19.06
N LEU P 106 9.79 -5.54 -19.13
CA LEU P 106 8.46 -5.42 -19.77
C LEU P 106 8.60 -5.36 -21.28
N ALA P 107 9.75 -4.98 -21.83
CA ALA P 107 9.95 -4.85 -23.29
C ALA P 107 11.26 -5.54 -23.65
N PRO P 108 11.38 -6.86 -23.42
CA PRO P 108 12.64 -7.54 -23.67
C PRO P 108 13.06 -7.46 -25.14
N THR P 109 14.29 -7.07 -25.38
CA THR P 109 14.79 -6.76 -26.75
C THR P 109 15.15 -8.05 -27.47
N PRO P 110 15.34 -7.98 -28.80
CA PRO P 110 15.71 -9.19 -29.58
C PRO P 110 16.96 -9.91 -29.10
N GLU P 111 17.91 -9.15 -28.55
CA GLU P 111 19.22 -9.67 -28.10
C GLU P 111 18.98 -10.69 -26.97
N LEU P 112 17.90 -10.52 -26.20
CA LEU P 112 17.52 -11.39 -25.06
C LEU P 112 16.77 -12.61 -25.54
N GLY P 113 16.37 -12.64 -26.83
CA GLY P 113 15.39 -13.60 -27.36
C GLY P 113 13.98 -13.07 -27.32
N GLY P 114 13.80 -11.79 -27.00
CA GLY P 114 12.48 -11.14 -26.97
C GLY P 114 11.63 -11.71 -25.86
N CYS P 115 12.26 -12.22 -24.80
CA CYS P 115 11.55 -12.87 -23.67
C CYS P 115 12.22 -12.46 -22.35
N TRP P 116 11.47 -12.58 -21.27
CA TRP P 116 11.98 -12.44 -19.88
C TRP P 116 11.49 -13.61 -19.06
N PRO P 117 12.38 -14.28 -18.29
CA PRO P 117 13.82 -14.00 -18.32
C PRO P 117 14.45 -14.25 -19.68
N PRO P 118 15.62 -13.64 -19.96
CA PRO P 118 16.31 -13.85 -21.23
C PRO P 118 16.67 -15.31 -21.47
N THR P 119 16.77 -15.66 -22.75
CA THR P 119 17.33 -16.97 -23.16
C THR P 119 18.65 -17.14 -22.42
N GLY P 120 18.88 -18.32 -21.83
CA GLY P 120 20.16 -18.64 -21.18
C GLY P 120 20.25 -18.18 -19.73
N ILE P 121 19.20 -17.55 -19.23
CA ILE P 121 19.15 -17.15 -17.79
C ILE P 121 18.29 -18.16 -17.06
N HIS P 122 18.81 -18.72 -15.97
CA HIS P 122 18.08 -19.67 -15.11
C HIS P 122 17.93 -18.98 -13.75
N PRO P 123 16.79 -18.32 -13.53
CA PRO P 123 16.58 -17.61 -12.26
C PRO P 123 16.63 -18.55 -11.06
N LEU P 124 16.93 -17.94 -9.91
CA LEU P 124 16.77 -18.58 -8.58
C LEU P 124 15.28 -18.90 -8.38
N ASN P 125 15.02 -19.98 -7.68
CA ASN P 125 13.66 -20.35 -7.27
C ASN P 125 13.23 -19.39 -6.17
N PRO P 126 12.21 -18.55 -6.38
CA PRO P 126 11.82 -17.58 -5.36
C PRO P 126 11.27 -18.24 -4.08
N LEU P 127 10.94 -19.53 -4.15
CA LEU P 127 10.40 -20.27 -2.99
C LEU P 127 11.51 -20.88 -2.13
N GLU P 128 12.78 -20.70 -2.46
CA GLU P 128 13.87 -21.32 -1.68
C GLU P 128 14.50 -20.22 -0.83
N VAL P 129 15.75 -19.86 -1.07
CA VAL P 129 16.41 -18.90 -0.16
C VAL P 129 15.73 -17.53 -0.23
N PRO P 130 15.28 -17.02 -1.40
CA PRO P 130 14.62 -15.72 -1.42
C PRO P 130 13.40 -15.65 -0.47
N LEU P 131 12.63 -16.72 -0.37
CA LEU P 131 11.48 -16.78 0.56
C LEU P 131 12.01 -16.77 1.99
N LEU P 132 13.04 -17.56 2.29
CA LEU P 132 13.65 -17.55 3.64
C LEU P 132 14.08 -16.12 3.96
N ASN P 133 14.78 -15.47 3.05
CA ASN P 133 15.22 -14.07 3.27
C ASN P 133 14.04 -13.16 3.61
N THR P 134 12.90 -13.38 2.94
CA THR P 134 11.68 -12.59 3.19
C THR P 134 11.20 -12.84 4.63
N SER P 135 11.15 -14.10 5.03
CA SER P 135 10.69 -14.46 6.40
C SER P 135 11.64 -13.83 7.41
N VAL P 136 12.92 -13.80 7.11
CA VAL P 136 13.95 -13.26 8.03
C VAL P 136 13.74 -11.77 8.23
N LEU P 137 13.58 -10.99 7.15
CA LEU P 137 13.48 -9.54 7.35
C LEU P 137 12.11 -9.22 7.95
N LEU P 138 11.04 -9.90 7.55
CA LEU P 138 9.71 -9.64 8.19
C LEU P 138 9.81 -9.94 9.69
N ALA P 139 10.44 -11.06 10.06
CA ALA P 139 10.58 -11.46 11.47
C ALA P 139 11.34 -10.36 12.22
N SER P 140 12.38 -9.77 11.59
CA SER P 140 13.21 -8.71 12.21
C SER P 140 12.36 -7.46 12.43
N GLY P 141 11.36 -7.20 11.58
CA GLY P 141 10.45 -6.05 11.78
C GLY P 141 9.59 -6.28 13.02
N VAL P 142 9.22 -7.54 13.30
CA VAL P 142 8.44 -7.91 14.48
C VAL P 142 9.36 -7.73 15.71
N SER P 143 10.58 -8.26 15.65
CA SER P 143 11.46 -8.22 16.85
C SER P 143 11.85 -6.77 17.16
N ILE P 144 12.03 -5.93 16.14
N ILE P 144 12.07 -5.93 16.14
CA ILE P 144 12.46 -4.53 16.42
CA ILE P 144 12.48 -4.51 16.42
C ILE P 144 11.30 -3.77 17.04
C ILE P 144 11.29 -3.81 17.09
N THR P 145 10.06 -4.19 16.77
CA THR P 145 8.87 -3.55 17.35
C THR P 145 8.78 -3.96 18.83
N TRP P 146 9.03 -5.23 19.12
CA TRP P 146 9.17 -5.73 20.50
C TRP P 146 10.26 -4.91 21.22
N ALA P 147 11.41 -4.69 20.59
CA ALA P 147 12.48 -3.89 21.23
C ALA P 147 11.96 -2.50 21.59
N HIS P 148 11.26 -1.86 20.66
CA HIS P 148 10.79 -0.46 20.84
C HIS P 148 9.85 -0.41 22.06
N HIS P 149 8.90 -1.34 22.11
CA HIS P 149 7.91 -1.36 23.20
C HIS P 149 8.60 -1.66 24.52
N SER P 150 9.59 -2.57 24.53
CA SER P 150 10.33 -2.89 25.77
C SER P 150 10.99 -1.60 26.28
N LEU P 151 11.62 -0.84 25.39
CA LEU P 151 12.35 0.38 25.77
C LEU P 151 11.33 1.37 26.36
N MET P 152 10.19 1.57 25.67
CA MET P 152 9.18 2.54 26.12
C MET P 152 8.64 2.12 27.50
N GLU P 153 8.58 0.81 27.77
CA GLU P 153 8.05 0.28 29.06
C GLU P 153 9.16 0.20 30.10
N GLY P 154 10.38 0.64 29.80
CA GLY P 154 11.49 0.65 30.78
C GLY P 154 12.11 -0.70 31.06
N ASP P 155 12.01 -1.64 30.12
CA ASP P 155 12.50 -3.04 30.30
C ASP P 155 13.84 -3.19 29.57
N ARG P 156 14.94 -2.99 30.29
CA ARG P 156 16.31 -3.05 29.74
C ARG P 156 16.59 -4.44 29.14
N LYS P 157 16.32 -5.49 29.89
CA LYS P 157 16.76 -6.86 29.49
C LYS P 157 16.03 -7.27 28.20
N HIS P 158 14.71 -7.04 28.14
CA HIS P 158 13.91 -7.45 26.97
C HIS P 158 14.25 -6.56 25.77
N MET P 159 14.58 -5.29 25.99
CA MET P 159 15.00 -4.42 24.86
C MET P 159 16.27 -5.03 24.25
N LEU P 160 17.24 -5.36 25.09
CA LEU P 160 18.52 -5.92 24.62
C LEU P 160 18.28 -7.26 23.91
N GLN P 161 17.43 -8.11 24.45
N GLN P 161 17.43 -8.12 24.48
CA GLN P 161 17.19 -9.43 23.83
CA GLN P 161 17.11 -9.44 23.89
C GLN P 161 16.53 -9.23 22.45
C GLN P 161 16.51 -9.25 22.48
N ALA P 162 15.49 -8.40 22.39
CA ALA P 162 14.76 -8.14 21.14
C ALA P 162 15.69 -7.50 20.09
N LEU P 163 16.54 -6.57 20.49
CA LEU P 163 17.45 -5.90 19.53
C LEU P 163 18.52 -6.88 19.06
N PHE P 164 19.01 -7.74 19.97
CA PHE P 164 19.99 -8.77 19.61
C PHE P 164 19.38 -9.69 18.53
N ILE P 165 18.15 -10.11 18.74
CA ILE P 165 17.45 -11.00 17.78
C ILE P 165 17.31 -10.26 16.43
N THR P 166 16.96 -8.97 16.45
CA THR P 166 16.82 -8.17 15.21
C THR P 166 18.16 -8.19 14.46
N ILE P 167 19.28 -7.91 15.16
CA ILE P 167 20.63 -7.84 14.54
C ILE P 167 20.99 -9.21 13.99
N THR P 168 20.71 -10.28 14.75
CA THR P 168 21.01 -11.67 14.33
C THR P 168 20.30 -11.94 12.99
N LEU P 169 19.04 -11.53 12.89
CA LEU P 169 18.26 -11.75 11.65
C LEU P 169 18.87 -10.93 10.50
N GLY P 170 19.28 -9.70 10.74
CA GLY P 170 19.96 -8.91 9.70
C GLY P 170 21.24 -9.58 9.23
N VAL P 171 22.03 -10.11 10.16
CA VAL P 171 23.28 -10.81 9.80
C VAL P 171 22.94 -12.07 9.01
N TYR P 172 21.91 -12.81 9.42
CA TYR P 172 21.47 -14.05 8.75
C TYR P 172 21.10 -13.68 7.30
N PHE P 173 20.34 -12.60 7.11
CA PHE P 173 19.93 -12.18 5.74
C PHE P 173 21.21 -11.95 4.92
N THR P 174 22.17 -11.23 5.49
CA THR P 174 23.43 -10.86 4.80
C THR P 174 24.20 -12.13 4.45
N LEU P 175 24.33 -13.10 5.35
CA LEU P 175 25.07 -14.34 5.04
C LEU P 175 24.32 -15.16 3.98
N LEU P 176 22.99 -15.20 4.05
CA LEU P 176 22.19 -15.94 3.06
C LEU P 176 22.38 -15.29 1.69
N GLN P 177 22.33 -13.96 1.63
CA GLN P 177 22.47 -13.24 0.36
C GLN P 177 23.89 -13.48 -0.20
N ALA P 178 24.94 -13.42 0.64
CA ALA P 178 26.34 -13.67 0.21
C ALA P 178 26.44 -15.07 -0.41
N SER P 179 25.84 -16.05 0.25
CA SER P 179 25.80 -17.45 -0.23
C SER P 179 25.06 -17.52 -1.58
N GLU P 180 23.88 -16.91 -1.66
N GLU P 180 23.94 -16.84 -1.73
CA GLU P 180 23.08 -16.77 -2.92
CA GLU P 180 23.14 -16.90 -2.99
C GLU P 180 23.99 -16.27 -4.04
C GLU P 180 23.87 -16.17 -4.13
N TYR P 181 24.64 -15.12 -3.81
CA TYR P 181 25.52 -14.47 -4.81
C TYR P 181 26.53 -15.49 -5.35
N TYR P 182 27.21 -16.19 -4.44
CA TYR P 182 28.24 -17.17 -4.81
C TYR P 182 27.60 -18.31 -5.62
N GLU P 183 26.44 -18.81 -5.22
CA GLU P 183 25.77 -19.98 -5.86
C GLU P 183 25.07 -19.58 -7.17
N ALA P 184 24.79 -18.31 -7.41
CA ALA P 184 24.02 -17.86 -8.59
C ALA P 184 24.76 -18.25 -9.85
N PRO P 185 24.06 -18.94 -10.79
CA PRO P 185 24.68 -19.37 -12.05
C PRO P 185 24.79 -18.21 -13.05
N PHE P 186 24.20 -17.07 -12.76
CA PHE P 186 24.31 -15.85 -13.58
C PHE P 186 25.12 -14.83 -12.76
N THR P 187 25.67 -13.84 -13.45
CA THR P 187 26.59 -12.84 -12.92
C THR P 187 26.14 -11.44 -13.31
N ILE P 188 26.81 -10.44 -12.75
CA ILE P 188 26.48 -9.02 -13.11
C ILE P 188 26.73 -8.78 -14.61
N SER P 189 27.56 -9.60 -15.24
CA SER P 189 27.92 -9.43 -16.67
C SER P 189 26.93 -10.20 -17.58
N ASP P 190 25.89 -10.83 -16.99
CA ASP P 190 24.90 -11.61 -17.78
C ASP P 190 23.79 -10.68 -18.24
N GLY P 191 24.19 -9.72 -19.04
CA GLY P 191 23.28 -8.78 -19.67
C GLY P 191 22.46 -8.00 -18.65
N VAL P 192 21.33 -7.51 -19.12
CA VAL P 192 20.49 -6.59 -18.31
C VAL P 192 19.84 -7.40 -17.17
N TYR P 193 19.62 -8.71 -17.33
CA TYR P 193 19.11 -9.55 -16.22
C TYR P 193 20.10 -9.46 -15.06
N GLY P 194 21.37 -9.78 -15.30
CA GLY P 194 22.36 -9.77 -14.22
C GLY P 194 22.58 -8.35 -13.70
N SER P 195 22.52 -7.36 -14.60
CA SER P 195 22.76 -5.94 -14.26
C SER P 195 21.71 -5.51 -13.21
N THR P 196 20.45 -5.66 -13.53
CA THR P 196 19.33 -5.23 -12.68
C THR P 196 19.35 -6.04 -11.39
N PHE P 197 19.57 -7.36 -11.49
CA PHE P 197 19.53 -8.25 -10.31
C PHE P 197 20.62 -7.80 -9.31
N PHE P 198 21.87 -7.73 -9.76
CA PHE P 198 22.98 -7.51 -8.81
C PHE P 198 23.05 -6.06 -8.35
N VAL P 199 22.79 -5.09 -9.21
CA VAL P 199 22.88 -3.68 -8.77
C VAL P 199 21.73 -3.39 -7.80
N ALA P 200 20.49 -3.79 -8.12
CA ALA P 200 19.35 -3.52 -7.21
C ALA P 200 19.49 -4.30 -5.89
N THR P 201 19.70 -5.62 -5.93
CA THR P 201 19.86 -6.42 -4.69
C THR P 201 21.16 -6.02 -3.98
N GLY P 202 22.18 -5.58 -4.71
CA GLY P 202 23.48 -5.23 -4.13
C GLY P 202 23.35 -3.94 -3.33
N PHE P 203 22.73 -2.91 -3.90
CA PHE P 203 22.48 -1.67 -3.13
C PHE P 203 21.57 -2.00 -1.94
N HIS P 204 20.61 -2.88 -2.09
CA HIS P 204 19.75 -3.28 -0.96
C HIS P 204 20.64 -3.96 0.10
N GLY P 205 21.53 -4.88 -0.27
CA GLY P 205 22.39 -5.56 0.71
C GLY P 205 23.30 -4.56 1.40
N LEU P 206 23.77 -3.54 0.69
CA LEU P 206 24.58 -2.47 1.32
C LEU P 206 23.74 -1.78 2.42
N HIS P 207 22.47 -1.52 2.14
CA HIS P 207 21.55 -0.83 3.07
C HIS P 207 21.26 -1.77 4.24
N VAL P 208 21.19 -3.08 4.02
CA VAL P 208 21.02 -4.02 5.16
C VAL P 208 22.25 -3.91 6.08
N ILE P 209 23.45 -3.87 5.50
CA ILE P 209 24.70 -3.82 6.30
C ILE P 209 24.71 -2.47 7.05
N ILE P 210 24.35 -1.38 6.37
CA ILE P 210 24.25 -0.04 7.03
C ILE P 210 23.24 -0.12 8.18
N GLY P 211 22.05 -0.65 7.90
CA GLY P 211 20.98 -0.73 8.90
C GLY P 211 21.40 -1.56 10.08
N SER P 212 22.09 -2.68 9.80
CA SER P 212 22.53 -3.63 10.84
C SER P 212 23.54 -2.89 11.73
N THR P 213 24.44 -2.13 11.10
CA THR P 213 25.50 -1.39 11.80
C THR P 213 24.82 -0.35 12.72
N PHE P 214 23.81 0.36 12.21
CA PHE P 214 23.05 1.34 13.02
C PHE P 214 22.41 0.63 14.23
N LEU P 215 21.78 -0.51 14.02
CA LEU P 215 21.18 -1.29 15.14
C LEU P 215 22.26 -1.69 16.15
N ILE P 216 23.46 -2.07 15.68
CA ILE P 216 24.57 -2.47 16.57
C ILE P 216 25.00 -1.26 17.42
N VAL P 217 25.08 -0.09 16.80
CA VAL P 217 25.35 1.18 17.53
C VAL P 217 24.29 1.34 18.63
N CYS P 218 23.01 1.19 18.28
CA CYS P 218 21.92 1.32 19.28
C CYS P 218 22.11 0.28 20.39
N PHE P 219 22.53 -0.94 20.05
CA PHE P 219 22.69 -2.05 21.02
C PHE P 219 23.72 -1.60 22.08
N PHE P 220 24.88 -1.12 21.61
CA PHE P 220 25.96 -0.67 22.51
C PHE P 220 25.52 0.55 23.32
N ARG P 221 24.84 1.51 22.72
CA ARG P 221 24.33 2.69 23.47
C ARG P 221 23.34 2.21 24.55
N GLN P 222 22.48 1.25 24.24
CA GLN P 222 21.53 0.69 25.23
C GLN P 222 22.31 -0.01 26.35
N LEU P 223 23.34 -0.78 26.00
CA LEU P 223 24.17 -1.48 27.03
C LEU P 223 24.76 -0.40 27.98
N LYS P 224 25.11 0.78 27.44
CA LYS P 224 25.71 1.91 28.21
C LYS P 224 24.63 2.83 28.84
N PHE P 225 23.36 2.46 28.78
CA PHE P 225 22.22 3.16 29.44
C PHE P 225 21.96 4.54 28.81
N HIS P 226 22.35 4.79 27.55
CA HIS P 226 22.16 6.13 26.94
C HIS P 226 20.68 6.46 26.80
N PHE P 227 19.85 5.47 26.50
CA PHE P 227 18.44 5.71 26.15
C PHE P 227 17.58 5.83 27.40
N THR P 228 16.70 6.83 27.42
CA THR P 228 15.62 6.83 28.41
C THR P 228 14.38 6.18 27.81
N SER P 229 13.39 5.92 28.65
CA SER P 229 12.14 5.28 28.22
C SER P 229 11.36 6.25 27.32
N ASN P 230 11.69 7.56 27.36
CA ASN P 230 11.03 8.61 26.56
C ASN P 230 11.93 9.23 25.47
N HIS P 231 13.23 9.13 25.57
CA HIS P 231 14.16 9.88 24.71
C HIS P 231 15.15 8.88 24.12
N HIS P 232 15.00 8.56 22.83
CA HIS P 232 15.82 7.49 22.21
C HIS P 232 15.68 7.64 20.68
N PHE P 233 15.91 8.83 20.17
CA PHE P 233 15.68 9.09 18.74
C PHE P 233 16.62 8.24 17.87
N GLY P 234 17.85 7.98 18.30
CA GLY P 234 18.78 7.13 17.54
C GLY P 234 18.16 5.75 17.30
N PHE P 235 17.49 5.21 18.31
CA PHE P 235 16.78 3.92 18.18
C PHE P 235 15.59 4.06 17.22
N GLU P 236 14.78 5.11 17.34
CA GLU P 236 13.63 5.33 16.43
C GLU P 236 14.13 5.46 14.98
N ALA P 237 15.16 6.25 14.76
CA ALA P 237 15.74 6.44 13.41
C ALA P 237 16.19 5.09 12.86
N ALA P 238 16.87 4.29 13.67
CA ALA P 238 17.41 2.99 13.23
C ALA P 238 16.23 2.09 12.89
N ALA P 239 15.13 2.14 13.66
CA ALA P 239 13.95 1.31 13.41
C ALA P 239 13.29 1.75 12.09
N TRP P 240 13.14 3.06 11.90
CA TRP P 240 12.53 3.59 10.65
C TRP P 240 13.38 3.11 9.46
N TYR P 241 14.70 3.24 9.58
CA TYR P 241 15.62 2.84 8.50
C TYR P 241 15.44 1.34 8.24
N TRP P 242 15.33 0.56 9.31
CA TRP P 242 15.19 -0.89 9.22
C TRP P 242 13.87 -1.26 8.53
N HIS P 243 12.78 -0.60 8.87
CA HIS P 243 11.51 -0.87 8.18
C HIS P 243 11.65 -0.51 6.68
N PHE P 244 12.35 0.57 6.35
CA PHE P 244 12.62 0.98 4.97
C PHE P 244 13.35 -0.16 4.26
N VAL P 245 14.37 -0.73 4.89
CA VAL P 245 15.14 -1.85 4.28
C VAL P 245 14.22 -3.06 4.02
N ASP P 246 13.30 -3.35 4.93
N ASP P 246 13.32 -3.30 4.97
CA ASP P 246 12.32 -4.46 4.82
CA ASP P 246 12.40 -4.47 4.98
C ASP P 246 11.47 -4.16 3.59
C ASP P 246 11.38 -4.21 3.81
N VAL P 247 10.90 -2.97 3.57
CA VAL P 247 9.93 -2.66 2.50
C VAL P 247 10.63 -2.74 1.13
N VAL P 248 11.85 -2.22 1.01
CA VAL P 248 12.57 -2.31 -0.29
C VAL P 248 12.73 -3.79 -0.64
N TRP P 249 13.04 -4.63 0.34
CA TRP P 249 13.18 -6.09 0.11
C TRP P 249 11.86 -6.64 -0.45
N LEU P 250 10.74 -6.32 0.18
CA LEU P 250 9.45 -6.88 -0.28
C LEU P 250 9.22 -6.48 -1.76
N PHE P 251 9.52 -5.23 -2.13
CA PHE P 251 9.36 -4.78 -3.53
C PHE P 251 10.35 -5.53 -4.42
N LEU P 252 11.59 -5.78 -3.98
CA LEU P 252 12.56 -6.54 -4.82
C LEU P 252 12.04 -7.96 -5.00
N TYR P 253 11.54 -8.54 -3.94
CA TYR P 253 11.11 -9.94 -3.90
C TYR P 253 9.96 -10.11 -4.90
N VAL P 254 8.97 -9.24 -4.79
CA VAL P 254 7.80 -9.33 -5.68
C VAL P 254 8.20 -9.04 -7.13
N SER P 255 9.05 -8.04 -7.35
CA SER P 255 9.36 -7.53 -8.70
C SER P 255 10.37 -8.44 -9.41
N ILE P 256 11.54 -8.61 -8.80
CA ILE P 256 12.73 -9.20 -9.48
C ILE P 256 12.67 -10.72 -9.31
N TYR P 257 12.43 -11.20 -8.10
CA TYR P 257 12.53 -12.63 -7.83
C TYR P 257 11.28 -13.38 -8.29
N TRP P 258 10.11 -12.82 -8.03
CA TRP P 258 8.84 -13.55 -8.28
C TRP P 258 8.30 -13.19 -9.67
N TRP P 259 7.86 -11.95 -9.86
CA TRP P 259 7.27 -11.52 -11.15
C TRP P 259 8.32 -11.67 -12.26
N GLY P 260 9.57 -11.38 -11.95
CA GLY P 260 10.71 -11.39 -12.90
C GLY P 260 11.21 -12.80 -13.23
N SER P 261 10.67 -13.83 -12.61
CA SER P 261 11.21 -15.22 -12.79
C SER P 261 10.48 -15.90 -13.95
N ASP Q 10 21.36 51.90 16.25
CA ASP Q 10 20.88 52.87 15.23
C ASP Q 10 19.85 52.19 14.33
N TYR Q 11 20.21 51.09 13.62
CA TYR Q 11 19.33 50.12 12.97
C TYR Q 11 18.15 49.84 13.92
N ALA Q 12 18.26 50.00 15.25
CA ALA Q 12 17.15 49.52 16.11
C ALA Q 12 16.17 50.65 16.47
N LEU Q 13 16.48 51.90 16.12
CA LEU Q 13 15.61 53.05 16.46
C LEU Q 13 14.84 53.53 15.24
N PRO Q 14 13.64 54.10 15.44
CA PRO Q 14 12.91 54.78 14.37
C PRO Q 14 13.82 55.85 13.77
N SER Q 15 13.74 56.00 12.46
CA SER Q 15 14.61 56.85 11.64
C SER Q 15 13.78 57.78 10.75
N TYR Q 16 14.46 58.78 10.22
CA TYR Q 16 13.86 59.77 9.32
C TYR Q 16 13.90 59.22 7.90
N VAL Q 17 12.84 59.47 7.12
N VAL Q 17 12.83 59.45 7.15
CA VAL Q 17 12.81 59.14 5.67
CA VAL Q 17 12.85 59.23 5.68
C VAL Q 17 11.95 60.16 4.92
C VAL Q 17 12.06 60.36 5.01
N ASP Q 18 12.45 60.61 3.76
CA ASP Q 18 11.70 61.44 2.78
C ASP Q 18 11.16 60.49 1.72
N ARG Q 19 9.88 60.19 1.81
CA ARG Q 19 9.14 59.30 0.88
C ARG Q 19 7.77 59.90 0.66
N ARG Q 20 7.40 60.10 -0.61
CA ARG Q 20 6.11 60.70 -1.00
C ARG Q 20 4.95 59.88 -0.38
N ASP Q 21 5.11 58.56 -0.23
CA ASP Q 21 4.08 57.59 0.25
C ASP Q 21 4.19 57.41 1.78
N TYR Q 22 5.05 58.17 2.47
CA TYR Q 22 5.19 58.13 3.96
C TYR Q 22 5.48 59.56 4.40
N PRO Q 23 4.51 60.47 4.15
CA PRO Q 23 4.74 61.91 4.29
C PRO Q 23 5.13 62.39 5.69
N LEU Q 24 4.69 61.70 6.74
CA LEU Q 24 4.94 62.12 8.16
C LEU Q 24 5.83 61.06 8.79
N PRO Q 25 7.16 61.21 8.68
CA PRO Q 25 8.07 60.22 9.21
C PRO Q 25 8.01 60.11 10.74
N ASP Q 26 8.68 59.09 11.24
CA ASP Q 26 8.53 58.61 12.66
C ASP Q 26 9.21 59.58 13.63
N VAL Q 27 10.20 60.34 13.17
CA VAL Q 27 10.98 61.32 14.00
C VAL Q 27 11.13 62.60 13.18
N ALA Q 28 11.34 63.70 13.89
CA ALA Q 28 11.72 65.01 13.33
C ALA Q 28 13.09 64.86 12.67
N HIS Q 29 13.32 65.61 11.60
CA HIS Q 29 14.65 65.75 10.93
C HIS Q 29 15.68 66.27 11.95
N VAL Q 30 15.34 67.26 12.76
CA VAL Q 30 16.29 67.87 13.74
C VAL Q 30 15.83 67.46 15.14
N LYS Q 31 16.62 66.63 15.79
CA LYS Q 31 16.33 66.03 17.11
C LYS Q 31 16.67 67.07 18.17
N ASN Q 32 17.86 67.65 18.07
CA ASN Q 32 18.45 68.48 19.16
C ASN Q 32 18.41 69.97 18.78
N LEU Q 33 17.53 70.70 19.46
CA LEU Q 33 17.15 72.12 19.18
C LEU Q 33 18.06 73.06 19.97
N SER Q 34 18.55 74.14 19.33
CA SER Q 34 19.19 75.31 19.99
C SER Q 34 18.13 76.04 20.81
N ALA Q 35 18.55 77.05 21.59
CA ALA Q 35 17.68 77.89 22.45
C ALA Q 35 16.72 78.69 21.56
N SER Q 36 17.19 79.26 20.46
CA SER Q 36 16.35 80.00 19.48
C SER Q 36 15.36 79.03 18.83
N GLN Q 37 15.80 77.84 18.41
CA GLN Q 37 14.88 76.83 17.81
C GLN Q 37 13.81 76.43 18.84
N LYS Q 38 14.18 76.25 20.12
CA LYS Q 38 13.20 75.91 21.21
C LYS Q 38 12.20 77.05 21.41
N ALA Q 39 12.62 78.31 21.29
CA ALA Q 39 11.75 79.50 21.49
C ALA Q 39 10.74 79.55 20.33
N LEU Q 40 11.21 79.28 19.11
CA LEU Q 40 10.36 79.22 17.91
C LEU Q 40 9.27 78.15 18.09
N LYS Q 41 9.56 77.03 18.76
CA LYS Q 41 8.55 75.95 19.02
C LYS Q 41 7.55 76.44 20.07
N GLU Q 42 8.00 77.24 21.04
CA GLU Q 42 7.09 77.88 22.02
C GLU Q 42 6.18 78.84 21.25
N LYS Q 43 6.73 79.61 20.31
CA LYS Q 43 5.97 80.60 19.51
C LYS Q 43 4.90 79.84 18.70
N GLU Q 44 5.22 78.62 18.24
CA GLU Q 44 4.32 77.76 17.43
C GLU Q 44 3.03 77.44 18.21
N LYS Q 45 3.04 77.54 19.55
CA LYS Q 45 1.84 77.22 20.38
C LYS Q 45 0.84 78.36 20.33
N ALA Q 46 1.26 79.54 19.86
CA ALA Q 46 0.39 80.72 19.67
C ALA Q 46 -0.06 80.77 18.21
N SER Q 47 -0.89 81.75 17.85
CA SER Q 47 -1.49 81.85 16.49
C SER Q 47 -0.38 81.73 15.44
N TRP Q 48 -0.61 80.90 14.43
CA TRP Q 48 0.34 80.76 13.29
C TRP Q 48 0.31 82.02 12.42
N SER Q 49 -0.73 82.86 12.53
CA SER Q 49 -0.86 84.14 11.80
C SER Q 49 0.23 85.10 12.28
N SER Q 50 0.72 84.90 13.52
CA SER Q 50 1.79 85.70 14.17
C SER Q 50 3.18 85.26 13.72
N LEU Q 51 3.29 84.06 13.10
CA LEU Q 51 4.52 83.48 12.51
C LEU Q 51 4.87 84.31 11.27
N SER Q 52 6.14 84.68 11.09
CA SER Q 52 6.65 85.23 9.81
C SER Q 52 6.79 84.08 8.80
N ILE Q 53 6.98 84.42 7.51
CA ILE Q 53 7.28 83.45 6.44
C ILE Q 53 8.56 82.68 6.80
N ASP Q 54 9.61 83.37 7.22
CA ASP Q 54 10.94 82.78 7.51
C ASP Q 54 10.80 81.83 8.70
N GLU Q 55 9.92 82.16 9.65
CA GLU Q 55 9.72 81.35 10.89
C GLU Q 55 8.95 80.08 10.52
N LYS Q 56 7.96 80.20 9.63
CA LYS Q 56 7.16 79.05 9.12
C LYS Q 56 8.09 78.08 8.37
N VAL Q 57 8.97 78.63 7.52
CA VAL Q 57 9.96 77.85 6.74
C VAL Q 57 10.95 77.21 7.71
N GLU Q 58 11.38 77.93 8.77
CA GLU Q 58 12.36 77.34 9.73
C GLU Q 58 11.68 76.14 10.42
N LEU Q 59 10.42 76.29 10.86
CA LEU Q 59 9.66 75.19 11.53
C LEU Q 59 9.58 73.97 10.60
N TYR Q 60 9.36 74.20 9.30
CA TYR Q 60 9.27 73.12 8.29
C TYR Q 60 10.61 72.38 8.25
N ARG Q 61 11.72 73.11 8.28
CA ARG Q 61 13.08 72.52 8.12
C ARG Q 61 13.57 71.88 9.41
N LEU Q 62 12.96 72.17 10.56
CA LEU Q 62 13.18 71.41 11.81
C LEU Q 62 12.55 70.02 11.67
N LYS Q 63 11.33 69.95 11.13
CA LYS Q 63 10.55 68.70 11.06
C LYS Q 63 11.01 67.84 9.87
N PHE Q 64 11.31 68.46 8.72
CA PHE Q 64 11.59 67.73 7.46
C PHE Q 64 12.94 68.13 6.88
N LYS Q 65 13.58 67.19 6.20
CA LYS Q 65 14.86 67.43 5.46
C LYS Q 65 14.49 68.10 4.13
N GLU Q 66 13.95 67.33 3.18
CA GLU Q 66 13.55 67.82 1.84
C GLU Q 66 12.02 68.01 1.76
N SER Q 67 11.60 69.02 0.98
CA SER Q 67 10.20 69.21 0.55
C SER Q 67 9.85 68.16 -0.50
N PHE Q 68 8.57 68.05 -0.82
CA PHE Q 68 8.07 67.19 -1.90
C PHE Q 68 8.75 67.57 -3.22
N ALA Q 69 8.83 68.85 -3.55
CA ALA Q 69 9.47 69.31 -4.80
C ALA Q 69 10.93 68.83 -4.83
N GLU Q 70 11.66 68.97 -3.73
CA GLU Q 70 13.10 68.60 -3.66
C GLU Q 70 13.25 67.09 -3.82
N MET Q 71 12.48 66.27 -3.09
CA MET Q 71 12.73 64.82 -3.09
C MET Q 71 12.31 64.23 -4.45
N ASN Q 72 11.43 64.92 -5.18
CA ASN Q 72 10.86 64.46 -6.47
C ASN Q 72 11.67 64.97 -7.67
N ARG Q 73 12.75 65.74 -7.48
CA ARG Q 73 13.49 66.36 -8.61
C ARG Q 73 14.13 65.26 -9.49
N SER Q 74 14.20 65.47 -10.78
CA SER Q 74 14.92 64.57 -11.71
C SER Q 74 16.39 64.97 -11.73
N THR Q 75 17.26 64.11 -12.26
CA THR Q 75 18.74 64.25 -12.20
C THR Q 75 19.30 64.04 -13.60
N ASN Q 76 20.58 64.35 -13.78
CA ASN Q 76 21.31 64.14 -15.05
C ASN Q 76 22.00 62.76 -15.04
N GLU Q 77 21.70 61.90 -14.07
CA GLU Q 77 22.39 60.61 -13.91
C GLU Q 77 22.27 59.78 -15.20
N TRP Q 78 21.12 59.83 -15.89
CA TRP Q 78 20.89 59.05 -17.12
C TRP Q 78 22.00 59.34 -18.14
N LYS Q 79 22.51 60.58 -18.19
CA LYS Q 79 23.55 60.94 -19.18
C LYS Q 79 24.83 60.15 -18.87
N THR Q 80 25.21 60.11 -17.60
CA THR Q 80 26.41 59.39 -17.14
C THR Q 80 26.23 57.89 -17.42
N VAL Q 81 25.07 57.32 -17.12
CA VAL Q 81 24.86 55.85 -17.26
C VAL Q 81 24.94 55.48 -18.75
N VAL Q 82 24.17 56.19 -19.58
CA VAL Q 82 24.08 55.86 -21.03
C VAL Q 82 25.44 56.12 -21.68
N GLY Q 83 26.07 57.25 -21.38
CA GLY Q 83 27.42 57.57 -21.88
C GLY Q 83 28.45 56.51 -21.49
N ALA Q 84 28.52 56.15 -20.20
CA ALA Q 84 29.53 55.18 -19.71
C ALA Q 84 29.27 53.82 -20.35
N ALA Q 85 28.00 53.40 -20.47
CA ALA Q 85 27.67 52.10 -21.08
C ALA Q 85 28.16 52.10 -22.54
N MET Q 86 27.93 53.20 -23.27
CA MET Q 86 28.40 53.28 -24.68
C MET Q 86 29.93 53.26 -24.70
N PHE Q 87 30.61 53.88 -23.72
CA PHE Q 87 32.08 53.80 -23.62
C PHE Q 87 32.51 52.33 -23.50
N PHE Q 88 31.89 51.59 -22.59
CA PHE Q 88 32.28 50.18 -22.32
C PHE Q 88 31.92 49.30 -23.52
N ILE Q 89 30.79 49.55 -24.15
CA ILE Q 89 30.40 48.80 -25.39
C ILE Q 89 31.43 49.15 -26.49
N GLY Q 90 31.90 50.39 -26.55
CA GLY Q 90 32.95 50.79 -27.51
C GLY Q 90 34.25 50.04 -27.23
N PHE Q 91 34.62 49.95 -25.97
CA PHE Q 91 35.84 49.23 -25.51
C PHE Q 91 35.76 47.78 -25.99
N THR Q 92 34.57 47.19 -25.95
CA THR Q 92 34.38 45.77 -26.38
C THR Q 92 34.83 45.62 -27.84
N ALA Q 93 34.49 46.58 -28.70
CA ALA Q 93 34.87 46.55 -30.14
C ALA Q 93 36.40 46.48 -30.24
N LEU Q 94 37.15 47.10 -29.32
CA LEU Q 94 38.62 47.02 -29.30
C LEU Q 94 39.04 45.56 -29.11
N LEU Q 95 38.38 44.83 -28.20
CA LEU Q 95 38.67 43.40 -27.95
C LEU Q 95 38.40 42.61 -29.24
N LEU Q 96 37.34 42.97 -29.96
CA LEU Q 96 36.93 42.22 -31.17
C LEU Q 96 37.92 42.52 -32.33
N ILE Q 97 38.42 43.74 -32.40
CA ILE Q 97 39.49 44.12 -33.36
C ILE Q 97 40.73 43.28 -33.05
N TRP Q 98 41.15 43.27 -31.78
CA TRP Q 98 42.30 42.46 -31.31
C TRP Q 98 42.10 41.00 -31.74
N GLU Q 99 40.90 40.46 -31.52
CA GLU Q 99 40.65 39.02 -31.78
C GLU Q 99 40.82 38.78 -33.30
N LYS Q 100 40.19 39.62 -34.11
CA LYS Q 100 40.22 39.49 -35.58
C LYS Q 100 41.68 39.49 -36.03
N HIS Q 101 42.52 40.35 -35.44
CA HIS Q 101 43.91 40.62 -35.89
C HIS Q 101 44.82 39.46 -35.49
N TYR Q 102 44.76 39.02 -34.24
CA TYR Q 102 45.78 38.13 -33.63
C TYR Q 102 45.31 36.68 -33.47
N VAL Q 103 44.03 36.41 -33.54
CA VAL Q 103 43.51 35.05 -33.22
C VAL Q 103 42.96 34.40 -34.48
N TYR Q 104 42.10 35.11 -35.19
CA TYR Q 104 41.33 34.62 -36.35
C TYR Q 104 42.25 34.58 -37.57
N GLY Q 105 42.40 33.40 -38.19
CA GLY Q 105 43.17 33.26 -39.45
C GLY Q 105 42.31 33.57 -40.66
N PRO Q 106 42.82 33.35 -41.89
CA PRO Q 106 41.99 33.47 -43.08
C PRO Q 106 40.71 32.62 -42.96
N ILE Q 107 39.61 33.17 -43.46
CA ILE Q 107 38.35 32.42 -43.49
C ILE Q 107 38.41 31.49 -44.71
N PRO Q 108 37.51 30.50 -44.75
CA PRO Q 108 37.53 29.50 -45.80
C PRO Q 108 37.38 30.07 -47.22
N HIS Q 109 37.88 29.33 -48.21
CA HIS Q 109 37.96 29.83 -49.60
C HIS Q 109 36.57 29.95 -50.21
N THR Q 110 35.57 29.29 -49.61
CA THR Q 110 34.17 29.31 -50.10
C THR Q 110 33.54 30.69 -49.93
N PHE Q 111 34.20 31.61 -49.21
CA PHE Q 111 33.76 33.01 -49.04
C PHE Q 111 34.40 33.93 -50.08
N GLU Q 112 35.30 33.42 -50.94
CA GLU Q 112 35.93 34.26 -51.99
C GLU Q 112 34.83 34.63 -53.01
N GLU Q 113 34.93 35.83 -53.59
CA GLU Q 113 33.86 36.44 -54.43
C GLU Q 113 33.48 35.51 -55.58
N GLU Q 114 34.48 34.89 -56.23
CA GLU Q 114 34.21 34.02 -57.41
C GLU Q 114 33.50 32.76 -56.93
N TRP Q 115 33.88 32.19 -55.80
CA TRP Q 115 33.21 30.99 -55.26
C TRP Q 115 31.74 31.33 -54.97
N VAL Q 116 31.50 32.49 -54.36
CA VAL Q 116 30.12 32.89 -53.95
C VAL Q 116 29.25 33.05 -55.20
N ALA Q 117 29.77 33.62 -56.29
CA ALA Q 117 28.98 33.85 -57.52
C ALA Q 117 28.57 32.52 -58.13
N LYS Q 118 29.48 31.55 -58.09
CA LYS Q 118 29.24 30.18 -58.64
C LYS Q 118 28.24 29.47 -57.74
N GLN Q 119 28.45 29.58 -56.43
CA GLN Q 119 27.60 28.93 -55.40
C GLN Q 119 26.17 29.48 -55.53
N THR Q 120 26.04 30.80 -55.69
CA THR Q 120 24.74 31.49 -55.91
C THR Q 120 24.06 30.95 -57.15
N LYS Q 121 24.75 30.85 -58.28
CA LYS Q 121 24.10 30.29 -59.49
C LYS Q 121 23.63 28.84 -59.25
N ARG Q 122 24.46 28.00 -58.64
CA ARG Q 122 24.10 26.58 -58.38
C ARG Q 122 22.86 26.52 -57.46
N MET Q 123 22.80 27.40 -56.46
CA MET Q 123 21.60 27.50 -55.59
C MET Q 123 20.36 27.86 -56.42
N LEU Q 124 20.49 28.79 -57.38
CA LEU Q 124 19.34 29.19 -58.24
C LEU Q 124 19.01 28.04 -59.19
N ASP Q 125 20.02 27.30 -59.62
CA ASP Q 125 19.84 26.14 -60.54
C ASP Q 125 19.11 25.00 -59.82
N MET Q 126 19.39 24.78 -58.54
CA MET Q 126 18.64 23.74 -57.80
C MET Q 126 17.41 24.38 -57.10
N LYS Q 127 17.14 25.66 -57.37
CA LYS Q 127 15.91 26.37 -56.94
C LYS Q 127 15.77 26.30 -55.40
N VAL Q 128 16.84 26.64 -54.71
CA VAL Q 128 16.85 26.78 -53.24
C VAL Q 128 15.75 27.77 -52.86
N ALA Q 129 14.84 27.38 -51.95
CA ALA Q 129 13.81 28.26 -51.36
C ALA Q 129 13.09 29.03 -52.48
N PRO Q 130 12.33 28.33 -53.35
CA PRO Q 130 11.75 28.92 -54.55
C PRO Q 130 10.35 29.51 -54.30
N ILE Q 131 9.80 29.28 -53.09
CA ILE Q 131 8.46 29.81 -52.75
C ILE Q 131 8.64 31.20 -52.15
N GLN Q 132 9.58 31.43 -51.23
CA GLN Q 132 9.73 32.79 -50.62
C GLN Q 132 11.21 33.17 -50.40
N GLY Q 133 12.04 32.24 -49.96
CA GLY Q 133 13.29 32.54 -49.25
C GLY Q 133 14.40 33.05 -50.15
N PHE Q 134 14.60 32.51 -51.36
CA PHE Q 134 15.84 32.78 -52.11
C PHE Q 134 15.58 32.80 -53.62
N SER Q 135 15.32 31.64 -54.21
CA SER Q 135 15.10 31.52 -55.67
C SER Q 135 13.87 32.34 -56.04
N ALA Q 136 12.92 32.46 -55.12
CA ALA Q 136 11.70 33.30 -55.23
C ALA Q 136 12.07 34.73 -55.61
N LYS Q 137 13.28 35.18 -55.25
CA LYS Q 137 13.72 36.59 -55.40
C LYS Q 137 14.49 36.75 -56.72
N TRP Q 138 14.62 35.66 -57.47
CA TRP Q 138 15.32 35.64 -58.77
C TRP Q 138 14.28 35.58 -59.90
N ASP Q 139 14.50 36.37 -60.95
CA ASP Q 139 13.63 36.41 -62.14
C ASP Q 139 14.26 35.47 -63.16
N TYR Q 140 13.72 34.25 -63.29
CA TYR Q 140 14.28 33.20 -64.19
C TYR Q 140 13.99 33.50 -65.67
N ASP Q 141 13.01 34.36 -65.94
CA ASP Q 141 12.65 34.84 -67.30
C ASP Q 141 13.65 35.91 -67.80
N LYS Q 142 14.05 36.88 -66.96
CA LYS Q 142 14.91 38.02 -67.35
C LYS Q 142 16.36 37.87 -66.84
N ASN Q 143 16.65 36.74 -66.11
CA ASN Q 143 18.05 36.39 -65.73
C ASN Q 143 18.64 37.53 -64.89
N GLU Q 144 17.88 38.05 -63.90
CA GLU Q 144 18.35 39.06 -62.91
C GLU Q 144 17.57 38.95 -61.57
N TRP Q 145 18.02 39.62 -60.52
CA TRP Q 145 17.28 39.73 -59.23
C TRP Q 145 15.99 40.54 -59.48
N LYS Q 146 14.84 40.08 -58.99
CA LYS Q 146 13.58 40.87 -59.09
C LYS Q 146 13.79 42.26 -58.48
N THR R 7 -19.60 53.15 1.22
CA THR R 7 -19.90 54.39 0.39
C THR R 7 -18.84 55.46 0.60
N ASP R 8 -18.66 56.34 -0.39
CA ASP R 8 -17.72 57.48 -0.29
C ASP R 8 -18.05 58.30 0.96
N GLU R 9 -19.35 58.53 1.21
CA GLU R 9 -19.79 59.36 2.34
C GLU R 9 -19.37 58.70 3.66
N GLU R 10 -19.51 57.38 3.79
CA GLU R 10 -19.17 56.64 5.04
C GLU R 10 -17.65 56.69 5.23
N PHE R 11 -16.88 56.46 4.16
CA PHE R 11 -15.40 56.54 4.21
C PHE R 11 -14.99 57.93 4.69
N ASP R 12 -15.54 58.97 4.07
CA ASP R 12 -15.14 60.37 4.39
C ASP R 12 -15.49 60.66 5.87
N ALA R 13 -16.65 60.24 6.32
CA ALA R 13 -17.15 60.50 7.70
C ALA R 13 -16.20 59.86 8.72
N ARG R 14 -15.82 58.60 8.49
CA ARG R 14 -14.90 57.83 9.37
C ARG R 14 -13.59 58.62 9.52
N TRP R 15 -13.05 59.15 8.41
CA TRP R 15 -11.76 59.87 8.42
C TRP R 15 -11.93 61.25 9.06
N VAL R 16 -13.04 61.96 8.81
CA VAL R 16 -13.30 63.24 9.53
C VAL R 16 -13.32 62.97 11.05
N THR R 17 -14.06 61.95 11.47
CA THR R 17 -14.19 61.55 12.89
C THR R 17 -12.81 61.23 13.44
N TYR R 18 -11.97 60.53 12.67
CA TYR R 18 -10.62 60.14 13.12
C TYR R 18 -9.81 61.40 13.48
N PHE R 19 -9.74 62.36 12.57
CA PHE R 19 -8.88 63.55 12.78
C PHE R 19 -9.50 64.51 13.78
N ASN R 20 -10.83 64.46 13.98
CA ASN R 20 -11.57 65.43 14.82
C ASN R 20 -11.44 65.05 16.30
N LYS R 21 -10.91 63.86 16.63
CA LYS R 21 -10.80 63.47 18.05
C LYS R 21 -10.01 64.55 18.80
N PRO R 22 -10.63 65.22 19.81
CA PRO R 22 -9.97 66.35 20.46
C PRO R 22 -8.52 66.04 20.89
N ASP R 23 -8.32 64.91 21.53
CA ASP R 23 -7.00 64.54 22.13
C ASP R 23 -6.26 63.57 21.21
N ILE R 24 -6.49 63.61 19.89
CA ILE R 24 -5.64 62.85 18.96
C ILE R 24 -4.17 63.15 19.30
N ASP R 25 -3.31 62.15 19.30
CA ASP R 25 -1.87 62.37 19.61
C ASP R 25 -1.06 62.38 18.30
N ALA R 26 0.21 62.74 18.43
CA ALA R 26 1.14 62.91 17.29
C ALA R 26 1.23 61.58 16.52
N TRP R 27 1.39 60.46 17.21
CA TRP R 27 1.45 59.12 16.57
C TRP R 27 0.20 58.90 15.70
N GLU R 28 -0.99 59.17 16.26
CA GLU R 28 -2.28 58.96 15.55
C GLU R 28 -2.41 59.90 14.35
N LEU R 29 -1.94 61.15 14.44
CA LEU R 29 -1.98 62.06 13.27
C LEU R 29 -1.14 61.44 12.15
N ARG R 30 0.08 61.01 12.48
CA ARG R 30 1.00 60.48 11.44
C ARG R 30 0.42 59.17 10.90
N LYS R 31 -0.04 58.28 11.78
CA LYS R 31 -0.64 57.00 11.36
C LYS R 31 -1.81 57.27 10.39
N GLY R 32 -2.66 58.25 10.73
CA GLY R 32 -3.82 58.59 9.88
C GLY R 32 -3.39 59.05 8.51
N MET R 33 -2.48 60.01 8.43
CA MET R 33 -2.09 60.60 7.13
C MET R 33 -1.32 59.54 6.33
N ASN R 34 -0.46 58.77 6.99
CA ASN R 34 0.38 57.79 6.25
C ASN R 34 -0.51 56.66 5.70
N THR R 35 -1.56 56.30 6.39
CA THR R 35 -2.52 55.27 5.96
C THR R 35 -3.36 55.85 4.81
N LEU R 36 -3.88 57.07 4.98
CA LEU R 36 -4.84 57.66 4.03
C LEU R 36 -4.19 57.78 2.64
N VAL R 37 -2.91 58.13 2.58
CA VAL R 37 -2.23 58.37 1.26
C VAL R 37 -1.92 57.05 0.55
N GLY R 38 -2.15 55.90 1.19
CA GLY R 38 -2.06 54.61 0.50
C GLY R 38 -3.23 54.32 -0.41
N TYR R 39 -4.35 55.02 -0.25
CA TYR R 39 -5.60 54.72 -0.98
C TYR R 39 -5.55 55.37 -2.36
N ASP R 40 -6.33 54.83 -3.29
CA ASP R 40 -6.45 55.36 -4.67
C ASP R 40 -7.46 56.51 -4.66
N LEU R 41 -7.06 57.62 -4.07
CA LEU R 41 -7.90 58.84 -3.99
C LEU R 41 -7.05 59.97 -3.43
N VAL R 42 -7.47 61.17 -3.77
CA VAL R 42 -7.00 62.42 -3.11
C VAL R 42 -8.08 62.73 -2.07
N PRO R 43 -7.70 62.88 -0.79
CA PRO R 43 -8.69 63.07 0.26
C PRO R 43 -9.55 64.30 0.02
N GLU R 44 -10.84 64.17 0.34
CA GLU R 44 -11.83 65.27 0.30
C GLU R 44 -11.36 66.43 1.19
N PRO R 45 -11.61 67.68 0.77
CA PRO R 45 -11.34 68.85 1.63
C PRO R 45 -11.82 68.65 3.07
N LYS R 46 -12.96 68.00 3.28
CA LYS R 46 -13.51 67.88 4.67
C LYS R 46 -12.54 67.05 5.52
N ILE R 47 -11.91 66.04 4.92
CA ILE R 47 -10.89 65.21 5.65
C ILE R 47 -9.65 66.06 5.92
N ILE R 48 -9.17 66.77 4.90
CA ILE R 48 -7.93 67.57 5.04
C ILE R 48 -8.18 68.67 6.10
N ASP R 49 -9.36 69.30 6.08
CA ASP R 49 -9.74 70.32 7.09
C ASP R 49 -9.56 69.73 8.50
N ALA R 50 -10.11 68.55 8.75
CA ALA R 50 -10.04 67.90 10.07
C ALA R 50 -8.57 67.58 10.42
N ALA R 51 -7.78 67.08 9.47
CA ALA R 51 -6.33 66.79 9.70
C ALA R 51 -5.57 68.09 10.02
N LEU R 52 -5.87 69.20 9.34
CA LEU R 52 -5.14 70.47 9.59
C LEU R 52 -5.47 70.98 11.00
N ARG R 53 -6.71 70.82 11.44
CA ARG R 53 -7.18 71.27 12.77
C ARG R 53 -6.55 70.37 13.85
N ALA R 54 -6.34 69.09 13.55
CA ALA R 54 -5.57 68.18 14.44
C ALA R 54 -4.15 68.74 14.58
N CYS R 55 -3.51 69.15 13.47
CA CYS R 55 -2.15 69.73 13.49
C CYS R 55 -2.17 70.93 14.45
N ARG R 56 -3.21 71.74 14.38
CA ARG R 56 -3.28 72.96 15.23
C ARG R 56 -3.35 72.52 16.70
N ARG R 57 -4.19 71.54 17.03
CA ARG R 57 -4.30 71.07 18.44
C ARG R 57 -2.98 70.43 18.91
N LEU R 58 -2.19 69.87 18.02
CA LEU R 58 -0.86 69.28 18.33
C LEU R 58 0.27 70.32 18.14
N ASN R 59 -0.06 71.59 17.88
CA ASN R 59 0.96 72.67 17.77
C ASN R 59 2.03 72.28 16.77
N ASP R 60 1.61 71.78 15.60
CA ASP R 60 2.52 71.22 14.57
C ASP R 60 2.25 71.92 13.24
N PHE R 61 2.87 73.08 13.04
CA PHE R 61 2.72 73.87 11.81
C PHE R 61 3.29 73.07 10.63
N ALA R 62 4.48 72.49 10.82
CA ALA R 62 5.22 71.82 9.72
C ALA R 62 4.35 70.73 9.13
N SER R 63 3.69 69.94 9.98
CA SER R 63 2.89 68.78 9.49
C SER R 63 1.73 69.32 8.65
N ALA R 64 1.19 70.49 8.97
CA ALA R 64 0.06 71.06 8.21
C ALA R 64 0.53 71.35 6.77
N VAL R 65 1.74 71.88 6.63
CA VAL R 65 2.30 72.21 5.29
C VAL R 65 2.52 70.90 4.53
N ARG R 66 3.11 69.90 5.19
CA ARG R 66 3.40 68.58 4.57
C ARG R 66 2.09 67.94 4.06
N ILE R 67 1.00 68.07 4.80
CA ILE R 67 -0.32 67.53 4.42
C ILE R 67 -0.78 68.19 3.11
N LEU R 68 -0.58 69.48 2.96
CA LEU R 68 -0.93 70.17 1.70
C LEU R 68 -0.03 69.62 0.58
N GLU R 69 1.26 69.42 0.86
CA GLU R 69 2.17 68.85 -0.15
C GLU R 69 1.67 67.47 -0.60
N VAL R 70 1.25 66.62 0.35
CA VAL R 70 0.93 65.23 -0.05
C VAL R 70 -0.40 65.20 -0.81
N VAL R 71 -1.31 66.12 -0.52
CA VAL R 71 -2.58 66.25 -1.29
C VAL R 71 -2.23 66.58 -2.76
N LYS R 72 -1.35 67.55 -2.97
CA LYS R 72 -0.90 67.90 -4.34
C LYS R 72 -0.28 66.65 -4.98
N ASP R 73 0.61 66.00 -4.26
CA ASP R 73 1.34 64.82 -4.78
C ASP R 73 0.36 63.72 -5.22
N LYS R 74 -0.64 63.42 -4.42
CA LYS R 74 -1.58 62.31 -4.67
C LYS R 74 -2.35 62.54 -5.97
N ALA R 75 -2.50 63.77 -6.42
CA ALA R 75 -3.24 64.07 -7.68
C ALA R 75 -2.43 63.67 -8.91
N GLY R 76 -1.12 63.49 -8.78
CA GLY R 76 -0.27 63.17 -9.94
C GLY R 76 -0.44 64.22 -11.02
N PRO R 77 -0.78 63.83 -12.26
CA PRO R 77 -0.85 64.81 -13.34
C PRO R 77 -2.21 65.54 -13.39
N HIS R 78 -3.12 65.22 -12.46
CA HIS R 78 -4.49 65.80 -12.46
C HIS R 78 -4.42 67.19 -11.79
N LYS R 79 -3.93 68.16 -12.55
CA LYS R 79 -3.51 69.53 -12.11
C LYS R 79 -4.68 70.31 -11.47
N GLU R 80 -5.92 69.99 -11.84
CA GLU R 80 -7.11 70.78 -11.41
C GLU R 80 -7.41 70.45 -9.94
N ILE R 81 -6.90 69.35 -9.39
CA ILE R 81 -7.38 68.90 -8.06
C ILE R 81 -6.87 69.84 -6.96
N TYR R 82 -5.58 70.11 -6.91
CA TYR R 82 -4.96 70.89 -5.83
C TYR R 82 -5.55 72.30 -5.75
N PRO R 83 -5.65 73.10 -6.86
CA PRO R 83 -6.25 74.43 -6.79
C PRO R 83 -7.70 74.35 -6.27
N TYR R 84 -8.44 73.30 -6.58
CA TYR R 84 -9.83 73.11 -6.06
C TYR R 84 -9.77 72.89 -4.55
N VAL R 85 -8.88 72.01 -4.13
CA VAL R 85 -8.75 71.71 -2.68
C VAL R 85 -8.39 73.01 -1.94
N ILE R 86 -7.43 73.76 -2.45
CA ILE R 86 -6.97 75.00 -1.76
C ILE R 86 -8.15 75.98 -1.72
N GLN R 87 -8.91 76.08 -2.82
CA GLN R 87 -10.12 76.93 -2.84
C GLN R 87 -11.02 76.54 -1.65
N GLU R 88 -11.28 75.24 -1.49
CA GLU R 88 -12.23 74.73 -0.48
C GLU R 88 -11.64 74.94 0.92
N LEU R 89 -10.32 74.94 1.07
CA LEU R 89 -9.66 75.04 2.41
C LEU R 89 -9.39 76.50 2.78
N ARG R 90 -9.59 77.44 1.85
CA ARG R 90 -9.13 78.84 2.07
C ARG R 90 -9.62 79.37 3.42
N PRO R 91 -10.91 79.21 3.82
CA PRO R 91 -11.39 79.73 5.11
C PRO R 91 -10.63 79.14 6.32
N THR R 92 -10.35 77.85 6.28
CA THR R 92 -9.55 77.17 7.33
C THR R 92 -8.11 77.67 7.31
N LEU R 93 -7.49 77.83 6.14
CA LEU R 93 -6.07 78.24 6.07
C LEU R 93 -5.96 79.65 6.65
N ASN R 94 -6.93 80.52 6.32
CA ASN R 94 -6.98 81.92 6.81
C ASN R 94 -7.18 81.91 8.34
N GLU R 95 -8.20 81.19 8.82
CA GLU R 95 -8.54 81.08 10.26
C GLU R 95 -7.31 80.60 11.05
N LEU R 96 -6.58 79.59 10.55
CA LEU R 96 -5.50 78.91 11.33
C LEU R 96 -4.12 79.53 11.01
N GLY R 97 -4.00 80.37 9.98
CA GLY R 97 -2.70 81.00 9.62
C GLY R 97 -1.75 79.99 8.98
N ILE R 98 -2.31 79.02 8.26
CA ILE R 98 -1.50 78.02 7.52
C ILE R 98 -1.10 78.59 6.16
N SER R 99 0.20 78.76 5.92
CA SER R 99 0.75 79.16 4.61
C SER R 99 0.83 77.91 3.74
N THR R 100 0.52 78.03 2.44
CA THR R 100 0.67 76.90 1.50
C THR R 100 2.15 76.69 1.21
N PRO R 101 2.54 75.49 0.77
CA PRO R 101 3.91 75.24 0.32
C PRO R 101 4.39 76.26 -0.71
N GLU R 102 3.48 76.65 -1.62
CA GLU R 102 3.70 77.69 -2.65
C GLU R 102 3.98 79.03 -1.95
N GLU R 103 3.21 79.41 -0.93
CA GLU R 103 3.38 80.72 -0.22
C GLU R 103 4.73 80.70 0.51
N LEU R 104 5.24 79.53 0.85
CA LEU R 104 6.51 79.36 1.59
C LEU R 104 7.68 79.10 0.62
N GLY R 105 7.45 79.00 -0.70
CA GLY R 105 8.50 78.65 -1.67
C GLY R 105 8.96 77.20 -1.59
N LEU R 106 8.22 76.32 -0.91
CA LEU R 106 8.64 74.91 -0.70
C LEU R 106 8.27 74.06 -1.91
N ASP R 107 7.66 74.68 -2.94
CA ASP R 107 7.38 74.05 -4.26
C ASP R 107 8.58 74.23 -5.19
N LYS R 108 9.67 74.86 -4.70
CA LYS R 108 10.93 75.15 -5.44
C LYS R 108 10.59 75.60 -6.88
N GLY S 3 10.57 -6.00 35.52
CA GLY S 3 11.65 -5.90 34.51
C GLY S 3 11.85 -4.42 34.16
N GLY S 4 12.83 -3.78 34.86
CA GLY S 4 13.24 -2.35 34.81
C GLY S 4 14.64 -2.10 34.21
N GLY S 5 15.42 -1.11 34.69
CA GLY S 5 16.83 -0.86 34.28
C GLY S 5 16.99 0.19 33.18
N VAL S 6 15.90 0.83 32.72
CA VAL S 6 15.98 1.94 31.75
C VAL S 6 15.81 3.25 32.53
N PRO S 7 16.75 4.20 32.39
CA PRO S 7 16.61 5.49 33.06
C PRO S 7 15.42 6.26 32.47
N THR S 8 14.88 7.14 33.30
CA THR S 8 13.84 8.11 32.90
C THR S 8 14.48 9.47 32.58
N ASP S 9 13.76 10.31 31.87
CA ASP S 9 14.19 11.72 31.64
C ASP S 9 14.39 12.42 33.00
N GLU S 10 13.50 12.16 33.96
CA GLU S 10 13.60 12.76 35.32
C GLU S 10 14.96 12.42 35.94
N GLU S 11 15.44 11.19 35.72
CA GLU S 11 16.71 10.71 36.32
C GLU S 11 17.90 11.24 35.51
N GLN S 12 17.80 11.34 34.19
CA GLN S 12 19.04 11.38 33.37
C GLN S 12 19.07 12.57 32.40
N ALA S 13 17.96 13.22 32.09
CA ALA S 13 18.01 14.43 31.22
C ALA S 13 18.93 15.46 31.87
N THR S 14 19.66 16.21 31.07
CA THR S 14 20.64 17.17 31.58
C THR S 14 20.62 18.46 30.71
N GLY S 15 21.45 19.43 31.04
CA GLY S 15 21.64 20.64 30.23
C GLY S 15 20.32 21.29 29.85
N LEU S 16 20.20 21.77 28.63
CA LEU S 16 19.02 22.57 28.23
C LEU S 16 17.77 21.68 28.21
N GLU S 17 17.90 20.44 27.74
CA GLU S 17 16.75 19.50 27.73
C GLU S 17 16.13 19.45 29.12
N ARG S 18 16.95 19.33 30.17
CA ARG S 18 16.41 19.25 31.54
C ARG S 18 15.76 20.61 31.92
N GLU S 19 16.41 21.73 31.60
CA GLU S 19 15.86 23.06 31.96
C GLU S 19 14.47 23.21 31.31
N VAL S 20 14.30 22.79 30.06
CA VAL S 20 12.99 22.91 29.36
C VAL S 20 11.96 22.03 30.09
N MET S 21 12.36 20.81 30.47
N MET S 21 12.30 20.80 30.45
CA MET S 21 11.56 19.78 31.18
CA MET S 21 11.36 19.87 31.13
C MET S 21 11.05 20.36 32.50
C MET S 21 10.98 20.49 32.49
N LEU S 22 11.95 20.99 33.27
CA LEU S 22 11.64 21.54 34.61
C LEU S 22 10.76 22.78 34.46
N ALA S 23 11.05 23.67 33.51
CA ALA S 23 10.22 24.88 33.30
C ALA S 23 8.79 24.48 32.87
N ALA S 24 8.64 23.48 31.99
CA ALA S 24 7.30 22.98 31.55
C ALA S 24 6.52 22.46 32.76
N ARG S 25 7.15 21.73 33.67
CA ARG S 25 6.49 21.26 34.92
C ARG S 25 5.89 22.46 35.70
N LYS S 26 6.55 23.63 35.66
CA LYS S 26 6.12 24.84 36.42
C LYS S 26 5.17 25.72 35.59
N GLY S 27 4.82 25.36 34.34
CA GLY S 27 3.97 26.22 33.49
C GLY S 27 4.70 27.47 33.00
N GLN S 28 6.04 27.43 32.87
CA GLN S 28 6.87 28.58 32.44
C GLN S 28 7.45 28.27 31.08
N ASP S 29 7.73 29.30 30.30
CA ASP S 29 8.25 29.09 28.92
C ASP S 29 9.46 29.99 28.70
N PRO S 30 10.56 29.81 29.46
CA PRO S 30 11.75 30.67 29.32
C PRO S 30 12.42 30.52 27.95
N TYR S 31 12.20 29.39 27.26
CA TYR S 31 12.88 29.14 25.96
C TYR S 31 11.90 29.31 24.79
N ASN S 32 10.79 30.04 25.00
CA ASN S 32 10.00 30.59 23.87
C ASN S 32 9.50 29.47 22.95
N ILE S 33 9.05 28.37 23.52
CA ILE S 33 8.56 27.21 22.76
C ILE S 33 7.11 27.47 22.34
N LEU S 34 6.35 28.26 23.13
CA LEU S 34 4.90 28.47 22.94
C LEU S 34 4.68 29.86 22.36
N ALA S 35 3.64 30.00 21.55
CA ALA S 35 3.16 31.30 21.07
C ALA S 35 2.42 31.98 22.21
N PRO S 36 2.81 33.22 22.55
CA PRO S 36 2.06 33.99 23.54
C PRO S 36 0.66 34.36 23.03
N LYS S 37 -0.31 34.38 23.95
CA LYS S 37 -1.71 34.80 23.67
C LYS S 37 -1.81 36.32 23.82
N ALA S 38 -2.43 37.00 22.85
CA ALA S 38 -2.54 38.48 22.82
C ALA S 38 -3.48 38.92 23.95
N THR S 39 -3.25 40.11 24.48
CA THR S 39 -4.24 40.86 25.27
C THR S 39 -5.14 41.63 24.30
N SER S 40 -6.03 42.47 24.79
CA SER S 40 -6.81 43.40 23.95
C SER S 40 -5.88 44.41 23.25
N GLY S 41 -4.64 44.61 23.74
CA GLY S 41 -3.64 45.48 23.08
C GLY S 41 -3.94 46.97 23.17
N THR S 42 -4.76 47.40 24.12
CA THR S 42 -5.04 48.85 24.38
C THR S 42 -3.87 49.47 25.15
N LYS S 43 -3.87 50.79 25.30
CA LYS S 43 -2.83 51.47 26.12
C LYS S 43 -2.95 50.98 27.57
N GLU S 44 -4.17 50.68 28.03
CA GLU S 44 -4.46 50.22 29.43
C GLU S 44 -4.08 48.74 29.58
N ASP S 45 -4.07 47.99 28.48
CA ASP S 45 -3.88 46.52 28.52
C ASP S 45 -2.94 46.09 27.42
N PRO S 46 -1.68 46.57 27.44
CA PRO S 46 -0.75 46.31 26.34
C PRO S 46 -0.31 44.84 26.35
N ASN S 47 0.12 44.34 25.18
CA ASN S 47 0.78 43.02 25.13
C ASN S 47 2.08 43.15 25.89
N LEU S 48 2.33 42.25 26.84
CA LEU S 48 3.55 42.28 27.67
C LEU S 48 4.60 41.35 27.03
N VAL S 49 5.70 41.96 26.57
CA VAL S 49 6.79 41.28 25.81
C VAL S 49 8.00 41.12 26.73
N PRO S 50 8.28 39.89 27.19
CA PRO S 50 9.43 39.64 28.05
C PRO S 50 10.72 39.76 27.23
N SER S 51 11.73 40.30 27.90
CA SER S 51 13.09 40.32 27.32
C SER S 51 14.15 40.17 28.42
N ILE S 52 15.26 39.54 28.04
CA ILE S 52 16.48 39.56 28.89
C ILE S 52 17.26 40.87 28.75
N THR S 53 16.88 41.73 27.81
CA THR S 53 17.62 42.99 27.51
C THR S 53 16.60 44.13 27.36
N ASN S 54 17.04 45.23 26.78
CA ASN S 54 16.28 46.52 26.77
C ASN S 54 15.56 46.70 25.43
N LYS S 55 15.56 45.69 24.57
CA LYS S 55 14.80 45.73 23.31
C LYS S 55 14.61 44.31 22.77
N ARG S 56 13.50 44.08 22.06
CA ARG S 56 13.17 42.79 21.46
C ARG S 56 12.38 43.01 20.17
N ILE S 57 12.70 42.22 19.14
CA ILE S 57 11.93 42.30 17.89
C ILE S 57 10.54 41.70 18.14
N VAL S 58 9.53 42.47 17.78
CA VAL S 58 8.10 42.03 17.74
C VAL S 58 7.72 41.84 16.28
N GLY S 59 7.03 40.76 16.00
CA GLY S 59 6.28 40.60 14.75
C GLY S 59 4.79 40.64 15.08
N CYS S 60 4.08 41.52 14.38
CA CYS S 60 2.62 41.68 14.59
C CYS S 60 1.87 41.11 13.38
N ILE S 61 1.08 40.07 13.62
CA ILE S 61 0.06 39.54 12.68
C ILE S 61 -1.24 40.29 12.99
N CYS S 62 -1.47 41.39 12.30
CA CYS S 62 -2.46 42.44 12.72
C CYS S 62 -3.87 41.85 12.77
N GLU S 63 -4.20 41.04 11.77
CA GLU S 63 -5.47 40.30 11.66
C GLU S 63 -5.13 38.84 11.36
N GLU S 64 -5.99 37.97 11.86
CA GLU S 64 -5.90 36.53 11.70
C GLU S 64 -5.80 36.26 10.19
N ASP S 65 -4.87 35.44 9.87
CA ASP S 65 -4.73 35.00 8.45
C ASP S 65 -4.08 36.07 7.58
N ASN S 66 -3.75 37.29 8.06
CA ASN S 66 -2.76 38.12 7.32
C ASN S 66 -1.55 37.25 6.97
N SER S 67 -1.02 37.32 5.74
CA SER S 67 0.26 36.65 5.40
C SER S 67 1.43 37.58 5.72
N THR S 68 1.20 38.89 5.78
CA THR S 68 2.25 39.90 6.02
C THR S 68 2.44 40.03 7.53
N VAL S 69 3.63 39.82 8.02
CA VAL S 69 3.98 40.11 9.45
C VAL S 69 4.70 41.46 9.48
N ILE S 70 4.39 42.28 10.48
CA ILE S 70 4.96 43.64 10.66
C ILE S 70 5.99 43.55 11.80
N TRP S 71 7.24 43.85 11.48
CA TRP S 71 8.39 43.62 12.39
C TRP S 71 8.91 44.94 12.92
N PHE S 72 9.21 45.02 14.20
CA PHE S 72 9.85 46.27 14.70
C PHE S 72 10.53 45.94 16.03
N TRP S 73 11.55 46.70 16.35
CA TRP S 73 12.18 46.67 17.69
C TRP S 73 11.22 47.35 18.69
N LEU S 74 10.90 46.61 19.74
CA LEU S 74 10.22 47.17 20.92
C LEU S 74 11.29 47.50 21.96
N HIS S 75 11.34 48.75 22.37
CA HIS S 75 12.29 49.27 23.38
C HIS S 75 11.65 49.36 24.78
N LYS S 76 12.49 49.21 25.79
CA LYS S 76 12.13 49.45 27.21
C LYS S 76 11.50 50.83 27.31
N GLY S 77 10.52 50.98 28.17
CA GLY S 77 9.91 52.29 28.48
C GLY S 77 8.44 52.28 28.07
N GLU S 78 7.95 53.44 27.63
CA GLU S 78 6.54 53.63 27.25
C GLU S 78 6.21 52.59 26.18
N ALA S 79 5.02 52.00 26.28
CA ALA S 79 4.45 51.11 25.28
C ALA S 79 4.59 51.72 23.88
N GLN S 80 4.90 50.89 22.89
CA GLN S 80 4.94 51.28 21.46
C GLN S 80 3.80 50.56 20.75
N ARG S 81 3.43 51.11 19.59
CA ARG S 81 2.26 50.62 18.81
C ARG S 81 2.75 50.01 17.50
N CYS S 82 2.11 48.94 17.07
CA CYS S 82 2.34 48.36 15.74
C CYS S 82 2.09 49.47 14.72
N PRO S 83 3.04 49.75 13.81
CA PRO S 83 2.86 50.82 12.83
C PRO S 83 1.79 50.50 11.78
N SER S 84 1.27 49.27 11.75
CA SER S 84 0.19 48.91 10.81
C SER S 84 -1.19 48.99 11.50
N CYS S 85 -1.35 48.39 12.68
CA CYS S 85 -2.70 48.27 13.32
C CYS S 85 -2.81 49.06 14.62
N GLY S 86 -1.70 49.56 15.14
CA GLY S 86 -1.68 50.38 16.37
C GLY S 86 -1.80 49.59 17.67
N THR S 87 -1.79 48.26 17.61
N THR S 87 -1.89 48.27 17.64
CA THR S 87 -1.77 47.37 18.79
CA THR S 87 -2.01 47.53 18.91
C THR S 87 -0.63 47.77 19.74
C THR S 87 -0.72 47.78 19.73
N HIS S 88 -0.90 47.87 21.04
CA HIS S 88 0.13 48.30 22.02
C HIS S 88 0.96 47.11 22.51
N TYR S 89 2.28 47.32 22.59
CA TYR S 89 3.25 46.37 23.17
C TYR S 89 4.09 47.09 24.21
N LYS S 90 4.39 46.42 25.31
CA LYS S 90 5.22 46.98 26.41
C LYS S 90 6.28 45.93 26.79
N LEU S 91 7.54 46.34 26.77
CA LEU S 91 8.67 45.45 27.16
C LEU S 91 8.68 45.30 28.69
N VAL S 92 8.81 44.06 29.14
CA VAL S 92 8.94 43.72 30.57
C VAL S 92 10.25 42.95 30.72
N PRO S 93 11.36 43.70 30.97
CA PRO S 93 12.62 43.09 31.37
C PRO S 93 12.07 42.18 32.47
N GLY T 12 1.47 -3.79 23.50
CA GLY T 12 2.46 -3.70 24.46
C GLY T 12 3.70 -4.58 24.03
N ALA T 13 4.74 -4.52 24.82
CA ALA T 13 5.96 -5.35 24.63
C ALA T 13 5.57 -6.83 24.70
N ARG T 14 4.71 -7.20 25.63
CA ARG T 14 4.32 -8.61 25.80
C ARG T 14 3.71 -9.17 24.49
N THR T 15 2.84 -8.41 23.86
CA THR T 15 2.20 -8.81 22.58
C THR T 15 3.26 -8.95 21.47
N TRP T 16 4.19 -8.00 21.37
CA TRP T 16 5.19 -8.06 20.28
C TRP T 16 6.20 -9.20 20.54
N ARG T 17 6.49 -9.50 21.79
CA ARG T 17 7.32 -10.67 22.12
C ARG T 17 6.55 -11.93 21.72
N PHE T 18 5.26 -11.98 22.04
CA PHE T 18 4.40 -13.14 21.70
C PHE T 18 4.43 -13.34 20.18
N LEU T 19 4.31 -12.26 19.40
CA LEU T 19 4.37 -12.38 17.92
C LEU T 19 5.77 -12.81 17.47
N THR T 20 6.81 -12.31 18.15
CA THR T 20 8.21 -12.63 17.76
C THR T 20 8.41 -14.16 17.88
N PHE T 21 8.10 -14.74 19.04
CA PHE T 21 8.37 -16.15 19.34
C PHE T 21 7.25 -17.08 18.83
N GLY T 22 6.02 -16.62 18.68
CA GLY T 22 4.89 -17.49 18.35
C GLY T 22 4.55 -17.48 16.87
N LEU T 23 5.00 -16.47 16.11
CA LEU T 23 4.69 -16.34 14.66
C LEU T 23 5.97 -16.14 13.84
N ALA T 24 6.74 -15.11 14.14
CA ALA T 24 7.86 -14.67 13.29
C ALA T 24 8.97 -15.74 13.30
N LEU T 25 9.45 -16.14 14.46
CA LEU T 25 10.61 -17.07 14.47
C LEU T 25 10.15 -18.46 14.03
N PRO T 26 8.93 -18.97 14.37
CA PRO T 26 8.46 -20.19 13.76
C PRO T 26 8.42 -20.13 12.23
N SER T 27 8.04 -19.00 11.64
CA SER T 27 8.02 -18.82 10.18
C SER T 27 9.44 -18.99 9.65
N VAL T 28 10.40 -18.31 10.27
CA VAL T 28 11.81 -18.44 9.85
C VAL T 28 12.25 -19.90 9.94
N ALA T 29 11.93 -20.60 11.02
CA ALA T 29 12.33 -22.00 11.22
C ALA T 29 11.75 -22.84 10.07
N LEU T 30 10.46 -22.66 9.76
CA LEU T 30 9.77 -23.42 8.69
C LEU T 30 10.41 -23.12 7.33
N CYS T 31 10.71 -21.85 7.03
CA CYS T 31 11.39 -21.48 5.76
C CYS T 31 12.83 -22.03 5.71
N THR T 32 13.50 -22.10 6.87
CA THR T 32 14.89 -22.64 6.98
C THR T 32 14.83 -24.14 6.67
N LEU T 33 13.85 -24.86 7.26
CA LEU T 33 13.61 -26.31 6.99
C LEU T 33 13.35 -26.50 5.48
N ASN T 34 12.45 -25.70 4.89
CA ASN T 34 12.09 -25.75 3.45
C ASN T 34 13.36 -25.54 2.59
N SER T 35 14.14 -24.50 2.88
CA SER T 35 15.35 -24.21 2.07
C SER T 35 16.34 -25.38 2.19
N TRP T 36 16.54 -25.87 3.42
CA TRP T 36 17.56 -26.89 3.77
C TRP T 36 17.13 -28.22 3.16
N LEU T 37 15.90 -28.32 2.62
CA LEU T 37 15.46 -29.56 1.93
C LEU T 37 15.78 -29.47 0.44
N HIS T 38 15.74 -28.30 -0.17
CA HIS T 38 16.07 -28.03 -1.59
C HIS T 38 17.45 -27.37 -1.73
N SER T 39 18.40 -27.72 -0.86
CA SER T 39 19.77 -27.13 -0.84
C SER T 39 20.70 -27.86 -1.83
N GLY T 40 20.30 -29.03 -2.35
CA GLY T 40 21.14 -29.87 -3.22
C GLY T 40 21.60 -29.09 -4.45
N HIS T 41 22.79 -29.39 -4.99
CA HIS T 41 23.33 -28.75 -6.22
C HIS T 41 22.58 -29.28 -7.45
N ARG T 42 22.08 -28.37 -8.29
CA ARG T 42 21.36 -28.66 -9.57
C ARG T 42 22.42 -28.98 -10.66
N GLU T 43 22.05 -29.79 -11.65
CA GLU T 43 22.91 -30.18 -12.82
C GLU T 43 23.20 -28.92 -13.63
N ARG T 44 24.46 -28.51 -13.84
CA ARG T 44 24.72 -27.23 -14.56
C ARG T 44 24.35 -27.40 -16.03
N PRO T 45 23.85 -26.31 -16.66
CA PRO T 45 23.32 -26.36 -18.02
C PRO T 45 24.51 -26.32 -18.99
N ALA T 46 24.40 -27.05 -20.10
CA ALA T 46 25.29 -26.94 -21.26
C ALA T 46 25.70 -25.47 -21.45
N PHE T 47 26.99 -25.24 -21.67
CA PHE T 47 27.50 -23.91 -22.07
C PHE T 47 27.10 -23.59 -23.52
N ILE T 48 26.52 -22.42 -23.74
CA ILE T 48 26.24 -21.84 -25.09
C ILE T 48 26.77 -20.41 -25.05
N PRO T 49 27.71 -20.03 -25.96
CA PRO T 49 28.34 -18.71 -25.91
C PRO T 49 27.44 -17.57 -26.41
N TYR T 50 26.27 -17.42 -25.79
CA TYR T 50 25.31 -16.33 -26.10
C TYR T 50 25.99 -14.96 -26.00
N HIS T 51 25.74 -14.09 -26.98
CA HIS T 51 26.38 -12.76 -27.11
C HIS T 51 25.81 -11.75 -26.10
N HIS T 52 24.63 -12.02 -25.54
CA HIS T 52 23.97 -11.14 -24.56
C HIS T 52 24.39 -11.50 -23.14
N LEU T 53 25.21 -12.52 -22.95
CA LEU T 53 25.71 -12.97 -21.62
C LEU T 53 27.24 -12.92 -21.58
N ARG T 54 27.81 -13.04 -20.40
CA ARG T 54 29.29 -13.02 -20.19
C ARG T 54 29.86 -11.77 -20.89
N ILE T 55 29.20 -10.64 -20.71
CA ILE T 55 29.60 -9.34 -21.33
C ILE T 55 31.00 -8.96 -20.84
N ARG T 56 31.83 -8.54 -21.79
CA ARG T 56 33.18 -8.00 -21.51
C ARG T 56 33.39 -6.79 -22.41
N THR T 57 33.06 -5.60 -21.94
CA THR T 57 33.37 -4.32 -22.66
C THR T 57 34.64 -3.70 -22.09
N LYS T 58 35.01 -4.05 -20.87
CA LYS T 58 36.26 -3.58 -20.23
C LYS T 58 36.70 -4.64 -19.24
N PRO T 59 38.00 -4.95 -19.10
CA PRO T 59 38.42 -5.94 -18.11
C PRO T 59 37.98 -5.48 -16.71
N PHE T 60 37.57 -6.43 -15.87
CA PHE T 60 37.30 -6.14 -14.45
C PHE T 60 38.59 -5.67 -13.78
N SER T 61 38.47 -4.83 -12.74
CA SER T 61 39.61 -4.19 -12.03
C SER T 61 40.21 -5.10 -10.96
N TRP T 62 40.12 -6.42 -11.11
CA TRP T 62 40.69 -7.40 -10.15
C TRP T 62 41.02 -8.69 -10.92
N GLY T 63 41.79 -9.56 -10.28
CA GLY T 63 42.18 -10.88 -10.82
C GLY T 63 42.78 -10.70 -12.21
N ASP T 64 42.39 -11.52 -13.17
CA ASP T 64 42.92 -11.49 -14.56
C ASP T 64 42.01 -10.62 -15.45
N GLY T 65 41.04 -9.90 -14.86
CA GLY T 65 40.12 -9.02 -15.59
C GLY T 65 38.95 -9.74 -16.25
N ASN T 66 38.89 -11.08 -16.19
CA ASN T 66 37.91 -11.90 -16.95
C ASN T 66 37.01 -12.68 -16.00
N HIS T 67 37.18 -12.55 -14.67
CA HIS T 67 36.40 -13.29 -13.66
C HIS T 67 35.50 -12.30 -12.90
N THR T 68 34.23 -12.63 -12.74
CA THR T 68 33.32 -11.78 -11.93
C THR T 68 33.70 -11.87 -10.45
N PHE T 69 33.23 -10.90 -9.69
CA PHE T 69 33.68 -10.69 -8.30
C PHE T 69 33.41 -11.91 -7.38
N PHE T 70 32.28 -12.59 -7.56
N PHE T 70 32.25 -12.56 -7.52
CA PHE T 70 31.86 -13.79 -6.80
CA PHE T 70 31.80 -13.76 -6.75
C PHE T 70 31.71 -14.92 -7.81
C PHE T 70 31.82 -15.00 -7.68
N HIS T 71 32.73 -15.03 -8.66
CA HIS T 71 32.87 -16.11 -9.65
C HIS T 71 32.84 -17.45 -8.93
N ASN T 72 31.98 -18.34 -9.39
CA ASN T 72 31.89 -19.73 -8.87
C ASN T 72 32.25 -20.66 -10.02
N PRO T 73 33.44 -21.32 -10.00
CA PRO T 73 33.83 -22.19 -11.11
C PRO T 73 32.79 -23.25 -11.49
N ARG T 74 32.01 -23.73 -10.54
CA ARG T 74 31.05 -24.84 -10.80
C ARG T 74 29.92 -24.33 -11.71
N VAL T 75 29.48 -23.09 -11.58
CA VAL T 75 28.21 -22.66 -12.24
C VAL T 75 28.39 -21.41 -13.10
N ASN T 76 29.54 -20.74 -13.08
CA ASN T 76 29.74 -19.48 -13.85
C ASN T 76 30.78 -19.75 -14.94
N PRO T 77 30.36 -19.98 -16.18
CA PRO T 77 31.34 -20.12 -17.25
C PRO T 77 31.93 -18.76 -17.60
N LEU T 78 33.16 -18.77 -18.11
CA LEU T 78 33.81 -17.60 -18.75
C LEU T 78 33.23 -17.44 -20.14
N PRO T 79 33.52 -16.32 -20.85
CA PRO T 79 33.12 -16.16 -22.25
C PRO T 79 33.49 -17.37 -23.12
N THR T 80 34.59 -18.06 -22.80
CA THR T 80 35.07 -19.23 -23.60
C THR T 80 34.55 -20.53 -23.03
N GLY T 81 33.76 -20.49 -21.95
CA GLY T 81 33.15 -21.70 -21.37
C GLY T 81 33.55 -21.96 -19.93
N TYR T 82 33.16 -23.12 -19.43
CA TYR T 82 33.44 -23.56 -18.06
C TYR T 82 34.94 -23.79 -17.91
N GLU T 83 35.53 -23.37 -16.79
CA GLU T 83 36.94 -23.71 -16.45
C GLU T 83 37.13 -25.23 -16.29
N TYR U 11 4.49 -6.97 -55.22
CA TYR U 11 5.17 -6.51 -53.94
C TYR U 11 6.04 -5.29 -54.30
N GLN U 12 5.75 -4.14 -53.66
CA GLN U 12 6.59 -2.92 -53.70
C GLN U 12 7.41 -2.87 -52.41
N THR U 13 6.76 -2.78 -51.27
CA THR U 13 7.45 -2.76 -49.96
C THR U 13 6.50 -3.34 -48.90
N ALA U 14 7.00 -3.49 -47.69
CA ALA U 14 6.21 -4.04 -46.57
C ALA U 14 5.03 -3.08 -46.33
N PRO U 15 3.80 -3.62 -46.32
CA PRO U 15 2.62 -2.81 -45.98
C PRO U 15 2.58 -2.45 -44.50
N PHE U 16 1.81 -1.41 -44.19
CA PHE U 16 1.41 -1.12 -42.80
C PHE U 16 0.95 -2.43 -42.16
N ASP U 17 1.32 -2.62 -40.90
CA ASP U 17 0.96 -3.78 -40.06
C ASP U 17 0.42 -3.23 -38.73
N SER U 18 -0.87 -3.43 -38.47
CA SER U 18 -1.60 -2.84 -37.31
C SER U 18 -0.97 -3.37 -36.02
N ARG U 19 -0.18 -4.45 -36.07
CA ARG U 19 0.52 -4.96 -34.87
C ARG U 19 1.66 -4.01 -34.48
N PHE U 20 2.18 -3.24 -35.43
CA PHE U 20 3.37 -2.37 -35.25
C PHE U 20 3.05 -1.00 -35.84
N PRO U 21 2.17 -0.23 -35.19
CA PRO U 21 1.71 1.04 -35.77
C PRO U 21 2.54 2.27 -35.41
N ASN U 22 3.61 2.13 -34.61
CA ASN U 22 4.31 3.29 -34.00
C ASN U 22 5.67 3.49 -34.64
N GLN U 23 6.37 4.54 -34.24
CA GLN U 23 7.68 4.91 -34.81
C GLN U 23 8.68 3.77 -34.56
N ASN U 24 8.60 3.04 -33.45
CA ASN U 24 9.56 1.97 -33.13
C ASN U 24 9.16 0.72 -33.91
N GLN U 25 9.91 0.41 -34.97
CA GLN U 25 9.65 -0.73 -35.89
C GLN U 25 10.55 -1.93 -35.60
N THR U 26 11.31 -1.89 -34.49
CA THR U 26 12.27 -2.95 -34.16
C THR U 26 11.57 -4.32 -34.22
N ARG U 27 10.43 -4.45 -33.53
CA ARG U 27 9.75 -5.75 -33.34
C ARG U 27 9.14 -6.23 -34.67
N ASN U 28 8.83 -5.32 -35.60
CA ASN U 28 8.30 -5.68 -36.94
C ASN U 28 9.38 -6.46 -37.74
N CYS U 29 10.58 -5.90 -37.77
CA CYS U 29 11.76 -6.54 -38.38
C CYS U 29 11.98 -7.91 -37.71
N TRP U 30 12.05 -7.95 -36.38
CA TRP U 30 12.36 -9.16 -35.59
C TRP U 30 11.30 -10.22 -35.89
N GLN U 31 10.01 -9.87 -35.80
CA GLN U 31 8.90 -10.85 -35.91
C GLN U 31 8.95 -11.49 -37.29
N ASN U 32 9.18 -10.69 -38.33
CA ASN U 32 9.17 -11.20 -39.73
C ASN U 32 10.41 -12.05 -39.98
N TYR U 33 11.54 -11.72 -39.38
CA TYR U 33 12.75 -12.59 -39.45
C TYR U 33 12.43 -13.94 -38.78
N LEU U 34 11.86 -13.92 -37.57
CA LEU U 34 11.52 -15.19 -36.87
C LEU U 34 10.54 -15.99 -37.73
N ASP U 35 9.50 -15.32 -38.22
CA ASP U 35 8.41 -15.99 -38.96
C ASP U 35 9.02 -16.65 -40.20
N PHE U 36 9.87 -15.93 -40.93
CA PHE U 36 10.53 -16.55 -42.12
C PHE U 36 11.24 -17.84 -41.71
N HIS U 37 12.09 -17.76 -40.70
CA HIS U 37 12.98 -18.89 -40.33
C HIS U 37 12.15 -20.01 -39.66
N ARG U 38 11.11 -19.69 -38.87
CA ARG U 38 10.22 -20.74 -38.31
C ARG U 38 9.54 -21.48 -39.47
N CYS U 39 9.04 -20.72 -40.44
CA CYS U 39 8.34 -21.31 -41.61
C CYS U 39 9.32 -22.20 -42.39
N GLU U 40 10.50 -21.68 -42.75
CA GLU U 40 11.54 -22.39 -43.54
C GLU U 40 11.88 -23.71 -42.82
N LYS U 41 11.96 -23.69 -41.49
CA LYS U 41 12.25 -24.92 -40.69
C LYS U 41 11.04 -25.88 -40.75
N ALA U 42 9.81 -25.38 -40.65
CA ALA U 42 8.57 -26.21 -40.77
C ALA U 42 8.55 -26.89 -42.15
N MET U 43 8.78 -26.13 -43.21
CA MET U 43 8.67 -26.66 -44.59
C MET U 43 9.81 -27.63 -44.89
N THR U 44 10.99 -27.43 -44.29
CA THR U 44 12.15 -28.35 -44.47
C THR U 44 11.89 -29.62 -43.67
N ALA U 45 11.31 -29.51 -42.47
CA ALA U 45 11.03 -30.62 -41.53
C ALA U 45 10.18 -31.69 -42.21
N LYS U 46 9.08 -31.33 -42.89
CA LYS U 46 8.27 -32.32 -43.64
C LYS U 46 8.89 -32.52 -45.04
N GLY U 47 9.89 -31.72 -45.42
CA GLY U 47 10.35 -31.60 -46.82
C GLY U 47 9.25 -30.97 -47.66
N GLY U 48 8.49 -30.03 -47.06
CA GLY U 48 7.50 -29.14 -47.70
C GLY U 48 8.17 -28.26 -48.73
N ASP U 49 7.68 -27.05 -49.01
CA ASP U 49 8.36 -26.13 -49.95
C ASP U 49 8.46 -24.69 -49.39
N VAL U 50 9.67 -24.13 -49.40
CA VAL U 50 10.01 -22.83 -48.77
C VAL U 50 9.36 -21.66 -49.51
N SER U 51 8.93 -21.79 -50.77
CA SER U 51 8.18 -20.72 -51.50
C SER U 51 7.01 -20.20 -50.63
N VAL U 52 6.50 -21.05 -49.74
CA VAL U 52 5.34 -20.76 -48.83
C VAL U 52 5.75 -19.63 -47.88
N CYS U 53 7.04 -19.52 -47.59
CA CYS U 53 7.59 -18.60 -46.57
C CYS U 53 7.92 -17.23 -47.17
N GLU U 54 7.64 -17.03 -48.47
CA GLU U 54 8.19 -15.90 -49.29
C GLU U 54 7.78 -14.56 -48.67
N TRP U 55 6.51 -14.39 -48.33
CA TRP U 55 5.98 -13.12 -47.78
C TRP U 55 6.90 -12.63 -46.64
N TYR U 56 7.20 -13.52 -45.70
CA TYR U 56 7.98 -13.16 -44.49
C TYR U 56 9.37 -12.69 -44.92
N ARG U 57 9.94 -13.38 -45.90
CA ARG U 57 11.31 -13.09 -46.37
C ARG U 57 11.32 -11.69 -46.99
N ARG U 58 10.34 -11.38 -47.85
CA ARG U 58 10.30 -10.05 -48.53
C ARG U 58 10.16 -8.97 -47.45
N VAL U 59 9.29 -9.19 -46.45
CA VAL U 59 9.02 -8.15 -45.41
C VAL U 59 10.28 -7.93 -44.57
N TYR U 60 10.94 -8.96 -44.05
CA TYR U 60 12.12 -8.74 -43.17
C TYR U 60 13.24 -8.14 -44.03
N LYS U 61 13.40 -8.58 -45.27
CA LYS U 61 14.51 -8.08 -46.12
C LYS U 61 14.36 -6.56 -46.31
N SER U 62 13.09 -6.10 -46.52
CA SER U 62 12.64 -4.71 -46.72
C SER U 62 12.95 -3.87 -45.46
N LEU U 63 12.61 -4.38 -44.29
CA LEU U 63 12.57 -3.58 -43.04
C LEU U 63 13.90 -3.68 -42.29
N CYS U 64 14.53 -4.86 -42.25
CA CYS U 64 15.69 -5.14 -41.35
C CYS U 64 16.99 -4.59 -41.93
N PRO U 65 17.75 -3.89 -41.08
CA PRO U 65 19.14 -3.51 -41.39
C PRO U 65 19.94 -4.75 -41.78
N ILE U 66 20.74 -4.62 -42.84
CA ILE U 66 21.62 -5.71 -43.36
C ILE U 66 22.47 -6.24 -42.20
N SER U 67 23.04 -5.39 -41.34
CA SER U 67 23.95 -5.84 -40.26
C SER U 67 23.18 -6.68 -39.23
N TRP U 68 21.90 -6.36 -38.96
CA TRP U 68 21.05 -7.16 -38.06
C TRP U 68 20.82 -8.54 -38.66
N VAL U 69 20.40 -8.58 -39.92
CA VAL U 69 20.13 -9.86 -40.65
C VAL U 69 21.42 -10.68 -40.64
N SER U 70 22.54 -10.06 -41.01
CA SER U 70 23.86 -10.75 -41.12
C SER U 70 24.30 -11.28 -39.72
N THR U 71 24.14 -10.50 -38.66
CA THR U 71 24.46 -10.94 -37.27
C THR U 71 23.56 -12.10 -36.85
N TRP U 72 22.27 -11.99 -37.10
CA TRP U 72 21.29 -13.03 -36.72
C TRP U 72 21.62 -14.31 -37.48
N ASP U 73 21.95 -14.19 -38.77
CA ASP U 73 22.32 -15.35 -39.62
C ASP U 73 23.54 -16.03 -38.98
N ASP U 74 24.57 -15.26 -38.64
CA ASP U 74 25.83 -15.81 -38.08
C ASP U 74 25.50 -16.55 -36.78
N ARG U 75 24.60 -16.00 -35.97
CA ARG U 75 24.28 -16.58 -34.64
C ARG U 75 23.47 -17.87 -34.79
N ARG U 76 22.52 -17.93 -35.72
CA ARG U 76 21.81 -19.19 -36.05
C ARG U 76 22.86 -20.25 -36.42
N ALA U 77 23.88 -19.89 -37.21
CA ALA U 77 24.91 -20.85 -37.68
C ALA U 77 25.78 -21.29 -36.51
N GLU U 78 26.05 -20.37 -35.57
CA GLU U 78 26.90 -20.59 -34.37
C GLU U 78 26.16 -21.40 -33.29
N GLY U 79 24.82 -21.41 -33.28
CA GLY U 79 23.99 -22.01 -32.22
C GLY U 79 23.76 -21.03 -31.07
N THR U 80 23.90 -19.72 -31.33
CA THR U 80 23.81 -18.67 -30.28
C THR U 80 22.64 -17.70 -30.56
N PHE U 81 21.75 -18.02 -31.49
CA PHE U 81 20.59 -17.15 -31.77
C PHE U 81 19.63 -17.31 -30.61
N PRO U 82 19.23 -16.22 -29.89
CA PRO U 82 18.47 -16.38 -28.67
C PRO U 82 16.94 -16.53 -28.81
N GLY U 83 16.43 -16.25 -30.01
CA GLY U 83 15.03 -16.49 -30.36
C GLY U 83 14.74 -17.96 -30.69
N LYS U 84 13.52 -18.38 -30.46
CA LYS U 84 13.08 -19.78 -30.68
C LYS U 84 12.72 -19.94 -32.15
N ILE U 85 13.40 -20.81 -32.87
CA ILE U 85 12.98 -21.12 -34.27
C ILE U 85 12.46 -22.54 -34.34
N ALA V 3 -15.41 80.33 -9.46
CA ALA V 3 -15.15 79.24 -8.53
C ALA V 3 -14.86 77.99 -9.36
N LEU V 4 -13.91 77.25 -8.89
CA LEU V 4 -13.52 75.95 -9.46
C LEU V 4 -14.54 74.87 -9.09
N ALA V 5 -14.94 74.07 -10.07
CA ALA V 5 -15.83 72.91 -9.87
C ALA V 5 -15.01 71.73 -9.36
N LYS V 6 -15.66 70.83 -8.65
CA LYS V 6 -15.02 69.64 -8.05
C LYS V 6 -14.59 68.68 -9.15
N PRO V 7 -13.29 68.38 -9.27
CA PRO V 7 -12.79 67.36 -10.19
C PRO V 7 -12.98 65.98 -9.57
N GLN V 8 -12.92 64.95 -10.39
CA GLN V 8 -12.85 63.55 -9.87
C GLN V 8 -11.59 63.44 -9.03
N MET V 9 -11.77 62.94 -7.83
CA MET V 9 -10.65 62.82 -6.87
C MET V 9 -10.43 61.36 -6.47
N ARG V 10 -11.33 60.44 -6.82
CA ARG V 10 -11.27 59.02 -6.39
C ARG V 10 -11.04 58.12 -7.58
N GLY V 11 -10.25 57.07 -7.36
CA GLY V 11 -10.03 56.00 -8.33
C GLY V 11 -9.21 56.49 -9.53
N LEU V 12 -8.32 57.48 -9.36
CA LEU V 12 -7.55 58.03 -10.50
C LEU V 12 -6.64 56.92 -11.08
N LEU V 13 -6.01 56.11 -10.24
CA LEU V 13 -5.12 55.03 -10.74
C LEU V 13 -5.96 53.98 -11.49
N ALA V 14 -7.09 53.58 -10.91
CA ALA V 14 -7.97 52.55 -11.47
C ALA V 14 -8.50 53.04 -12.82
N ARG V 15 -8.88 54.31 -12.90
CA ARG V 15 -9.39 54.91 -14.17
C ARG V 15 -8.28 54.85 -15.24
N ARG V 16 -7.06 55.20 -14.90
CA ARG V 16 -5.92 55.15 -15.83
C ARG V 16 -5.69 53.70 -16.30
N LEU V 17 -5.74 52.73 -15.41
CA LEU V 17 -5.48 51.31 -15.77
C LEU V 17 -6.54 50.83 -16.75
N ARG V 18 -7.80 51.09 -16.44
CA ARG V 18 -8.98 50.69 -17.26
C ARG V 18 -8.79 51.20 -18.70
N PHE V 19 -8.52 52.50 -18.81
CA PHE V 19 -8.38 53.18 -20.13
C PHE V 19 -7.25 52.50 -20.93
N HIS V 20 -6.09 52.27 -20.31
CA HIS V 20 -4.92 51.71 -21.05
C HIS V 20 -5.05 50.20 -21.27
N ILE V 21 -5.75 49.47 -20.43
CA ILE V 21 -5.92 48.01 -20.67
C ILE V 21 -6.87 47.86 -21.87
N VAL V 22 -7.92 48.67 -21.97
CA VAL V 22 -8.85 48.60 -23.13
C VAL V 22 -8.08 49.01 -24.39
N GLY V 23 -7.24 50.04 -24.28
CA GLY V 23 -6.36 50.48 -25.38
C GLY V 23 -5.50 49.32 -25.84
N ALA V 24 -4.90 48.59 -24.90
CA ALA V 24 -4.00 47.48 -25.23
C ALA V 24 -4.79 46.36 -25.93
N PHE V 25 -6.00 46.07 -25.45
CA PHE V 25 -6.89 45.06 -26.08
C PHE V 25 -7.17 45.46 -27.54
N MET V 26 -7.43 46.75 -27.77
CA MET V 26 -7.79 47.32 -29.09
C MET V 26 -6.56 47.18 -30.00
N VAL V 27 -5.37 47.52 -29.49
CA VAL V 27 -4.09 47.45 -30.27
C VAL V 27 -3.80 45.98 -30.61
N SER V 28 -4.01 45.08 -29.66
CA SER V 28 -3.77 43.61 -29.83
C SER V 28 -4.58 43.12 -31.02
N LEU V 29 -5.85 43.56 -31.11
CA LEU V 29 -6.79 43.19 -32.20
C LEU V 29 -6.29 43.74 -33.55
N GLY V 30 -5.89 45.01 -33.57
CA GLY V 30 -5.25 45.62 -34.75
C GLY V 30 -4.01 44.86 -35.16
N PHE V 31 -3.21 44.42 -34.18
CA PHE V 31 -1.99 43.65 -34.47
C PHE V 31 -2.39 42.28 -35.05
N ALA V 32 -3.36 41.57 -34.45
CA ALA V 32 -3.76 40.23 -34.93
C ALA V 32 -4.20 40.35 -36.39
N THR V 33 -4.91 41.45 -36.72
CA THR V 33 -5.42 41.70 -38.10
C THR V 33 -4.25 42.01 -39.05
N PHE V 34 -3.31 42.87 -38.66
CA PHE V 34 -2.10 43.19 -39.47
C PHE V 34 -1.30 41.91 -39.72
N TYR V 35 -1.13 41.10 -38.69
CA TYR V 35 -0.25 39.92 -38.80
C TYR V 35 -0.89 38.85 -39.70
N LYS V 36 -2.19 38.61 -39.56
CA LYS V 36 -2.94 37.66 -40.41
C LYS V 36 -2.75 38.06 -41.88
N PHE V 37 -2.85 39.35 -42.18
CA PHE V 37 -2.74 39.90 -43.56
C PHE V 37 -1.28 39.82 -44.03
N ALA V 38 -0.35 40.37 -43.26
CA ALA V 38 1.06 40.59 -43.66
C ALA V 38 1.86 39.28 -43.61
N VAL V 39 1.47 38.30 -42.79
CA VAL V 39 2.34 37.14 -42.51
C VAL V 39 1.58 35.88 -42.89
N ALA V 40 0.49 35.55 -42.20
CA ALA V 40 -0.15 34.22 -42.28
C ALA V 40 -0.81 34.07 -43.65
N GLU V 41 -1.64 35.03 -44.09
CA GLU V 41 -2.34 34.95 -45.41
C GLU V 41 -1.32 35.10 -46.54
N LYS V 42 -0.32 35.98 -46.35
CA LYS V 42 0.80 36.13 -47.30
C LYS V 42 1.44 34.75 -47.52
N ARG V 43 1.74 34.05 -46.43
CA ARG V 43 2.43 32.75 -46.49
C ARG V 43 1.52 31.76 -47.22
N LYS V 44 0.23 31.69 -46.84
CA LYS V 44 -0.73 30.70 -47.42
C LYS V 44 -0.85 30.96 -48.93
N LYS V 45 -0.93 32.23 -49.31
CA LYS V 45 -1.12 32.68 -50.70
C LYS V 45 0.14 32.34 -51.51
N ALA V 46 1.33 32.56 -50.94
CA ALA V 46 2.63 32.31 -51.62
C ALA V 46 2.70 30.82 -51.99
N TYR V 47 2.35 29.93 -51.06
CA TYR V 47 2.41 28.46 -51.28
C TYR V 47 1.32 28.06 -52.28
N ALA V 48 0.10 28.58 -52.12
CA ALA V 48 -1.05 28.25 -52.98
C ALA V 48 -0.75 28.71 -54.42
N ASP V 49 -0.20 29.91 -54.57
CA ASP V 49 0.17 30.48 -55.90
C ASP V 49 1.28 29.66 -56.55
N PHE V 50 2.31 29.33 -55.77
CA PHE V 50 3.48 28.61 -56.31
C PHE V 50 3.01 27.27 -56.89
N TYR V 51 2.13 26.53 -56.21
CA TYR V 51 1.74 25.15 -56.61
C TYR V 51 0.55 25.15 -57.57
N ARG V 52 -0.19 26.24 -57.73
CA ARG V 52 -1.48 26.21 -58.49
C ARG V 52 -1.21 25.68 -59.90
N ASN V 53 -0.16 26.14 -60.57
CA ASN V 53 0.15 25.69 -61.97
C ASN V 53 1.55 25.10 -62.05
N TYR V 54 2.04 24.52 -60.99
CA TYR V 54 3.43 24.02 -60.87
C TYR V 54 3.57 22.75 -61.68
N ASP V 55 4.65 22.69 -62.45
CA ASP V 55 4.98 21.55 -63.35
C ASP V 55 6.24 20.90 -62.80
N SER V 56 6.12 19.86 -61.98
CA SER V 56 7.27 19.21 -61.29
C SER V 56 8.25 18.63 -62.32
N MET V 57 7.75 18.13 -63.44
CA MET V 57 8.60 17.54 -64.51
C MET V 57 9.42 18.63 -65.20
N LYS V 58 8.80 19.78 -65.50
CA LYS V 58 9.49 20.95 -66.12
C LYS V 58 10.56 21.44 -65.14
N ASP V 59 10.21 21.56 -63.87
CA ASP V 59 11.16 21.97 -62.80
C ASP V 59 12.35 21.00 -62.85
N PHE V 60 12.09 19.70 -62.88
CA PHE V 60 13.15 18.67 -62.86
C PHE V 60 14.04 18.79 -64.10
N GLU V 61 13.41 18.88 -65.27
CA GLU V 61 14.12 18.98 -66.56
C GLU V 61 15.05 20.21 -66.53
N GLU V 62 14.58 21.34 -66.01
CA GLU V 62 15.39 22.57 -65.84
C GLU V 62 16.60 22.26 -64.94
N MET V 63 16.39 21.63 -63.78
CA MET V 63 17.50 21.29 -62.86
C MET V 63 18.46 20.31 -63.56
N ARG V 64 17.93 19.29 -64.23
CA ARG V 64 18.77 18.28 -64.95
C ARG V 64 19.66 19.01 -65.98
N LYS V 65 19.10 19.88 -66.81
CA LYS V 65 19.86 20.57 -67.91
C LYS V 65 20.98 21.41 -67.28
N ALA V 66 20.74 21.98 -66.10
CA ALA V 66 21.70 22.79 -65.33
C ALA V 66 22.83 21.93 -64.72
N GLY V 67 22.71 20.61 -64.75
CA GLY V 67 23.73 19.64 -64.28
C GLY V 67 23.71 19.46 -62.77
N ILE V 68 22.59 19.71 -62.08
CA ILE V 68 22.67 19.60 -60.58
C ILE V 68 22.69 18.14 -60.10
N PHE V 69 22.26 17.12 -60.89
CA PHE V 69 21.99 15.77 -60.35
C PHE V 69 23.17 14.82 -60.58
N GLN V 70 23.44 13.99 -59.56
CA GLN V 70 24.34 12.82 -59.64
C GLN V 70 23.70 11.74 -60.53
N SER V 71 22.40 11.50 -60.38
CA SER V 71 21.70 10.31 -60.93
C SER V 71 21.17 10.55 -62.37
N ALA V 72 21.10 11.79 -62.83
CA ALA V 72 20.81 12.14 -64.24
C ALA V 72 21.79 13.21 -64.73
N PHE W 1 26.28 -4.61 33.68
CA PHE W 1 26.91 -3.28 33.55
C PHE W 1 26.15 -2.30 34.44
N GLU W 2 26.84 -1.21 34.79
CA GLU W 2 26.35 -0.11 35.65
C GLU W 2 26.16 1.13 34.77
N ASN W 3 25.21 1.97 35.16
CA ASN W 3 24.89 3.23 34.49
C ASN W 3 25.90 4.29 34.91
N ARG W 4 26.83 4.65 34.02
CA ARG W 4 27.91 5.65 34.27
C ARG W 4 27.64 6.89 33.41
N VAL W 5 26.41 7.09 32.96
CA VAL W 5 26.09 8.29 32.13
C VAL W 5 26.37 9.57 32.93
N ALA W 6 26.07 9.61 34.24
CA ALA W 6 26.28 10.81 35.09
C ALA W 6 27.76 11.21 35.01
N GLU W 7 28.69 10.26 35.05
CA GLU W 7 30.14 10.58 35.04
C GLU W 7 30.51 11.20 33.67
N LYS W 8 29.90 10.75 32.56
CA LYS W 8 30.21 11.30 31.20
C LYS W 8 29.57 12.69 31.05
N GLN W 9 28.40 12.87 31.63
CA GLN W 9 27.75 14.21 31.67
C GLN W 9 28.70 15.20 32.36
N LYS W 10 29.29 14.82 33.50
CA LYS W 10 30.20 15.75 34.21
C LYS W 10 31.40 16.05 33.30
N LEU W 11 32.00 15.03 32.67
CA LEU W 11 33.21 15.22 31.82
C LEU W 11 32.86 16.19 30.68
N PHE W 12 31.77 15.94 29.95
CA PHE W 12 31.44 16.70 28.71
C PHE W 12 30.82 18.07 29.05
N GLN W 13 30.51 18.34 30.32
CA GLN W 13 29.97 19.66 30.75
C GLN W 13 31.05 20.45 31.52
N GLU W 14 32.25 19.93 31.69
CA GLU W 14 33.36 20.64 32.37
C GLU W 14 33.63 21.97 31.63
N ASP W 15 33.80 23.03 32.38
CA ASP W 15 34.02 24.40 31.84
C ASP W 15 35.52 24.57 31.50
N ASN W 16 36.01 23.98 30.43
CA ASN W 16 37.42 23.98 30.01
C ASN W 16 37.55 24.62 28.63
N GLY W 17 36.46 25.10 28.03
CA GLY W 17 36.48 25.79 26.72
C GLY W 17 36.72 24.86 25.55
N LEU W 18 36.79 23.55 25.75
CA LEU W 18 37.11 22.62 24.63
C LEU W 18 35.87 22.44 23.76
N PRO W 19 36.04 22.38 22.43
CA PRO W 19 34.91 22.01 21.56
C PRO W 19 34.59 20.51 21.73
N VAL W 20 33.37 20.13 21.39
CA VAL W 20 32.85 18.79 21.78
C VAL W 20 33.75 17.71 21.16
N HIS W 21 34.37 17.96 20.00
CA HIS W 21 35.15 16.92 19.30
C HIS W 21 36.48 16.65 20.00
N LEU W 22 36.90 17.49 20.94
CA LEU W 22 38.18 17.33 21.66
C LEU W 22 37.93 17.14 23.16
N LYS W 23 36.69 17.13 23.61
CA LYS W 23 36.37 17.27 25.06
C LYS W 23 36.52 15.95 25.82
N GLY W 24 36.75 14.85 25.10
CA GLY W 24 37.00 13.54 25.73
C GLY W 24 38.42 13.41 26.23
N GLY W 25 39.34 14.25 25.75
CA GLY W 25 40.73 14.28 26.23
C GLY W 25 41.71 13.89 25.12
N ALA W 26 42.92 13.50 25.52
CA ALA W 26 44.13 13.33 24.67
C ALA W 26 43.81 12.40 23.48
N THR W 27 42.98 11.38 23.66
CA THR W 27 42.66 10.38 22.60
C THR W 27 41.91 11.08 21.45
N ASP W 28 41.08 12.06 21.76
CA ASP W 28 40.34 12.84 20.74
C ASP W 28 41.35 13.59 19.88
N ASN W 29 42.37 14.17 20.48
CA ASN W 29 43.41 14.93 19.74
C ASN W 29 44.10 13.97 18.78
N ILE W 30 44.50 12.79 19.27
CA ILE W 30 45.24 11.83 18.42
C ILE W 30 44.33 11.43 17.24
N LEU W 31 43.09 11.07 17.51
CA LEU W 31 42.19 10.59 16.43
C LEU W 31 41.93 11.71 15.42
N TYR W 32 41.73 12.93 15.89
CA TYR W 32 41.58 14.12 15.00
C TYR W 32 42.85 14.28 14.13
N ARG W 33 44.05 14.24 14.73
CA ARG W 33 45.32 14.43 13.96
C ARG W 33 45.46 13.30 12.94
N VAL W 34 45.16 12.05 13.30
CA VAL W 34 45.19 10.93 12.32
C VAL W 34 44.25 11.25 11.16
N THR W 35 43.04 11.63 11.48
CA THR W 35 42.00 11.83 10.46
C THR W 35 42.42 12.98 9.53
N MET W 36 42.81 14.10 10.09
CA MET W 36 43.14 15.29 9.28
C MET W 36 44.43 15.00 8.50
N THR W 37 45.41 14.28 9.07
CA THR W 37 46.65 13.97 8.35
C THR W 37 46.31 13.08 7.16
N LEU W 38 45.46 12.06 7.34
CA LEU W 38 45.12 11.15 6.20
C LEU W 38 44.32 11.93 5.15
N CYS W 39 43.40 12.80 5.56
CA CYS W 39 42.60 13.60 4.59
C CYS W 39 43.48 14.54 3.77
N LEU W 40 44.33 15.32 4.45
CA LEU W 40 45.14 16.37 3.78
C LEU W 40 46.24 15.69 2.94
N GLY W 41 46.92 14.67 3.48
CA GLY W 41 47.93 13.90 2.73
C GLY W 41 47.30 13.18 1.53
N GLY W 42 46.15 12.55 1.75
CA GLY W 42 45.39 11.87 0.69
C GLY W 42 45.03 12.85 -0.41
N THR W 43 44.61 14.06 -0.03
CA THR W 43 44.23 15.11 -0.98
C THR W 43 45.47 15.51 -1.77
N LEU W 44 46.62 15.69 -1.12
CA LEU W 44 47.86 16.04 -1.86
C LEU W 44 48.20 14.88 -2.80
N TYR W 45 48.02 13.64 -2.35
CA TYR W 45 48.28 12.44 -3.19
C TYR W 45 47.37 12.46 -4.42
N SER W 46 46.10 12.78 -4.21
CA SER W 46 45.07 12.86 -5.30
C SER W 46 45.53 13.90 -6.34
N LEU W 47 46.06 15.04 -5.91
CA LEU W 47 46.56 16.09 -6.86
C LEU W 47 47.75 15.56 -7.67
N TYR W 48 48.71 14.92 -7.02
CA TYR W 48 49.87 14.28 -7.69
C TYR W 48 49.34 13.31 -8.76
N CYS W 49 48.36 12.47 -8.37
CA CYS W 49 47.77 11.46 -9.29
C CYS W 49 47.17 12.19 -10.49
N LEU W 50 46.46 13.31 -10.28
CA LEU W 50 45.91 14.19 -11.36
C LEU W 50 47.04 14.63 -12.29
N GLY W 51 48.12 15.17 -11.71
CA GLY W 51 49.28 15.63 -12.48
C GLY W 51 49.78 14.51 -13.39
N TRP W 52 49.92 13.30 -12.82
CA TRP W 52 50.41 12.09 -13.54
C TRP W 52 49.44 11.76 -14.68
N ALA W 53 48.15 11.68 -14.37
CA ALA W 53 47.09 11.20 -15.28
C ALA W 53 46.81 12.23 -16.39
N SER W 54 47.32 13.45 -16.25
CA SER W 54 47.00 14.57 -17.18
C SER W 54 47.86 14.47 -18.45
N PHE W 55 48.91 13.65 -18.42
CA PHE W 55 49.91 13.51 -19.52
C PHE W 55 49.98 12.05 -19.92
N PRO W 56 50.23 11.73 -21.21
CA PRO W 56 50.29 10.34 -21.68
C PRO W 56 51.36 9.41 -21.06
N ALA X 6 24.00 73.01 -5.52
CA ALA X 6 25.12 72.07 -5.20
C ALA X 6 25.28 71.06 -6.33
N PRO X 7 25.90 71.43 -7.48
CA PRO X 7 25.96 70.55 -8.65
C PRO X 7 26.78 69.27 -8.43
N ASP X 8 26.22 68.13 -8.86
CA ASP X 8 26.79 66.79 -8.59
C ASP X 8 27.64 66.40 -9.80
N PHE X 9 28.19 65.18 -9.77
CA PHE X 9 29.03 64.63 -10.86
C PHE X 9 28.30 64.76 -12.21
N HIS X 10 27.00 64.46 -12.20
CA HIS X 10 26.19 64.31 -13.44
C HIS X 10 25.92 65.68 -14.04
N ASP X 11 25.69 66.68 -13.18
CA ASP X 11 25.49 68.09 -13.62
C ASP X 11 26.76 68.57 -14.33
N LYS X 12 27.95 68.22 -13.81
CA LYS X 12 29.26 68.76 -14.29
C LYS X 12 29.71 67.99 -15.54
N TYR X 13 29.60 66.67 -15.54
CA TYR X 13 30.32 65.78 -16.49
C TYR X 13 29.35 65.00 -17.38
N GLY X 14 28.05 65.00 -17.08
CA GLY X 14 27.06 64.15 -17.77
C GLY X 14 27.00 64.40 -19.27
N ASN X 15 26.96 65.65 -19.70
CA ASN X 15 26.85 66.00 -21.15
C ASN X 15 28.08 65.43 -21.86
N ALA X 16 29.25 65.60 -21.24
CA ALA X 16 30.56 65.22 -21.81
C ALA X 16 30.65 63.69 -21.91
N VAL X 17 30.26 63.02 -20.84
CA VAL X 17 30.28 61.52 -20.80
C VAL X 17 29.35 60.98 -21.90
N LEU X 18 28.13 61.54 -22.01
CA LEU X 18 27.14 61.09 -23.02
C LEU X 18 27.69 61.31 -24.44
N ALA X 19 28.20 62.50 -24.75
CA ALA X 19 28.63 62.87 -26.13
C ALA X 19 29.86 62.04 -26.50
N SER X 20 30.83 61.96 -25.60
CA SER X 20 32.13 61.26 -25.84
C SER X 20 31.86 59.77 -25.94
N GLY X 21 31.06 59.23 -25.04
CA GLY X 21 30.70 57.80 -25.05
C GLY X 21 30.05 57.40 -26.35
N ALA X 22 29.07 58.17 -26.82
CA ALA X 22 28.28 57.90 -28.03
C ALA X 22 29.22 57.97 -29.24
N THR X 23 30.12 58.95 -29.22
CA THR X 23 31.05 59.22 -30.35
C THR X 23 32.05 58.08 -30.46
N PHE X 24 32.70 57.73 -29.36
CA PHE X 24 33.71 56.63 -29.30
C PHE X 24 33.07 55.32 -29.74
N CYS X 25 31.95 54.99 -29.12
CA CYS X 25 31.21 53.73 -29.37
C CYS X 25 30.92 53.62 -30.88
N VAL X 26 30.31 54.63 -31.49
CA VAL X 26 29.96 54.58 -32.93
C VAL X 26 31.24 54.43 -33.76
N ALA X 27 32.26 55.24 -33.48
CA ALA X 27 33.50 55.27 -34.31
C ALA X 27 34.17 53.88 -34.26
N VAL X 28 34.32 53.30 -33.08
CA VAL X 28 35.07 52.01 -32.97
C VAL X 28 34.26 50.87 -33.60
N TRP X 29 32.94 50.80 -33.39
CA TRP X 29 32.10 49.72 -33.98
C TRP X 29 32.05 49.83 -35.52
N VAL X 30 31.93 51.03 -36.06
CA VAL X 30 31.96 51.25 -37.54
C VAL X 30 33.31 50.76 -38.07
N TYR X 31 34.41 51.11 -37.38
CA TYR X 31 35.78 50.69 -37.77
C TYR X 31 35.84 49.16 -37.75
N MET X 32 35.48 48.56 -36.63
CA MET X 32 35.47 47.08 -36.51
C MET X 32 34.65 46.45 -37.65
N ALA X 33 33.46 46.98 -37.94
CA ALA X 33 32.49 46.35 -38.87
C ALA X 33 32.95 46.48 -40.33
N THR X 34 33.72 47.51 -40.68
CA THR X 34 33.94 47.89 -42.11
C THR X 34 35.42 47.82 -42.53
N GLN X 35 36.39 47.80 -41.60
CA GLN X 35 37.79 48.14 -41.96
C GLN X 35 38.76 46.98 -41.72
N ILE X 36 38.36 45.85 -41.13
CA ILE X 36 39.36 44.84 -40.65
C ILE X 36 39.10 43.48 -41.29
N GLY X 37 38.29 43.41 -42.36
CA GLY X 37 38.01 42.18 -43.14
C GLY X 37 37.15 41.17 -42.39
N ILE X 38 36.32 41.58 -41.45
CA ILE X 38 35.29 40.65 -40.90
C ILE X 38 34.39 40.18 -42.05
N GLU X 39 34.08 38.89 -42.06
CA GLU X 39 33.22 38.28 -43.08
C GLU X 39 31.79 38.24 -42.54
N TRP X 40 30.94 39.16 -42.98
CA TRP X 40 29.51 39.20 -42.56
C TRP X 40 28.67 38.19 -43.35
N ASN X 41 29.10 37.82 -44.55
CA ASN X 41 28.35 36.89 -45.42
C ASN X 41 26.93 37.41 -45.61
N PRO X 42 26.76 38.62 -46.20
CA PRO X 42 25.41 39.17 -46.43
C PRO X 42 24.72 38.33 -47.52
N SER X 43 23.43 38.55 -47.71
CA SER X 43 22.62 37.88 -48.77
C SER X 43 23.20 38.20 -50.15
N PRO X 44 23.33 37.23 -51.07
CA PRO X 44 23.71 37.56 -52.44
C PRO X 44 22.57 38.26 -53.20
N VAL X 45 21.36 38.29 -52.63
CA VAL X 45 20.15 38.79 -53.33
C VAL X 45 20.38 40.27 -53.65
N GLY X 46 20.38 40.62 -54.92
CA GLY X 46 20.52 42.00 -55.43
C GLY X 46 21.96 42.50 -55.33
N ARG X 47 22.94 41.62 -55.09
CA ARG X 47 24.36 41.99 -54.84
C ARG X 47 25.27 41.16 -55.76
N VAL X 48 25.05 39.84 -55.86
CA VAL X 48 25.95 38.89 -56.56
C VAL X 48 25.41 38.66 -57.96
N THR X 49 26.31 38.66 -58.95
CA THR X 49 26.04 38.19 -60.32
C THR X 49 26.40 36.72 -60.35
N PRO X 50 25.41 35.82 -60.53
CA PRO X 50 25.69 34.39 -60.62
C PRO X 50 26.66 34.08 -61.78
N LYS X 51 27.55 33.12 -61.57
CA LYS X 51 28.64 32.75 -62.52
C LYS X 51 28.56 31.24 -62.78
N GLU X 52 28.65 30.87 -64.05
CA GLU X 52 28.72 29.46 -64.51
C GLU X 52 29.64 28.67 -63.56
N TRP X 53 29.21 27.48 -63.12
CA TRP X 53 29.97 26.62 -62.19
C TRP X 53 30.25 25.23 -62.79
N ARG X 54 29.48 24.75 -63.79
CA ARG X 54 29.45 23.32 -64.25
C ARG X 54 30.35 23.14 -65.48
N TYR Y 3 34.83 35.83 17.81
CA TYR Y 3 35.17 36.29 16.38
C TYR Y 3 34.90 37.79 16.20
N GLU Y 4 35.57 38.40 15.24
CA GLU Y 4 35.41 39.86 14.93
C GLU Y 4 34.06 40.05 14.20
N GLU Y 5 33.39 41.15 14.52
CA GLU Y 5 32.05 41.49 13.99
C GLU Y 5 32.16 42.81 13.23
N GLY Y 6 31.26 42.99 12.28
CA GLY Y 6 31.02 44.28 11.65
C GLY Y 6 31.59 44.33 10.24
N PRO Y 7 31.38 45.48 9.58
CA PRO Y 7 31.79 45.63 8.19
C PRO Y 7 33.29 45.33 8.05
N GLY Y 8 33.61 44.50 7.06
CA GLY Y 8 35.00 44.15 6.74
C GLY Y 8 35.57 43.06 7.63
N LYS Y 9 34.80 42.57 8.60
CA LYS Y 9 35.26 41.59 9.61
C LYS Y 9 34.53 40.24 9.48
N ASN Y 10 33.52 40.13 8.62
CA ASN Y 10 32.69 38.90 8.48
C ASN Y 10 33.00 38.18 7.15
N ILE Y 11 34.23 38.28 6.70
CA ILE Y 11 34.73 37.80 5.38
C ILE Y 11 36.08 37.14 5.60
N PRO Y 12 36.40 36.11 4.79
CA PRO Y 12 37.68 35.41 4.92
C PRO Y 12 38.85 36.13 4.22
N PHE Y 13 38.64 37.33 3.74
CA PHE Y 13 39.69 38.14 3.09
C PHE Y 13 39.71 39.50 3.79
N SER Y 14 40.85 40.16 3.78
CA SER Y 14 41.03 41.49 4.41
C SER Y 14 40.60 42.58 3.41
N VAL Y 15 39.90 43.60 3.90
CA VAL Y 15 39.68 44.87 3.17
C VAL Y 15 40.40 46.03 3.89
N GLU Y 16 41.40 45.75 4.72
CA GLU Y 16 42.18 46.79 5.47
C GLU Y 16 42.85 47.76 4.47
N ASN Y 17 43.37 47.22 3.38
CA ASN Y 17 44.12 47.99 2.35
C ASN Y 17 43.49 47.73 0.98
N LYS Y 18 43.03 48.79 0.31
CA LYS Y 18 42.26 48.59 -0.93
C LYS Y 18 43.17 48.02 -2.03
N TRP Y 19 44.49 48.21 -1.95
CA TRP Y 19 45.41 47.80 -3.04
C TRP Y 19 45.78 46.33 -2.84
N ARG Y 20 46.02 45.90 -1.61
CA ARG Y 20 46.19 44.45 -1.27
C ARG Y 20 44.88 43.75 -1.68
N LEU Y 21 43.75 44.37 -1.39
CA LEU Y 21 42.43 43.81 -1.76
C LEU Y 21 42.36 43.65 -3.27
N LEU Y 22 42.74 44.68 -4.03
CA LEU Y 22 42.70 44.62 -5.51
C LEU Y 22 43.57 43.46 -6.01
N ALA Y 23 44.75 43.24 -5.43
CA ALA Y 23 45.65 42.12 -5.79
C ALA Y 23 44.92 40.78 -5.54
N MET Y 24 44.30 40.62 -4.38
CA MET Y 24 43.65 39.36 -3.97
C MET Y 24 42.45 39.11 -4.90
N MET Y 25 41.66 40.14 -5.21
CA MET Y 25 40.45 39.96 -6.04
C MET Y 25 40.86 39.61 -7.47
N THR Y 26 41.94 40.22 -7.95
CA THR Y 26 42.56 40.02 -9.27
C THR Y 26 42.99 38.55 -9.39
N LEU Y 27 43.78 38.06 -8.44
CA LEU Y 27 44.25 36.65 -8.37
C LEU Y 27 43.03 35.74 -8.32
N PHE Y 28 42.01 36.11 -7.53
CA PHE Y 28 40.84 35.24 -7.27
C PHE Y 28 40.01 35.08 -8.55
N PHE Y 29 39.46 36.18 -9.05
CA PHE Y 29 38.59 36.15 -10.27
C PHE Y 29 39.44 35.83 -11.50
N GLY Y 30 40.68 36.32 -11.59
CA GLY Y 30 41.50 36.09 -12.79
C GLY Y 30 41.89 34.64 -12.90
N SER Y 31 42.20 33.98 -11.77
CA SER Y 31 42.50 32.52 -11.75
C SER Y 31 41.31 31.75 -12.33
N GLY Y 32 40.10 32.05 -11.87
CA GLY Y 32 38.89 31.37 -12.41
C GLY Y 32 38.73 31.61 -13.91
N PHE Y 33 38.84 32.85 -14.33
CA PHE Y 33 38.68 33.19 -15.75
C PHE Y 33 39.79 32.54 -16.60
N ALA Y 34 41.03 32.48 -16.11
CA ALA Y 34 42.20 32.00 -16.88
C ALA Y 34 42.09 30.48 -17.06
N ALA Y 35 41.56 29.78 -16.06
CA ALA Y 35 41.72 28.30 -16.00
C ALA Y 35 41.26 27.65 -17.31
N PRO Y 36 40.07 27.95 -17.90
CA PRO Y 36 39.65 27.26 -19.13
C PRO Y 36 40.57 27.48 -20.34
N PHE Y 37 41.19 28.65 -20.42
CA PHE Y 37 42.14 28.94 -21.52
C PHE Y 37 43.35 28.02 -21.37
N PHE Y 38 43.83 27.80 -20.14
CA PHE Y 38 45.03 26.95 -19.92
C PHE Y 38 44.68 25.48 -20.12
N ILE Y 39 43.43 25.08 -19.84
CA ILE Y 39 42.99 23.68 -20.01
C ILE Y 39 42.88 23.41 -21.52
N VAL Y 40 42.33 24.34 -22.28
CA VAL Y 40 42.20 24.18 -23.74
C VAL Y 40 43.62 24.11 -24.32
N ARG Y 41 44.52 24.96 -23.83
CA ARG Y 41 45.95 24.92 -24.27
C ARG Y 41 46.53 23.54 -23.98
N HIS Y 42 46.33 23.04 -22.77
CA HIS Y 42 46.75 21.68 -22.33
C HIS Y 42 46.24 20.60 -23.31
N GLN Y 43 44.95 20.63 -23.66
CA GLN Y 43 44.36 19.60 -24.58
C GLN Y 43 44.96 19.75 -25.98
N LEU Y 44 45.13 20.97 -26.51
CA LEU Y 44 45.66 21.21 -27.88
C LEU Y 44 47.13 20.76 -27.91
N LEU Y 45 47.88 20.89 -26.80
CA LEU Y 45 49.33 20.53 -26.75
C LEU Y 45 49.51 19.00 -26.62
N LYS Y 46 48.45 18.24 -26.36
CA LYS Y 46 48.45 16.77 -26.61
C LYS Y 46 48.25 16.55 -28.12
N ILE Z 1 18.39 53.49 0.83
CA ILE Z 1 19.43 53.18 1.82
C ILE Z 1 20.20 54.47 2.08
N THR Z 2 20.64 54.68 3.32
CA THR Z 2 21.57 55.80 3.63
C THR Z 2 22.83 55.20 4.21
N ALA Z 3 23.94 55.90 4.01
CA ALA Z 3 25.27 55.43 4.39
C ALA Z 3 26.05 56.59 4.98
N LYS Z 4 27.02 56.23 5.82
CA LYS Z 4 28.05 57.17 6.30
C LYS Z 4 28.90 57.56 5.09
N PRO Z 5 29.55 58.74 5.14
CA PRO Z 5 30.59 59.05 4.16
C PRO Z 5 31.65 57.94 4.14
N ALA Z 6 32.20 57.68 2.94
CA ALA Z 6 33.30 56.71 2.69
C ALA Z 6 34.41 56.94 3.71
N LYS Z 7 34.81 55.86 4.40
CA LYS Z 7 35.94 55.91 5.34
C LYS Z 7 37.22 56.17 4.53
N THR Z 8 37.32 55.61 3.33
CA THR Z 8 38.56 55.64 2.50
C THR Z 8 38.15 55.92 1.06
N PRO Z 9 37.68 57.16 0.76
CA PRO Z 9 37.11 57.46 -0.55
C PRO Z 9 38.05 57.04 -1.67
N THR Z 10 37.47 56.56 -2.77
CA THR Z 10 38.22 56.08 -3.95
C THR Z 10 38.04 57.14 -5.02
N SER Z 11 39.06 57.97 -5.22
CA SER Z 11 39.09 59.09 -6.20
C SER Z 11 38.92 58.55 -7.63
N PRO Z 12 38.51 59.39 -8.60
CA PRO Z 12 38.49 58.99 -10.00
C PRO Z 12 39.79 58.33 -10.49
N LYS Z 13 40.95 58.85 -10.09
CA LYS Z 13 42.25 58.26 -10.48
C LYS Z 13 42.35 56.83 -9.90
N GLU Z 14 41.97 56.66 -8.63
CA GLU Z 14 42.04 55.36 -7.94
C GLU Z 14 41.09 54.40 -8.68
N GLN Z 15 39.91 54.86 -9.11
CA GLN Z 15 38.92 54.01 -9.83
C GLN Z 15 39.51 53.59 -11.20
N ALA Z 16 40.24 54.47 -11.88
CA ALA Z 16 40.83 54.20 -13.21
C ALA Z 16 41.88 53.09 -13.03
N ILE Z 17 42.62 53.15 -11.92
CA ILE Z 17 43.64 52.10 -11.60
C ILE Z 17 42.93 50.77 -11.34
N GLY Z 18 41.96 50.73 -10.43
CA GLY Z 18 41.24 49.50 -10.06
C GLY Z 18 40.58 48.86 -11.27
N LEU Z 19 39.95 49.68 -12.12
CA LEU Z 19 39.26 49.21 -13.34
C LEU Z 19 40.27 48.63 -14.34
N SER Z 20 41.37 49.34 -14.59
CA SER Z 20 42.46 48.91 -15.52
C SER Z 20 43.04 47.58 -15.05
N VAL Z 21 43.41 47.50 -13.77
CA VAL Z 21 44.01 46.26 -13.19
C VAL Z 21 43.01 45.11 -13.36
N THR Z 22 41.75 45.36 -13.02
CA THR Z 22 40.67 44.35 -13.12
C THR Z 22 40.57 43.85 -14.58
N PHE Z 23 40.44 44.76 -15.55
CA PHE Z 23 40.29 44.38 -16.97
C PHE Z 23 41.52 43.58 -17.41
N LEU Z 24 42.72 44.06 -17.06
CA LEU Z 24 43.98 43.39 -17.47
C LEU Z 24 44.05 41.97 -16.88
N SER Z 25 43.58 41.74 -15.64
CA SER Z 25 43.69 40.42 -14.97
C SER Z 25 42.89 39.37 -15.75
N PHE Z 26 41.81 39.79 -16.41
CA PHE Z 26 40.96 38.93 -17.28
C PHE Z 26 41.58 38.80 -18.66
N LEU Z 27 42.12 39.90 -19.17
CA LEU Z 27 42.39 39.99 -20.62
C LEU Z 27 43.78 39.44 -20.92
N LEU Z 28 44.78 39.69 -20.08
CA LEU Z 28 46.19 39.35 -20.47
C LEU Z 28 46.41 37.84 -20.55
N PRO Z 29 46.02 37.01 -19.55
CA PRO Z 29 46.27 35.57 -19.64
C PRO Z 29 45.56 34.90 -20.82
N ALA Z 30 44.25 35.13 -20.97
CA ALA Z 30 43.45 34.63 -22.11
C ALA Z 30 44.08 35.10 -23.43
N GLY Z 31 44.49 36.37 -23.48
CA GLY Z 31 45.12 36.93 -24.69
C GLY Z 31 46.40 36.18 -25.05
N TRP Z 32 47.23 35.89 -24.06
CA TRP Z 32 48.49 35.13 -24.25
C TRP Z 32 48.15 33.75 -24.87
N VAL Z 33 47.20 33.04 -24.28
CA VAL Z 33 46.81 31.69 -24.78
C VAL Z 33 46.29 31.82 -26.22
N LEU Z 34 45.36 32.75 -26.48
CA LEU Z 34 44.70 32.86 -27.81
C LEU Z 34 45.72 33.33 -28.86
N TYR Z 35 46.65 34.19 -28.47
CA TYR Z 35 47.74 34.68 -29.36
C TYR Z 35 48.60 33.49 -29.81
N HIS Z 36 48.82 32.53 -28.91
CA HIS Z 36 49.75 31.39 -29.15
C HIS Z 36 49.02 30.13 -29.67
N LEU Z 37 47.73 30.19 -30.02
CA LEU Z 37 46.96 29.00 -30.51
C LEU Z 37 47.68 28.40 -31.70
N ASP Z 38 48.11 29.25 -32.64
CA ASP Z 38 49.07 28.97 -33.73
C ASP Z 38 50.05 27.86 -33.29
N ASN Z 39 50.76 28.13 -32.17
CA ASN Z 39 51.94 27.37 -31.65
C ASN Z 39 51.51 26.09 -30.93
N TYR Z 40 50.27 26.05 -30.41
CA TYR Z 40 49.53 24.82 -30.01
C TYR Z 40 48.91 24.21 -31.27
#